data_1V02
#
_entry.id   1V02
#
_cell.length_a   101.050
_cell.length_b   101.050
_cell.length_c   279.050
_cell.angle_alpha   90.00
_cell.angle_beta   90.00
_cell.angle_gamma   120.00
#
_symmetry.space_group_name_H-M   'P 31'
#
loop_
_entity.id
_entity.type
_entity.pdbx_description
1 polymer DHURRINASE
2 polymer DHURRINASE
3 water water
#
loop_
_entity_poly.entity_id
_entity_poly.type
_entity_poly.pdbx_seq_one_letter_code
_entity_poly.pdbx_strand_id
1 'polypeptide(L)'
;MALLLASAINHTAHPAGLRSHPNNESFSRHHLCSSPQNISKRRSNLSFRPRAQTISSESAGIHRLSPWEIPRRDWFPPSF
LFGAATSAYQIEGAWNEDGKGPSTWDHFCHNFPEWIVDRSNGDVAADSYHMYAEDVRLLKEMGMDAYRFSISWPRILPKG
TLAGGINEKRVEYYNKLIDLLLENGIEPYITIFHWDTPQALVDAYGGFLDERIIKDYTDFAKVCFEKFGKTVKNWLTFNE
PETFCSVSYGTGVLAPGRCSPGVSCAVPTGNSLSEPYIVAHNLLRAHAETVDIYNKYHKGADGRIGLALNVFGRVPYTNT
FLDQQAQERSMDKCLGWFLEPVVRGDYPFSMRVSARDRVPYFKEKEQEKLVGSYDMIGINYYTSTFSKHIDLSPNNSPVL
NTDDAYASQETKGPDGNAIGPPTGNAWINMYPKGLHDILMTMKNKYGNPPMYITENGMGDIDKGDLPKPVALEDHTRLDY
IQRHLSVLKQSIDLGADVRGYFAWSLLDNFEWSSGYTERFGIVYVDRENGCERTMKRSARWLQEFNGAAKKVENNKILTP
AGQLN
;
A,B,C,D,F
2 'polypeptide(L)'
;MALLLASAINHTAHPAGLRSHPNNESFSRHHLCSSPQNISKRRSNLSFRPRAQTISSESAGIHRLSPWEIPRRDWFPPSF
LFGAATSAYQIEGAWNEDGKGPSTWDHFCHNFPEWIVDRSNGDVAADSYHMYAEDVRLLKEMGMDAYRFSISWPRILPKG
TLAGGINEKRVEYYNKLIDLLLENGIEPYITIFHWDTPQALVDAYGGFLDERIIKDYTDFAKVCFEKFGKKVKNWLTFNE
PETFCSVSYGTGVLAPGRCSPGVSCAVPTGNSLSEPYIVAHNLLRAHAETVDIYNKYHKGADGRIGLALNVFGRVPYTNT
FLDQQAQERSMDKCLGWFLEPVVRGDYPFSMRVSARDRVPYFKEKEQEKLVGSYDMIGINYYTSTFSKHIDLSPNNSPVL
NTDDAYASQETKGPDGNAIGPPTGNAWINMYPKGLHDILMTMKNKYGNPPMYITENGMGDIDKGDLPKPVALEDHTRLDY
IQRHLSVLKQSIDLGADVRGYFAWSLLDNFEWSSGYTERFGIVYVDRENGCERTMKRSARWLQEFNGAAKKVENNKILTP
AGQLN
;
E
#
# COMPACT_ATOMS: atom_id res chain seq x y z
N ARG A 64 -17.70 16.23 46.19
CA ARG A 64 -16.65 15.20 45.98
C ARG A 64 -15.32 15.80 45.55
N LEU A 65 -15.34 16.56 44.45
CA LEU A 65 -14.23 17.42 44.09
C LEU A 65 -14.05 18.41 45.25
N SER A 66 -12.83 18.92 45.46
CA SER A 66 -12.63 19.95 46.47
C SER A 66 -13.25 21.27 45.99
N PRO A 67 -13.54 22.19 46.90
CA PRO A 67 -14.26 23.41 46.55
C PRO A 67 -13.59 24.22 45.44
N TRP A 68 -12.26 24.28 45.43
CA TRP A 68 -11.56 25.12 44.47
C TRP A 68 -11.47 24.43 43.10
N GLU A 69 -11.84 23.15 43.05
CA GLU A 69 -11.83 22.33 41.83
C GLU A 69 -13.21 22.31 41.16
N ILE A 70 -14.20 22.89 41.81
CA ILE A 70 -15.55 22.91 41.24
C ILE A 70 -15.59 23.95 40.15
N PRO A 71 -16.02 23.56 38.97
CA PRO A 71 -16.03 24.48 37.83
C PRO A 71 -16.84 25.73 38.10
N ARG A 72 -16.33 26.84 37.58
CA ARG A 72 -17.04 28.12 37.55
C ARG A 72 -17.32 28.48 36.09
N ARG A 73 -18.36 29.29 35.85
CA ARG A 73 -18.75 29.63 34.50
C ARG A 73 -17.61 30.28 33.68
N ASP A 74 -16.80 31.11 34.30
CA ASP A 74 -15.74 31.75 33.49
C ASP A 74 -14.52 30.87 33.19
N TRP A 75 -14.57 29.61 33.61
CA TRP A 75 -13.61 28.62 33.10
C TRP A 75 -13.80 28.49 31.59
N PHE A 76 -15.02 28.82 31.14
CA PHE A 76 -15.39 28.63 29.74
C PHE A 76 -15.57 29.98 29.06
N PRO A 77 -15.30 30.03 27.74
CA PRO A 77 -15.45 31.27 26.96
C PRO A 77 -16.82 31.88 27.10
N PRO A 78 -16.91 33.21 27.02
CA PRO A 78 -18.21 33.87 27.13
C PRO A 78 -19.23 33.34 26.12
N SER A 79 -18.79 32.89 24.95
CA SER A 79 -19.74 32.42 23.94
C SER A 79 -20.11 30.93 24.08
N PHE A 80 -19.47 30.24 25.02
CA PHE A 80 -19.75 28.82 25.27
C PHE A 80 -21.22 28.67 25.63
N LEU A 81 -21.82 27.56 25.22
CA LEU A 81 -23.22 27.30 25.49
C LEU A 81 -23.41 26.23 26.55
N PHE A 82 -24.27 26.50 27.53
CA PHE A 82 -24.70 25.45 28.46
C PHE A 82 -26.17 25.18 28.23
N GLY A 83 -26.51 23.91 28.10
CA GLY A 83 -27.91 23.57 27.84
C GLY A 83 -28.26 22.21 28.42
N ALA A 84 -29.46 21.75 28.06
CA ALA A 84 -29.90 20.39 28.38
C ALA A 84 -30.56 19.82 27.15
N ALA A 85 -30.78 18.51 27.16
CA ALA A 85 -31.28 17.83 25.96
C ALA A 85 -32.41 16.85 26.29
N THR A 86 -33.29 16.65 25.31
CA THR A 86 -34.36 15.66 25.39
C THR A 86 -34.54 15.04 24.02
N SER A 87 -35.49 14.11 23.89
CA SER A 87 -35.90 13.64 22.57
C SER A 87 -37.43 13.42 22.58
N ALA A 88 -38.02 13.49 21.39
CA ALA A 88 -39.47 13.56 21.27
C ALA A 88 -40.18 12.35 21.90
N TYR A 89 -39.81 11.13 21.50
CA TYR A 89 -40.49 9.95 22.07
C TYR A 89 -40.31 9.86 23.60
N GLN A 90 -39.16 10.32 24.08
CA GLN A 90 -38.89 10.19 25.50
C GLN A 90 -39.64 11.17 26.40
N ILE A 91 -40.09 12.31 25.87
CA ILE A 91 -40.75 13.31 26.69
C ILE A 91 -42.18 13.75 26.30
N GLU A 92 -42.54 13.62 25.03
CA GLU A 92 -43.71 14.36 24.54
C GLU A 92 -45.05 13.81 25.02
N GLY A 93 -45.18 12.50 25.05
CA GLY A 93 -46.50 11.90 25.17
C GLY A 93 -47.39 12.21 23.97
N ALA A 94 -48.71 12.34 24.18
CA ALA A 94 -49.64 12.70 23.10
C ALA A 94 -49.39 11.86 21.88
N TRP A 95 -49.24 10.55 22.10
CA TRP A 95 -48.72 9.66 21.09
C TRP A 95 -49.64 9.48 19.87
N ASN A 96 -50.93 9.69 20.08
CA ASN A 96 -51.89 9.62 18.99
C ASN A 96 -52.85 10.81 18.96
N GLU A 97 -52.38 11.93 19.51
CA GLU A 97 -53.16 13.16 19.57
C GLU A 97 -52.97 14.02 18.35
N ASP A 98 -54.01 14.80 18.01
CA ASP A 98 -53.89 15.86 17.00
C ASP A 98 -53.31 15.34 15.68
N GLY A 99 -53.70 14.13 15.28
CA GLY A 99 -53.35 13.63 13.98
C GLY A 99 -51.98 12.95 13.87
N LYS A 100 -51.25 12.86 14.98
CA LYS A 100 -49.93 12.22 14.94
C LYS A 100 -50.02 10.75 14.53
N GLY A 101 -49.16 10.31 13.60
CA GLY A 101 -49.06 8.89 13.23
C GLY A 101 -48.19 8.09 14.19
N PRO A 102 -48.32 6.77 14.18
CA PRO A 102 -47.50 5.92 15.06
C PRO A 102 -46.06 5.81 14.58
N SER A 103 -45.13 5.76 15.54
CA SER A 103 -43.74 5.41 15.20
C SER A 103 -43.43 3.94 15.50
N THR A 104 -42.22 3.52 15.12
CA THR A 104 -41.71 2.21 15.51
C THR A 104 -41.71 2.06 17.02
N TRP A 105 -41.48 3.14 17.76
CA TRP A 105 -41.49 3.05 19.22
C TRP A 105 -42.90 2.85 19.78
N ASP A 106 -43.89 3.55 19.23
CA ASP A 106 -45.29 3.27 19.60
C ASP A 106 -45.59 1.79 19.34
N HIS A 107 -45.20 1.32 18.17
CA HIS A 107 -45.51 -0.05 17.75
C HIS A 107 -44.84 -1.09 18.63
N PHE A 108 -43.56 -0.84 18.95
CA PHE A 108 -42.79 -1.72 19.81
C PHE A 108 -43.38 -1.82 21.21
N CYS A 109 -43.64 -0.68 21.85
CA CYS A 109 -44.13 -0.70 23.23
C CYS A 109 -45.52 -1.33 23.33
N HIS A 110 -46.34 -1.08 22.32
CA HIS A 110 -47.73 -1.57 22.34
C HIS A 110 -47.83 -3.05 21.98
N ASN A 111 -46.91 -3.53 21.14
CA ASN A 111 -46.93 -4.95 20.76
C ASN A 111 -45.99 -5.85 21.53
N PHE A 112 -44.90 -5.28 22.01
CA PHE A 112 -43.95 -6.07 22.77
C PHE A 112 -43.67 -5.47 24.15
N PRO A 113 -44.73 -5.20 24.90
CA PRO A 113 -44.58 -4.55 26.20
C PRO A 113 -43.66 -5.33 27.12
N GLU A 114 -43.61 -6.65 26.96
CA GLU A 114 -42.72 -7.52 27.75
C GLU A 114 -41.23 -7.24 27.50
N TRP A 115 -40.92 -6.46 26.46
CA TRP A 115 -39.53 -6.16 26.11
C TRP A 115 -39.09 -4.81 26.68
N ILE A 116 -39.97 -4.22 27.48
CA ILE A 116 -39.64 -3.05 28.28
C ILE A 116 -39.62 -3.51 29.75
N VAL A 117 -38.55 -3.17 30.46
CA VAL A 117 -38.33 -3.69 31.81
C VAL A 117 -39.55 -3.61 32.76
N ASP A 118 -40.25 -2.48 32.72
CA ASP A 118 -41.40 -2.26 33.59
C ASP A 118 -42.71 -2.24 32.81
N ARG A 119 -42.65 -2.75 31.58
CA ARG A 119 -43.78 -2.83 30.67
C ARG A 119 -44.49 -1.51 30.43
N SER A 120 -43.72 -0.43 30.47
CA SER A 120 -44.25 0.89 30.30
C SER A 120 -44.09 1.33 28.85
N ASN A 121 -44.58 2.53 28.53
CA ASN A 121 -44.46 3.05 27.17
C ASN A 121 -44.37 4.56 27.23
N GLY A 122 -44.21 5.19 26.07
CA GLY A 122 -44.14 6.64 25.99
C GLY A 122 -45.46 7.29 25.61
N ASP A 123 -46.57 6.60 25.88
CA ASP A 123 -47.89 7.19 25.56
C ASP A 123 -48.06 8.56 26.18
N VAL A 124 -47.63 8.72 27.41
CA VAL A 124 -47.71 10.01 28.13
C VAL A 124 -46.30 10.59 28.40
N ALA A 125 -45.37 9.73 28.79
CA ALA A 125 -43.98 10.15 28.98
C ALA A 125 -43.88 11.28 30.02
N ALA A 126 -43.23 12.42 29.71
CA ALA A 126 -43.28 13.58 30.62
C ALA A 126 -44.33 14.61 30.20
N ASP A 127 -45.20 14.21 29.28
CA ASP A 127 -46.30 15.05 28.81
C ASP A 127 -45.86 16.41 28.26
N SER A 128 -44.67 16.47 27.64
CA SER A 128 -44.18 17.75 27.11
C SER A 128 -44.95 18.29 25.90
N TYR A 129 -45.73 17.45 25.22
CA TYR A 129 -46.62 17.98 24.18
C TYR A 129 -47.53 19.05 24.81
N HIS A 130 -47.99 18.80 26.04
CA HIS A 130 -48.85 19.74 26.76
C HIS A 130 -48.14 20.66 27.73
N MET A 131 -47.00 20.21 28.24
CA MET A 131 -46.31 20.93 29.30
C MET A 131 -45.02 21.60 28.86
N TYR A 132 -44.87 21.82 27.56
CA TYR A 132 -43.63 22.41 27.03
C TYR A 132 -43.33 23.78 27.64
N ALA A 133 -44.36 24.51 28.07
CA ALA A 133 -44.10 25.81 28.68
C ALA A 133 -43.38 25.70 30.01
N GLU A 134 -43.60 24.61 30.75
CA GLU A 134 -42.86 24.33 31.97
C GLU A 134 -41.40 24.01 31.64
N ASP A 135 -41.19 23.29 30.56
CA ASP A 135 -39.82 22.94 30.12
C ASP A 135 -39.00 24.22 29.87
N VAL A 136 -39.56 25.14 29.09
CA VAL A 136 -38.91 26.42 28.84
C VAL A 136 -38.69 27.24 30.10
N ARG A 137 -39.71 27.30 30.96
CA ARG A 137 -39.55 28.04 32.20
C ARG A 137 -38.37 27.50 32.99
N LEU A 138 -38.25 26.18 33.05
CA LEU A 138 -37.16 25.57 33.81
C LEU A 138 -35.80 25.91 33.23
N LEU A 139 -35.69 25.79 31.91
CA LEU A 139 -34.47 26.15 31.18
C LEU A 139 -34.09 27.61 31.47
N LYS A 140 -35.09 28.49 31.43
CA LYS A 140 -34.83 29.92 31.69
C LYS A 140 -34.39 30.16 33.13
N GLU A 141 -35.08 29.54 34.07
CA GLU A 141 -34.73 29.74 35.48
C GLU A 141 -33.33 29.25 35.78
N MET A 142 -32.91 28.21 35.08
CA MET A 142 -31.56 27.65 35.28
C MET A 142 -30.48 28.47 34.57
N GLY A 143 -30.89 29.45 33.77
CA GLY A 143 -29.94 30.26 33.01
C GLY A 143 -29.26 29.54 31.84
N MET A 144 -29.92 28.51 31.30
CA MET A 144 -29.38 27.79 30.15
C MET A 144 -29.37 28.68 28.92
N ASP A 145 -28.34 28.48 28.09
CA ASP A 145 -28.15 29.22 26.85
C ASP A 145 -28.81 28.57 25.66
N ALA A 146 -29.07 27.27 25.76
CA ALA A 146 -29.50 26.51 24.60
C ALA A 146 -30.30 25.29 25.05
N TYR A 147 -31.04 24.71 24.12
CA TYR A 147 -31.85 23.53 24.41
C TYR A 147 -31.84 22.67 23.18
N ARG A 148 -31.46 21.41 23.37
CA ARG A 148 -31.45 20.43 22.31
C ARG A 148 -32.69 19.52 22.44
N PHE A 149 -33.53 19.48 21.43
CA PHE A 149 -34.72 18.63 21.43
C PHE A 149 -34.86 18.05 20.04
N SER A 150 -35.74 17.05 19.88
CA SER A 150 -35.96 16.48 18.57
C SER A 150 -37.39 16.70 18.08
N ILE A 151 -37.56 16.55 16.78
CA ILE A 151 -38.88 16.66 16.14
C ILE A 151 -39.32 15.25 15.80
N SER A 152 -40.56 14.92 16.14
CA SER A 152 -41.13 13.61 15.80
C SER A 152 -41.56 13.57 14.34
N TRP A 153 -40.89 12.72 13.56
CA TRP A 153 -41.21 12.54 12.14
C TRP A 153 -42.72 12.26 11.92
N PRO A 154 -43.29 11.23 12.55
CA PRO A 154 -44.73 10.94 12.33
C PRO A 154 -45.69 11.93 12.95
N ARG A 155 -45.21 12.85 13.79
CA ARG A 155 -46.04 13.97 14.22
C ARG A 155 -46.15 15.04 13.13
N ILE A 156 -45.13 15.11 12.28
CA ILE A 156 -45.11 16.07 11.17
C ILE A 156 -45.70 15.44 9.91
N LEU A 157 -45.29 14.22 9.60
CA LEU A 157 -45.81 13.47 8.45
C LEU A 157 -46.39 12.13 8.96
N PRO A 158 -47.68 12.10 9.29
CA PRO A 158 -48.28 10.92 9.92
C PRO A 158 -48.11 9.61 9.15
N LYS A 159 -48.01 9.67 7.83
CA LYS A 159 -47.77 8.48 7.02
C LYS A 159 -46.31 8.36 6.60
N GLY A 160 -45.48 9.24 7.15
CA GLY A 160 -44.06 9.20 6.85
C GLY A 160 -43.65 9.91 5.57
N THR A 161 -44.64 10.21 4.72
CA THR A 161 -44.36 10.75 3.39
C THR A 161 -44.97 12.11 3.21
N LEU A 162 -44.43 12.87 2.26
CA LEU A 162 -45.03 14.12 1.83
C LEU A 162 -46.42 13.87 1.28
N ALA A 163 -46.56 12.80 0.50
CA ALA A 163 -47.84 12.44 -0.12
C ALA A 163 -48.96 12.20 0.88
N GLY A 164 -48.61 11.69 2.06
CA GLY A 164 -49.60 11.43 3.09
C GLY A 164 -50.08 12.70 3.77
N GLY A 165 -49.40 13.81 3.50
CA GLY A 165 -49.76 15.12 4.07
C GLY A 165 -48.99 15.57 5.31
N ILE A 166 -48.88 16.89 5.47
CA ILE A 166 -48.26 17.51 6.63
C ILE A 166 -49.29 17.77 7.72
N ASN A 167 -48.98 17.35 8.94
CA ASN A 167 -49.86 17.56 10.08
C ASN A 167 -49.65 18.95 10.67
N GLU A 168 -50.59 19.86 10.39
CA GLU A 168 -50.50 21.24 10.82
C GLU A 168 -50.41 21.41 12.33
N LYS A 169 -51.12 20.59 13.10
CA LYS A 169 -51.07 20.70 14.53
C LYS A 169 -49.66 20.35 15.06
N ARG A 170 -49.00 19.40 14.40
CA ARG A 170 -47.64 19.04 14.76
C ARG A 170 -46.67 20.17 14.44
N VAL A 171 -46.82 20.79 13.27
CA VAL A 171 -46.03 21.98 12.95
C VAL A 171 -46.22 23.08 13.98
N GLU A 172 -47.49 23.35 14.34
CA GLU A 172 -47.82 24.38 15.33
C GLU A 172 -47.21 24.13 16.72
N TYR A 173 -47.16 22.87 17.14
CA TYR A 173 -46.54 22.59 18.43
C TYR A 173 -45.08 23.08 18.47
N TYR A 174 -44.29 22.67 17.49
CA TYR A 174 -42.86 23.01 17.49
C TYR A 174 -42.68 24.50 17.28
N ASN A 175 -43.56 25.12 16.51
CA ASN A 175 -43.51 26.57 16.40
C ASN A 175 -43.71 27.25 17.75
N LYS A 176 -44.68 26.80 18.54
CA LYS A 176 -44.93 27.38 19.87
C LYS A 176 -43.68 27.24 20.76
N LEU A 177 -43.07 26.07 20.72
CA LEU A 177 -41.90 25.77 21.57
C LEU A 177 -40.70 26.62 21.16
N ILE A 178 -40.42 26.65 19.87
CA ILE A 178 -39.32 27.47 19.35
C ILE A 178 -39.54 28.94 19.68
N ASP A 179 -40.76 29.43 19.46
CA ASP A 179 -41.03 30.84 19.80
C ASP A 179 -40.77 31.15 21.27
N LEU A 180 -41.21 30.25 22.15
CA LEU A 180 -41.08 30.45 23.58
C LEU A 180 -39.60 30.42 24.01
N LEU A 181 -38.84 29.50 23.42
CA LEU A 181 -37.40 29.45 23.65
C LEU A 181 -36.74 30.78 23.27
N LEU A 182 -37.01 31.23 22.05
CA LEU A 182 -36.36 32.42 21.54
C LEU A 182 -36.75 33.66 22.35
N GLU A 183 -38.01 33.76 22.71
CA GLU A 183 -38.47 34.89 23.51
C GLU A 183 -37.74 34.91 24.85
N ASN A 184 -37.29 33.74 25.30
CA ASN A 184 -36.56 33.61 26.56
C ASN A 184 -35.03 33.55 26.39
N GLY A 185 -34.58 33.78 25.17
CA GLY A 185 -33.16 33.91 24.90
C GLY A 185 -32.43 32.58 24.90
N ILE A 186 -33.15 31.51 24.61
CA ILE A 186 -32.56 30.15 24.62
C ILE A 186 -32.45 29.68 23.17
N GLU A 187 -31.24 29.27 22.75
CA GLU A 187 -31.02 28.91 21.36
C GLU A 187 -31.44 27.46 21.11
N PRO A 188 -32.35 27.22 20.17
CA PRO A 188 -32.71 25.83 19.81
C PRO A 188 -31.66 25.10 18.98
N TYR A 189 -31.32 23.89 19.43
CA TYR A 189 -30.51 22.97 18.64
C TYR A 189 -31.43 21.79 18.34
N ILE A 190 -31.83 21.63 17.09
CA ILE A 190 -32.83 20.60 16.78
C ILE A 190 -32.27 19.33 16.15
N THR A 191 -32.63 18.19 16.73
CA THR A 191 -32.31 16.87 16.18
C THR A 191 -33.46 16.47 15.29
N ILE A 192 -33.19 16.23 14.02
CA ILE A 192 -34.27 15.88 13.08
C ILE A 192 -34.80 14.48 13.38
N PHE A 193 -33.91 13.52 13.60
CA PHE A 193 -34.33 12.14 13.84
C PHE A 193 -33.70 11.53 15.10
N HIS A 194 -34.56 11.06 16.01
CA HIS A 194 -34.07 10.43 17.22
C HIS A 194 -34.84 9.10 17.42
N TRP A 195 -34.75 8.25 16.38
CA TRP A 195 -35.08 6.82 16.43
C TRP A 195 -36.56 6.49 16.19
N ASP A 196 -37.36 7.53 15.98
CA ASP A 196 -38.82 7.37 15.95
C ASP A 196 -39.33 7.34 14.51
N THR A 197 -38.92 6.33 13.76
CA THR A 197 -39.36 6.14 12.37
C THR A 197 -40.89 5.94 12.29
N PRO A 198 -41.57 6.64 11.37
CA PRO A 198 -42.99 6.39 11.13
C PRO A 198 -43.26 4.91 10.81
N GLN A 199 -44.16 4.29 11.58
CA GLN A 199 -44.46 2.88 11.40
C GLN A 199 -45.04 2.63 10.02
N ALA A 200 -45.71 3.64 9.46
CA ALA A 200 -46.24 3.52 8.10
C ALA A 200 -45.17 3.18 7.08
N LEU A 201 -43.95 3.70 7.26
CA LEU A 201 -42.85 3.38 6.36
C LEU A 201 -42.28 1.98 6.59
N VAL A 202 -42.36 1.48 7.82
CA VAL A 202 -42.01 0.09 8.09
C VAL A 202 -43.01 -0.87 7.39
N ASP A 203 -44.30 -0.56 7.52
CA ASP A 203 -45.39 -1.31 6.85
C ASP A 203 -45.15 -1.36 5.33
N ALA A 204 -44.82 -0.20 4.76
CA ALA A 204 -44.63 -0.05 3.32
C ALA A 204 -43.39 -0.74 2.77
N TYR A 205 -42.25 -0.56 3.44
CA TYR A 205 -41.01 -1.07 2.87
C TYR A 205 -39.90 -1.42 3.87
N GLY A 206 -40.25 -1.51 5.15
CA GLY A 206 -39.29 -1.88 6.17
C GLY A 206 -38.46 -0.72 6.71
N GLY A 207 -38.88 0.50 6.40
CA GLY A 207 -38.21 1.69 6.94
C GLY A 207 -36.75 1.73 6.53
N PHE A 208 -35.85 1.92 7.50
CA PHE A 208 -34.43 2.06 7.19
C PHE A 208 -33.75 0.87 6.55
N LEU A 209 -34.42 -0.29 6.50
CA LEU A 209 -33.87 -1.43 5.76
C LEU A 209 -33.90 -1.31 4.22
N ASP A 210 -34.58 -0.27 3.72
CA ASP A 210 -34.74 -0.07 2.28
C ASP A 210 -34.32 1.35 1.89
N GLU A 211 -33.64 1.49 0.75
CA GLU A 211 -33.18 2.81 0.31
C GLU A 211 -34.30 3.83 0.07
N ARG A 212 -35.55 3.32 -0.03
CA ARG A 212 -36.70 4.21 -0.07
C ARG A 212 -36.77 5.21 1.08
N ILE A 213 -36.23 4.82 2.24
CA ILE A 213 -36.19 5.71 3.40
C ILE A 213 -35.51 7.06 3.07
N ILE A 214 -34.57 7.07 2.13
CA ILE A 214 -33.75 8.25 1.92
C ILE A 214 -34.61 9.42 1.45
N LYS A 215 -35.40 9.19 0.41
CA LYS A 215 -36.31 10.24 -0.05
C LYS A 215 -37.33 10.70 1.01
N ASP A 216 -37.97 9.76 1.73
CA ASP A 216 -38.90 10.16 2.79
C ASP A 216 -38.24 10.96 3.92
N TYR A 217 -37.03 10.54 4.33
CA TYR A 217 -36.28 11.30 5.34
C TYR A 217 -35.96 12.70 4.83
N THR A 218 -35.45 12.81 3.60
CA THR A 218 -35.09 14.15 3.13
C THR A 218 -36.30 15.05 2.94
N ASP A 219 -37.44 14.48 2.58
CA ASP A 219 -38.66 15.29 2.48
C ASP A 219 -39.04 15.80 3.85
N PHE A 220 -38.88 14.96 4.87
CA PHE A 220 -39.18 15.34 6.25
C PHE A 220 -38.24 16.48 6.68
N ALA A 221 -36.95 16.30 6.45
CA ALA A 221 -35.99 17.31 6.86
C ALA A 221 -36.31 18.63 6.16
N LYS A 222 -36.63 18.54 4.88
CA LYS A 222 -36.96 19.73 4.08
C LYS A 222 -38.16 20.47 4.65
N VAL A 223 -39.22 19.75 5.03
CA VAL A 223 -40.33 20.37 5.74
C VAL A 223 -39.86 21.09 7.01
N CYS A 224 -39.02 20.42 7.81
CA CYS A 224 -38.53 21.07 9.02
C CYS A 224 -37.79 22.37 8.67
N PHE A 225 -36.95 22.33 7.64
CA PHE A 225 -36.14 23.52 7.29
C PHE A 225 -37.07 24.65 6.81
N GLU A 226 -38.09 24.25 6.06
CA GLU A 226 -39.09 25.21 5.56
C GLU A 226 -39.92 25.85 6.66
N LYS A 227 -40.42 25.03 7.60
CA LYS A 227 -41.25 25.53 8.70
C LYS A 227 -40.43 26.28 9.74
N PHE A 228 -39.21 25.80 10.03
CA PHE A 228 -38.51 26.26 11.23
C PHE A 228 -37.15 26.95 10.99
N GLY A 229 -36.63 26.87 9.79
CA GLY A 229 -35.27 27.31 9.48
C GLY A 229 -35.01 28.79 9.60
N LYS A 230 -36.05 29.60 9.48
CA LYS A 230 -35.86 31.02 9.71
C LYS A 230 -35.50 31.30 11.16
N THR A 231 -36.05 30.50 12.07
CA THR A 231 -35.89 30.69 13.51
C THR A 231 -34.80 29.79 14.11
N VAL A 232 -34.51 28.69 13.43
CA VAL A 232 -33.57 27.68 13.93
C VAL A 232 -32.35 27.60 13.01
N LYS A 233 -31.16 27.81 13.57
CA LYS A 233 -29.95 27.89 12.77
C LYS A 233 -28.97 26.76 13.14
N ASN A 234 -29.43 25.80 13.93
CA ASN A 234 -28.57 24.72 14.38
C ASN A 234 -29.30 23.40 14.31
N TRP A 235 -28.85 22.53 13.42
CA TRP A 235 -29.55 21.29 13.08
C TRP A 235 -28.63 20.09 13.19
N LEU A 236 -29.19 18.95 13.64
CA LEU A 236 -28.46 17.69 13.70
C LEU A 236 -29.36 16.66 12.98
N THR A 237 -28.85 16.05 11.92
CA THR A 237 -29.68 15.13 11.11
C THR A 237 -30.07 13.89 11.92
N PHE A 238 -29.08 13.26 12.56
CA PHE A 238 -29.28 11.98 13.24
C PHE A 238 -28.64 11.99 14.61
N ASN A 239 -29.32 11.37 15.55
CA ASN A 239 -28.82 11.14 16.90
C ASN A 239 -28.35 9.70 17.11
N GLU A 240 -27.11 9.57 17.57
CA GLU A 240 -26.52 8.26 17.88
C GLU A 240 -26.78 7.20 16.81
N PRO A 241 -26.33 7.44 15.58
CA PRO A 241 -26.51 6.43 14.54
C PRO A 241 -25.93 5.06 14.95
N GLU A 242 -24.80 5.04 15.67
CA GLU A 242 -24.22 3.74 16.02
C GLU A 242 -25.16 2.97 16.92
N THR A 243 -25.65 3.62 17.97
CA THR A 243 -26.58 2.98 18.88
C THR A 243 -27.82 2.53 18.11
N PHE A 244 -28.36 3.43 17.29
CA PHE A 244 -29.53 3.13 16.50
C PHE A 244 -29.34 1.84 15.69
N CYS A 245 -28.23 1.75 14.97
CA CYS A 245 -27.96 0.60 14.13
C CYS A 245 -27.65 -0.67 14.92
N SER A 246 -26.68 -0.58 15.84
CA SER A 246 -26.17 -1.76 16.54
C SER A 246 -27.21 -2.35 17.51
N VAL A 247 -28.01 -1.47 18.11
CA VAL A 247 -28.87 -1.86 19.22
C VAL A 247 -30.33 -2.05 18.77
N SER A 248 -30.73 -1.45 17.66
CA SER A 248 -32.11 -1.65 17.16
C SER A 248 -32.15 -2.81 16.18
N TYR A 249 -31.03 -3.10 15.53
CA TYR A 249 -30.96 -4.10 14.44
C TYR A 249 -29.91 -5.19 14.67
N GLY A 250 -29.13 -5.04 15.75
CA GLY A 250 -28.06 -5.97 16.06
C GLY A 250 -28.40 -6.82 17.29
N THR A 251 -28.40 -6.18 18.45
CA THR A 251 -28.86 -6.85 19.68
C THR A 251 -30.38 -6.83 19.82
N GLY A 252 -31.04 -5.95 19.06
CA GLY A 252 -32.49 -5.85 19.09
C GLY A 252 -33.13 -5.36 20.36
N VAL A 253 -32.38 -4.70 21.23
CA VAL A 253 -32.94 -4.19 22.48
C VAL A 253 -33.91 -3.03 22.23
N LEU A 254 -33.64 -2.22 21.21
CA LEU A 254 -34.44 -1.05 20.90
C LEU A 254 -35.33 -1.32 19.68
N ALA A 255 -36.48 -0.64 19.62
CA ALA A 255 -37.38 -0.76 18.46
C ALA A 255 -36.66 -0.50 17.12
N PRO A 256 -36.92 -1.32 16.09
CA PRO A 256 -38.00 -2.33 16.09
C PRO A 256 -37.64 -3.69 16.75
N GLY A 257 -36.48 -3.82 17.37
CA GLY A 257 -36.17 -5.02 18.14
C GLY A 257 -35.77 -6.23 17.32
N ARG A 258 -35.00 -6.00 16.26
CA ARG A 258 -34.57 -7.04 15.34
C ARG A 258 -33.17 -7.61 15.60
N CYS A 259 -33.02 -8.92 15.42
CA CYS A 259 -31.74 -9.58 15.53
C CYS A 259 -31.78 -10.92 14.75
N SER A 260 -30.61 -11.56 14.64
CA SER A 260 -30.48 -12.88 14.01
C SER A 260 -31.25 -13.94 14.79
N PRO A 261 -31.82 -14.93 14.09
CA PRO A 261 -32.34 -16.11 14.78
C PRO A 261 -31.32 -16.58 15.78
N GLY A 262 -31.76 -16.93 16.98
CA GLY A 262 -30.83 -17.40 17.99
C GLY A 262 -30.39 -16.34 18.97
N VAL A 263 -30.53 -15.07 18.57
CA VAL A 263 -30.22 -13.96 19.47
C VAL A 263 -31.50 -13.55 20.19
N SER A 264 -31.38 -13.15 21.45
CA SER A 264 -32.58 -12.89 22.26
C SER A 264 -33.10 -11.47 22.06
N CYS A 265 -34.17 -11.32 21.29
CA CYS A 265 -34.85 -10.05 21.09
C CYS A 265 -36.29 -10.28 20.67
N ALA A 266 -37.08 -9.22 20.64
CA ALA A 266 -38.50 -9.31 20.25
C ALA A 266 -38.75 -9.90 18.86
N VAL A 267 -37.86 -9.59 17.92
CA VAL A 267 -38.04 -9.96 16.52
C VAL A 267 -36.80 -10.64 15.97
N PRO A 268 -36.55 -11.88 16.36
CA PRO A 268 -35.32 -12.58 15.99
C PRO A 268 -35.43 -13.21 14.62
N THR A 269 -35.88 -12.45 13.63
CA THR A 269 -35.94 -12.92 12.25
C THR A 269 -35.20 -11.95 11.33
N GLY A 270 -34.27 -11.17 11.91
CA GLY A 270 -33.42 -10.27 11.13
C GLY A 270 -32.07 -10.88 10.85
N ASN A 271 -31.02 -10.05 10.93
CA ASN A 271 -29.67 -10.55 10.71
C ASN A 271 -28.72 -9.52 11.33
N SER A 272 -28.14 -9.88 12.49
CA SER A 272 -27.32 -8.96 13.31
C SER A 272 -26.00 -8.61 12.65
N LEU A 273 -25.61 -9.42 11.67
CA LEU A 273 -24.37 -9.16 10.93
C LEU A 273 -24.58 -8.22 9.73
N SER A 274 -25.78 -8.20 9.16
CA SER A 274 -25.98 -7.46 7.91
C SER A 274 -26.84 -6.21 8.08
N GLU A 275 -27.89 -6.30 8.89
CA GLU A 275 -28.88 -5.24 8.95
C GLU A 275 -28.31 -3.93 9.56
N PRO A 276 -27.50 -4.00 10.60
CA PRO A 276 -26.90 -2.77 11.12
C PRO A 276 -26.17 -1.97 10.05
N TYR A 277 -25.45 -2.66 9.17
CA TYR A 277 -24.72 -1.98 8.09
C TYR A 277 -25.64 -1.40 7.04
N ILE A 278 -26.72 -2.10 6.76
CA ILE A 278 -27.68 -1.61 5.76
C ILE A 278 -28.33 -0.35 6.26
N VAL A 279 -28.80 -0.38 7.50
CA VAL A 279 -29.45 0.77 8.09
C VAL A 279 -28.46 1.95 8.15
N ALA A 280 -27.22 1.67 8.55
CA ALA A 280 -26.20 2.71 8.66
C ALA A 280 -25.93 3.37 7.31
N HIS A 281 -25.87 2.53 6.28
CA HIS A 281 -25.59 3.03 4.95
C HIS A 281 -26.71 3.94 4.45
N ASN A 282 -27.95 3.50 4.60
CA ASN A 282 -29.08 4.36 4.22
C ASN A 282 -29.12 5.63 5.05
N LEU A 283 -28.74 5.53 6.32
CA LEU A 283 -28.72 6.72 7.18
C LEU A 283 -27.71 7.75 6.67
N LEU A 284 -26.51 7.28 6.37
CA LEU A 284 -25.45 8.14 5.86
C LEU A 284 -25.80 8.71 4.50
N ARG A 285 -26.38 7.90 3.61
CA ARG A 285 -26.88 8.46 2.34
C ARG A 285 -27.91 9.57 2.55
N ALA A 286 -28.83 9.36 3.50
CA ALA A 286 -29.86 10.34 3.85
C ALA A 286 -29.20 11.60 4.44
N HIS A 287 -28.17 11.38 5.26
CA HIS A 287 -27.45 12.52 5.83
C HIS A 287 -26.82 13.38 4.72
N ALA A 288 -26.15 12.74 3.75
CA ALA A 288 -25.42 13.47 2.71
C ALA A 288 -26.37 14.32 1.86
N GLU A 289 -27.48 13.72 1.45
CA GLU A 289 -28.49 14.44 0.68
C GLU A 289 -29.10 15.61 1.44
N THR A 290 -29.37 15.39 2.73
CA THR A 290 -30.00 16.41 3.54
C THR A 290 -29.07 17.62 3.74
N VAL A 291 -27.79 17.36 3.94
CA VAL A 291 -26.84 18.45 4.15
C VAL A 291 -26.72 19.24 2.83
N ASP A 292 -26.76 18.53 1.71
CA ASP A 292 -26.72 19.20 0.41
C ASP A 292 -27.91 20.13 0.22
N ILE A 293 -29.11 19.65 0.54
CA ILE A 293 -30.33 20.47 0.47
C ILE A 293 -30.23 21.65 1.44
N TYR A 294 -29.73 21.39 2.65
CA TYR A 294 -29.57 22.48 3.61
C TYR A 294 -28.64 23.56 3.07
N ASN A 295 -27.48 23.13 2.55
CA ASN A 295 -26.46 24.08 2.10
C ASN A 295 -27.00 24.89 0.92
N LYS A 296 -27.72 24.22 0.03
CA LYS A 296 -28.20 24.89 -1.18
C LYS A 296 -29.32 25.91 -0.92
N TYR A 297 -30.23 25.60 0.00
CA TYR A 297 -31.47 26.39 0.12
C TYR A 297 -31.75 27.04 1.45
N HIS A 298 -31.03 26.64 2.51
CA HIS A 298 -31.46 27.05 3.84
C HIS A 298 -30.39 27.58 4.76
N LYS A 299 -29.13 27.29 4.45
CA LYS A 299 -28.02 27.66 5.34
C LYS A 299 -27.87 29.17 5.47
N GLY A 300 -27.95 29.87 4.34
CA GLY A 300 -27.76 31.31 4.33
C GLY A 300 -26.44 31.72 4.98
N ALA A 301 -26.49 32.78 5.75
CA ALA A 301 -25.28 33.36 6.30
C ALA A 301 -24.88 32.72 7.63
N ASP A 302 -25.83 32.10 8.34
CA ASP A 302 -25.56 31.73 9.73
C ASP A 302 -25.95 30.31 10.12
N GLY A 303 -26.57 29.57 9.19
CA GLY A 303 -27.05 28.23 9.53
C GLY A 303 -25.92 27.21 9.63
N ARG A 304 -26.14 26.16 10.43
CA ARG A 304 -25.17 25.10 10.54
C ARG A 304 -25.88 23.78 10.71
N ILE A 305 -25.27 22.73 10.15
CA ILE A 305 -25.86 21.40 10.28
C ILE A 305 -24.78 20.36 10.52
N GLY A 306 -25.10 19.36 11.33
CA GLY A 306 -24.16 18.29 11.63
C GLY A 306 -24.91 17.06 12.06
N LEU A 307 -24.29 16.20 12.87
CA LEU A 307 -24.99 15.06 13.46
C LEU A 307 -24.35 14.77 14.81
N ALA A 308 -25.05 14.01 15.64
CA ALA A 308 -24.60 13.76 17.02
C ALA A 308 -24.22 12.29 17.18
N LEU A 309 -22.96 12.01 17.49
CA LEU A 309 -22.48 10.63 17.53
C LEU A 309 -22.30 10.17 18.97
N ASN A 310 -22.80 8.97 19.30
CA ASN A 310 -22.42 8.40 20.58
C ASN A 310 -21.00 7.91 20.43
N VAL A 311 -20.18 8.13 21.46
CA VAL A 311 -18.82 7.63 21.43
C VAL A 311 -18.49 7.05 22.81
N PHE A 312 -18.28 5.74 22.87
CA PHE A 312 -17.71 5.11 24.05
C PHE A 312 -16.23 5.39 24.05
N GLY A 313 -15.68 5.80 25.19
CA GLY A 313 -14.23 5.83 25.30
C GLY A 313 -13.75 4.38 25.28
N ARG A 314 -12.60 4.15 24.66
CA ARG A 314 -12.00 2.81 24.63
C ARG A 314 -10.54 2.90 25.08
N VAL A 315 -10.20 2.10 26.08
CA VAL A 315 -8.86 2.08 26.67
C VAL A 315 -8.25 0.71 26.42
N PRO A 316 -7.01 0.65 25.90
CA PRO A 316 -6.41 -0.66 25.62
C PRO A 316 -6.39 -1.47 26.89
N TYR A 317 -6.84 -2.71 26.83
CA TYR A 317 -6.90 -3.57 28.00
C TYR A 317 -5.50 -3.67 28.64
N THR A 318 -4.45 -3.82 27.81
CA THR A 318 -3.05 -3.62 28.25
C THR A 318 -2.33 -2.67 27.31
N ASN A 319 -1.18 -2.14 27.72
CA ASN A 319 -0.43 -1.26 26.83
C ASN A 319 0.51 -2.10 25.96
N THR A 320 -0.09 -3.07 25.29
CA THR A 320 0.57 -4.08 24.47
C THR A 320 0.05 -3.85 23.05
N PHE A 321 0.83 -4.15 22.01
CA PHE A 321 0.36 -3.80 20.65
C PHE A 321 -0.96 -4.51 20.26
N LEU A 322 -1.17 -5.73 20.75
CA LEU A 322 -2.41 -6.44 20.39
C LEU A 322 -3.66 -5.71 20.88
N ASP A 323 -3.63 -5.26 22.14
CA ASP A 323 -4.78 -4.59 22.71
C ASP A 323 -4.88 -3.13 22.26
N GLN A 324 -3.75 -2.53 21.89
CA GLN A 324 -3.78 -1.19 21.29
C GLN A 324 -4.43 -1.31 19.91
N GLN A 325 -4.09 -2.38 19.19
CA GLN A 325 -4.75 -2.63 17.91
C GLN A 325 -6.24 -2.84 18.09
N ALA A 326 -6.63 -3.62 19.12
CA ALA A 326 -8.05 -3.85 19.39
C ALA A 326 -8.78 -2.55 19.72
N GLN A 327 -8.13 -1.70 20.52
CA GLN A 327 -8.72 -0.42 20.89
C GLN A 327 -8.98 0.43 19.64
N GLU A 328 -8.04 0.43 18.69
CA GLU A 328 -8.21 1.16 17.45
C GLU A 328 -9.34 0.60 16.56
N ARG A 329 -9.42 -0.72 16.43
CA ARG A 329 -10.56 -1.30 15.69
C ARG A 329 -11.89 -0.94 16.38
N SER A 330 -11.86 -0.81 17.70
CA SER A 330 -13.08 -0.55 18.44
C SER A 330 -13.50 0.89 18.22
N MET A 331 -12.53 1.81 18.27
CA MET A 331 -12.85 3.22 18.00
C MET A 331 -13.39 3.32 16.58
N ASP A 332 -12.77 2.61 15.62
CA ASP A 332 -13.25 2.66 14.22
C ASP A 332 -14.71 2.19 14.11
N LYS A 333 -15.04 1.13 14.87
CA LYS A 333 -16.37 0.53 14.78
C LYS A 333 -17.47 1.32 15.50
N CYS A 334 -17.09 2.21 16.42
CA CYS A 334 -18.07 3.09 17.05
C CYS A 334 -18.01 4.51 16.44
N LEU A 335 -16.92 5.23 16.65
CA LEU A 335 -16.80 6.59 16.12
C LEU A 335 -16.58 6.62 14.60
N GLY A 336 -15.63 5.82 14.13
CA GLY A 336 -15.24 5.85 12.73
C GLY A 336 -16.33 5.46 11.73
N TRP A 337 -17.21 4.55 12.14
CA TRP A 337 -18.28 4.04 11.27
C TRP A 337 -19.06 5.20 10.65
N PHE A 338 -19.32 6.25 11.44
CA PHE A 338 -20.07 7.41 10.94
C PHE A 338 -19.22 8.64 10.70
N LEU A 339 -18.18 8.80 11.50
CA LEU A 339 -17.33 10.00 11.33
C LEU A 339 -16.48 9.92 10.07
N GLU A 340 -15.88 8.76 9.78
CA GLU A 340 -15.04 8.71 8.57
C GLU A 340 -15.80 8.93 7.26
N PRO A 341 -16.99 8.35 7.10
CA PRO A 341 -17.83 8.73 5.95
C PRO A 341 -18.02 10.27 5.81
N VAL A 342 -18.38 10.96 6.89
CA VAL A 342 -18.64 12.41 6.73
C VAL A 342 -17.35 13.24 6.63
N VAL A 343 -16.24 12.69 7.13
CA VAL A 343 -14.95 13.36 7.05
C VAL A 343 -14.25 13.16 5.71
N ARG A 344 -14.25 11.92 5.19
CA ARG A 344 -13.45 11.59 4.03
C ARG A 344 -14.22 10.85 2.91
N GLY A 345 -15.46 10.47 3.18
CA GLY A 345 -16.29 9.90 2.14
C GLY A 345 -16.34 8.38 2.10
N ASP A 346 -15.69 7.73 3.05
CA ASP A 346 -15.82 6.26 3.14
C ASP A 346 -15.68 5.78 4.58
N TYR A 347 -16.05 4.51 4.82
CA TYR A 347 -15.92 3.87 6.11
C TYR A 347 -14.45 3.58 6.43
N PRO A 348 -14.14 3.38 7.70
CA PRO A 348 -12.74 3.09 8.06
C PRO A 348 -12.26 1.81 7.38
N PHE A 349 -10.99 1.83 6.96
CA PHE A 349 -10.38 0.65 6.37
C PHE A 349 -10.61 -0.61 7.21
N SER A 350 -10.42 -0.49 8.52
CA SER A 350 -10.55 -1.69 9.38
C SER A 350 -11.96 -2.34 9.28
N MET A 351 -12.97 -1.51 9.13
CA MET A 351 -14.32 -2.01 8.99
C MET A 351 -14.54 -2.77 7.68
N ARG A 352 -13.96 -2.27 6.59
CA ARG A 352 -14.09 -2.97 5.31
C ARG A 352 -13.28 -4.26 5.27
N VAL A 353 -12.05 -4.21 5.76
CA VAL A 353 -11.20 -5.40 5.65
C VAL A 353 -11.79 -6.52 6.53
N SER A 354 -12.47 -6.16 7.61
CA SER A 354 -13.10 -7.15 8.47
C SER A 354 -14.44 -7.69 7.88
N ALA A 355 -15.38 -6.78 7.60
CA ALA A 355 -16.75 -7.19 7.29
C ALA A 355 -17.00 -7.36 5.79
N ARG A 356 -16.06 -6.90 4.96
CA ARG A 356 -16.04 -7.11 3.50
C ARG A 356 -17.38 -6.79 2.81
N ASP A 357 -18.00 -7.78 2.18
CA ASP A 357 -19.22 -7.54 1.38
C ASP A 357 -20.44 -7.10 2.18
N ARG A 358 -20.38 -7.21 3.50
CA ARG A 358 -21.49 -6.71 4.30
C ARG A 358 -21.48 -5.17 4.43
N VAL A 359 -20.40 -4.55 3.97
CA VAL A 359 -20.32 -3.08 4.04
C VAL A 359 -20.56 -2.52 2.62
N PRO A 360 -21.68 -1.83 2.42
CA PRO A 360 -21.99 -1.28 1.11
C PRO A 360 -21.03 -0.16 0.67
N TYR A 361 -21.00 0.12 -0.62
CA TYR A 361 -20.19 1.20 -1.19
C TYR A 361 -21.08 2.36 -1.59
N PHE A 362 -20.64 3.58 -1.28
CA PHE A 362 -21.34 4.79 -1.72
C PHE A 362 -21.16 4.99 -3.22
N LYS A 363 -22.20 5.54 -3.86
CA LYS A 363 -22.07 5.94 -5.25
C LYS A 363 -21.23 7.21 -5.36
N GLU A 364 -20.70 7.45 -6.56
CA GLU A 364 -19.75 8.55 -6.76
C GLU A 364 -20.33 9.91 -6.38
N LYS A 365 -21.56 10.19 -6.79
CA LYS A 365 -22.18 11.48 -6.53
C LYS A 365 -22.51 11.69 -5.04
N GLU A 366 -23.07 10.64 -4.41
CA GLU A 366 -23.30 10.61 -2.95
C GLU A 366 -22.05 10.90 -2.19
N GLN A 367 -20.99 10.20 -2.55
CA GLN A 367 -19.71 10.32 -1.90
C GLN A 367 -19.18 11.74 -1.89
N GLU A 368 -19.30 12.42 -3.04
CA GLU A 368 -18.92 13.83 -3.13
C GLU A 368 -19.72 14.66 -2.16
N LYS A 369 -21.02 14.40 -2.04
CA LYS A 369 -21.87 15.09 -1.10
C LYS A 369 -21.54 14.76 0.36
N LEU A 370 -21.11 13.52 0.59
CA LEU A 370 -20.75 13.07 1.94
C LEU A 370 -19.50 13.74 2.50
N VAL A 371 -18.49 13.92 1.66
CA VAL A 371 -17.23 14.50 2.13
C VAL A 371 -17.43 15.90 2.72
N GLY A 372 -17.03 16.06 3.98
CA GLY A 372 -17.15 17.36 4.63
C GLY A 372 -18.57 17.82 4.93
N SER A 373 -19.49 16.85 5.04
CA SER A 373 -20.92 17.16 5.24
C SER A 373 -21.27 17.48 6.69
N TYR A 374 -20.59 18.47 7.25
CA TYR A 374 -20.88 18.88 8.61
C TYR A 374 -20.25 20.25 8.85
N ASP A 375 -20.93 21.07 9.65
CA ASP A 375 -20.37 22.32 10.19
C ASP A 375 -19.90 22.12 11.64
N MET A 376 -20.43 21.07 12.27
CA MET A 376 -20.06 20.76 13.65
C MET A 376 -20.37 19.29 13.90
N ILE A 377 -19.70 18.71 14.89
CA ILE A 377 -20.00 17.33 15.29
C ILE A 377 -20.46 17.33 16.72
N GLY A 378 -21.60 16.70 16.98
CA GLY A 378 -22.05 16.45 18.35
C GLY A 378 -21.41 15.18 18.88
N ILE A 379 -20.92 15.24 20.13
CA ILE A 379 -20.42 14.07 20.84
C ILE A 379 -21.33 13.75 22.01
N ASN A 380 -21.91 12.56 21.99
CA ASN A 380 -22.73 12.08 23.09
C ASN A 380 -21.83 11.17 23.92
N TYR A 381 -21.45 11.59 25.13
CA TYR A 381 -20.50 10.82 25.93
C TYR A 381 -21.10 10.43 27.30
N TYR A 382 -21.02 9.13 27.60
CA TYR A 382 -21.53 8.57 28.84
C TYR A 382 -20.46 7.80 29.60
N THR A 383 -19.70 6.95 28.91
CA THR A 383 -18.81 6.03 29.61
C THR A 383 -17.70 5.48 28.72
N SER A 384 -16.84 4.65 29.29
CA SER A 384 -15.74 4.04 28.54
C SER A 384 -15.60 2.58 28.95
N THR A 385 -14.94 1.78 28.11
CA THR A 385 -14.58 0.40 28.46
C THR A 385 -13.12 0.15 28.11
N PHE A 386 -12.58 -0.97 28.60
CA PHE A 386 -11.33 -1.49 28.03
C PHE A 386 -11.66 -2.28 26.79
N SER A 387 -10.72 -2.33 25.84
CA SER A 387 -10.89 -3.10 24.63
C SER A 387 -9.78 -4.14 24.63
N LYS A 388 -10.18 -5.39 24.48
CA LYS A 388 -9.25 -6.53 24.55
C LYS A 388 -9.28 -7.34 23.27
N HIS A 389 -8.10 -7.59 22.71
CA HIS A 389 -7.92 -8.27 21.43
C HIS A 389 -8.60 -9.66 21.36
N ILE A 390 -9.16 -9.97 20.19
CA ILE A 390 -9.63 -11.32 19.89
C ILE A 390 -8.93 -11.78 18.62
N ASP A 391 -8.30 -12.95 18.65
CA ASP A 391 -7.59 -13.43 17.46
C ASP A 391 -8.55 -13.85 16.34
N LEU A 392 -8.09 -13.69 15.11
CA LEU A 392 -8.81 -14.17 13.94
C LEU A 392 -8.45 -15.65 13.77
N SER A 393 -9.45 -16.52 13.94
CA SER A 393 -9.22 -17.95 13.82
C SER A 393 -10.47 -18.71 13.43
N PRO A 394 -10.33 -19.96 13.00
CA PRO A 394 -11.51 -20.77 12.66
C PRO A 394 -12.43 -20.96 13.87
N ASN A 395 -11.92 -20.69 15.07
CA ASN A 395 -12.69 -20.82 16.30
C ASN A 395 -13.60 -19.63 16.65
N ASN A 396 -13.43 -18.52 15.96
CA ASN A 396 -14.22 -17.32 16.22
C ASN A 396 -15.01 -16.98 14.96
N SER A 397 -16.32 -16.85 15.13
CA SER A 397 -17.23 -16.43 14.04
C SER A 397 -18.12 -15.31 14.57
N PRO A 398 -18.05 -14.12 13.97
CA PRO A 398 -18.90 -13.01 14.40
C PRO A 398 -20.38 -13.36 14.38
N VAL A 399 -21.12 -12.90 15.38
CA VAL A 399 -22.56 -13.10 15.45
C VAL A 399 -23.29 -11.76 15.34
N LEU A 400 -22.76 -10.77 16.04
CA LEU A 400 -23.28 -9.38 16.02
C LEU A 400 -22.32 -8.50 15.21
N ASN A 401 -22.84 -7.43 14.61
CA ASN A 401 -21.99 -6.54 13.82
C ASN A 401 -20.78 -6.05 14.63
N THR A 402 -20.99 -5.81 15.93
CA THR A 402 -19.90 -5.32 16.77
C THR A 402 -18.76 -6.33 16.93
N ASP A 403 -19.03 -7.62 16.70
CA ASP A 403 -17.97 -8.65 16.73
C ASP A 403 -16.98 -8.47 15.60
N ASP A 404 -17.36 -7.70 14.59
CA ASP A 404 -16.46 -7.46 13.47
C ASP A 404 -15.21 -6.69 13.92
N ALA A 405 -15.26 -6.08 15.10
CA ALA A 405 -14.09 -5.36 15.59
C ALA A 405 -13.01 -6.26 16.17
N TYR A 406 -13.31 -7.56 16.29
CA TYR A 406 -12.34 -8.51 16.87
C TYR A 406 -11.79 -7.99 18.20
N ALA A 407 -12.71 -7.59 19.07
CA ALA A 407 -12.33 -7.04 20.37
C ALA A 407 -13.48 -7.27 21.31
N SER A 408 -13.17 -7.52 22.57
CA SER A 408 -14.21 -7.59 23.57
C SER A 408 -14.10 -6.32 24.44
N GLN A 409 -15.24 -5.79 24.85
CA GLN A 409 -15.28 -4.53 25.58
C GLN A 409 -15.46 -4.88 27.05
N GLU A 410 -14.40 -4.74 27.83
CA GLU A 410 -14.41 -5.18 29.21
C GLU A 410 -14.65 -4.00 30.16
N THR A 411 -15.49 -4.18 31.17
CA THR A 411 -15.63 -3.12 32.18
C THR A 411 -14.58 -3.27 33.28
N LYS A 412 -13.94 -4.43 33.35
CA LYS A 412 -12.88 -4.68 34.32
C LYS A 412 -11.56 -4.87 33.60
N GLY A 413 -10.53 -4.22 34.11
CA GLY A 413 -9.21 -4.30 33.51
C GLY A 413 -8.39 -5.48 34.03
N PRO A 414 -7.15 -5.57 33.57
CA PRO A 414 -6.29 -6.72 33.88
C PRO A 414 -5.83 -6.76 35.34
N ASP A 415 -5.95 -5.65 36.07
CA ASP A 415 -5.70 -5.65 37.52
C ASP A 415 -6.95 -5.97 38.33
N GLY A 416 -8.03 -6.37 37.65
CA GLY A 416 -9.30 -6.64 38.30
C GLY A 416 -10.18 -5.46 38.70
N ASN A 417 -9.75 -4.24 38.38
CA ASN A 417 -10.53 -3.06 38.76
C ASN A 417 -11.49 -2.65 37.65
N ALA A 418 -12.67 -2.20 38.05
CA ALA A 418 -13.60 -1.57 37.11
C ALA A 418 -12.93 -0.35 36.50
N ILE A 419 -13.30 0.00 35.27
CA ILE A 419 -12.70 1.19 34.67
C ILE A 419 -13.03 2.44 35.49
N GLY A 420 -14.22 2.45 36.10
CA GLY A 420 -14.65 3.50 36.99
C GLY A 420 -15.89 2.97 37.69
N PRO A 421 -16.34 3.68 38.71
CA PRO A 421 -17.45 3.20 39.54
C PRO A 421 -18.82 3.32 38.85
N PRO A 422 -19.74 2.42 39.20
CA PRO A 422 -21.10 2.45 38.66
C PRO A 422 -21.80 3.72 39.11
N THR A 423 -22.72 4.22 38.29
CA THR A 423 -23.45 5.42 38.65
C THR A 423 -24.91 5.16 38.99
N GLY A 424 -25.35 3.91 38.81
CA GLY A 424 -26.74 3.59 39.09
C GLY A 424 -27.24 2.46 38.21
N ASN A 425 -27.18 2.66 36.90
CA ASN A 425 -27.67 1.67 35.96
C ASN A 425 -26.65 0.58 35.57
N ALA A 426 -26.98 -0.22 34.56
CA ALA A 426 -26.18 -1.42 34.27
C ALA A 426 -24.91 -1.11 33.51
N TRP A 427 -24.80 0.09 32.95
CA TRP A 427 -23.73 0.31 31.98
C TRP A 427 -22.96 1.62 32.11
N ILE A 428 -23.49 2.60 32.84
CA ILE A 428 -22.77 3.89 32.88
C ILE A 428 -21.79 3.90 34.03
N ASN A 429 -20.52 3.61 33.70
CA ASN A 429 -19.45 3.71 34.66
C ASN A 429 -18.78 5.07 34.56
N MET A 430 -18.43 5.61 35.70
CA MET A 430 -17.91 6.98 35.77
C MET A 430 -16.45 7.05 35.30
N TYR A 431 -16.20 7.67 34.14
CA TYR A 431 -14.82 7.74 33.61
C TYR A 431 -14.64 9.00 32.77
N PRO A 432 -14.63 10.15 33.43
CA PRO A 432 -14.52 11.43 32.72
C PRO A 432 -13.24 11.52 31.86
N LYS A 433 -12.16 10.84 32.24
CA LYS A 433 -10.99 10.86 31.35
C LYS A 433 -11.30 10.39 29.92
N GLY A 434 -12.23 9.47 29.76
CA GLY A 434 -12.58 8.99 28.43
C GLY A 434 -13.00 10.10 27.48
N LEU A 435 -13.65 11.12 28.03
CA LEU A 435 -14.09 12.28 27.23
C LEU A 435 -12.85 13.05 26.72
N HIS A 436 -11.86 13.21 27.60
CA HIS A 436 -10.60 13.88 27.16
C HIS A 436 -9.95 13.08 26.01
N ASP A 437 -9.87 11.77 26.17
CA ASP A 437 -9.22 10.93 25.16
C ASP A 437 -9.93 11.09 23.81
N ILE A 438 -11.26 11.10 23.82
CA ILE A 438 -12.00 11.22 22.55
C ILE A 438 -11.77 12.58 21.94
N LEU A 439 -11.77 13.64 22.76
CA LEU A 439 -11.61 15.00 22.21
C LEU A 439 -10.19 15.18 21.64
N MET A 440 -9.21 14.51 22.23
CA MET A 440 -7.84 14.58 21.69
C MET A 440 -7.76 13.86 20.34
N THR A 441 -8.48 12.74 20.21
CA THR A 441 -8.59 12.05 18.94
C THR A 441 -9.25 12.96 17.90
N MET A 442 -10.35 13.58 18.28
CA MET A 442 -11.00 14.49 17.35
C MET A 442 -10.06 15.61 16.92
N LYS A 443 -9.32 16.16 17.90
CA LYS A 443 -8.44 17.29 17.63
C LYS A 443 -7.27 16.87 16.76
N ASN A 444 -6.65 15.74 17.07
CA ASN A 444 -5.36 15.41 16.47
C ASN A 444 -5.47 14.56 15.20
N LYS A 445 -6.52 13.75 15.13
CA LYS A 445 -6.68 12.80 14.02
C LYS A 445 -7.63 13.29 12.96
N TYR A 446 -8.71 13.96 13.40
CA TYR A 446 -9.82 14.24 12.51
C TYR A 446 -10.03 15.75 12.24
N GLY A 447 -8.99 16.54 12.49
CA GLY A 447 -9.00 17.93 12.06
C GLY A 447 -9.58 18.96 13.03
N ASN A 448 -9.93 18.53 14.24
CA ASN A 448 -10.46 19.47 15.25
C ASN A 448 -11.66 20.30 14.76
N PRO A 449 -12.72 19.63 14.33
CA PRO A 449 -13.91 20.34 13.87
C PRO A 449 -14.60 21.00 15.06
N PRO A 450 -15.49 21.97 14.83
CA PRO A 450 -16.30 22.51 15.93
C PRO A 450 -17.11 21.36 16.53
N MET A 451 -17.13 21.28 17.86
CA MET A 451 -17.82 20.18 18.57
C MET A 451 -18.71 20.70 19.67
N TYR A 452 -19.78 19.94 19.96
CA TYR A 452 -20.65 20.20 21.11
C TYR A 452 -20.76 18.89 21.85
N ILE A 453 -20.73 18.90 23.19
CA ILE A 453 -21.10 17.69 23.91
C ILE A 453 -22.63 17.68 23.94
N THR A 454 -23.23 16.95 22.99
CA THR A 454 -24.67 17.03 22.80
C THR A 454 -25.46 16.17 23.79
N GLU A 455 -24.79 15.27 24.52
CA GLU A 455 -25.38 14.55 25.65
C GLU A 455 -24.26 14.16 26.60
N ASN A 456 -24.52 14.30 27.89
CA ASN A 456 -23.67 13.74 28.94
C ASN A 456 -24.55 13.63 30.19
N GLY A 457 -24.57 12.47 30.82
CA GLY A 457 -25.41 12.29 32.00
C GLY A 457 -25.47 10.85 32.50
N MET A 458 -26.33 10.61 33.48
CA MET A 458 -26.41 9.26 34.04
C MET A 458 -27.77 9.07 34.71
N GLY A 459 -28.10 7.82 35.05
CA GLY A 459 -29.43 7.52 35.56
C GLY A 459 -29.48 7.09 37.03
N ASP A 460 -30.55 7.48 37.69
CA ASP A 460 -30.83 6.98 39.04
C ASP A 460 -31.91 5.92 38.95
N ILE A 461 -31.74 4.82 39.69
CA ILE A 461 -32.69 3.72 39.60
C ILE A 461 -33.92 4.07 40.41
N ASP A 462 -35.09 3.82 39.85
CA ASP A 462 -36.34 4.03 40.56
C ASP A 462 -37.26 2.87 40.21
N LYS A 463 -37.37 1.89 41.10
CA LYS A 463 -38.26 0.77 40.78
C LYS A 463 -39.62 0.88 41.48
N GLY A 464 -39.96 2.09 41.89
CA GLY A 464 -41.20 2.38 42.60
C GLY A 464 -40.89 2.63 44.06
N ASP A 465 -39.62 2.44 44.39
CA ASP A 465 -39.13 2.45 45.76
C ASP A 465 -38.61 3.81 46.24
N LEU A 466 -38.33 4.72 45.32
CA LEU A 466 -37.52 5.90 45.59
C LEU A 466 -38.38 7.08 46.02
N PRO A 467 -38.29 7.51 47.28
CA PRO A 467 -39.07 8.67 47.73
C PRO A 467 -38.58 9.94 47.03
N LYS A 468 -39.49 10.86 46.71
CA LYS A 468 -39.10 12.08 46.00
C LYS A 468 -37.94 12.88 46.62
N PRO A 469 -37.94 13.09 47.95
CA PRO A 469 -36.83 13.82 48.60
C PRO A 469 -35.45 13.20 48.35
N VAL A 470 -35.37 11.88 48.30
CA VAL A 470 -34.13 11.20 47.96
C VAL A 470 -33.76 11.43 46.49
N ALA A 471 -34.75 11.29 45.60
CA ALA A 471 -34.50 11.53 44.17
C ALA A 471 -34.01 12.96 43.88
N LEU A 472 -34.47 13.94 44.67
CA LEU A 472 -34.09 15.33 44.43
C LEU A 472 -32.65 15.62 44.85
N GLU A 473 -32.17 14.85 45.82
CA GLU A 473 -30.82 14.96 46.38
C GLU A 473 -29.86 14.12 45.51
N ASP A 474 -29.74 14.50 44.25
CA ASP A 474 -29.00 13.66 43.29
C ASP A 474 -27.49 13.95 43.30
N HIS A 475 -26.85 13.63 44.41
CA HIS A 475 -25.45 13.98 44.56
C HIS A 475 -24.55 13.27 43.56
N THR A 476 -24.91 12.05 43.17
CA THR A 476 -24.06 11.30 42.24
C THR A 476 -24.02 12.00 40.88
N ARG A 477 -25.19 12.44 40.42
CA ARG A 477 -25.31 13.16 39.13
C ARG A 477 -24.60 14.48 39.19
N LEU A 478 -24.72 15.20 40.31
CA LEU A 478 -24.04 16.50 40.43
C LEU A 478 -22.52 16.31 40.29
N ASP A 479 -21.99 15.34 41.02
CA ASP A 479 -20.58 15.01 40.96
C ASP A 479 -20.18 14.58 39.52
N TYR A 480 -21.01 13.76 38.89
CA TYR A 480 -20.80 13.31 37.52
C TYR A 480 -20.66 14.53 36.57
N ILE A 481 -21.63 15.45 36.63
CA ILE A 481 -21.60 16.64 35.79
C ILE A 481 -20.38 17.52 36.08
N GLN A 482 -20.11 17.77 37.36
CA GLN A 482 -18.97 18.62 37.70
C GLN A 482 -17.66 18.02 37.19
N ARG A 483 -17.49 16.70 37.36
CA ARG A 483 -16.24 16.10 36.94
C ARG A 483 -16.09 16.11 35.41
N HIS A 484 -17.20 15.92 34.68
CA HIS A 484 -17.11 16.00 33.21
C HIS A 484 -16.82 17.42 32.72
N LEU A 485 -17.39 18.42 33.41
CA LEU A 485 -17.12 19.81 33.04
C LEU A 485 -15.65 20.13 33.33
N SER A 486 -15.11 19.55 34.40
CA SER A 486 -13.68 19.75 34.71
C SER A 486 -12.79 19.18 33.59
N VAL A 487 -13.09 17.96 33.14
CA VAL A 487 -12.31 17.40 32.05
C VAL A 487 -12.56 18.18 30.74
N LEU A 488 -13.76 18.66 30.50
CA LEU A 488 -14.03 19.49 29.31
C LEU A 488 -13.18 20.77 29.32
N LYS A 489 -13.07 21.40 30.49
CA LYS A 489 -12.17 22.56 30.61
C LYS A 489 -10.73 22.16 30.26
N GLN A 490 -10.25 21.03 30.78
CA GLN A 490 -8.87 20.59 30.48
C GLN A 490 -8.67 20.38 28.98
N SER A 491 -9.68 19.81 28.33
CA SER A 491 -9.62 19.53 26.87
C SER A 491 -9.62 20.79 26.04
N ILE A 492 -10.44 21.77 26.43
CA ILE A 492 -10.48 23.03 25.72
C ILE A 492 -9.17 23.79 25.91
N ASP A 493 -8.59 23.68 27.11
CA ASP A 493 -7.31 24.32 27.38
C ASP A 493 -6.23 23.69 26.50
N LEU A 494 -6.39 22.39 26.21
CA LEU A 494 -5.45 21.68 25.33
C LEU A 494 -5.76 21.87 23.85
N GLY A 495 -6.78 22.66 23.52
CA GLY A 495 -6.97 23.12 22.16
C GLY A 495 -8.12 22.47 21.39
N ALA A 496 -8.87 21.59 22.06
CA ALA A 496 -10.05 20.98 21.39
C ALA A 496 -11.11 22.05 21.17
N ASP A 497 -11.71 22.06 19.98
CA ASP A 497 -12.68 23.11 19.66
C ASP A 497 -14.10 22.74 20.11
N VAL A 498 -14.31 22.62 21.42
CA VAL A 498 -15.63 22.38 21.97
C VAL A 498 -16.32 23.70 22.34
N ARG A 499 -17.58 23.81 21.97
CA ARG A 499 -18.27 25.10 22.05
C ARG A 499 -19.52 25.07 22.91
N GLY A 500 -19.87 23.90 23.42
CA GLY A 500 -21.07 23.81 24.24
C GLY A 500 -21.20 22.47 24.93
N TYR A 501 -22.03 22.43 25.96
CA TYR A 501 -22.27 21.23 26.76
C TYR A 501 -23.78 21.14 27.05
N PHE A 502 -24.38 20.00 26.72
CA PHE A 502 -25.79 19.77 27.00
C PHE A 502 -25.95 18.57 27.93
N ALA A 503 -26.56 18.80 29.09
CA ALA A 503 -26.83 17.71 30.04
C ALA A 503 -27.93 16.79 29.53
N TRP A 504 -27.70 15.48 29.50
CA TRP A 504 -28.84 14.56 29.28
C TRP A 504 -29.32 14.11 30.65
N SER A 505 -30.53 14.45 31.08
CA SER A 505 -31.56 15.08 30.27
C SER A 505 -32.13 16.25 31.10
N LEU A 506 -32.82 17.16 30.42
CA LEU A 506 -33.59 18.16 31.12
C LEU A 506 -34.53 17.47 32.09
N LEU A 507 -35.16 16.38 31.63
CA LEU A 507 -36.31 15.80 32.37
C LEU A 507 -36.13 14.31 32.60
N ASP A 508 -36.57 13.80 33.74
CA ASP A 508 -36.77 12.34 33.85
C ASP A 508 -37.72 11.97 32.72
N ASN A 509 -37.41 10.89 32.02
CA ASN A 509 -38.16 10.55 30.84
C ASN A 509 -38.23 9.03 30.60
N PHE A 510 -38.77 8.62 29.46
CA PHE A 510 -38.87 7.20 29.11
C PHE A 510 -37.53 6.70 28.61
N GLU A 511 -36.81 5.94 29.45
CA GLU A 511 -35.46 5.48 29.11
C GLU A 511 -35.54 4.20 28.26
N TRP A 512 -36.20 4.33 27.12
CA TRP A 512 -36.25 3.26 26.14
C TRP A 512 -36.59 1.93 26.81
N SER A 513 -35.79 0.92 26.60
CA SER A 513 -36.20 -0.41 27.08
C SER A 513 -36.09 -0.58 28.59
N SER A 514 -35.56 0.44 29.27
CA SER A 514 -35.60 0.47 30.73
C SER A 514 -36.87 1.13 31.27
N GLY A 515 -37.68 1.68 30.37
CA GLY A 515 -38.91 2.36 30.78
C GLY A 515 -38.64 3.53 31.70
N TYR A 516 -39.43 3.63 32.77
CA TYR A 516 -39.24 4.73 33.72
C TYR A 516 -38.36 4.30 34.89
N THR A 517 -37.72 3.14 34.79
CA THR A 517 -36.90 2.69 35.92
C THR A 517 -35.57 3.41 36.07
N GLU A 518 -35.22 4.25 35.10
CA GLU A 518 -33.97 5.05 35.18
C GLU A 518 -34.33 6.51 34.98
N ARG A 519 -34.05 7.32 35.99
CA ARG A 519 -34.31 8.75 35.93
C ARG A 519 -33.01 9.49 35.59
N PHE A 520 -32.96 10.07 34.40
CA PHE A 520 -31.76 10.79 33.96
C PHE A 520 -31.89 12.29 34.08
N GLY A 521 -33.03 12.80 34.55
CA GLY A 521 -33.24 14.25 34.52
C GLY A 521 -32.47 15.07 35.56
N ILE A 522 -32.16 16.32 35.22
CA ILE A 522 -31.76 17.30 36.23
C ILE A 522 -33.03 17.89 36.88
N VAL A 523 -34.18 17.56 36.30
CA VAL A 523 -35.50 17.95 36.83
C VAL A 523 -36.32 16.67 37.05
N TYR A 524 -36.87 16.51 38.26
CA TYR A 524 -37.71 15.37 38.62
C TYR A 524 -39.06 15.51 37.95
N VAL A 525 -39.58 14.45 37.36
CA VAL A 525 -40.92 14.45 36.79
C VAL A 525 -41.78 13.49 37.61
N ASP A 526 -42.83 14.00 38.22
CA ASP A 526 -43.69 13.19 39.09
C ASP A 526 -44.89 12.65 38.28
N ARG A 527 -44.77 11.44 37.75
CA ARG A 527 -45.79 10.98 36.80
C ARG A 527 -47.13 10.64 37.45
N GLU A 528 -47.11 10.40 38.75
CA GLU A 528 -48.32 10.15 39.54
C GLU A 528 -49.01 11.46 39.95
N ASN A 529 -48.33 12.59 39.80
CA ASN A 529 -48.93 13.89 40.07
C ASN A 529 -48.88 14.81 38.85
N GLY A 530 -49.42 14.29 37.75
CA GLY A 530 -49.60 15.06 36.54
C GLY A 530 -48.28 15.51 35.91
N CYS A 531 -47.22 14.74 36.14
CA CYS A 531 -45.89 15.04 35.59
C CYS A 531 -45.37 16.39 36.07
N GLU A 532 -45.71 16.77 37.29
CA GLU A 532 -45.22 18.05 37.78
C GLU A 532 -43.70 18.00 37.95
N ARG A 533 -43.04 19.11 37.61
CA ARG A 533 -41.58 19.20 37.59
C ARG A 533 -41.03 19.86 38.83
N THR A 534 -39.93 19.31 39.33
CA THR A 534 -39.22 19.90 40.44
C THR A 534 -37.73 19.80 40.16
N MET A 535 -37.02 20.91 40.25
CA MET A 535 -35.57 20.90 40.07
C MET A 535 -34.90 20.04 41.11
N LYS A 536 -33.97 19.21 40.66
CA LYS A 536 -33.12 18.46 41.58
C LYS A 536 -31.92 19.30 42.03
N ARG A 537 -31.10 18.74 42.91
CA ARG A 537 -29.90 19.41 43.36
C ARG A 537 -28.97 19.77 42.20
N SER A 538 -28.86 18.89 41.21
CA SER A 538 -28.02 19.16 40.03
C SER A 538 -28.51 20.40 39.28
N ALA A 539 -29.82 20.53 39.10
CA ALA A 539 -30.36 21.71 38.42
C ALA A 539 -30.12 22.98 39.22
N ARG A 540 -30.26 22.90 40.55
CA ARG A 540 -29.95 24.05 41.41
C ARG A 540 -28.47 24.48 41.31
N TRP A 541 -27.57 23.50 41.19
CA TRP A 541 -26.17 23.86 40.98
C TRP A 541 -25.96 24.51 39.61
N LEU A 542 -26.57 23.98 38.55
CA LEU A 542 -26.41 24.58 37.21
C LEU A 542 -26.97 25.99 37.21
N GLN A 543 -28.06 26.18 37.95
CA GLN A 543 -28.66 27.50 38.08
C GLN A 543 -27.69 28.52 38.70
N GLU A 544 -27.03 28.14 39.78
CA GLU A 544 -25.97 28.94 40.43
C GLU A 544 -24.79 29.17 39.47
N PHE A 545 -24.34 28.07 38.84
CA PHE A 545 -23.23 28.10 37.87
C PHE A 545 -23.47 29.09 36.74
N ASN A 546 -24.67 29.05 36.14
CA ASN A 546 -25.01 29.95 35.06
C ASN A 546 -25.27 31.38 35.52
N GLY A 547 -25.41 31.57 36.82
CA GLY A 547 -25.62 32.89 37.39
C GLY A 547 -27.09 33.26 37.43
N ARG B 64 32.06 12.99 3.41
CA ARG B 64 30.86 13.86 3.24
C ARG B 64 30.13 14.27 4.53
N LEU B 65 30.09 13.38 5.53
CA LEU B 65 29.89 13.83 6.89
C LEU B 65 31.07 14.74 7.17
N SER B 66 30.92 15.77 8.01
CA SER B 66 32.07 16.55 8.41
C SER B 66 32.99 15.70 9.31
N PRO B 67 34.28 16.03 9.34
CA PRO B 67 35.24 15.17 10.04
C PRO B 67 34.86 14.87 11.49
N TRP B 68 34.18 15.78 12.18
CA TRP B 68 33.91 15.57 13.59
C TRP B 68 32.65 14.73 13.80
N GLU B 69 31.96 14.43 12.71
CA GLU B 69 30.75 13.61 12.76
C GLU B 69 31.02 12.13 12.43
N ILE B 70 32.25 11.80 12.10
CA ILE B 70 32.59 10.42 11.71
C ILE B 70 32.64 9.57 12.96
N PRO B 71 31.97 8.41 12.97
CA PRO B 71 31.97 7.57 14.16
C PRO B 71 33.38 7.11 14.56
N ARG B 72 33.58 6.95 15.86
CA ARG B 72 34.80 6.37 16.40
C ARG B 72 34.39 5.10 17.14
N ARG B 73 35.33 4.17 17.28
CA ARG B 73 35.04 2.88 17.90
C ARG B 73 34.52 3.05 19.33
N ASP B 74 35.04 4.05 20.04
CA ASP B 74 34.59 4.21 21.42
C ASP B 74 33.18 4.79 21.58
N TRP B 75 32.52 5.10 20.47
CA TRP B 75 31.12 5.44 20.51
C TRP B 75 30.32 4.23 20.97
N PHE B 76 30.88 3.04 20.74
CA PHE B 76 30.19 1.77 21.01
C PHE B 76 30.84 1.08 22.19
N PRO B 77 30.06 0.31 22.95
CA PRO B 77 30.57 -0.42 24.10
C PRO B 77 31.73 -1.33 23.74
N PRO B 78 32.64 -1.54 24.70
CA PRO B 78 33.76 -2.46 24.49
C PRO B 78 33.30 -3.85 24.00
N SER B 79 32.14 -4.32 24.44
CA SER B 79 31.68 -5.66 24.09
C SER B 79 30.98 -5.72 22.73
N PHE B 80 30.77 -4.57 22.11
CA PHE B 80 30.07 -4.51 20.82
C PHE B 80 30.89 -5.20 19.71
N LEU B 81 30.21 -5.90 18.80
CA LEU B 81 30.89 -6.67 17.75
C LEU B 81 30.86 -5.92 16.42
N PHE B 82 32.01 -5.85 15.75
CA PHE B 82 32.04 -5.37 14.38
C PHE B 82 32.48 -6.54 13.52
N GLY B 83 31.75 -6.75 12.44
CA GLY B 83 32.05 -7.87 11.57
C GLY B 83 31.69 -7.56 10.15
N ALA B 84 31.78 -8.58 9.30
CA ALA B 84 31.27 -8.50 7.94
C ALA B 84 30.49 -9.79 7.67
N ALA B 85 29.74 -9.82 6.57
CA ALA B 85 28.86 -10.95 6.26
C ALA B 85 28.97 -11.41 4.82
N THR B 86 28.75 -12.71 4.60
CA THR B 86 28.66 -13.28 3.27
C THR B 86 27.60 -14.38 3.28
N SER B 87 27.34 -14.99 2.12
CA SER B 87 26.54 -16.21 2.07
C SER B 87 27.20 -17.23 1.14
N ALA B 88 26.88 -18.50 1.35
CA ALA B 88 27.58 -19.58 0.66
C ALA B 88 27.49 -19.51 -0.87
N TYR B 89 26.27 -19.42 -1.42
CA TYR B 89 26.15 -19.37 -2.88
C TYR B 89 26.85 -18.12 -3.47
N GLN B 90 26.84 -17.03 -2.73
CA GLN B 90 27.41 -15.81 -3.27
C GLN B 90 28.93 -15.76 -3.30
N ILE B 91 29.62 -16.54 -2.46
CA ILE B 91 31.09 -16.46 -2.42
C ILE B 91 31.84 -17.77 -2.66
N GLU B 92 31.24 -18.92 -2.43
CA GLU B 92 32.04 -20.17 -2.32
C GLU B 92 32.64 -20.66 -3.64
N GLY B 93 31.81 -20.65 -4.69
CA GLY B 93 32.15 -21.37 -5.91
C GLY B 93 32.18 -22.87 -5.63
N ALA B 94 33.08 -23.59 -6.30
CA ALA B 94 33.16 -25.05 -6.13
C ALA B 94 31.78 -25.70 -6.13
N TRP B 95 30.95 -25.30 -7.08
CA TRP B 95 29.53 -25.64 -7.07
C TRP B 95 29.23 -27.15 -7.23
N ASN B 96 30.17 -27.90 -7.83
CA ASN B 96 29.96 -29.35 -7.94
C ASN B 96 31.21 -30.13 -7.51
N GLU B 97 32.01 -29.50 -6.66
CA GLU B 97 33.26 -30.06 -6.22
C GLU B 97 33.11 -30.90 -4.95
N ASP B 98 33.96 -31.91 -4.82
CA ASP B 98 34.01 -32.69 -3.58
C ASP B 98 32.64 -33.24 -3.15
N GLY B 99 31.82 -33.63 -4.10
CA GLY B 99 30.57 -34.32 -3.81
C GLY B 99 29.37 -33.43 -3.52
N LYS B 100 29.57 -32.11 -3.61
CA LYS B 100 28.45 -31.19 -3.38
C LYS B 100 27.28 -31.41 -4.35
N GLY B 101 26.06 -31.47 -3.83
CA GLY B 101 24.89 -31.54 -4.68
C GLY B 101 24.42 -30.16 -5.15
N PRO B 102 23.59 -30.14 -6.19
CA PRO B 102 23.10 -28.87 -6.76
C PRO B 102 22.02 -28.25 -5.88
N SER B 103 22.00 -26.92 -5.84
CA SER B 103 20.93 -26.18 -5.17
C SER B 103 19.99 -25.60 -6.21
N THR B 104 18.88 -25.03 -5.75
CA THR B 104 17.98 -24.29 -6.62
C THR B 104 18.71 -23.17 -7.36
N TRP B 105 19.71 -22.57 -6.73
CA TRP B 105 20.47 -21.49 -7.39
C TRP B 105 21.40 -22.00 -8.51
N ASP B 106 22.02 -23.16 -8.30
CA ASP B 106 22.77 -23.81 -9.38
C ASP B 106 21.79 -24.05 -10.56
N HIS B 107 20.64 -24.63 -10.25
CA HIS B 107 19.65 -25.00 -11.26
C HIS B 107 19.14 -23.77 -12.02
N PHE B 108 18.84 -22.71 -11.28
CA PHE B 108 18.28 -21.49 -11.85
C PHE B 108 19.29 -20.84 -12.79
N CYS B 109 20.51 -20.64 -12.32
CA CYS B 109 21.52 -20.00 -13.17
C CYS B 109 21.86 -20.83 -14.41
N HIS B 110 21.86 -22.15 -14.26
CA HIS B 110 22.25 -23.03 -15.36
C HIS B 110 21.14 -23.19 -16.38
N ASN B 111 19.89 -23.03 -15.97
CA ASN B 111 18.76 -23.23 -16.87
C ASN B 111 18.13 -21.95 -17.38
N PHE B 112 18.35 -20.85 -16.64
CA PHE B 112 17.75 -19.56 -17.00
C PHE B 112 18.72 -18.39 -17.01
N PRO B 113 19.82 -18.48 -17.78
CA PRO B 113 20.84 -17.43 -17.79
C PRO B 113 20.29 -16.06 -18.20
N GLU B 114 19.27 -16.08 -19.05
CA GLU B 114 18.63 -14.88 -19.52
C GLU B 114 17.92 -14.11 -18.37
N TRP B 115 17.73 -14.77 -17.24
CA TRP B 115 17.06 -14.15 -16.08
C TRP B 115 18.06 -13.62 -15.03
N ILE B 116 19.35 -13.67 -15.38
CA ILE B 116 20.39 -12.98 -14.62
C ILE B 116 20.88 -11.80 -15.50
N VAL B 117 21.02 -10.62 -14.91
CA VAL B 117 21.33 -9.41 -15.68
C VAL B 117 22.50 -9.60 -16.68
N ASP B 118 23.61 -10.17 -16.21
CA ASP B 118 24.77 -10.44 -17.05
C ASP B 118 24.94 -11.92 -17.44
N ARG B 119 23.89 -12.72 -17.24
CA ARG B 119 23.89 -14.12 -17.71
C ARG B 119 25.00 -14.93 -17.07
N SER B 120 25.32 -14.56 -15.83
CA SER B 120 26.39 -15.22 -15.09
C SER B 120 25.86 -16.24 -14.07
N ASN B 121 26.78 -16.87 -13.36
CA ASN B 121 26.38 -17.84 -12.34
C ASN B 121 27.38 -17.82 -11.19
N GLY B 122 27.07 -18.52 -10.11
CA GLY B 122 28.00 -18.62 -8.98
C GLY B 122 28.84 -19.89 -9.02
N ASP B 123 29.15 -20.41 -10.21
CA ASP B 123 29.98 -21.64 -10.30
C ASP B 123 31.30 -21.44 -9.60
N VAL B 124 31.88 -20.24 -9.77
CA VAL B 124 33.14 -19.90 -9.10
C VAL B 124 33.00 -18.77 -8.03
N ALA B 125 32.23 -17.73 -8.35
CA ALA B 125 31.95 -16.64 -7.39
C ALA B 125 33.22 -15.99 -6.90
N ALA B 126 33.43 -15.92 -5.58
CA ALA B 126 34.69 -15.40 -5.04
C ALA B 126 35.70 -16.51 -4.71
N ASP B 127 35.38 -17.73 -5.14
CA ASP B 127 36.24 -18.90 -4.88
C ASP B 127 36.55 -19.13 -3.41
N SER B 128 35.62 -18.78 -2.51
CA SER B 128 35.91 -18.89 -1.08
C SER B 128 36.05 -20.34 -0.58
N TYR B 129 35.56 -21.30 -1.37
CA TYR B 129 35.81 -22.71 -1.01
C TYR B 129 37.30 -22.98 -0.96
N HIS B 130 38.06 -22.36 -1.86
CA HIS B 130 39.51 -22.55 -1.88
C HIS B 130 40.29 -21.46 -1.15
N MET B 131 39.72 -20.24 -1.14
CA MET B 131 40.42 -19.06 -0.63
C MET B 131 39.95 -18.57 0.74
N TYR B 132 39.33 -19.46 1.51
CA TYR B 132 38.77 -19.09 2.80
C TYR B 132 39.85 -18.57 3.77
N ALA B 133 41.10 -19.04 3.63
CA ALA B 133 42.15 -18.56 4.53
C ALA B 133 42.42 -17.06 4.28
N GLU B 134 42.32 -16.64 3.03
CA GLU B 134 42.43 -15.22 2.66
C GLU B 134 41.32 -14.41 3.30
N ASP B 135 40.11 -14.95 3.27
CA ASP B 135 38.96 -14.27 3.88
C ASP B 135 39.19 -14.01 5.37
N VAL B 136 39.67 -15.04 6.08
CA VAL B 136 39.98 -14.89 7.51
C VAL B 136 41.12 -13.89 7.72
N ARG B 137 42.14 -13.96 6.86
CA ARG B 137 43.26 -13.02 6.98
C ARG B 137 42.77 -11.58 6.83
N LEU B 138 41.88 -11.34 5.87
CA LEU B 138 41.32 -10.00 5.68
C LEU B 138 40.53 -9.52 6.91
N LEU B 139 39.70 -10.39 7.46
CA LEU B 139 38.91 -10.08 8.64
C LEU B 139 39.83 -9.72 9.82
N LYS B 140 40.87 -10.51 9.99
CA LYS B 140 41.83 -10.28 11.06
C LYS B 140 42.58 -8.95 10.86
N GLU B 141 43.03 -8.69 9.64
CA GLU B 141 43.79 -7.47 9.36
C GLU B 141 42.95 -6.23 9.62
N MET B 142 41.65 -6.37 9.38
CA MET B 142 40.72 -5.27 9.60
C MET B 142 40.33 -5.10 11.07
N GLY B 143 40.77 -6.00 11.93
CA GLY B 143 40.39 -5.98 13.32
C GLY B 143 38.93 -6.36 13.61
N MET B 144 38.30 -7.13 12.72
CA MET B 144 36.91 -7.53 12.95
C MET B 144 36.82 -8.50 14.12
N ASP B 145 35.72 -8.42 14.87
CA ASP B 145 35.44 -9.25 16.03
C ASP B 145 34.68 -10.51 15.67
N ALA B 146 34.00 -10.49 14.54
CA ALA B 146 33.03 -11.54 14.20
C ALA B 146 32.86 -11.66 12.70
N TYR B 147 32.34 -12.80 12.27
CA TYR B 147 32.11 -13.03 10.84
C TYR B 147 30.84 -13.83 10.72
N ARG B 148 29.93 -13.33 9.88
CA ARG B 148 28.69 -14.02 9.61
C ARG B 148 28.79 -14.66 8.22
N PHE B 149 28.62 -15.97 8.16
CA PHE B 149 28.66 -16.70 6.89
C PHE B 149 27.61 -17.79 6.94
N SER B 150 27.31 -18.40 5.80
CA SER B 150 26.28 -19.42 5.79
C SER B 150 26.85 -20.78 5.39
N ILE B 151 26.11 -21.83 5.74
CA ILE B 151 26.49 -23.19 5.36
C ILE B 151 25.60 -23.63 4.20
N SER B 152 26.20 -24.19 3.14
CA SER B 152 25.44 -24.71 2.02
C SER B 152 24.78 -26.06 2.33
N TRP B 153 23.46 -26.07 2.43
CA TRP B 153 22.73 -27.31 2.67
C TRP B 153 23.18 -28.46 1.73
N PRO B 154 23.12 -28.30 0.39
CA PRO B 154 23.52 -29.41 -0.50
C PRO B 154 25.04 -29.68 -0.52
N ARG B 155 25.84 -28.82 0.09
CA ARG B 155 27.25 -29.18 0.29
C ARG B 155 27.41 -30.14 1.45
N ILE B 156 26.53 -30.06 2.46
CA ILE B 156 26.55 -30.99 3.58
C ILE B 156 25.73 -32.29 3.28
N LEU B 157 24.54 -32.12 2.71
CA LEU B 157 23.66 -33.23 2.35
C LEU B 157 23.32 -33.12 0.86
N PRO B 158 24.12 -33.74 0.02
CA PRO B 158 23.97 -33.57 -1.43
C PRO B 158 22.58 -33.90 -1.98
N LYS B 159 21.85 -34.80 -1.34
CA LYS B 159 20.48 -35.11 -1.77
C LYS B 159 19.45 -34.39 -0.88
N GLY B 160 19.94 -33.53 0.01
CA GLY B 160 19.04 -32.75 0.87
C GLY B 160 18.62 -33.50 2.12
N THR B 161 18.83 -34.83 2.15
CA THR B 161 18.32 -35.66 3.24
C THR B 161 19.44 -36.37 4.00
N LEU B 162 19.14 -36.76 5.23
CA LEU B 162 20.04 -37.60 5.99
C LEU B 162 20.27 -38.90 5.25
N ALA B 163 19.19 -39.46 4.70
CA ALA B 163 19.27 -40.74 4.01
C ALA B 163 20.21 -40.75 2.82
N GLY B 164 20.36 -39.59 2.16
CA GLY B 164 21.25 -39.49 1.03
C GLY B 164 22.73 -39.41 1.42
N GLY B 165 22.98 -39.25 2.72
CA GLY B 165 24.33 -39.25 3.26
C GLY B 165 24.94 -37.88 3.49
N ILE B 166 25.82 -37.81 4.49
CA ILE B 166 26.57 -36.59 4.80
C ILE B 166 27.86 -36.50 3.97
N ASN B 167 28.05 -35.36 3.32
CA ASN B 167 29.28 -35.13 2.56
C ASN B 167 30.41 -34.70 3.49
N GLU B 168 31.30 -35.65 3.81
CA GLU B 168 32.38 -35.38 4.76
C GLU B 168 33.39 -34.31 4.31
N LYS B 169 33.60 -34.15 3.00
CA LYS B 169 34.45 -33.06 2.50
C LYS B 169 33.82 -31.68 2.75
N ARG B 170 32.50 -31.60 2.60
CA ARG B 170 31.75 -30.41 2.97
C ARG B 170 31.89 -30.05 4.44
N VAL B 171 31.75 -31.05 5.31
CA VAL B 171 31.90 -30.81 6.74
C VAL B 171 33.30 -30.33 7.09
N GLU B 172 34.30 -30.95 6.48
CA GLU B 172 35.68 -30.59 6.76
C GLU B 172 35.93 -29.11 6.38
N TYR B 173 35.34 -28.69 5.28
CA TYR B 173 35.53 -27.30 4.84
C TYR B 173 35.09 -26.29 5.89
N TYR B 174 33.86 -26.45 6.39
CA TYR B 174 33.37 -25.51 7.41
C TYR B 174 34.17 -25.66 8.70
N ASN B 175 34.59 -26.88 9.02
CA ASN B 175 35.43 -27.07 10.23
C ASN B 175 36.76 -26.31 10.12
N LYS B 176 37.35 -26.33 8.93
CA LYS B 176 38.61 -25.61 8.73
C LYS B 176 38.42 -24.08 8.87
N LEU B 177 37.30 -23.59 8.35
CA LEU B 177 37.01 -22.14 8.40
C LEU B 177 36.77 -21.70 9.86
N ILE B 178 35.91 -22.45 10.54
CA ILE B 178 35.62 -22.22 11.96
C ILE B 178 36.91 -22.23 12.77
N ASP B 179 37.74 -23.26 12.56
CA ASP B 179 38.99 -23.36 13.30
C ASP B 179 39.89 -22.17 13.07
N LEU B 180 40.01 -21.74 11.83
CA LEU B 180 40.88 -20.60 11.54
C LEU B 180 40.32 -19.28 12.08
N LEU B 181 39.00 -19.10 11.98
CA LEU B 181 38.34 -17.95 12.64
C LEU B 181 38.66 -17.91 14.12
N LEU B 182 38.42 -19.03 14.82
CA LEU B 182 38.65 -19.10 16.26
C LEU B 182 40.10 -18.86 16.64
N GLU B 183 41.04 -19.42 15.88
CA GLU B 183 42.48 -19.21 16.09
C GLU B 183 42.81 -17.72 16.00
N ASN B 184 42.03 -16.99 15.23
CA ASN B 184 42.27 -15.58 15.04
C ASN B 184 41.40 -14.67 15.92
N GLY B 185 40.65 -15.25 16.85
CA GLY B 185 39.83 -14.47 17.77
C GLY B 185 38.57 -13.89 17.16
N ILE B 186 38.16 -14.42 16.01
CA ILE B 186 36.97 -13.93 15.32
C ILE B 186 35.79 -14.87 15.61
N GLU B 187 34.69 -14.32 16.07
CA GLU B 187 33.55 -15.13 16.50
C GLU B 187 32.66 -15.48 15.32
N PRO B 188 32.43 -16.77 15.07
CA PRO B 188 31.53 -17.15 13.96
C PRO B 188 30.05 -17.03 14.29
N TYR B 189 29.31 -16.34 13.42
CA TYR B 189 27.87 -16.29 13.45
C TYR B 189 27.35 -17.03 12.23
N ILE B 190 26.75 -18.20 12.41
CA ILE B 190 26.44 -19.01 11.23
C ILE B 190 24.98 -18.98 10.87
N THR B 191 24.73 -18.67 9.59
CA THR B 191 23.41 -18.74 9.01
C THR B 191 23.23 -20.15 8.46
N ILE B 192 22.25 -20.88 8.96
CA ILE B 192 22.01 -22.26 8.48
C ILE B 192 21.51 -22.27 7.04
N PHE B 193 20.56 -21.37 6.73
CA PHE B 193 19.96 -21.38 5.39
C PHE B 193 19.91 -20.00 4.76
N HIS B 194 20.53 -19.87 3.58
CA HIS B 194 20.55 -18.63 2.86
C HIS B 194 20.16 -18.86 1.39
N TRP B 195 18.96 -19.43 1.23
CA TRP B 195 18.19 -19.52 -0.02
C TRP B 195 18.60 -20.67 -0.96
N ASP B 196 19.59 -21.44 -0.53
CA ASP B 196 20.19 -22.47 -1.39
C ASP B 196 19.63 -23.87 -1.11
N THR B 197 18.35 -24.05 -1.38
CA THR B 197 17.65 -25.32 -1.16
C THR B 197 18.24 -26.40 -2.07
N PRO B 198 18.52 -27.59 -1.54
CA PRO B 198 18.97 -28.72 -2.41
C PRO B 198 17.96 -28.98 -3.54
N GLN B 199 18.42 -28.97 -4.79
CA GLN B 199 17.54 -29.17 -5.92
C GLN B 199 16.89 -30.56 -5.85
N ALA B 200 17.59 -31.50 -5.23
CA ALA B 200 17.02 -32.86 -5.08
C ALA B 200 15.69 -32.85 -4.30
N LEU B 201 15.53 -31.90 -3.39
CA LEU B 201 14.27 -31.79 -2.64
C LEU B 201 13.15 -31.13 -3.46
N VAL B 202 13.53 -30.24 -4.36
CA VAL B 202 12.58 -29.70 -5.32
C VAL B 202 12.09 -30.82 -6.29
N ASP B 203 13.03 -31.64 -6.75
CA ASP B 203 12.67 -32.77 -7.63
C ASP B 203 11.71 -33.69 -6.91
N ALA B 204 12.01 -33.99 -5.65
CA ALA B 204 11.22 -34.93 -4.85
C ALA B 204 9.82 -34.42 -4.49
N TYR B 205 9.71 -33.17 -4.04
CA TYR B 205 8.44 -32.70 -3.51
C TYR B 205 8.21 -31.19 -3.61
N GLY B 206 9.03 -30.49 -4.40
CA GLY B 206 8.85 -29.05 -4.56
C GLY B 206 9.50 -28.22 -3.46
N GLY B 207 10.36 -28.85 -2.66
CA GLY B 207 11.12 -28.11 -1.66
C GLY B 207 10.21 -27.42 -0.66
N PHE B 208 10.42 -26.12 -0.45
CA PHE B 208 9.64 -25.40 0.57
C PHE B 208 8.14 -25.31 0.32
N LEU B 209 7.70 -25.71 -0.87
CA LEU B 209 6.26 -25.74 -1.16
C LEU B 209 5.52 -26.86 -0.45
N ASP B 210 6.25 -27.77 0.18
CA ASP B 210 5.69 -28.95 0.85
C ASP B 210 6.18 -29.08 2.28
N GLU B 211 5.30 -29.48 3.20
CA GLU B 211 5.67 -29.62 4.61
C GLU B 211 6.78 -30.66 4.83
N ARG B 212 7.01 -31.52 3.84
CA ARG B 212 8.15 -32.45 3.92
C ARG B 212 9.49 -31.71 4.10
N ILE B 213 9.55 -30.45 3.66
CA ILE B 213 10.78 -29.68 3.86
C ILE B 213 11.14 -29.57 5.34
N ILE B 214 10.15 -29.69 6.21
CA ILE B 214 10.42 -29.40 7.62
C ILE B 214 11.37 -30.42 8.24
N LYS B 215 11.05 -31.70 8.08
CA LYS B 215 11.90 -32.77 8.57
C LYS B 215 13.31 -32.69 7.94
N ASP B 216 13.40 -32.43 6.64
CA ASP B 216 14.70 -32.41 6.00
C ASP B 216 15.54 -31.23 6.50
N TYR B 217 14.92 -30.06 6.63
CA TYR B 217 15.62 -28.92 7.20
C TYR B 217 16.08 -29.22 8.63
N THR B 218 15.21 -29.74 9.48
CA THR B 218 15.65 -29.95 10.87
C THR B 218 16.79 -30.97 10.94
N ASP B 219 16.78 -31.95 10.03
CA ASP B 219 17.86 -32.96 10.01
C ASP B 219 19.17 -32.29 9.61
N PHE B 220 19.09 -31.37 8.64
CA PHE B 220 20.26 -30.58 8.22
C PHE B 220 20.80 -29.77 9.39
N ALA B 221 19.89 -29.07 10.09
CA ALA B 221 20.31 -28.21 11.19
C ALA B 221 20.94 -29.05 12.30
N LYS B 222 20.38 -30.23 12.55
CA LYS B 222 20.93 -31.15 13.55
C LYS B 222 22.36 -31.55 13.20
N VAL B 223 22.59 -31.87 11.93
CA VAL B 223 23.96 -32.14 11.46
C VAL B 223 24.89 -30.96 11.72
N CYS B 224 24.43 -29.74 11.40
CA CYS B 224 25.24 -28.57 11.74
C CYS B 224 25.53 -28.46 13.24
N PHE B 225 24.51 -28.65 14.07
CA PHE B 225 24.73 -28.52 15.52
C PHE B 225 25.70 -29.61 16.01
N GLU B 226 25.48 -30.83 15.53
CA GLU B 226 26.36 -31.95 15.92
C GLU B 226 27.81 -31.77 15.48
N LYS B 227 28.02 -31.33 14.25
CA LYS B 227 29.39 -31.15 13.75
C LYS B 227 30.10 -29.91 14.28
N PHE B 228 29.37 -28.81 14.40
CA PHE B 228 29.98 -27.51 14.67
C PHE B 228 29.63 -26.86 16.01
N GLY B 229 28.64 -27.40 16.72
CA GLY B 229 28.06 -26.75 17.89
C GLY B 229 29.02 -26.56 19.06
N LYS B 230 30.01 -27.44 19.18
CA LYS B 230 30.99 -27.29 20.25
C LYS B 230 31.82 -26.03 20.03
N THR B 231 31.98 -25.64 18.78
CA THR B 231 32.84 -24.51 18.42
C THR B 231 32.04 -23.22 18.16
N VAL B 232 30.80 -23.38 17.70
CA VAL B 232 30.01 -22.24 17.27
C VAL B 232 28.84 -22.04 18.22
N LYS B 233 28.71 -20.84 18.77
CA LYS B 233 27.70 -20.58 19.80
C LYS B 233 26.66 -19.57 19.34
N ASN B 234 26.62 -19.26 18.04
CA ASN B 234 25.73 -18.24 17.53
C ASN B 234 25.18 -18.68 16.18
N TRP B 235 23.89 -18.96 16.17
CA TRP B 235 23.22 -19.55 15.02
C TRP B 235 22.04 -18.71 14.56
N LEU B 236 21.83 -18.68 13.24
CA LEU B 236 20.65 -18.02 12.67
C LEU B 236 19.99 -19.04 11.74
N THR B 237 18.74 -19.37 11.98
CA THR B 237 18.10 -20.44 11.19
C THR B 237 17.93 -20.04 9.74
N PHE B 238 17.37 -18.85 9.53
CA PHE B 238 16.98 -18.40 8.18
C PHE B 238 17.43 -16.97 7.98
N ASN B 239 17.86 -16.67 6.76
CA ASN B 239 18.21 -15.31 6.35
C ASN B 239 17.12 -14.70 5.47
N GLU B 240 16.68 -13.51 5.83
CA GLU B 240 15.68 -12.76 5.04
C GLU B 240 14.52 -13.63 4.53
N PRO B 241 13.74 -14.24 5.43
CA PRO B 241 12.60 -15.04 5.02
C PRO B 241 11.62 -14.23 4.17
N GLU B 242 11.46 -12.93 4.45
CA GLU B 242 10.50 -12.15 3.66
C GLU B 242 10.94 -12.04 2.20
N THR B 243 12.22 -11.75 1.98
CA THR B 243 12.73 -11.60 0.62
C THR B 243 12.65 -12.97 -0.05
N PHE B 244 13.10 -13.99 0.67
CA PHE B 244 13.02 -15.36 0.15
C PHE B 244 11.61 -15.70 -0.35
N CYS B 245 10.59 -15.44 0.48
CA CYS B 245 9.24 -15.77 0.11
C CYS B 245 8.66 -14.87 -1.01
N SER B 246 8.72 -13.57 -0.77
CA SER B 246 8.10 -12.61 -1.69
C SER B 246 8.77 -12.56 -3.05
N VAL B 247 10.09 -12.70 -3.07
CA VAL B 247 10.84 -12.44 -4.27
C VAL B 247 11.20 -13.75 -5.02
N SER B 248 11.25 -14.88 -4.31
CA SER B 248 11.50 -16.16 -5.00
C SER B 248 10.20 -16.80 -5.49
N TYR B 249 9.07 -16.48 -4.84
CA TYR B 249 7.80 -17.15 -5.11
C TYR B 249 6.67 -16.17 -5.45
N GLY B 250 6.96 -14.87 -5.42
CA GLY B 250 5.93 -13.86 -5.63
C GLY B 250 6.24 -13.08 -6.90
N THR B 251 7.29 -12.26 -6.88
CA THR B 251 7.76 -11.67 -8.11
C THR B 251 8.60 -12.62 -8.96
N GLY B 252 9.10 -13.68 -8.35
CA GLY B 252 9.90 -14.67 -9.08
C GLY B 252 11.24 -14.21 -9.61
N VAL B 253 11.79 -13.13 -9.07
CA VAL B 253 13.10 -12.65 -9.51
C VAL B 253 14.24 -13.59 -9.10
N LEU B 254 14.09 -14.19 -7.93
CA LEU B 254 15.09 -15.09 -7.36
C LEU B 254 14.70 -16.56 -7.54
N ALA B 255 15.69 -17.43 -7.61
CA ALA B 255 15.44 -18.89 -7.71
C ALA B 255 14.49 -19.37 -6.63
N PRO B 256 13.54 -20.23 -6.94
CA PRO B 256 13.38 -20.89 -8.27
C PRO B 256 12.67 -20.07 -9.36
N GLY B 257 12.31 -18.82 -9.08
CA GLY B 257 11.83 -17.96 -10.14
C GLY B 257 10.38 -18.18 -10.49
N ARG B 258 9.54 -18.45 -9.48
CA ARG B 258 8.12 -18.74 -9.67
C ARG B 258 7.21 -17.56 -9.40
N CYS B 259 6.13 -17.49 -10.16
CA CYS B 259 5.15 -16.41 -10.05
C CYS B 259 3.86 -16.87 -10.76
N SER B 260 2.79 -16.12 -10.55
CA SER B 260 1.51 -16.41 -11.22
C SER B 260 1.64 -16.25 -12.72
N PRO B 261 0.82 -16.98 -13.50
CA PRO B 261 0.71 -16.70 -14.93
C PRO B 261 0.37 -15.23 -15.16
N GLY B 262 1.04 -14.60 -16.13
CA GLY B 262 0.82 -13.19 -16.39
C GLY B 262 1.83 -12.29 -15.73
N VAL B 263 2.54 -12.80 -14.73
CA VAL B 263 3.63 -12.07 -14.11
C VAL B 263 4.94 -12.44 -14.81
N SER B 264 5.85 -11.48 -14.93
CA SER B 264 7.08 -11.73 -15.67
C SER B 264 8.19 -12.36 -14.81
N CYS B 265 8.36 -13.67 -14.95
CA CYS B 265 9.47 -14.37 -14.29
C CYS B 265 9.78 -15.65 -15.06
N ALA B 266 10.84 -16.34 -14.65
CA ALA B 266 11.28 -17.56 -15.33
C ALA B 266 10.25 -18.68 -15.34
N VAL B 267 9.53 -18.86 -14.24
CA VAL B 267 8.59 -19.96 -14.12
C VAL B 267 7.19 -19.46 -13.74
N PRO B 268 6.45 -18.91 -14.72
CA PRO B 268 5.15 -18.28 -14.44
C PRO B 268 4.01 -19.29 -14.38
N THR B 269 4.22 -20.38 -13.66
CA THR B 269 3.19 -21.39 -13.44
C THR B 269 2.97 -21.59 -11.95
N GLY B 270 3.36 -20.61 -11.16
CA GLY B 270 3.13 -20.70 -9.73
C GLY B 270 1.89 -19.91 -9.31
N ASN B 271 1.98 -19.25 -8.16
CA ASN B 271 0.86 -18.46 -7.65
C ASN B 271 1.39 -17.41 -6.69
N SER B 272 1.48 -16.17 -7.15
CA SER B 272 2.15 -15.14 -6.36
C SER B 272 1.36 -14.75 -5.11
N LEU B 273 0.09 -15.15 -5.08
CA LEU B 273 -0.78 -14.84 -3.94
C LEU B 273 -0.67 -15.91 -2.85
N SER B 274 -0.39 -17.15 -3.23
CA SER B 274 -0.49 -18.23 -2.25
C SER B 274 0.86 -18.83 -1.88
N GLU B 275 1.73 -19.00 -2.87
CA GLU B 275 3.01 -19.65 -2.64
C GLU B 275 3.92 -18.95 -1.61
N PRO B 276 4.04 -17.63 -1.64
CA PRO B 276 4.88 -16.97 -0.63
C PRO B 276 4.39 -17.30 0.79
N TYR B 277 3.08 -17.45 1.02
CA TYR B 277 2.58 -17.75 2.36
C TYR B 277 2.86 -19.20 2.77
N ILE B 278 2.80 -20.08 1.78
CA ILE B 278 3.07 -21.52 2.02
C ILE B 278 4.51 -21.73 2.40
N VAL B 279 5.42 -21.12 1.64
CA VAL B 279 6.85 -21.20 1.89
C VAL B 279 7.15 -20.60 3.26
N ALA B 280 6.57 -19.43 3.52
CA ALA B 280 6.75 -18.79 4.83
C ALA B 280 6.30 -19.67 5.99
N HIS B 281 5.14 -20.31 5.85
CA HIS B 281 4.60 -21.11 6.95
C HIS B 281 5.49 -22.33 7.22
N ASN B 282 5.95 -22.97 6.15
CA ASN B 282 6.83 -24.12 6.30
C ASN B 282 8.15 -23.70 6.92
N LEU B 283 8.64 -22.53 6.51
CA LEU B 283 9.91 -22.03 7.05
C LEU B 283 9.79 -21.78 8.55
N LEU B 284 8.67 -21.18 8.95
CA LEU B 284 8.46 -20.89 10.38
C LEU B 284 8.24 -22.16 11.24
N ARG B 285 7.52 -23.13 10.70
CA ARG B 285 7.41 -24.43 11.35
C ARG B 285 8.76 -25.10 11.54
N ALA B 286 9.61 -25.01 10.51
CA ALA B 286 10.98 -25.54 10.56
C ALA B 286 11.80 -24.79 11.61
N HIS B 287 11.68 -23.48 11.61
CA HIS B 287 12.34 -22.66 12.61
C HIS B 287 11.96 -23.08 14.05
N ALA B 288 10.66 -23.24 14.29
CA ALA B 288 10.20 -23.54 15.65
C ALA B 288 10.78 -24.89 16.09
N GLU B 289 10.71 -25.89 15.21
CA GLU B 289 11.26 -27.20 15.54
C GLU B 289 12.75 -27.18 15.76
N THR B 290 13.48 -26.40 14.95
CA THR B 290 14.92 -26.33 15.06
C THR B 290 15.36 -25.68 16.36
N VAL B 291 14.68 -24.60 16.76
CA VAL B 291 15.07 -23.91 17.98
C VAL B 291 14.78 -24.87 19.16
N ASP B 292 13.73 -25.65 19.05
CA ASP B 292 13.41 -26.60 20.13
C ASP B 292 14.54 -27.64 20.28
N ILE B 293 14.98 -28.19 19.16
CA ILE B 293 16.12 -29.13 19.14
C ILE B 293 17.38 -28.47 19.70
N TYR B 294 17.66 -27.25 19.26
CA TYR B 294 18.82 -26.54 19.75
C TYR B 294 18.77 -26.36 21.26
N ASN B 295 17.61 -25.91 21.76
CA ASN B 295 17.49 -25.64 23.19
C ASN B 295 17.68 -26.93 24.01
N LYS B 296 17.12 -28.01 23.50
CA LYS B 296 17.13 -29.29 24.23
C LYS B 296 18.49 -29.98 24.26
N TYR B 297 19.25 -29.88 23.17
CA TYR B 297 20.46 -30.72 23.03
C TYR B 297 21.78 -30.01 22.81
N HIS B 298 21.75 -28.72 22.52
CA HIS B 298 22.97 -28.05 22.06
C HIS B 298 23.29 -26.71 22.69
N LYS B 299 22.28 -26.04 23.24
CA LYS B 299 22.46 -24.68 23.73
C LYS B 299 23.43 -24.59 24.90
N GLY B 300 23.29 -25.51 25.83
CA GLY B 300 24.16 -25.55 27.00
C GLY B 300 24.14 -24.21 27.72
N ALA B 301 25.31 -23.77 28.16
CA ALA B 301 25.39 -22.57 28.98
C ALA B 301 25.51 -21.29 28.17
N ASP B 302 25.99 -21.38 26.93
CA ASP B 302 26.39 -20.17 26.22
C ASP B 302 25.83 -20.02 24.81
N GLY B 303 25.15 -21.05 24.30
CA GLY B 303 24.65 -21.01 22.94
C GLY B 303 23.45 -20.09 22.73
N ARG B 304 23.30 -19.58 21.51
CA ARG B 304 22.18 -18.71 21.18
C ARG B 304 21.76 -18.97 19.75
N ILE B 305 20.45 -18.87 19.52
CA ILE B 305 19.92 -19.07 18.20
C ILE B 305 18.85 -18.05 17.90
N GLY B 306 18.79 -17.59 16.64
CA GLY B 306 17.77 -16.61 16.25
C GLY B 306 17.56 -16.68 14.76
N LEU B 307 17.13 -15.58 14.15
CA LEU B 307 17.01 -15.55 12.68
C LEU B 307 17.23 -14.12 12.24
N ALA B 308 17.51 -13.92 10.96
CA ALA B 308 17.90 -12.59 10.46
C ALA B 308 16.82 -12.11 9.50
N LEU B 309 16.21 -10.98 9.84
CA LEU B 309 15.06 -10.48 9.10
C LEU B 309 15.44 -9.27 8.27
N ASN B 310 15.11 -9.26 6.99
CA ASN B 310 15.21 -8.03 6.25
C ASN B 310 14.07 -7.12 6.67
N VAL B 311 14.38 -5.84 6.85
CA VAL B 311 13.34 -4.90 7.20
C VAL B 311 13.55 -3.65 6.38
N PHE B 312 12.59 -3.31 5.54
CA PHE B 312 12.57 -2.02 4.88
C PHE B 312 11.99 -1.02 5.86
N GLY B 313 12.61 0.14 5.98
CA GLY B 313 11.98 1.20 6.74
C GLY B 313 10.77 1.62 5.94
N ARG B 314 9.72 2.04 6.65
CA ARG B 314 8.50 2.51 6.01
C ARG B 314 8.10 3.82 6.69
N VAL B 315 7.92 4.85 5.85
CA VAL B 315 7.53 6.18 6.33
C VAL B 315 6.16 6.55 5.75
N PRO B 316 5.21 7.00 6.57
CA PRO B 316 3.88 7.32 6.05
C PRO B 316 4.05 8.37 4.96
N TYR B 317 3.40 8.13 3.83
CA TYR B 317 3.47 9.03 2.68
C TYR B 317 3.10 10.46 3.08
N THR B 318 2.04 10.58 3.88
CA THR B 318 1.73 11.84 4.59
C THR B 318 1.47 11.54 6.06
N ASN B 319 1.44 12.56 6.91
CA ASN B 319 1.19 12.34 8.34
C ASN B 319 -0.31 12.40 8.60
N THR B 320 -1.04 11.58 7.85
CA THR B 320 -2.49 11.56 7.77
C THR B 320 -2.83 10.17 8.32
N PHE B 321 -3.98 9.98 8.96
CA PHE B 321 -4.29 8.64 9.47
C PHE B 321 -4.30 7.53 8.42
N LEU B 322 -4.74 7.83 7.20
CA LEU B 322 -4.81 6.78 6.18
C LEU B 322 -3.42 6.24 5.84
N ASP B 323 -2.45 7.14 5.70
CA ASP B 323 -1.11 6.71 5.32
C ASP B 323 -0.34 6.17 6.52
N GLN B 324 -0.69 6.64 7.71
CA GLN B 324 -0.14 6.03 8.92
C GLN B 324 -0.62 4.58 9.06
N GLN B 325 -1.90 4.35 8.78
CA GLN B 325 -2.44 3.01 8.83
C GLN B 325 -1.74 2.17 7.76
N ALA B 326 -1.52 2.76 6.58
CA ALA B 326 -0.85 2.02 5.49
C ALA B 326 0.60 1.66 5.87
N GLN B 327 1.27 2.57 6.55
CA GLN B 327 2.62 2.31 7.03
C GLN B 327 2.62 1.11 7.98
N GLU B 328 1.63 1.05 8.87
CA GLU B 328 1.56 -0.02 9.84
C GLU B 328 1.28 -1.37 9.17
N ARG B 329 0.36 -1.37 8.22
CA ARG B 329 0.14 -2.60 7.42
C ARG B 329 1.38 -3.08 6.69
N SER B 330 2.14 -2.14 6.18
CA SER B 330 3.38 -2.43 5.48
C SER B 330 4.44 -3.01 6.41
N MET B 331 4.60 -2.42 7.59
CA MET B 331 5.54 -2.97 8.57
C MET B 331 5.10 -4.39 8.96
N ASP B 332 3.80 -4.61 9.16
CA ASP B 332 3.28 -5.94 9.50
C ASP B 332 3.62 -6.94 8.39
N LYS B 333 3.50 -6.51 7.14
CA LYS B 333 3.69 -7.43 6.03
C LYS B 333 5.17 -7.75 5.74
N CYS B 334 6.08 -6.92 6.25
CA CYS B 334 7.51 -7.20 6.08
C CYS B 334 8.15 -7.75 7.38
N LEU B 335 8.27 -6.90 8.40
CA LEU B 335 8.81 -7.31 9.72
C LEU B 335 7.89 -8.26 10.46
N GLY B 336 6.61 -7.90 10.59
CA GLY B 336 5.68 -8.62 11.42
C GLY B 336 5.41 -10.05 10.95
N TRP B 337 5.49 -10.27 9.63
CA TRP B 337 5.18 -11.57 9.04
C TRP B 337 5.99 -12.68 9.71
N PHE B 338 7.26 -12.40 10.02
CA PHE B 338 8.10 -13.38 10.68
C PHE B 338 8.36 -13.07 12.12
N LEU B 339 8.40 -11.79 12.47
CA LEU B 339 8.69 -11.45 13.86
C LEU B 339 7.52 -11.78 14.81
N GLU B 340 6.27 -11.47 14.40
CA GLU B 340 5.16 -11.76 15.30
C GLU B 340 4.97 -13.23 15.61
N PRO B 341 5.09 -14.13 14.64
CA PRO B 341 5.12 -15.56 14.96
C PRO B 341 6.16 -15.95 16.03
N VAL B 342 7.41 -15.50 15.93
CA VAL B 342 8.41 -15.92 16.92
C VAL B 342 8.24 -15.18 18.25
N VAL B 343 7.61 -14.01 18.22
CA VAL B 343 7.42 -13.24 19.44
C VAL B 343 6.16 -13.69 20.18
N ARG B 344 5.07 -13.93 19.46
CA ARG B 344 3.79 -14.18 20.15
C ARG B 344 3.07 -15.46 19.72
N GLY B 345 3.55 -16.09 18.66
CA GLY B 345 2.98 -17.35 18.24
C GLY B 345 2.00 -17.30 17.07
N ASP B 346 1.80 -16.11 16.50
CA ASP B 346 0.94 -16.01 15.32
C ASP B 346 1.31 -14.81 14.44
N TYR B 347 0.78 -14.81 13.22
CA TYR B 347 0.98 -13.72 12.27
C TYR B 347 0.26 -12.47 12.77
N PRO B 348 0.67 -11.31 12.27
CA PRO B 348 -0.04 -10.07 12.62
C PRO B 348 -1.50 -10.14 12.24
N PHE B 349 -2.35 -9.57 13.09
CA PHE B 349 -3.78 -9.53 12.80
C PHE B 349 -4.03 -8.95 11.40
N SER B 350 -3.32 -7.88 11.03
CA SER B 350 -3.62 -7.21 9.75
C SER B 350 -3.42 -8.16 8.57
N MET B 351 -2.44 -9.06 8.69
CA MET B 351 -2.18 -10.04 7.64
C MET B 351 -3.28 -11.08 7.49
N ARG B 352 -3.80 -11.56 8.61
CA ARG B 352 -4.94 -12.50 8.57
C ARG B 352 -6.23 -11.85 8.09
N VAL B 353 -6.57 -10.69 8.64
CA VAL B 353 -7.82 -10.07 8.22
C VAL B 353 -7.78 -9.73 6.71
N SER B 354 -6.60 -9.44 6.16
CA SER B 354 -6.48 -9.15 4.72
C SER B 354 -6.51 -10.39 3.84
N ALA B 355 -5.59 -11.33 4.12
CA ALA B 355 -5.33 -12.47 3.22
C ALA B 355 -6.13 -13.73 3.59
N ARG B 356 -6.77 -13.73 4.76
CA ARG B 356 -7.73 -14.75 5.20
C ARG B 356 -7.22 -16.20 4.97
N ASP B 357 -7.94 -16.99 4.16
CA ASP B 357 -7.61 -18.42 4.02
C ASP B 357 -6.25 -18.70 3.39
N ARG B 358 -5.65 -17.70 2.75
CA ARG B 358 -4.30 -17.89 2.21
C ARG B 358 -3.21 -17.93 3.29
N VAL B 359 -3.55 -17.57 4.53
CA VAL B 359 -2.61 -17.61 5.64
C VAL B 359 -2.90 -18.85 6.51
N PRO B 360 -1.98 -19.82 6.49
CA PRO B 360 -2.19 -21.06 7.26
C PRO B 360 -2.16 -20.80 8.78
N TYR B 361 -2.72 -21.74 9.55
CA TYR B 361 -2.70 -21.69 11.01
C TYR B 361 -1.71 -22.68 11.58
N PHE B 362 -1.00 -22.28 12.62
CA PHE B 362 -0.03 -23.15 13.28
C PHE B 362 -0.81 -24.14 14.15
N LYS B 363 -0.29 -25.35 14.27
CA LYS B 363 -0.87 -26.33 15.19
C LYS B 363 -0.48 -25.98 16.62
N GLU B 364 -1.28 -26.47 17.57
CA GLU B 364 -1.11 -26.10 18.97
C GLU B 364 0.30 -26.36 19.51
N LYS B 365 0.84 -27.54 19.23
CA LYS B 365 2.16 -27.89 19.74
C LYS B 365 3.29 -27.06 19.11
N GLU B 366 3.18 -26.83 17.81
CA GLU B 366 4.12 -25.98 17.06
C GLU B 366 4.13 -24.58 17.62
N GLN B 367 2.93 -24.07 17.85
CA GLN B 367 2.74 -22.71 18.32
C GLN B 367 3.43 -22.52 19.65
N GLU B 368 3.33 -23.52 20.54
CA GLU B 368 4.01 -23.44 21.84
C GLU B 368 5.52 -23.34 21.66
N LYS B 369 6.07 -24.11 20.72
CA LYS B 369 7.49 -24.04 20.41
C LYS B 369 7.86 -22.72 19.72
N LEU B 370 6.94 -22.17 18.93
CA LEU B 370 7.21 -20.93 18.18
C LEU B 370 7.37 -19.72 19.10
N VAL B 371 6.53 -19.63 20.15
CA VAL B 371 6.55 -18.47 21.06
C VAL B 371 7.87 -18.36 21.75
N GLY B 372 8.52 -17.20 21.58
CA GLY B 372 9.82 -16.94 22.19
C GLY B 372 10.97 -17.73 21.60
N SER B 373 10.83 -18.16 20.36
CA SER B 373 11.85 -19.02 19.74
C SER B 373 13.05 -18.23 19.19
N TYR B 374 13.69 -17.45 20.04
CA TYR B 374 14.87 -16.66 19.66
C TYR B 374 15.61 -16.21 20.93
N ASP B 375 16.93 -16.12 20.83
CA ASP B 375 17.76 -15.49 21.84
C ASP B 375 18.19 -14.12 21.36
N MET B 376 18.10 -13.90 20.05
CA MET B 376 18.47 -12.61 19.43
C MET B 376 17.78 -12.49 18.08
N ILE B 377 17.60 -11.24 17.62
CA ILE B 377 17.04 -11.00 16.29
C ILE B 377 18.07 -10.27 15.45
N GLY B 378 18.37 -10.82 14.28
CA GLY B 378 19.16 -10.11 13.30
C GLY B 378 18.29 -9.18 12.47
N ILE B 379 18.79 -7.96 12.25
CA ILE B 379 18.13 -6.98 11.37
C ILE B 379 19.03 -6.75 10.14
N ASN B 380 18.51 -7.01 8.94
CA ASN B 380 19.23 -6.71 7.71
C ASN B 380 18.60 -5.42 7.19
N TYR B 381 19.35 -4.32 7.20
CA TYR B 381 18.78 -3.02 6.84
C TYR B 381 19.56 -2.42 5.65
N TYR B 382 18.82 -2.05 4.61
CA TYR B 382 19.38 -1.43 3.40
C TYR B 382 18.76 -0.06 3.06
N THR B 383 17.44 0.04 3.16
CA THR B 383 16.73 1.22 2.68
C THR B 383 15.32 1.36 3.20
N SER B 384 14.63 2.44 2.82
CA SER B 384 13.27 2.69 3.28
C SER B 384 12.48 3.21 2.10
N THR B 385 11.16 3.13 2.20
CA THR B 385 10.27 3.80 1.25
C THR B 385 9.20 4.55 2.03
N PHE B 386 8.44 5.37 1.32
CA PHE B 386 7.16 5.85 1.83
C PHE B 386 6.10 4.79 1.61
N SER B 387 5.10 4.74 2.49
CA SER B 387 3.97 3.83 2.31
C SER B 387 2.71 4.65 2.13
N LYS B 388 1.97 4.41 1.05
CA LYS B 388 0.80 5.22 0.68
C LYS B 388 -0.45 4.33 0.63
N HIS B 389 -1.51 4.77 1.30
CA HIS B 389 -2.73 3.99 1.41
C HIS B 389 -3.38 3.66 0.06
N ILE B 390 -3.90 2.44 -0.03
CA ILE B 390 -4.76 2.03 -1.14
C ILE B 390 -6.11 1.63 -0.55
N ASP B 391 -7.20 2.19 -1.09
CA ASP B 391 -8.53 1.81 -0.62
C ASP B 391 -8.95 0.36 -0.96
N LEU B 392 -9.69 -0.26 -0.06
CA LEU B 392 -10.32 -1.54 -0.32
C LEU B 392 -11.57 -1.29 -1.16
N SER B 393 -11.58 -1.76 -2.41
CA SER B 393 -12.72 -1.58 -3.31
C SER B 393 -12.79 -2.69 -4.36
N PRO B 394 -13.93 -2.80 -5.05
CA PRO B 394 -14.02 -3.77 -6.16
C PRO B 394 -13.03 -3.48 -7.29
N ASN B 395 -12.49 -2.26 -7.32
CA ASN B 395 -11.50 -1.88 -8.36
C ASN B 395 -10.06 -2.35 -8.11
N ASN B 396 -9.81 -2.85 -6.90
CA ASN B 396 -8.47 -3.32 -6.54
C ASN B 396 -8.51 -4.79 -6.18
N SER B 397 -7.66 -5.57 -6.85
CA SER B 397 -7.57 -7.01 -6.63
C SER B 397 -6.11 -7.37 -6.53
N PRO B 398 -5.67 -7.86 -5.37
CA PRO B 398 -4.26 -8.23 -5.18
C PRO B 398 -3.78 -9.22 -6.22
N VAL B 399 -2.53 -9.05 -6.66
CA VAL B 399 -1.89 -9.96 -7.63
C VAL B 399 -0.69 -10.62 -6.97
N LEU B 400 0.12 -9.81 -6.27
CA LEU B 400 1.26 -10.32 -5.50
C LEU B 400 0.92 -10.35 -4.01
N ASN B 401 1.57 -11.25 -3.26
CA ASN B 401 1.31 -11.30 -1.81
C ASN B 401 1.48 -9.95 -1.14
N THR B 402 2.43 -9.15 -1.63
CA THR B 402 2.67 -7.85 -1.00
C THR B 402 1.53 -6.87 -1.21
N ASP B 403 0.66 -7.14 -2.19
CA ASP B 403 -0.53 -6.31 -2.40
C ASP B 403 -1.52 -6.47 -1.25
N ASP B 404 -1.36 -7.49 -0.41
CA ASP B 404 -2.31 -7.72 0.68
C ASP B 404 -2.17 -6.64 1.77
N ALA B 405 -1.08 -5.87 1.73
CA ALA B 405 -0.90 -4.74 2.64
C ALA B 405 -1.77 -3.51 2.33
N TYR B 406 -2.44 -3.48 1.18
CA TYR B 406 -3.19 -2.27 0.79
C TYR B 406 -2.37 -0.99 0.94
N ALA B 407 -1.17 -1.01 0.36
CA ALA B 407 -0.27 0.13 0.46
C ALA B 407 0.68 0.11 -0.71
N SER B 408 0.94 1.26 -1.33
CA SER B 408 1.95 1.30 -2.38
C SER B 408 3.23 1.79 -1.76
N GLN B 409 4.35 1.19 -2.13
CA GLN B 409 5.64 1.64 -1.59
C GLN B 409 6.23 2.63 -2.57
N GLU B 410 6.39 3.88 -2.16
CA GLU B 410 6.79 4.95 -3.08
C GLU B 410 8.21 5.39 -2.74
N THR B 411 9.08 5.54 -3.74
CA THR B 411 10.40 6.07 -3.45
C THR B 411 10.40 7.59 -3.42
N LYS B 412 9.35 8.19 -3.99
CA LYS B 412 9.17 9.65 -3.96
C LYS B 412 7.98 10.07 -3.11
N GLY B 413 8.17 11.10 -2.29
CA GLY B 413 7.11 11.58 -1.41
C GLY B 413 6.22 12.60 -2.09
N PRO B 414 5.28 13.14 -1.31
CA PRO B 414 4.22 14.01 -1.81
C PRO B 414 4.76 15.35 -2.34
N ASP B 415 5.98 15.70 -1.93
CA ASP B 415 6.62 16.93 -2.37
C ASP B 415 7.50 16.68 -3.60
N GLY B 416 7.43 15.46 -4.13
CA GLY B 416 8.14 15.11 -5.35
C GLY B 416 9.56 14.63 -5.14
N ASN B 417 10.00 14.61 -3.88
CA ASN B 417 11.39 14.27 -3.57
C ASN B 417 11.56 12.80 -3.28
N ALA B 418 12.66 12.22 -3.74
CA ALA B 418 13.04 10.87 -3.37
C ALA B 418 13.24 10.82 -1.86
N ILE B 419 13.00 9.66 -1.27
CA ILE B 419 13.17 9.52 0.17
C ILE B 419 14.63 9.78 0.53
N GLY B 420 15.51 9.42 -0.39
CA GLY B 420 16.94 9.68 -0.24
C GLY B 420 17.60 9.34 -1.57
N PRO B 421 18.86 9.72 -1.71
CA PRO B 421 19.56 9.60 -2.99
C PRO B 421 19.92 8.15 -3.35
N PRO B 422 20.10 7.88 -4.64
CA PRO B 422 20.47 6.54 -5.09
C PRO B 422 21.89 6.28 -4.64
N THR B 423 22.23 5.02 -4.35
CA THR B 423 23.58 4.66 -3.97
C THR B 423 24.33 3.97 -5.08
N GLY B 424 23.62 3.57 -6.13
CA GLY B 424 24.28 2.92 -7.25
C GLY B 424 23.36 2.01 -8.03
N ASN B 425 22.73 1.07 -7.33
CA ASN B 425 21.83 0.11 -7.95
C ASN B 425 20.39 0.62 -8.03
N ALA B 426 19.47 -0.24 -8.40
CA ALA B 426 18.11 0.19 -8.70
C ALA B 426 17.20 0.41 -7.48
N TRP B 427 17.66 0.03 -6.29
CA TRP B 427 16.71 0.01 -5.17
C TRP B 427 17.19 0.53 -3.82
N ILE B 428 18.50 0.59 -3.63
CA ILE B 428 19.01 1.05 -2.32
C ILE B 428 19.20 2.56 -2.31
N ASN B 429 18.22 3.25 -1.72
CA ASN B 429 18.30 4.68 -1.57
C ASN B 429 18.82 4.97 -0.18
N MET B 430 19.64 5.99 -0.04
CA MET B 430 20.30 6.28 1.22
C MET B 430 19.33 6.89 2.21
N TYR B 431 18.94 6.14 3.24
CA TYR B 431 18.03 6.68 4.27
C TYR B 431 18.33 6.08 5.63
N PRO B 432 19.44 6.50 6.22
CA PRO B 432 19.87 5.92 7.50
C PRO B 432 18.85 6.11 8.63
N LYS B 433 18.05 7.18 8.58
CA LYS B 433 17.06 7.37 9.63
C LYS B 433 16.06 6.21 9.76
N GLY B 434 15.83 5.50 8.65
CA GLY B 434 14.92 4.38 8.67
C GLY B 434 15.37 3.28 9.60
N LEU B 435 16.67 3.11 9.76
CA LEU B 435 17.24 2.16 10.73
C LEU B 435 16.86 2.53 12.17
N HIS B 436 16.98 3.81 12.50
CA HIS B 436 16.50 4.30 13.79
C HIS B 436 15.01 4.02 14.01
N ASP B 437 14.16 4.35 13.02
CA ASP B 437 12.71 4.09 13.15
C ASP B 437 12.47 2.62 13.46
N ILE B 438 13.14 1.73 12.72
CA ILE B 438 12.94 0.29 12.94
C ILE B 438 13.41 -0.14 14.32
N LEU B 439 14.54 0.41 14.78
CA LEU B 439 15.06 0.00 16.08
C LEU B 439 14.19 0.50 17.22
N MET B 440 13.59 1.69 17.05
CA MET B 440 12.63 2.18 18.05
C MET B 440 11.38 1.31 18.14
N THR B 441 10.91 0.85 16.98
CA THR B 441 9.82 -0.11 16.96
C THR B 441 10.20 -1.42 17.69
N MET B 442 11.39 -1.94 17.42
CA MET B 442 11.80 -3.17 18.11
C MET B 442 11.85 -2.94 19.63
N LYS B 443 12.37 -1.77 20.03
CA LYS B 443 12.49 -1.43 21.48
C LYS B 443 11.15 -1.28 22.15
N ASN B 444 10.27 -0.49 21.55
CA ASN B 444 9.06 -0.05 22.22
C ASN B 444 7.84 -0.95 21.99
N LYS B 445 7.82 -1.64 20.85
CA LYS B 445 6.68 -2.47 20.54
C LYS B 445 6.90 -3.95 20.84
N TYR B 446 8.10 -4.43 20.54
CA TYR B 446 8.38 -5.86 20.56
C TYR B 446 9.36 -6.27 21.66
N GLY B 447 9.48 -5.43 22.71
CA GLY B 447 10.16 -5.84 23.92
C GLY B 447 11.68 -5.66 23.96
N ASN B 448 12.25 -5.03 22.94
CA ASN B 448 13.69 -4.74 22.92
C ASN B 448 14.58 -5.98 23.13
N PRO B 449 14.44 -6.97 22.24
CA PRO B 449 15.25 -8.19 22.33
C PRO B 449 16.70 -7.87 21.94
N PRO B 450 17.66 -8.73 22.29
CA PRO B 450 19.04 -8.54 21.82
C PRO B 450 19.03 -8.54 20.31
N MET B 451 19.70 -7.56 19.72
CA MET B 451 19.67 -7.42 18.25
C MET B 451 21.07 -7.26 17.68
N TYR B 452 21.26 -7.70 16.43
CA TYR B 452 22.49 -7.45 15.70
C TYR B 452 22.08 -6.89 14.34
N ILE B 453 22.83 -5.92 13.82
CA ILE B 453 22.59 -5.51 12.43
C ILE B 453 23.35 -6.53 11.60
N THR B 454 22.64 -7.56 11.13
CA THR B 454 23.31 -8.70 10.50
C THR B 454 23.69 -8.46 9.04
N GLU B 455 23.10 -7.43 8.41
CA GLU B 455 23.57 -6.93 7.11
C GLU B 455 23.29 -5.43 7.01
N ASN B 456 24.23 -4.68 6.46
CA ASN B 456 23.99 -3.29 6.07
C ASN B 456 25.03 -2.96 5.00
N GLY B 457 24.59 -2.44 3.84
CA GLY B 457 25.57 -2.12 2.80
C GLY B 457 24.91 -1.66 1.51
N MET B 458 25.68 -1.55 0.43
CA MET B 458 25.13 -1.11 -0.85
C MET B 458 26.05 -1.50 -1.98
N GLY B 459 25.58 -1.37 -3.21
CA GLY B 459 26.35 -1.85 -4.34
C GLY B 459 26.89 -0.77 -5.27
N ASP B 460 28.10 -1.00 -5.76
CA ASP B 460 28.63 -0.20 -6.87
C ASP B 460 28.34 -0.93 -8.19
N ILE B 461 27.83 -0.20 -9.19
CA ILE B 461 27.56 -0.79 -10.50
C ILE B 461 28.86 -1.07 -11.24
N ASP B 462 28.93 -2.24 -11.87
CA ASP B 462 30.11 -2.59 -12.66
C ASP B 462 29.59 -3.24 -13.91
N LYS B 463 29.52 -2.50 -14.99
CA LYS B 463 28.95 -3.09 -16.20
C LYS B 463 29.99 -3.88 -16.99
N GLY B 464 31.12 -4.17 -16.36
CA GLY B 464 32.09 -5.12 -16.88
C GLY B 464 33.44 -4.48 -17.03
N ASP B 465 33.44 -3.14 -16.90
CA ASP B 465 34.52 -2.23 -17.25
C ASP B 465 35.15 -1.53 -16.03
N LEU B 466 34.42 -1.48 -14.91
CA LEU B 466 34.82 -0.65 -13.76
C LEU B 466 36.32 -0.72 -13.47
N PRO B 467 37.03 0.39 -13.58
CA PRO B 467 38.46 0.37 -13.27
C PRO B 467 38.70 -0.07 -11.84
N LYS B 468 39.67 -0.94 -11.63
CA LYS B 468 40.01 -1.35 -10.28
C LYS B 468 40.30 -0.18 -9.35
N PRO B 469 41.08 0.81 -9.81
CA PRO B 469 41.44 1.95 -8.96
C PRO B 469 40.20 2.72 -8.61
N VAL B 470 39.21 2.74 -9.50
CA VAL B 470 37.95 3.43 -9.18
C VAL B 470 37.10 2.60 -8.18
N ALA B 471 37.01 1.30 -8.43
CA ALA B 471 36.28 0.38 -7.51
C ALA B 471 36.84 0.42 -6.09
N LEU B 472 38.15 0.60 -5.96
CA LEU B 472 38.80 0.67 -4.64
C LEU B 472 38.48 1.94 -3.85
N GLU B 473 38.19 3.01 -4.58
CA GLU B 473 37.94 4.31 -3.96
C GLU B 473 36.44 4.44 -3.75
N ASP B 474 35.90 3.63 -2.85
CA ASP B 474 34.44 3.50 -2.75
C ASP B 474 33.90 4.52 -1.73
N HIS B 475 34.04 5.79 -2.11
CA HIS B 475 33.61 6.91 -1.27
C HIS B 475 32.13 6.83 -0.91
N THR B 476 31.28 6.43 -1.85
CA THR B 476 29.85 6.33 -1.57
C THR B 476 29.58 5.28 -0.44
N ARG B 477 30.21 4.11 -0.56
CA ARG B 477 30.08 3.06 0.48
C ARG B 477 30.59 3.52 1.83
N LEU B 478 31.73 4.20 1.84
CA LEU B 478 32.29 4.63 3.12
C LEU B 478 31.32 5.59 3.83
N ASP B 479 30.79 6.55 3.08
CA ASP B 479 29.82 7.51 3.60
C ASP B 479 28.55 6.77 4.11
N TYR B 480 28.10 5.79 3.35
CA TYR B 480 26.92 4.99 3.69
C TYR B 480 27.16 4.28 5.01
N ILE B 481 28.31 3.64 5.14
CA ILE B 481 28.61 2.92 6.37
C ILE B 481 28.73 3.88 7.54
N GLN B 482 29.43 4.98 7.34
CA GLN B 482 29.64 5.91 8.46
C GLN B 482 28.31 6.48 8.95
N ARG B 483 27.43 6.81 8.01
CA ARG B 483 26.13 7.39 8.36
C ARG B 483 25.19 6.40 9.05
N HIS B 484 25.25 5.12 8.67
CA HIS B 484 24.43 4.12 9.34
C HIS B 484 24.97 3.80 10.72
N LEU B 485 26.30 3.82 10.88
CA LEU B 485 26.90 3.65 12.19
C LEU B 485 26.55 4.82 13.13
N SER B 486 26.53 6.03 12.58
CA SER B 486 26.12 7.19 13.38
C SER B 486 24.66 7.05 13.89
N VAL B 487 23.76 6.65 13.00
CA VAL B 487 22.35 6.44 13.43
C VAL B 487 22.27 5.30 14.42
N LEU B 488 23.09 4.27 14.24
CA LEU B 488 23.09 3.14 15.18
C LEU B 488 23.49 3.59 16.57
N LYS B 489 24.50 4.44 16.63
CA LYS B 489 24.93 5.01 17.91
C LYS B 489 23.78 5.77 18.58
N GLN B 490 23.05 6.56 17.80
CA GLN B 490 21.92 7.30 18.37
C GLN B 490 20.86 6.36 18.92
N SER B 491 20.61 5.25 18.20
CA SER B 491 19.64 4.27 18.64
C SER B 491 20.02 3.55 19.90
N ILE B 492 21.30 3.20 20.05
CA ILE B 492 21.79 2.55 21.26
C ILE B 492 21.74 3.53 22.43
N ASP B 493 22.05 4.80 22.18
CA ASP B 493 21.96 5.81 23.25
C ASP B 493 20.52 5.96 23.72
N LEU B 494 19.58 5.76 22.80
CA LEU B 494 18.17 5.81 23.14
C LEU B 494 17.64 4.50 23.71
N GLY B 495 18.52 3.52 23.95
CA GLY B 495 18.16 2.32 24.69
C GLY B 495 17.90 1.06 23.90
N ALA B 496 18.07 1.12 22.57
CA ALA B 496 17.88 -0.10 21.74
C ALA B 496 18.99 -1.10 22.03
N ASP B 497 18.64 -2.37 22.21
CA ASP B 497 19.62 -3.38 22.62
C ASP B 497 20.34 -3.99 21.42
N VAL B 498 21.09 -3.16 20.71
CA VAL B 498 21.90 -3.66 19.59
C VAL B 498 23.32 -3.95 20.05
N ARG B 499 23.84 -5.09 19.65
CA ARG B 499 25.09 -5.59 20.20
C ARG B 499 26.17 -5.83 19.17
N GLY B 500 25.87 -5.54 17.91
CA GLY B 500 26.84 -5.75 16.86
C GLY B 500 26.38 -5.27 15.51
N TYR B 501 27.33 -5.13 14.59
CA TYR B 501 27.08 -4.60 13.26
C TYR B 501 27.94 -5.38 12.26
N PHE B 502 27.31 -5.89 11.20
CA PHE B 502 28.01 -6.68 10.19
C PHE B 502 27.81 -6.01 8.84
N ALA B 503 28.90 -5.56 8.23
CA ALA B 503 28.81 -4.97 6.92
C ALA B 503 28.49 -6.05 5.87
N TRP B 504 27.52 -5.79 5.00
CA TRP B 504 27.35 -6.60 3.80
C TRP B 504 28.04 -5.89 2.65
N SER B 505 29.09 -6.48 2.08
CA SER B 505 29.58 -7.83 2.34
C SER B 505 31.08 -7.77 2.55
N LEU B 506 31.68 -8.80 3.18
CA LEU B 506 33.13 -8.87 3.18
C LEU B 506 33.69 -8.76 1.77
N LEU B 507 33.02 -9.41 0.81
CA LEU B 507 33.58 -9.61 -0.54
C LEU B 507 32.63 -9.19 -1.63
N ASP B 508 33.17 -8.62 -2.70
CA ASP B 508 32.38 -8.56 -3.92
C ASP B 508 31.94 -9.98 -4.28
N ASN B 509 30.68 -10.16 -4.66
CA ASN B 509 30.20 -11.52 -4.83
C ASN B 509 29.14 -11.63 -5.89
N PHE B 510 28.49 -12.80 -6.00
CA PHE B 510 27.39 -12.99 -6.93
C PHE B 510 26.13 -12.36 -6.34
N GLU B 511 25.73 -11.21 -6.88
CA GLU B 511 24.54 -10.53 -6.36
C GLU B 511 23.25 -11.08 -6.98
N TRP B 512 23.03 -12.37 -6.76
CA TRP B 512 21.78 -13.06 -7.16
C TRP B 512 21.45 -12.70 -8.61
N SER B 513 20.25 -12.21 -8.86
CA SER B 513 19.83 -11.97 -10.24
C SER B 513 20.49 -10.77 -10.95
N SER B 514 21.22 -9.95 -10.19
CA SER B 514 22.11 -8.94 -10.79
C SER B 514 23.49 -9.48 -11.18
N GLY B 515 23.74 -10.75 -10.85
CA GLY B 515 25.03 -11.35 -11.19
C GLY B 515 26.19 -10.56 -10.62
N TYR B 516 27.22 -10.34 -11.43
CA TYR B 516 28.36 -9.58 -10.93
C TYR B 516 28.30 -8.10 -11.27
N THR B 517 27.14 -7.62 -11.72
CA THR B 517 26.99 -6.20 -12.06
C THR B 517 26.90 -5.26 -10.86
N GLU B 518 26.81 -5.82 -9.65
CA GLU B 518 26.79 -5.01 -8.45
C GLU B 518 27.84 -5.55 -7.50
N ARG B 519 28.79 -4.70 -7.15
CA ARG B 519 29.83 -5.02 -6.18
C ARG B 519 29.46 -4.44 -4.80
N PHE B 520 29.17 -5.32 -3.83
CA PHE B 520 28.81 -4.91 -2.47
C PHE B 520 29.93 -5.04 -1.44
N GLY B 521 31.13 -5.47 -1.87
CA GLY B 521 32.18 -5.79 -0.91
C GLY B 521 32.88 -4.58 -0.31
N ILE B 522 33.37 -4.72 0.92
CA ILE B 522 34.39 -3.80 1.42
C ILE B 522 35.77 -4.23 0.91
N VAL B 523 35.82 -5.44 0.34
CA VAL B 523 37.03 -5.98 -0.27
C VAL B 523 36.73 -6.28 -1.74
N TYR B 524 37.58 -5.74 -2.60
CA TYR B 524 37.50 -5.97 -4.04
C TYR B 524 37.95 -7.39 -4.40
N VAL B 525 37.17 -8.04 -5.28
CA VAL B 525 37.52 -9.37 -5.78
C VAL B 525 37.72 -9.29 -7.28
N ASP B 526 38.92 -9.65 -7.72
CA ASP B 526 39.28 -9.57 -9.13
C ASP B 526 39.10 -10.94 -9.78
N ARG B 527 37.95 -11.15 -10.41
CA ARG B 527 37.60 -12.48 -10.90
C ARG B 527 38.43 -12.91 -12.12
N GLU B 528 39.00 -11.94 -12.83
CA GLU B 528 39.86 -12.27 -13.98
C GLU B 528 41.30 -12.51 -13.57
N ASN B 529 41.63 -12.24 -12.31
CA ASN B 529 42.96 -12.51 -11.78
C ASN B 529 42.91 -13.46 -10.53
N GLY B 530 42.28 -14.62 -10.70
CA GLY B 530 42.25 -15.63 -9.64
C GLY B 530 41.45 -15.24 -8.39
N CYS B 531 40.49 -14.34 -8.54
CA CYS B 531 39.73 -13.80 -7.40
C CYS B 531 40.62 -13.14 -6.35
N GLU B 532 41.75 -12.59 -6.80
CA GLU B 532 42.66 -11.86 -5.91
C GLU B 532 41.88 -10.80 -5.13
N ARG B 533 42.11 -10.70 -3.82
CA ARG B 533 41.41 -9.74 -2.95
C ARG B 533 42.24 -8.49 -2.67
N THR B 534 41.61 -7.33 -2.68
CA THR B 534 42.29 -6.07 -2.29
C THR B 534 41.33 -5.25 -1.45
N MET B 535 41.76 -4.79 -0.28
CA MET B 535 40.95 -3.91 0.54
C MET B 535 40.58 -2.61 -0.19
N LYS B 536 39.30 -2.21 -0.11
CA LYS B 536 38.85 -0.95 -0.67
C LYS B 536 39.02 0.13 0.40
N ARG B 537 38.75 1.38 0.03
CA ARG B 537 38.82 2.46 1.00
C ARG B 537 37.94 2.19 2.23
N SER B 538 36.76 1.61 2.02
CA SER B 538 35.85 1.37 3.12
C SER B 538 36.47 0.38 4.12
N ALA B 539 37.12 -0.66 3.60
CA ALA B 539 37.83 -1.61 4.47
C ALA B 539 39.00 -0.97 5.24
N ARG B 540 39.77 -0.13 4.57
CA ARG B 540 40.89 0.56 5.23
C ARG B 540 40.38 1.44 6.35
N TRP B 541 39.22 2.07 6.15
CA TRP B 541 38.61 2.88 7.21
C TRP B 541 38.21 2.00 8.40
N LEU B 542 37.52 0.91 8.12
CA LEU B 542 37.15 -0.04 9.16
C LEU B 542 38.37 -0.56 9.92
N GLN B 543 39.45 -0.81 9.17
CA GLN B 543 40.70 -1.22 9.79
C GLN B 543 41.20 -0.18 10.80
N GLU B 544 41.18 1.09 10.40
CA GLU B 544 41.57 2.18 11.27
C GLU B 544 40.61 2.31 12.46
N PHE B 545 39.31 2.29 12.17
CA PHE B 545 38.28 2.35 13.21
C PHE B 545 38.42 1.25 14.27
N ASN B 546 38.57 0.02 13.84
CA ASN B 546 38.77 -1.08 14.77
C ASN B 546 40.14 -1.05 15.42
N GLY B 547 41.04 -0.22 14.90
CA GLY B 547 42.40 -0.12 15.40
C GLY B 547 43.19 -1.40 15.31
N ARG C 64 -11.42 -3.34 -50.93
CA ARG C 64 -10.50 -4.48 -50.59
C ARG C 64 -10.87 -5.83 -51.26
N LEU C 65 -12.17 -6.18 -51.31
CA LEU C 65 -12.60 -7.24 -52.23
C LEU C 65 -12.27 -6.74 -53.63
N SER C 66 -12.05 -7.63 -54.60
CA SER C 66 -11.83 -7.19 -55.98
C SER C 66 -13.14 -6.65 -56.57
N PRO C 67 -13.05 -5.78 -57.58
CA PRO C 67 -14.26 -5.10 -58.08
C PRO C 67 -15.37 -6.05 -58.47
N TRP C 68 -15.03 -7.18 -59.10
CA TRP C 68 -16.05 -8.11 -59.58
C TRP C 68 -16.60 -8.98 -58.42
N GLU C 69 -16.02 -8.86 -57.23
CA GLU C 69 -16.54 -9.58 -56.06
C GLU C 69 -17.43 -8.71 -55.17
N ILE C 70 -17.54 -7.44 -55.50
CA ILE C 70 -18.40 -6.55 -54.74
C ILE C 70 -19.84 -6.85 -55.09
N PRO C 71 -20.67 -7.12 -54.07
CA PRO C 71 -22.08 -7.42 -54.29
C PRO C 71 -22.82 -6.33 -55.08
N ARG C 72 -23.74 -6.79 -55.91
CA ARG C 72 -24.65 -5.95 -56.67
C ARG C 72 -26.06 -6.33 -56.24
N ARG C 73 -27.01 -5.42 -56.37
CA ARG C 73 -28.35 -5.68 -55.86
C ARG C 73 -28.99 -6.96 -56.41
N ASP C 74 -28.81 -7.23 -57.70
CA ASP C 74 -29.54 -8.37 -58.25
C ASP C 74 -28.88 -9.73 -57.94
N TRP C 75 -27.81 -9.73 -57.15
CA TRP C 75 -27.37 -10.96 -56.50
C TRP C 75 -28.48 -11.53 -55.57
N PHE C 76 -29.35 -10.64 -55.08
CA PHE C 76 -30.40 -11.00 -54.14
C PHE C 76 -31.76 -10.95 -54.84
N PRO C 77 -32.69 -11.79 -54.41
CA PRO C 77 -34.05 -11.80 -54.96
C PRO C 77 -34.70 -10.43 -54.98
N PRO C 78 -35.55 -10.15 -55.99
CA PRO C 78 -36.29 -8.88 -56.05
C PRO C 78 -37.02 -8.57 -54.74
N SER C 79 -37.53 -9.59 -54.04
CA SER C 79 -38.29 -9.36 -52.80
C SER C 79 -37.41 -9.19 -51.54
N PHE C 80 -36.10 -9.39 -51.67
CA PHE C 80 -35.18 -9.28 -50.53
C PHE C 80 -35.20 -7.86 -49.98
N LEU C 81 -35.09 -7.71 -48.65
CA LEU C 81 -35.16 -6.38 -48.05
C LEU C 81 -33.78 -5.89 -47.64
N PHE C 82 -33.47 -4.65 -47.97
CA PHE C 82 -32.30 -3.97 -47.40
C PHE C 82 -32.76 -2.86 -46.48
N GLY C 83 -32.20 -2.83 -45.28
CA GLY C 83 -32.56 -1.80 -44.34
C GLY C 83 -31.44 -1.43 -43.39
N ALA C 84 -31.81 -0.66 -42.37
CA ALA C 84 -30.90 -0.30 -41.29
C ALA C 84 -31.69 -0.39 -40.00
N ALA C 85 -30.99 -0.39 -38.87
CA ALA C 85 -31.64 -0.65 -37.58
C ALA C 85 -31.17 0.33 -36.52
N THR C 86 -32.05 0.58 -35.54
CA THR C 86 -31.71 1.40 -34.38
C THR C 86 -32.44 0.82 -33.17
N SER C 87 -32.21 1.38 -31.98
CA SER C 87 -33.11 1.12 -30.84
C SER C 87 -33.44 2.43 -30.11
N ALA C 88 -34.55 2.40 -29.38
CA ALA C 88 -35.12 3.59 -28.75
C ALA C 88 -34.16 4.32 -27.82
N TYR C 89 -33.60 3.62 -26.82
CA TYR C 89 -32.71 4.31 -25.89
C TYR C 89 -31.45 4.85 -26.59
N GLN C 90 -30.99 4.14 -27.63
CA GLN C 90 -29.77 4.56 -28.29
C GLN C 90 -29.91 5.79 -29.20
N ILE C 91 -31.13 6.08 -29.66
CA ILE C 91 -31.30 7.21 -30.59
C ILE C 91 -32.25 8.32 -30.19
N GLU C 92 -33.25 8.02 -29.37
CA GLU C 92 -34.42 8.90 -29.25
C GLU C 92 -34.15 10.22 -28.49
N GLY C 93 -33.42 10.13 -27.40
CA GLY C 93 -33.34 11.26 -26.47
C GLY C 93 -34.69 11.53 -25.83
N ALA C 94 -35.00 12.80 -25.55
CA ALA C 94 -36.29 13.15 -24.93
C ALA C 94 -36.64 12.19 -23.78
N TRP C 95 -35.67 11.95 -22.90
CA TRP C 95 -35.74 10.87 -21.93
C TRP C 95 -36.79 11.08 -20.85
N ASN C 96 -37.17 12.35 -20.62
CA ASN C 96 -38.25 12.65 -19.69
C ASN C 96 -39.26 13.64 -20.26
N GLU C 97 -39.40 13.63 -21.57
CA GLU C 97 -40.26 14.56 -22.28
C GLU C 97 -41.64 13.97 -22.52
N ASP C 98 -42.64 14.84 -22.59
CA ASP C 98 -44.00 14.45 -22.96
C ASP C 98 -44.51 13.25 -22.15
N GLY C 99 -44.16 13.18 -20.87
CA GLY C 99 -44.76 12.19 -19.99
C GLY C 99 -44.05 10.86 -19.91
N LYS C 100 -42.95 10.72 -20.63
CA LYS C 100 -42.20 9.45 -20.61
C LYS C 100 -41.63 9.13 -19.22
N GLY C 101 -41.86 7.90 -18.76
CA GLY C 101 -41.23 7.44 -17.52
C GLY C 101 -39.80 6.96 -17.69
N PRO C 102 -39.06 6.85 -16.60
CA PRO C 102 -37.65 6.44 -16.67
C PRO C 102 -37.52 4.93 -16.90
N SER C 103 -36.47 4.54 -17.63
CA SER C 103 -36.15 3.13 -17.78
C SER C 103 -34.98 2.77 -16.90
N THR C 104 -34.63 1.49 -16.88
CA THR C 104 -33.44 1.03 -16.22
C THR C 104 -32.21 1.72 -16.79
N TRP C 105 -32.24 2.06 -18.08
CA TRP C 105 -31.08 2.73 -18.68
C TRP C 105 -30.94 4.20 -18.23
N ASP C 106 -32.06 4.92 -18.12
CA ASP C 106 -32.04 6.26 -17.52
C ASP C 106 -31.43 6.17 -16.11
N HIS C 107 -31.91 5.21 -15.34
CA HIS C 107 -31.48 5.05 -13.96
C HIS C 107 -30.00 4.72 -13.85
N PHE C 108 -29.55 3.80 -14.70
CA PHE C 108 -28.18 3.36 -14.70
C PHE C 108 -27.24 4.51 -15.05
N CYS C 109 -27.54 5.23 -16.12
CA CYS C 109 -26.63 6.30 -16.56
C CYS C 109 -26.61 7.41 -15.52
N HIS C 110 -27.76 7.70 -14.94
CA HIS C 110 -27.85 8.85 -14.03
C HIS C 110 -27.24 8.54 -12.66
N ASN C 111 -27.26 7.27 -12.25
CA ASN C 111 -26.73 6.89 -10.93
C ASN C 111 -25.32 6.32 -10.93
N PHE C 112 -24.92 5.72 -12.04
CA PHE C 112 -23.64 5.09 -12.14
C PHE C 112 -22.88 5.60 -13.38
N PRO C 113 -22.70 6.91 -13.50
CA PRO C 113 -22.05 7.48 -14.69
C PRO C 113 -20.63 6.97 -14.88
N GLU C 114 -19.94 6.65 -13.79
CA GLU C 114 -18.57 6.15 -13.87
C GLU C 114 -18.46 4.75 -14.51
N TRP C 115 -19.61 4.10 -14.75
CA TRP C 115 -19.64 2.78 -15.40
C TRP C 115 -19.96 2.90 -16.89
N ILE C 116 -20.10 4.14 -17.36
CA ILE C 116 -20.08 4.45 -18.80
C ILE C 116 -18.69 5.00 -19.13
N VAL C 117 -18.05 4.51 -20.17
CA VAL C 117 -16.64 4.79 -20.34
C VAL C 117 -16.33 6.30 -20.47
N ASP C 118 -17.22 7.05 -21.12
CA ASP C 118 -17.05 8.49 -21.27
C ASP C 118 -18.03 9.25 -20.39
N ARG C 119 -18.65 8.56 -19.43
CA ARG C 119 -19.58 9.16 -18.50
C ARG C 119 -20.77 9.86 -19.14
N SER C 120 -21.18 9.37 -20.28
CA SER C 120 -22.28 9.99 -21.01
C SER C 120 -23.58 9.25 -20.72
N ASN C 121 -24.67 9.73 -21.30
CA ASN C 121 -25.98 9.08 -21.16
C ASN C 121 -26.81 9.26 -22.43
N GLY C 122 -28.00 8.66 -22.43
CA GLY C 122 -28.94 8.72 -23.54
C GLY C 122 -29.99 9.82 -23.40
N ASP C 123 -29.68 10.86 -22.61
CA ASP C 123 -30.65 11.96 -22.42
C ASP C 123 -31.07 12.60 -23.74
N VAL C 124 -30.12 12.78 -24.66
CA VAL C 124 -30.39 13.42 -25.94
C VAL C 124 -30.12 12.44 -27.10
N ALA C 125 -29.02 11.71 -26.99
CA ALA C 125 -28.63 10.68 -27.97
C ALA C 125 -28.54 11.27 -29.38
N ALA C 126 -29.26 10.69 -30.34
CA ALA C 126 -29.33 11.27 -31.70
C ALA C 126 -30.54 12.19 -31.86
N ASP C 127 -31.26 12.40 -30.77
CA ASP C 127 -32.45 13.29 -30.76
C ASP C 127 -33.52 12.88 -31.77
N SER C 128 -33.69 11.57 -31.96
CA SER C 128 -34.67 11.07 -32.93
C SER C 128 -36.11 11.29 -32.51
N TYR C 129 -36.34 11.57 -31.23
CA TYR C 129 -37.69 11.89 -30.82
C TYR C 129 -38.13 13.18 -31.53
N HIS C 130 -37.17 14.08 -31.75
CA HIS C 130 -37.48 15.33 -32.47
C HIS C 130 -37.08 15.28 -33.95
N MET C 131 -36.09 14.47 -34.28
CA MET C 131 -35.49 14.51 -35.62
C MET C 131 -35.82 13.30 -36.49
N TYR C 132 -36.89 12.60 -36.13
CA TYR C 132 -37.28 11.36 -36.82
C TYR C 132 -37.56 11.58 -38.32
N ALA C 133 -37.99 12.77 -38.70
CA ALA C 133 -38.22 13.01 -40.11
C ALA C 133 -36.92 12.99 -40.90
N GLU C 134 -35.80 13.35 -40.25
CA GLU C 134 -34.49 13.28 -40.88
C GLU C 134 -34.09 11.81 -41.07
N ASP C 135 -34.45 10.98 -40.09
CA ASP C 135 -34.13 9.57 -40.19
C ASP C 135 -34.80 8.94 -41.40
N VAL C 136 -36.08 9.27 -41.59
CA VAL C 136 -36.86 8.73 -42.69
C VAL C 136 -36.31 9.24 -44.01
N ARG C 137 -36.00 10.53 -44.07
CA ARG C 137 -35.45 11.10 -45.29
C ARG C 137 -34.18 10.37 -45.72
N LEU C 138 -33.31 10.09 -44.76
CA LEU C 138 -32.06 9.39 -45.04
C LEU C 138 -32.30 7.97 -45.55
N LEU C 139 -33.22 7.25 -44.90
CA LEU C 139 -33.58 5.89 -45.33
C LEU C 139 -34.08 5.91 -46.78
N LYS C 140 -34.94 6.88 -47.07
CA LYS C 140 -35.51 7.04 -48.42
C LYS C 140 -34.43 7.38 -49.47
N GLU C 141 -33.59 8.36 -49.16
CA GLU C 141 -32.52 8.73 -50.08
C GLU C 141 -31.57 7.56 -50.37
N MET C 142 -31.34 6.70 -49.38
CA MET C 142 -30.51 5.52 -49.58
C MET C 142 -31.21 4.38 -50.30
N GLY C 143 -32.51 4.51 -50.51
CA GLY C 143 -33.27 3.49 -51.22
C GLY C 143 -33.54 2.25 -50.37
N MET C 144 -33.54 2.40 -49.05
CA MET C 144 -33.81 1.25 -48.18
C MET C 144 -35.25 0.79 -48.29
N ASP C 145 -35.44 -0.51 -48.19
CA ASP C 145 -36.76 -1.14 -48.29
C ASP C 145 -37.47 -1.21 -46.93
N ALA C 146 -36.70 -1.16 -45.86
CA ALA C 146 -37.23 -1.46 -44.54
C ALA C 146 -36.41 -0.77 -43.46
N TYR C 147 -36.99 -0.64 -42.27
CA TYR C 147 -36.33 0.05 -41.17
C TYR C 147 -36.73 -0.69 -39.91
N ARG C 148 -35.74 -1.11 -39.15
CA ARG C 148 -35.99 -1.77 -37.87
C ARG C 148 -35.72 -0.79 -36.73
N PHE C 149 -36.71 -0.56 -35.88
CA PHE C 149 -36.57 0.37 -34.76
C PHE C 149 -37.32 -0.23 -33.59
N SER C 150 -37.09 0.29 -32.39
CA SER C 150 -37.81 -0.25 -31.24
C SER C 150 -38.73 0.78 -30.60
N ILE C 151 -39.69 0.27 -29.82
CA ILE C 151 -40.59 1.15 -29.08
C ILE C 151 -40.18 1.15 -27.61
N SER C 152 -40.10 2.34 -27.02
CA SER C 152 -39.77 2.48 -25.61
C SER C 152 -40.97 2.16 -24.72
N TRP C 153 -40.89 1.04 -24.01
CA TRP C 153 -41.91 0.64 -23.04
C TRP C 153 -42.35 1.82 -22.14
N PRO C 154 -41.44 2.48 -21.41
CA PRO C 154 -41.86 3.54 -20.49
C PRO C 154 -42.25 4.83 -21.19
N ARG C 155 -42.02 4.93 -22.50
CA ARG C 155 -42.60 6.04 -23.26
C ARG C 155 -44.08 5.79 -23.55
N ILE C 156 -44.48 4.52 -23.64
CA ILE C 156 -45.89 4.16 -23.87
C ILE C 156 -46.65 3.99 -22.53
N LEU C 157 -46.03 3.27 -21.59
CA LEU C 157 -46.56 3.07 -20.23
C LEU C 157 -45.58 3.59 -19.19
N PRO C 158 -45.69 4.87 -18.83
CA PRO C 158 -44.71 5.50 -17.94
C PRO C 158 -44.48 4.78 -16.62
N LYS C 159 -45.50 4.11 -16.10
CA LYS C 159 -45.32 3.31 -14.88
C LYS C 159 -45.15 1.82 -15.16
N GLY C 160 -45.01 1.47 -16.45
CA GLY C 160 -44.76 0.08 -16.82
C GLY C 160 -46.04 -0.73 -16.98
N THR C 161 -47.15 -0.20 -16.45
CA THR C 161 -48.37 -0.98 -16.36
C THR C 161 -49.52 -0.34 -17.10
N LEU C 162 -50.50 -1.16 -17.45
CA LEU C 162 -51.73 -0.66 -18.01
C LEU C 162 -52.40 0.28 -17.01
N ALA C 163 -52.37 -0.09 -15.73
CA ALA C 163 -53.04 0.66 -14.67
C ALA C 163 -52.47 2.07 -14.49
N GLY C 164 -51.19 2.23 -14.77
CA GLY C 164 -50.53 3.52 -14.65
C GLY C 164 -50.90 4.46 -15.77
N GLY C 165 -51.55 3.94 -16.82
CA GLY C 165 -52.00 4.75 -17.94
C GLY C 165 -51.12 4.75 -19.18
N ILE C 166 -51.75 4.91 -20.34
CA ILE C 166 -51.06 4.99 -21.63
C ILE C 166 -50.71 6.42 -21.93
N ASN C 167 -49.43 6.67 -22.26
CA ASN C 167 -48.96 8.00 -22.64
C ASN C 167 -49.34 8.28 -24.10
N GLU C 168 -50.44 9.01 -24.30
CA GLU C 168 -50.95 9.23 -25.65
C GLU C 168 -49.94 10.00 -26.55
N LYS C 169 -49.11 10.85 -25.96
CA LYS C 169 -48.09 11.59 -26.75
C LYS C 169 -46.98 10.63 -27.23
N ARG C 170 -46.72 9.59 -26.43
CA ARG C 170 -45.77 8.56 -26.83
C ARG C 170 -46.35 7.79 -27.99
N VAL C 171 -47.63 7.43 -27.90
CA VAL C 171 -48.29 6.71 -28.98
C VAL C 171 -48.22 7.55 -30.27
N GLU C 172 -48.46 8.87 -30.13
CA GLU C 172 -48.49 9.77 -31.28
C GLU C 172 -47.14 9.79 -32.02
N TYR C 173 -46.06 9.86 -31.25
CA TYR C 173 -44.71 9.84 -31.81
C TYR C 173 -44.49 8.66 -32.76
N TYR C 174 -44.78 7.44 -32.29
CA TYR C 174 -44.54 6.27 -33.13
C TYR C 174 -45.53 6.22 -34.30
N ASN C 175 -46.77 6.67 -34.06
CA ASN C 175 -47.69 6.79 -35.18
C ASN C 175 -47.16 7.72 -36.29
N LYS C 176 -46.57 8.84 -35.90
CA LYS C 176 -45.99 9.77 -36.88
C LYS C 176 -44.84 9.11 -37.62
N LEU C 177 -43.98 8.41 -36.89
CA LEU C 177 -42.83 7.75 -37.53
C LEU C 177 -43.30 6.69 -38.53
N ILE C 178 -44.28 5.89 -38.13
CA ILE C 178 -44.77 4.81 -38.94
C ILE C 178 -45.42 5.36 -40.20
N ASP C 179 -46.26 6.39 -40.03
CA ASP C 179 -46.90 7.04 -41.18
C ASP C 179 -45.88 7.55 -42.18
N LEU C 180 -44.86 8.22 -41.67
CA LEU C 180 -43.85 8.79 -42.54
C LEU C 180 -43.07 7.70 -43.27
N LEU C 181 -42.70 6.64 -42.56
CA LEU C 181 -42.09 5.49 -43.23
C LEU C 181 -42.95 4.92 -44.34
N LEU C 182 -44.22 4.64 -44.03
CA LEU C 182 -45.12 4.05 -45.04
C LEU C 182 -45.32 4.98 -46.24
N GLU C 183 -45.42 6.28 -45.96
CA GLU C 183 -45.65 7.27 -47.01
C GLU C 183 -44.46 7.21 -47.98
N ASN C 184 -43.30 6.81 -47.45
CA ASN C 184 -42.07 6.73 -48.25
C ASN C 184 -41.72 5.33 -48.77
N GLY C 185 -42.65 4.39 -48.61
CA GLY C 185 -42.47 3.04 -49.11
C GLY C 185 -41.45 2.21 -48.34
N ILE C 186 -41.23 2.56 -47.06
CA ILE C 186 -40.27 1.82 -46.22
C ILE C 186 -41.05 0.98 -45.21
N GLU C 187 -40.77 -0.31 -45.16
CA GLU C 187 -41.53 -1.24 -44.34
C GLU C 187 -41.01 -1.25 -42.89
N PRO C 188 -41.87 -0.96 -41.94
CA PRO C 188 -41.47 -0.98 -40.52
C PRO C 188 -41.35 -2.40 -39.96
N TYR C 189 -40.20 -2.67 -39.34
CA TYR C 189 -39.99 -3.91 -38.57
C TYR C 189 -39.79 -3.43 -37.12
N ILE C 190 -40.75 -3.70 -36.24
CA ILE C 190 -40.67 -3.15 -34.89
C ILE C 190 -40.22 -4.15 -33.83
N THR C 191 -39.21 -3.76 -33.06
CA THR C 191 -38.77 -4.52 -31.89
C THR C 191 -39.57 -3.97 -30.70
N ILE C 192 -40.28 -4.83 -29.99
CA ILE C 192 -41.11 -4.39 -28.86
C ILE C 192 -40.22 -4.02 -27.67
N PHE C 193 -39.21 -4.84 -27.40
CA PHE C 193 -38.34 -4.61 -26.26
C PHE C 193 -36.86 -4.65 -26.61
N HIS C 194 -36.16 -3.56 -26.33
CA HIS C 194 -34.73 -3.48 -26.57
C HIS C 194 -34.03 -2.95 -25.30
N TRP C 195 -34.25 -3.65 -24.18
CA TRP C 195 -33.47 -3.54 -22.93
C TRP C 195 -33.88 -2.42 -21.98
N ASP C 196 -34.87 -1.64 -22.39
CA ASP C 196 -35.30 -0.44 -21.67
C ASP C 196 -36.52 -0.70 -20.77
N THR C 197 -36.34 -1.56 -19.78
CA THR C 197 -37.39 -1.90 -18.81
C THR C 197 -37.81 -0.64 -18.03
N PRO C 198 -39.10 -0.39 -17.87
CA PRO C 198 -39.56 0.73 -17.02
C PRO C 198 -38.99 0.61 -15.61
N GLN C 199 -38.34 1.66 -15.11
CA GLN C 199 -37.72 1.58 -13.78
C GLN C 199 -38.80 1.39 -12.71
N ALA C 200 -40.00 1.88 -12.96
CA ALA C 200 -41.12 1.68 -12.04
C ALA C 200 -41.36 0.19 -11.73
N LEU C 201 -41.15 -0.67 -12.73
CA LEU C 201 -41.31 -2.12 -12.51
C LEU C 201 -40.17 -2.71 -11.70
N VAL C 202 -38.97 -2.13 -11.83
CA VAL C 202 -37.85 -2.54 -10.98
C VAL C 202 -38.16 -2.13 -9.52
N ASP C 203 -38.61 -0.89 -9.32
CA ASP C 203 -39.02 -0.43 -7.98
C ASP C 203 -40.05 -1.36 -7.37
N ALA C 204 -41.04 -1.76 -8.18
CA ALA C 204 -42.16 -2.55 -7.67
C ALA C 204 -41.80 -4.00 -7.37
N TYR C 205 -41.05 -4.65 -8.27
CA TYR C 205 -40.79 -6.07 -8.07
C TYR C 205 -39.50 -6.61 -8.68
N GLY C 206 -38.59 -5.72 -9.06
CA GLY C 206 -37.31 -6.13 -9.61
C GLY C 206 -37.35 -6.39 -11.11
N GLY C 207 -38.39 -5.95 -11.78
CA GLY C 207 -38.50 -6.09 -13.23
C GLY C 207 -38.42 -7.56 -13.66
N PHE C 208 -37.52 -7.88 -14.60
CA PHE C 208 -37.42 -9.24 -15.15
C PHE C 208 -36.98 -10.31 -14.17
N LEU C 209 -36.60 -9.92 -12.95
CA LEU C 209 -36.24 -10.91 -11.95
C LEU C 209 -37.47 -11.58 -11.33
N ASP C 210 -38.66 -11.08 -11.68
CA ASP C 210 -39.92 -11.58 -11.12
C ASP C 210 -40.90 -11.89 -12.22
N GLU C 211 -41.65 -12.99 -12.05
CA GLU C 211 -42.61 -13.41 -13.07
C GLU C 211 -43.73 -12.39 -13.31
N ARG C 212 -43.89 -11.42 -12.40
CA ARG C 212 -44.85 -10.34 -12.62
C ARG C 212 -44.54 -9.56 -13.92
N ILE C 213 -43.29 -9.62 -14.36
CA ILE C 213 -42.91 -8.91 -15.59
C ILE C 213 -43.74 -9.40 -16.76
N ILE C 214 -44.17 -10.66 -16.70
CA ILE C 214 -44.84 -11.27 -17.85
C ILE C 214 -46.15 -10.58 -18.24
N LYS C 215 -47.06 -10.44 -17.27
CA LYS C 215 -48.29 -9.74 -17.54
C LYS C 215 -48.08 -8.30 -17.98
N ASP C 216 -47.17 -7.56 -17.33
CA ASP C 216 -46.95 -6.17 -17.75
C ASP C 216 -46.36 -6.10 -19.17
N TYR C 217 -45.41 -6.98 -19.50
CA TYR C 217 -44.90 -7.01 -20.85
C TYR C 217 -46.02 -7.31 -21.87
N THR C 218 -46.84 -8.31 -21.61
CA THR C 218 -47.88 -8.63 -22.59
C THR C 218 -48.90 -7.52 -22.71
N ASP C 219 -49.17 -6.80 -21.61
CA ASP C 219 -50.04 -5.62 -21.71
C ASP C 219 -49.39 -4.56 -22.59
N PHE C 220 -48.08 -4.35 -22.43
CA PHE C 220 -47.35 -3.40 -23.28
C PHE C 220 -47.48 -3.80 -24.76
N ALA C 221 -47.22 -5.08 -25.05
CA ALA C 221 -47.27 -5.57 -26.42
C ALA C 221 -48.68 -5.42 -26.99
N LYS C 222 -49.67 -5.67 -26.14
CA LYS C 222 -51.06 -5.50 -26.56
C LYS C 222 -51.38 -4.06 -26.99
N VAL C 223 -50.86 -3.09 -26.26
CA VAL C 223 -51.09 -1.70 -26.61
C VAL C 223 -50.42 -1.47 -27.96
N CYS C 224 -49.19 -1.95 -28.09
CA CYS C 224 -48.48 -1.78 -29.37
C CYS C 224 -49.29 -2.37 -30.55
N PHE C 225 -49.80 -3.58 -30.36
CA PHE C 225 -50.52 -4.22 -31.44
C PHE C 225 -51.80 -3.43 -31.72
N GLU C 226 -52.46 -2.98 -30.65
CA GLU C 226 -53.76 -2.27 -30.83
C GLU C 226 -53.52 -0.98 -31.62
N LYS C 227 -52.49 -0.26 -31.23
CA LYS C 227 -52.24 1.07 -31.78
C LYS C 227 -51.60 1.04 -33.16
N PHE C 228 -50.68 0.10 -33.38
CA PHE C 228 -49.83 0.14 -34.58
C PHE C 228 -50.02 -1.05 -35.53
N GLY C 229 -50.75 -2.06 -35.07
CA GLY C 229 -50.83 -3.33 -35.75
C GLY C 229 -51.50 -3.27 -37.10
N LYS C 230 -52.34 -2.25 -37.30
CA LYS C 230 -52.98 -2.10 -38.61
C LYS C 230 -51.98 -1.69 -39.70
N THR C 231 -50.96 -0.95 -39.31
CA THR C 231 -49.96 -0.38 -40.19
C THR C 231 -48.67 -1.22 -40.17
N VAL C 232 -48.45 -1.97 -39.09
CA VAL C 232 -47.19 -2.71 -38.93
C VAL C 232 -47.45 -4.21 -38.92
N LYS C 233 -46.80 -4.95 -39.82
CA LYS C 233 -47.06 -6.38 -39.97
C LYS C 233 -45.86 -7.24 -39.62
N ASN C 234 -44.81 -6.64 -39.04
CA ASN C 234 -43.58 -7.36 -38.75
C ASN C 234 -43.08 -6.94 -37.37
N TRP C 235 -43.12 -7.90 -36.45
CA TRP C 235 -42.87 -7.65 -35.03
C TRP C 235 -41.81 -8.60 -34.49
N LEU C 236 -40.94 -8.07 -33.63
CA LEU C 236 -39.95 -8.88 -32.92
C LEU C 236 -40.14 -8.62 -31.42
N THR C 237 -40.43 -9.66 -30.65
CA THR C 237 -40.75 -9.46 -29.22
C THR C 237 -39.55 -8.93 -28.42
N PHE C 238 -38.38 -9.55 -28.63
CA PHE C 238 -37.20 -9.26 -27.83
C PHE C 238 -35.99 -9.18 -28.73
N ASN C 239 -35.08 -8.26 -28.40
CA ASN C 239 -33.81 -8.12 -29.10
C ASN C 239 -32.66 -8.64 -28.26
N GLU C 240 -31.84 -9.50 -28.86
CA GLU C 240 -30.66 -10.09 -28.16
C GLU C 240 -30.94 -10.52 -26.71
N PRO C 241 -31.84 -11.47 -26.51
CA PRO C 241 -32.09 -11.95 -25.14
C PRO C 241 -30.81 -12.49 -24.48
N GLU C 242 -29.91 -13.13 -25.26
CA GLU C 242 -28.71 -13.68 -24.61
C GLU C 242 -27.83 -12.58 -24.03
N THR C 243 -27.61 -11.52 -24.82
CA THR C 243 -26.81 -10.40 -24.37
C THR C 243 -27.49 -9.75 -23.17
N PHE C 244 -28.80 -9.52 -23.31
CA PHE C 244 -29.59 -8.91 -22.24
C PHE C 244 -29.38 -9.67 -20.92
N CYS C 245 -29.48 -11.00 -20.96
CA CYS C 245 -29.38 -11.80 -19.75
C CYS C 245 -27.95 -11.94 -19.26
N SER C 246 -27.04 -12.33 -20.14
CA SER C 246 -25.66 -12.61 -19.71
C SER C 246 -24.93 -11.33 -19.28
N VAL C 247 -25.21 -10.23 -19.98
CA VAL C 247 -24.41 -9.03 -19.81
C VAL C 247 -25.08 -8.00 -18.87
N SER C 248 -26.40 -8.04 -18.75
CA SER C 248 -27.04 -7.15 -17.76
C SER C 248 -27.11 -7.75 -16.35
N TYR C 249 -27.11 -9.08 -16.26
CA TYR C 249 -27.30 -9.79 -14.98
C TYR C 249 -26.16 -10.76 -14.64
N GLY C 250 -25.22 -10.91 -15.57
CA GLY C 250 -24.11 -11.84 -15.38
C GLY C 250 -22.82 -11.10 -15.18
N THR C 251 -22.33 -10.45 -16.23
CA THR C 251 -21.14 -9.60 -16.09
C THR C 251 -21.52 -8.23 -15.56
N GLY C 252 -22.80 -7.90 -15.62
CA GLY C 252 -23.29 -6.61 -15.14
C GLY C 252 -22.78 -5.37 -15.87
N VAL C 253 -22.32 -5.51 -17.11
CA VAL C 253 -21.81 -4.34 -17.85
C VAL C 253 -22.94 -3.39 -18.24
N LEU C 254 -24.09 -3.98 -18.56
CA LEU C 254 -25.30 -3.27 -19.01
C LEU C 254 -26.33 -3.11 -17.91
N ALA C 255 -27.10 -2.03 -17.98
CA ALA C 255 -28.15 -1.79 -17.00
C ALA C 255 -29.08 -3.00 -16.85
N PRO C 256 -29.46 -3.37 -15.63
CA PRO C 256 -29.22 -2.60 -14.38
C PRO C 256 -27.85 -2.81 -13.72
N GLY C 257 -26.99 -3.60 -14.34
CA GLY C 257 -25.62 -3.70 -13.92
C GLY C 257 -25.42 -4.60 -12.72
N ARG C 258 -26.13 -5.73 -12.72
CA ARG C 258 -26.07 -6.70 -11.63
C ARG C 258 -25.12 -7.86 -11.87
N CYS C 259 -24.50 -8.34 -10.80
CA CYS C 259 -23.59 -9.47 -10.85
C CYS C 259 -23.37 -10.01 -9.42
N SER C 260 -22.75 -11.18 -9.33
CA SER C 260 -22.40 -11.75 -8.03
C SER C 260 -21.40 -10.87 -7.26
N PRO C 261 -21.48 -10.88 -5.93
CA PRO C 261 -20.40 -10.30 -5.11
C PRO C 261 -19.08 -10.83 -5.61
N GLY C 262 -18.09 -9.96 -5.75
CA GLY C 262 -16.79 -10.42 -6.20
C GLY C 262 -16.56 -10.22 -7.68
N VAL C 263 -17.63 -9.97 -8.42
CA VAL C 263 -17.52 -9.63 -9.84
C VAL C 263 -17.58 -8.12 -9.93
N SER C 264 -16.79 -7.55 -10.82
CA SER C 264 -16.74 -6.09 -10.95
C SER C 264 -17.90 -5.54 -11.78
N CYS C 265 -18.90 -4.98 -11.12
CA CYS C 265 -20.01 -4.31 -11.78
C CYS C 265 -20.63 -3.29 -10.85
N ALA C 266 -21.51 -2.44 -11.38
CA ALA C 266 -22.13 -1.40 -10.59
C ALA C 266 -22.94 -1.90 -9.39
N VAL C 267 -23.62 -3.04 -9.55
CA VAL C 267 -24.49 -3.57 -8.49
C VAL C 267 -24.15 -5.06 -8.19
N PRO C 268 -23.03 -5.26 -7.51
CA PRO C 268 -22.53 -6.63 -7.25
C PRO C 268 -23.22 -7.33 -6.07
N THR C 269 -24.54 -7.26 -6.03
CA THR C 269 -25.34 -7.92 -5.01
C THR C 269 -26.38 -8.85 -5.64
N GLY C 270 -26.15 -9.25 -6.89
CA GLY C 270 -27.01 -10.22 -7.57
C GLY C 270 -26.40 -11.60 -7.54
N ASN C 271 -26.50 -12.33 -8.64
CA ASN C 271 -25.95 -13.67 -8.67
C ASN C 271 -25.78 -14.05 -10.12
N SER C 272 -24.53 -14.08 -10.59
CA SER C 272 -24.22 -14.24 -12.00
C SER C 272 -24.53 -15.65 -12.52
N LEU C 273 -24.72 -16.60 -11.60
CA LEU C 273 -25.03 -17.99 -11.98
C LEU C 273 -26.54 -18.25 -12.10
N SER C 274 -27.34 -17.45 -11.42
CA SER C 274 -28.76 -17.73 -11.35
C SER C 274 -29.62 -16.69 -12.07
N GLU C 275 -29.28 -15.42 -11.88
CA GLU C 275 -30.10 -14.34 -12.40
C GLU C 275 -30.24 -14.36 -13.94
N PRO C 276 -29.17 -14.62 -14.68
CA PRO C 276 -29.34 -14.70 -16.15
C PRO C 276 -30.36 -15.77 -16.56
N TYR C 277 -30.44 -16.88 -15.83
CA TYR C 277 -31.41 -17.90 -16.17
C TYR C 277 -32.82 -17.48 -15.79
N ILE C 278 -32.96 -16.76 -14.68
CA ILE C 278 -34.28 -16.28 -14.27
C ILE C 278 -34.86 -15.28 -15.27
N VAL C 279 -34.04 -14.31 -15.66
CA VAL C 279 -34.46 -13.26 -16.60
C VAL C 279 -34.81 -13.95 -17.94
N ALA C 280 -33.97 -14.91 -18.37
CA ALA C 280 -34.19 -15.61 -19.66
C ALA C 280 -35.53 -16.34 -19.65
N HIS C 281 -35.80 -17.04 -18.55
CA HIS C 281 -37.01 -17.81 -18.44
C HIS C 281 -38.26 -16.91 -18.48
N ASN C 282 -38.23 -15.82 -17.73
CA ASN C 282 -39.35 -14.90 -17.73
C ASN C 282 -39.55 -14.25 -19.11
N LEU C 283 -38.44 -13.99 -19.80
CA LEU C 283 -38.49 -13.41 -21.12
C LEU C 283 -39.14 -14.39 -22.12
N LEU C 284 -38.76 -15.66 -22.04
CA LEU C 284 -39.33 -16.70 -22.91
C LEU C 284 -40.80 -16.96 -22.58
N ARG C 285 -41.15 -16.91 -21.30
CA ARG C 285 -42.57 -17.00 -20.96
C ARG C 285 -43.36 -15.83 -21.54
N ALA C 286 -42.82 -14.62 -21.47
CA ALA C 286 -43.49 -13.46 -22.01
C ALA C 286 -43.59 -13.56 -23.55
N HIS C 287 -42.52 -14.06 -24.16
CA HIS C 287 -42.54 -14.27 -25.61
C HIS C 287 -43.69 -15.21 -26.02
N ALA C 288 -43.79 -16.36 -25.36
CA ALA C 288 -44.80 -17.35 -25.74
C ALA C 288 -46.23 -16.79 -25.66
N GLU C 289 -46.49 -16.07 -24.57
CA GLU C 289 -47.82 -15.51 -24.34
C GLU C 289 -48.12 -14.43 -25.38
N THR C 290 -47.12 -13.61 -25.65
CA THR C 290 -47.29 -12.51 -26.60
C THR C 290 -47.56 -13.02 -28.02
N VAL C 291 -46.84 -14.06 -28.43
CA VAL C 291 -47.08 -14.64 -29.74
C VAL C 291 -48.48 -15.23 -29.76
N ASP C 292 -48.90 -15.84 -28.65
CA ASP C 292 -50.27 -16.38 -28.62
C ASP C 292 -51.32 -15.29 -28.83
N ILE C 293 -51.17 -14.17 -28.13
CA ILE C 293 -52.09 -13.04 -28.25
C ILE C 293 -52.05 -12.49 -29.68
N TYR C 294 -50.85 -12.36 -30.24
CA TYR C 294 -50.71 -11.84 -31.60
C TYR C 294 -51.45 -12.75 -32.58
N ASN C 295 -51.25 -14.06 -32.47
CA ASN C 295 -51.86 -15.02 -33.39
C ASN C 295 -53.39 -14.95 -33.28
N LYS C 296 -53.87 -14.81 -32.05
CA LYS C 296 -55.31 -14.85 -31.81
C LYS C 296 -56.04 -13.59 -32.30
N TYR C 297 -55.41 -12.43 -32.14
CA TYR C 297 -56.14 -11.18 -32.35
C TYR C 297 -55.61 -10.22 -33.40
N HIS C 298 -54.38 -10.42 -33.89
CA HIS C 298 -53.76 -9.38 -34.68
C HIS C 298 -53.06 -9.85 -35.96
N LYS C 299 -52.71 -11.11 -36.03
CA LYS C 299 -51.91 -11.60 -37.16
C LYS C 299 -52.68 -11.47 -38.49
N GLY C 300 -53.95 -11.85 -38.47
CA GLY C 300 -54.77 -11.78 -39.67
C GLY C 300 -54.10 -12.54 -40.81
N ALA C 301 -54.15 -11.96 -42.00
CA ALA C 301 -53.70 -12.67 -43.20
C ALA C 301 -52.22 -12.47 -43.50
N ASP C 302 -51.63 -11.41 -42.95
CA ASP C 302 -50.30 -11.02 -43.40
C ASP C 302 -49.28 -10.75 -42.28
N GLY C 303 -49.72 -10.73 -41.02
CA GLY C 303 -48.82 -10.38 -39.93
C GLY C 303 -47.81 -11.47 -39.61
N ARG C 304 -46.66 -11.07 -39.08
CA ARG C 304 -45.66 -12.05 -38.65
C ARG C 304 -44.98 -11.57 -37.37
N ILE C 305 -44.59 -12.51 -36.53
CA ILE C 305 -43.93 -12.17 -35.28
C ILE C 305 -42.81 -13.16 -35.01
N GLY C 306 -41.69 -12.66 -34.48
CA GLY C 306 -40.57 -13.52 -34.14
C GLY C 306 -39.73 -12.84 -33.05
N LEU C 307 -38.44 -13.14 -33.01
CA LEU C 307 -37.54 -12.44 -32.10
C LEU C 307 -36.16 -12.40 -32.74
N ALA C 308 -35.28 -11.53 -32.25
CA ALA C 308 -33.97 -11.29 -32.85
C ALA C 308 -32.89 -11.79 -31.89
N LEU C 309 -32.10 -12.76 -32.33
CA LEU C 309 -31.12 -13.42 -31.46
C LEU C 309 -29.71 -12.98 -31.84
N ASN C 310 -28.89 -12.60 -30.86
CA ASN C 310 -27.48 -12.39 -31.16
C ASN C 310 -26.85 -13.75 -31.21
N VAL C 311 -26.00 -13.96 -32.20
CA VAL C 311 -25.33 -15.24 -32.30
C VAL C 311 -23.87 -14.97 -32.60
N PHE C 312 -22.99 -15.33 -31.66
CA PHE C 312 -21.56 -15.37 -31.97
C PHE C 312 -21.24 -16.61 -32.78
N GLY C 313 -20.42 -16.48 -33.82
CA GLY C 313 -19.93 -17.67 -34.49
C GLY C 313 -18.99 -18.36 -33.51
N ARG C 314 -18.97 -19.70 -33.51
CA ARG C 314 -18.02 -20.44 -32.69
C ARG C 314 -17.31 -21.47 -33.55
N VAL C 315 -15.98 -21.45 -33.50
CA VAL C 315 -15.14 -22.32 -34.31
C VAL C 315 -14.34 -23.19 -33.36
N PRO C 316 -14.33 -24.50 -33.53
CA PRO C 316 -13.59 -25.35 -32.59
C PRO C 316 -12.13 -24.88 -32.55
N TYR C 317 -11.57 -24.74 -31.36
CA TYR C 317 -10.19 -24.29 -31.19
C TYR C 317 -9.23 -25.20 -31.97
N THR C 318 -9.48 -26.51 -31.94
CA THR C 318 -8.85 -27.48 -32.86
C THR C 318 -9.91 -28.41 -33.43
N ASN C 319 -9.59 -29.14 -34.49
CA ASN C 319 -10.56 -30.06 -35.08
C ASN C 319 -10.41 -31.42 -34.40
N THR C 320 -10.50 -31.38 -33.08
CA THR C 320 -10.32 -32.50 -32.16
C THR C 320 -11.68 -32.67 -31.50
N PHE C 321 -12.08 -33.90 -31.13
CA PHE C 321 -13.42 -34.05 -30.54
C PHE C 321 -13.68 -33.21 -29.28
N LEU C 322 -12.67 -32.99 -28.43
CA LEU C 322 -12.92 -32.23 -27.20
C LEU C 322 -13.31 -30.78 -27.49
N ASP C 323 -12.62 -30.16 -28.45
CA ASP C 323 -12.93 -28.79 -28.81
C ASP C 323 -14.16 -28.66 -29.70
N GLN C 324 -14.43 -29.69 -30.50
CA GLN C 324 -15.69 -29.76 -31.25
C GLN C 324 -16.83 -29.84 -30.27
N GLN C 325 -16.66 -30.64 -29.21
CA GLN C 325 -17.71 -30.72 -28.18
C GLN C 325 -17.88 -29.38 -27.49
N ALA C 326 -16.77 -28.71 -27.23
CA ALA C 326 -16.83 -27.39 -26.58
C ALA C 326 -17.53 -26.37 -27.47
N GLN C 327 -17.27 -26.45 -28.78
CA GLN C 327 -17.94 -25.54 -29.70
C GLN C 327 -19.44 -25.79 -29.68
N GLU C 328 -19.83 -27.06 -29.62
CA GLU C 328 -21.26 -27.40 -29.57
C GLU C 328 -21.95 -26.91 -28.30
N ARG C 329 -21.32 -27.13 -27.15
CA ARG C 329 -21.84 -26.56 -25.90
C ARG C 329 -21.93 -25.05 -25.97
N SER C 330 -20.98 -24.42 -26.66
CA SER C 330 -20.96 -22.94 -26.71
C SER C 330 -22.08 -22.43 -27.62
N MET C 331 -22.30 -23.09 -28.75
CA MET C 331 -23.46 -22.71 -29.58
C MET C 331 -24.75 -22.89 -28.79
N ASP C 332 -24.86 -24.01 -28.08
CA ASP C 332 -26.07 -24.26 -27.28
C ASP C 332 -26.34 -23.12 -26.29
N LYS C 333 -25.26 -22.61 -25.68
CA LYS C 333 -25.42 -21.62 -24.62
C LYS C 333 -25.67 -20.20 -25.14
N CYS C 334 -25.45 -20.00 -26.44
CA CYS C 334 -25.76 -18.71 -27.03
C CYS C 334 -27.04 -18.80 -27.87
N LEU C 335 -26.98 -19.56 -28.96
CA LEU C 335 -28.12 -19.62 -29.87
C LEU C 335 -29.19 -20.52 -29.27
N GLY C 336 -28.76 -21.68 -28.78
CA GLY C 336 -29.71 -22.69 -28.32
C GLY C 336 -30.57 -22.27 -27.14
N TRP C 337 -30.00 -21.46 -26.25
CA TRP C 337 -30.68 -21.02 -25.02
C TRP C 337 -32.05 -20.44 -25.34
N PHE C 338 -32.15 -19.67 -26.44
CA PHE C 338 -33.43 -19.08 -26.82
C PHE C 338 -34.07 -19.77 -28.00
N LEU C 339 -33.25 -20.32 -28.90
CA LEU C 339 -33.84 -20.91 -30.11
C LEU C 339 -34.50 -22.25 -29.82
N GLU C 340 -33.88 -23.09 -28.97
CA GLU C 340 -34.50 -24.38 -28.75
C GLU C 340 -35.83 -24.30 -28.02
N PRO C 341 -35.96 -23.43 -27.02
CA PRO C 341 -37.29 -23.20 -26.46
C PRO C 341 -38.35 -22.85 -27.53
N VAL C 342 -38.08 -21.92 -28.45
CA VAL C 342 -39.14 -21.54 -29.40
C VAL C 342 -39.32 -22.59 -30.53
N VAL C 343 -38.31 -23.41 -30.74
CA VAL C 343 -38.36 -24.43 -31.77
C VAL C 343 -39.01 -25.71 -31.25
N ARG C 344 -38.68 -26.13 -30.03
CA ARG C 344 -39.11 -27.43 -29.55
C ARG C 344 -39.74 -27.42 -28.16
N GLY C 345 -39.71 -26.28 -27.49
CA GLY C 345 -40.38 -26.14 -26.21
C GLY C 345 -39.50 -26.34 -24.98
N ASP C 346 -38.20 -26.57 -25.15
CA ASP C 346 -37.32 -26.65 -23.97
C ASP C 346 -35.91 -26.20 -24.30
N TYR C 347 -35.11 -25.95 -23.25
CA TYR C 347 -33.73 -25.54 -23.43
C TYR C 347 -32.89 -26.71 -23.94
N PRO C 348 -31.70 -26.43 -24.48
CA PRO C 348 -30.83 -27.51 -24.96
C PRO C 348 -30.47 -28.47 -23.82
N PHE C 349 -30.39 -29.76 -24.14
CA PHE C 349 -29.97 -30.77 -23.18
C PHE C 349 -28.65 -30.36 -22.49
N SER C 350 -27.69 -29.88 -23.28
CA SER C 350 -26.38 -29.58 -22.68
C SER C 350 -26.51 -28.53 -21.56
N MET C 351 -27.45 -27.58 -21.72
CA MET C 351 -27.60 -26.50 -20.73
C MET C 351 -28.18 -27.05 -19.43
N ARG C 352 -29.12 -27.98 -19.54
CA ARG C 352 -29.74 -28.59 -18.35
C ARG C 352 -28.78 -29.52 -17.65
N VAL C 353 -28.06 -30.36 -18.41
CA VAL C 353 -27.21 -31.34 -17.73
C VAL C 353 -26.05 -30.61 -17.02
N SER C 354 -25.68 -29.43 -17.55
CA SER C 354 -24.63 -28.63 -16.89
C SER C 354 -25.13 -27.84 -15.67
N ALA C 355 -26.13 -26.99 -15.88
CA ALA C 355 -26.57 -26.01 -14.88
C ALA C 355 -27.68 -26.53 -13.94
N ARG C 356 -28.29 -27.66 -14.32
CA ARG C 356 -29.25 -28.40 -13.46
C ARG C 356 -30.35 -27.53 -12.87
N ASP C 357 -30.42 -27.44 -11.54
CA ASP C 357 -31.55 -26.73 -10.89
C ASP C 357 -31.59 -25.23 -11.15
N ARG C 358 -30.52 -24.67 -11.70
CA ARG C 358 -30.53 -23.24 -12.02
C ARG C 358 -31.31 -22.96 -13.30
N VAL C 359 -31.68 -24.00 -14.04
CA VAL C 359 -32.51 -23.82 -15.25
C VAL C 359 -33.98 -24.18 -14.94
N PRO C 360 -34.87 -23.20 -14.92
CA PRO C 360 -36.28 -23.46 -14.63
C PRO C 360 -36.96 -24.30 -15.70
N TYR C 361 -38.10 -24.89 -15.35
CA TYR C 361 -38.92 -25.68 -16.26
C TYR C 361 -40.17 -24.90 -16.62
N PHE C 362 -40.55 -24.93 -17.90
CA PHE C 362 -41.78 -24.33 -18.36
C PHE C 362 -42.99 -25.16 -17.91
N LYS C 363 -44.10 -24.48 -17.65
CA LYS C 363 -45.34 -25.18 -17.34
C LYS C 363 -45.94 -25.76 -18.61
N GLU C 364 -46.83 -26.74 -18.45
CA GLU C 364 -47.34 -27.48 -19.61
C GLU C 364 -48.00 -26.60 -20.64
N LYS C 365 -48.82 -25.67 -20.17
CA LYS C 365 -49.60 -24.84 -21.09
C LYS C 365 -48.71 -23.82 -21.82
N GLU C 366 -47.82 -23.19 -21.07
CA GLU C 366 -46.75 -22.34 -21.61
C GLU C 366 -45.97 -22.99 -22.70
N GLN C 367 -45.52 -24.20 -22.40
CA GLN C 367 -44.70 -24.97 -23.29
C GLN C 367 -45.39 -25.18 -24.63
N GLU C 368 -46.69 -25.48 -24.59
CA GLU C 368 -47.47 -25.68 -25.82
C GLU C 368 -47.47 -24.39 -26.63
N LYS C 369 -47.62 -23.26 -25.95
CA LYS C 369 -47.59 -21.96 -26.64
C LYS C 369 -46.19 -21.65 -27.17
N LEU C 370 -45.17 -22.13 -26.48
CA LEU C 370 -43.77 -21.85 -26.86
C LEU C 370 -43.34 -22.55 -28.14
N VAL C 371 -43.77 -23.81 -28.32
CA VAL C 371 -43.38 -24.60 -29.49
C VAL C 371 -43.83 -23.93 -30.78
N GLY C 372 -42.88 -23.64 -31.67
CA GLY C 372 -43.18 -23.01 -32.94
C GLY C 372 -43.64 -21.56 -32.86
N SER C 373 -43.26 -20.86 -31.78
CA SER C 373 -43.74 -19.49 -31.54
C SER C 373 -42.92 -18.43 -32.33
N TYR C 374 -42.86 -18.60 -33.64
CA TYR C 374 -42.19 -17.62 -34.49
C TYR C 374 -42.66 -17.84 -35.91
N ASP C 375 -42.72 -16.75 -36.67
CA ASP C 375 -42.88 -16.81 -38.12
C ASP C 375 -41.54 -16.55 -38.82
N MET C 376 -40.61 -15.95 -38.09
CA MET C 376 -39.27 -15.69 -38.62
C MET C 376 -38.30 -15.55 -37.46
N ILE C 377 -37.02 -15.77 -37.73
CA ILE C 377 -36.01 -15.56 -36.70
C ILE C 377 -35.05 -14.48 -37.18
N GLY C 378 -34.81 -13.47 -36.35
CA GLY C 378 -33.78 -12.49 -36.65
C GLY C 378 -32.43 -12.99 -36.14
N ILE C 379 -31.39 -12.78 -36.94
CA ILE C 379 -30.01 -13.08 -36.52
C ILE C 379 -29.24 -11.79 -36.45
N ASN C 380 -28.69 -11.49 -35.27
CA ASN C 380 -27.84 -10.33 -35.09
C ASN C 380 -26.42 -10.87 -35.11
N TYR C 381 -25.65 -10.57 -36.16
CA TYR C 381 -24.30 -11.15 -36.29
C TYR C 381 -23.22 -10.06 -36.36
N TYR C 382 -22.23 -10.18 -35.46
CA TYR C 382 -21.10 -9.27 -35.39
C TYR C 382 -19.75 -9.96 -35.57
N THR C 383 -19.55 -11.09 -34.90
CA THR C 383 -18.21 -11.68 -34.86
C THR C 383 -18.21 -13.14 -34.40
N SER C 384 -17.03 -13.76 -34.35
CA SER C 384 -16.91 -15.17 -33.97
C SER C 384 -15.70 -15.32 -33.08
N THR C 385 -15.65 -16.41 -32.31
CA THR C 385 -14.46 -16.78 -31.56
C THR C 385 -14.14 -18.25 -31.77
N PHE C 386 -12.96 -18.67 -31.30
CA PHE C 386 -12.70 -20.07 -31.15
C PHE C 386 -13.30 -20.51 -29.83
N SER C 387 -13.70 -21.77 -29.76
CA SER C 387 -14.20 -22.33 -28.50
C SER C 387 -13.25 -23.46 -28.08
N LYS C 388 -12.76 -23.38 -26.85
CA LYS C 388 -11.76 -24.34 -26.36
C LYS C 388 -12.26 -25.05 -25.11
N HIS C 389 -12.13 -26.38 -25.12
CA HIS C 389 -12.69 -27.23 -24.07
C HIS C 389 -12.11 -26.91 -22.67
N ILE C 390 -12.97 -26.97 -21.67
CA ILE C 390 -12.54 -26.94 -20.27
C ILE C 390 -13.03 -28.23 -19.62
N ASP C 391 -12.13 -28.94 -18.91
CA ASP C 391 -12.54 -30.18 -18.25
C ASP C 391 -13.42 -29.97 -17.01
N LEU C 392 -14.29 -30.94 -16.77
CA LEU C 392 -15.13 -30.95 -15.57
C LEU C 392 -14.28 -31.55 -14.43
N SER C 393 -13.96 -30.73 -13.44
CA SER C 393 -13.13 -31.22 -12.34
C SER C 393 -13.36 -30.43 -11.07
N PRO C 394 -12.89 -30.95 -9.93
CA PRO C 394 -13.02 -30.22 -8.66
C PRO C 394 -12.27 -28.88 -8.71
N ASN C 395 -11.37 -28.73 -9.67
CA ASN C 395 -10.60 -27.48 -9.83
C ASN C 395 -11.33 -26.35 -10.59
N ASN C 396 -12.44 -26.66 -11.22
CA ASN C 396 -13.19 -25.65 -11.97
C ASN C 396 -14.57 -25.49 -11.37
N SER C 397 -14.90 -24.25 -11.02
CA SER C 397 -16.22 -23.90 -10.48
C SER C 397 -16.75 -22.71 -11.26
N PRO C 398 -17.88 -22.87 -11.95
CA PRO C 398 -18.50 -21.74 -12.67
C PRO C 398 -18.75 -20.52 -11.79
N VAL C 399 -18.46 -19.34 -12.33
CA VAL C 399 -18.75 -18.08 -11.65
C VAL C 399 -19.82 -17.29 -12.41
N LEU C 400 -19.68 -17.23 -13.73
CA LEU C 400 -20.70 -16.61 -14.61
C LEU C 400 -21.56 -17.66 -15.30
N ASN C 401 -22.80 -17.32 -15.64
CA ASN C 401 -23.66 -18.28 -16.34
C ASN C 401 -22.96 -18.86 -17.58
N THR C 402 -22.16 -18.03 -18.28
CA THR C 402 -21.49 -18.52 -19.48
C THR C 402 -20.43 -19.60 -19.20
N ASP C 403 -19.97 -19.70 -17.96
CA ASP C 403 -19.01 -20.73 -17.58
C ASP C 403 -19.66 -22.12 -17.60
N ASP C 404 -20.98 -22.12 -17.63
CA ASP C 404 -21.70 -23.39 -17.66
C ASP C 404 -21.47 -24.15 -18.97
N ALA C 405 -20.94 -23.46 -19.99
CA ALA C 405 -20.60 -24.14 -21.26
C ALA C 405 -19.33 -24.98 -21.23
N TYR C 406 -18.55 -24.89 -20.16
CA TYR C 406 -17.28 -25.62 -20.06
C TYR C 406 -16.40 -25.36 -21.29
N ALA C 407 -16.27 -24.08 -21.63
CA ALA C 407 -15.49 -23.71 -22.83
C ALA C 407 -14.96 -22.31 -22.60
N SER C 408 -13.75 -22.04 -23.05
CA SER C 408 -13.31 -20.66 -23.05
C SER C 408 -13.45 -20.15 -24.48
N GLN C 409 -13.74 -18.86 -24.63
CA GLN C 409 -13.91 -18.27 -25.97
C GLN C 409 -12.65 -17.46 -26.27
N GLU C 410 -11.86 -17.93 -27.22
CA GLU C 410 -10.55 -17.36 -27.48
C GLU C 410 -10.61 -16.55 -28.76
N THR C 411 -10.01 -15.36 -28.77
CA THR C 411 -9.86 -14.67 -30.05
C THR C 411 -8.64 -15.14 -30.86
N LYS C 412 -7.66 -15.75 -30.18
CA LYS C 412 -6.48 -16.31 -30.86
C LYS C 412 -6.54 -17.84 -30.94
N GLY C 413 -6.24 -18.40 -32.10
CA GLY C 413 -6.25 -19.83 -32.34
C GLY C 413 -4.95 -20.52 -31.97
N PRO C 414 -4.85 -21.82 -32.20
CA PRO C 414 -3.71 -22.61 -31.74
C PRO C 414 -2.45 -22.37 -32.60
N ASP C 415 -2.57 -21.59 -33.67
CA ASP C 415 -1.40 -21.20 -34.47
C ASP C 415 -0.96 -19.78 -34.13
N GLY C 416 -1.62 -19.19 -33.13
CA GLY C 416 -1.30 -17.87 -32.63
C GLY C 416 -1.99 -16.74 -33.41
N ASN C 417 -2.83 -17.11 -34.36
CA ASN C 417 -3.47 -16.13 -35.22
C ASN C 417 -4.82 -15.74 -34.68
N ALA C 418 -5.13 -14.45 -34.77
CA ALA C 418 -6.46 -13.97 -34.40
C ALA C 418 -7.48 -14.59 -35.35
N ILE C 419 -8.73 -14.78 -34.89
CA ILE C 419 -9.73 -15.39 -35.77
C ILE C 419 -9.93 -14.54 -37.01
N GLY C 420 -9.88 -13.22 -36.81
CA GLY C 420 -9.91 -12.22 -37.87
C GLY C 420 -9.42 -10.90 -37.31
N PRO C 421 -9.20 -9.89 -38.17
CA PRO C 421 -8.61 -8.62 -37.74
C PRO C 421 -9.61 -7.74 -36.99
N PRO C 422 -9.10 -6.87 -36.14
CA PRO C 422 -9.96 -5.97 -35.35
C PRO C 422 -10.60 -4.98 -36.29
N THR C 423 -11.78 -4.49 -35.94
CA THR C 423 -12.47 -3.53 -36.78
C THR C 423 -12.51 -2.17 -36.12
N GLY C 424 -12.09 -2.11 -34.86
CA GLY C 424 -12.05 -0.84 -34.18
C GLY C 424 -12.22 -0.93 -32.68
N ASN C 425 -13.31 -1.56 -32.23
CA ASN C 425 -13.61 -1.64 -30.80
C ASN C 425 -12.94 -2.86 -30.12
N ALA C 426 -13.37 -3.19 -28.90
CA ALA C 426 -12.64 -4.22 -28.14
C ALA C 426 -12.97 -5.67 -28.52
N TRP C 427 -14.05 -5.89 -29.28
CA TRP C 427 -14.59 -7.23 -29.43
C TRP C 427 -15.02 -7.68 -30.83
N ILE C 428 -15.22 -6.74 -31.75
CA ILE C 428 -15.72 -7.11 -33.09
C ILE C 428 -14.54 -7.39 -34.01
N ASN C 429 -14.23 -8.65 -34.12
CA ASN C 429 -13.21 -9.08 -35.07
C ASN C 429 -13.89 -9.53 -36.36
N MET C 430 -13.27 -9.16 -37.48
CA MET C 430 -13.88 -9.41 -38.78
C MET C 430 -13.83 -10.88 -39.19
N TYR C 431 -14.99 -11.56 -39.22
CA TYR C 431 -15.04 -12.99 -39.58
C TYR C 431 -16.36 -13.35 -40.25
N PRO C 432 -16.53 -12.89 -41.49
CA PRO C 432 -17.80 -13.08 -42.18
C PRO C 432 -18.14 -14.58 -42.37
N LYS C 433 -17.14 -15.46 -42.43
CA LYS C 433 -17.43 -16.90 -42.58
C LYS C 433 -18.32 -17.43 -41.44
N GLY C 434 -18.19 -16.81 -40.27
CA GLY C 434 -19.02 -17.18 -39.13
C GLY C 434 -20.50 -17.06 -39.43
N LEU C 435 -20.87 -16.05 -40.19
CA LEU C 435 -22.28 -15.87 -40.60
C LEU C 435 -22.75 -17.05 -41.44
N HIS C 436 -21.91 -17.49 -42.37
CA HIS C 436 -22.20 -18.72 -43.14
C HIS C 436 -22.39 -19.97 -42.26
N ASP C 437 -21.49 -20.17 -41.29
CA ASP C 437 -21.53 -21.33 -40.41
C ASP C 437 -22.87 -21.32 -39.67
N ILE C 438 -23.25 -20.14 -39.15
CA ILE C 438 -24.49 -20.03 -38.38
C ILE C 438 -25.71 -20.29 -39.29
N LEU C 439 -25.70 -19.72 -40.50
CA LEU C 439 -26.86 -19.94 -41.36
C LEU C 439 -26.96 -21.41 -41.79
N MET C 440 -25.84 -22.10 -41.95
CA MET C 440 -25.90 -23.52 -42.33
C MET C 440 -26.45 -24.34 -41.16
N THR C 441 -26.09 -23.98 -39.94
CA THR C 441 -26.68 -24.59 -38.78
C THR C 441 -28.20 -24.35 -38.72
N MET C 442 -28.63 -23.11 -38.94
CA MET C 442 -30.07 -22.83 -38.96
C MET C 442 -30.76 -23.68 -40.05
N LYS C 443 -30.13 -23.76 -41.22
CA LYS C 443 -30.71 -24.51 -42.34
C LYS C 443 -30.78 -26.01 -42.07
N ASN C 444 -29.68 -26.57 -41.62
CA ASN C 444 -29.54 -28.00 -41.55
C ASN C 444 -30.04 -28.65 -40.24
N LYS C 445 -29.95 -27.91 -39.15
CA LYS C 445 -30.28 -28.45 -37.84
C LYS C 445 -31.66 -28.04 -37.34
N TYR C 446 -32.04 -26.79 -37.63
CA TYR C 446 -33.22 -26.22 -36.98
C TYR C 446 -34.35 -25.92 -37.99
N GLY C 447 -34.31 -26.57 -39.14
CA GLY C 447 -35.47 -26.52 -40.04
C GLY C 447 -35.50 -25.41 -41.08
N ASN C 448 -34.47 -24.60 -41.15
CA ASN C 448 -34.44 -23.52 -42.16
C ASN C 448 -35.65 -22.60 -42.13
N PRO C 449 -35.90 -21.95 -40.98
CA PRO C 449 -37.02 -21.03 -40.85
C PRO C 449 -36.72 -19.74 -41.64
N PRO C 450 -37.72 -18.93 -41.95
CA PRO C 450 -37.47 -17.62 -42.57
C PRO C 450 -36.61 -16.79 -41.64
N MET C 451 -35.54 -16.21 -42.18
CA MET C 451 -34.57 -15.46 -41.35
C MET C 451 -34.32 -14.10 -41.93
N TYR C 452 -33.98 -13.14 -41.06
CA TYR C 452 -33.52 -11.81 -41.43
C TYR C 452 -32.21 -11.59 -40.68
N ILE C 453 -31.21 -10.96 -41.32
CA ILE C 453 -30.04 -10.46 -40.58
C ILE C 453 -30.49 -9.13 -39.97
N THR C 454 -30.95 -9.19 -38.73
CA THR C 454 -31.60 -8.02 -38.11
C THR C 454 -30.59 -6.99 -37.58
N GLU C 455 -29.33 -7.38 -37.46
CA GLU C 455 -28.23 -6.45 -37.18
C GLU C 455 -26.94 -7.02 -37.76
N ASN C 456 -26.12 -6.16 -38.34
CA ASN C 456 -24.73 -6.50 -38.71
C ASN C 456 -23.98 -5.19 -38.86
N GLY C 457 -22.82 -5.05 -38.20
CA GLY C 457 -22.10 -3.79 -38.30
C GLY C 457 -20.90 -3.74 -37.39
N MET C 458 -20.28 -2.56 -37.26
CA MET C 458 -19.06 -2.43 -36.48
C MET C 458 -18.89 -0.98 -36.06
N GLY C 459 -17.95 -0.71 -35.14
CA GLY C 459 -17.80 0.60 -34.55
C GLY C 459 -16.46 1.23 -34.88
N ASP C 460 -16.48 2.53 -35.14
CA ASP C 460 -15.27 3.33 -35.24
C ASP C 460 -15.06 4.02 -33.90
N ILE C 461 -13.83 4.02 -33.40
CA ILE C 461 -13.55 4.67 -32.14
C ILE C 461 -13.50 6.20 -32.28
N ASP C 462 -14.19 6.91 -31.37
CA ASP C 462 -14.15 8.37 -31.34
C ASP C 462 -14.04 8.80 -29.88
N LYS C 463 -12.81 9.12 -29.48
CA LYS C 463 -12.54 9.66 -28.15
C LYS C 463 -12.33 11.18 -28.16
N GLY C 464 -13.09 11.89 -28.98
CA GLY C 464 -13.02 13.35 -29.07
C GLY C 464 -11.92 13.85 -30.00
N ASP C 465 -11.17 12.89 -30.54
CA ASP C 465 -10.05 13.12 -31.44
C ASP C 465 -10.49 13.23 -32.91
N LEU C 466 -11.44 12.37 -33.30
CA LEU C 466 -11.77 12.06 -34.70
C LEU C 466 -12.35 13.23 -35.51
N PRO C 467 -11.61 13.75 -36.47
CA PRO C 467 -12.15 14.80 -37.35
C PRO C 467 -13.32 14.24 -38.17
N LYS C 468 -14.39 15.03 -38.31
CA LYS C 468 -15.55 14.59 -39.10
C LYS C 468 -15.20 14.04 -40.50
N PRO C 469 -14.32 14.70 -41.25
CA PRO C 469 -13.91 14.16 -42.57
C PRO C 469 -13.35 12.73 -42.54
N VAL C 470 -12.61 12.40 -41.49
CA VAL C 470 -12.08 11.07 -41.35
C VAL C 470 -13.20 10.10 -40.94
N ALA C 471 -14.10 10.55 -40.06
CA ALA C 471 -15.23 9.69 -39.67
C ALA C 471 -16.16 9.35 -40.86
N LEU C 472 -16.30 10.27 -41.82
CA LEU C 472 -17.16 10.03 -42.99
C LEU C 472 -16.55 9.00 -43.94
N GLU C 473 -15.23 8.90 -43.95
CA GLU C 473 -14.54 8.01 -44.87
C GLU C 473 -14.37 6.63 -44.23
N ASP C 474 -15.49 5.96 -44.04
CA ASP C 474 -15.49 4.76 -43.22
C ASP C 474 -15.24 3.49 -44.04
N HIS C 475 -14.00 3.39 -44.51
CA HIS C 475 -13.62 2.32 -45.42
C HIS C 475 -13.68 0.94 -44.77
N THR C 476 -13.32 0.87 -43.48
CA THR C 476 -13.40 -0.40 -42.75
C THR C 476 -14.85 -0.89 -42.70
N ARG C 477 -15.78 -0.01 -42.33
CA ARG C 477 -17.19 -0.38 -42.30
C ARG C 477 -17.67 -0.79 -43.70
N LEU C 478 -17.30 0.00 -44.70
CA LEU C 478 -17.78 -0.36 -46.07
C LEU C 478 -17.29 -1.74 -46.46
N ASP C 479 -16.01 -2.00 -46.22
CA ASP C 479 -15.43 -3.34 -46.45
C ASP C 479 -16.17 -4.45 -45.64
N TYR C 480 -16.45 -4.17 -44.38
CA TYR C 480 -17.18 -5.11 -43.49
C TYR C 480 -18.58 -5.46 -44.05
N ILE C 481 -19.33 -4.44 -44.46
CA ILE C 481 -20.65 -4.65 -45.01
C ILE C 481 -20.58 -5.48 -46.32
N GLN C 482 -19.71 -5.07 -47.24
CA GLN C 482 -19.60 -5.78 -48.52
C GLN C 482 -19.23 -7.23 -48.32
N ARG C 483 -18.31 -7.50 -47.39
CA ARG C 483 -17.89 -8.91 -47.19
C ARG C 483 -18.98 -9.75 -46.52
N HIS C 484 -19.72 -9.17 -45.58
CA HIS C 484 -20.86 -9.92 -45.02
C HIS C 484 -21.98 -10.14 -46.05
N LEU C 485 -22.21 -9.17 -46.92
CA LEU C 485 -23.22 -9.34 -47.97
C LEU C 485 -22.79 -10.42 -48.97
N SER C 486 -21.48 -10.48 -49.25
CA SER C 486 -20.95 -11.54 -50.11
C SER C 486 -21.21 -12.94 -49.51
N VAL C 487 -20.92 -13.09 -48.22
CA VAL C 487 -21.14 -14.36 -47.54
C VAL C 487 -22.63 -14.67 -47.46
N LEU C 488 -23.46 -13.64 -47.29
CA LEU C 488 -24.91 -13.84 -47.29
C LEU C 488 -25.40 -14.39 -48.62
N LYS C 489 -24.85 -13.84 -49.70
CA LYS C 489 -25.21 -14.34 -51.03
C LYS C 489 -24.82 -15.80 -51.14
N GLN C 490 -23.62 -16.17 -50.65
CA GLN C 490 -23.17 -17.56 -50.73
C GLN C 490 -24.13 -18.47 -49.94
N SER C 491 -24.58 -17.98 -48.79
CA SER C 491 -25.48 -18.75 -47.91
C SER C 491 -26.86 -18.93 -48.53
N ILE C 492 -27.38 -17.87 -49.11
CA ILE C 492 -28.65 -17.95 -49.82
C ILE C 492 -28.56 -18.92 -51.03
N ASP C 493 -27.46 -18.86 -51.76
CA ASP C 493 -27.23 -19.79 -52.87
C ASP C 493 -27.21 -21.23 -52.40
N LEU C 494 -26.74 -21.45 -51.17
CA LEU C 494 -26.68 -22.79 -50.60
C LEU C 494 -28.02 -23.20 -49.95
N GLY C 495 -29.03 -22.34 -50.07
CA GLY C 495 -30.39 -22.68 -49.67
C GLY C 495 -30.91 -22.17 -48.34
N ALA C 496 -30.11 -21.38 -47.61
CA ALA C 496 -30.60 -20.74 -46.39
C ALA C 496 -31.71 -19.74 -46.69
N ASP C 497 -32.81 -19.80 -45.94
CA ASP C 497 -33.94 -18.93 -46.22
C ASP C 497 -33.80 -17.54 -45.59
N VAL C 498 -32.82 -16.76 -46.03
CA VAL C 498 -32.67 -15.39 -45.51
C VAL C 498 -33.35 -14.41 -46.43
N ARG C 499 -34.08 -13.46 -45.86
CA ARG C 499 -34.95 -12.61 -46.68
C ARG C 499 -34.68 -11.13 -46.54
N GLY C 500 -33.68 -10.77 -45.74
CA GLY C 500 -33.36 -9.36 -45.59
C GLY C 500 -32.11 -9.16 -44.77
N TYR C 501 -31.59 -7.94 -44.82
CA TYR C 501 -30.35 -7.58 -44.15
C TYR C 501 -30.56 -6.17 -43.64
N PHE C 502 -30.31 -5.97 -42.35
CA PHE C 502 -30.39 -4.63 -41.72
C PHE C 502 -29.03 -4.24 -41.18
N ALA C 503 -28.48 -3.13 -41.66
CA ALA C 503 -27.22 -2.64 -41.10
C ALA C 503 -27.42 -2.04 -39.69
N TRP C 504 -26.59 -2.45 -38.72
CA TRP C 504 -26.47 -1.73 -37.43
C TRP C 504 -25.32 -0.74 -37.55
N SER C 505 -25.56 0.57 -37.51
CA SER C 505 -26.87 1.19 -37.30
C SER C 505 -27.11 2.25 -38.35
N LEU C 506 -28.36 2.69 -38.48
CA LEU C 506 -28.68 3.85 -39.31
C LEU C 506 -27.84 5.05 -38.86
N LEU C 507 -27.74 5.22 -37.53
CA LEU C 507 -27.16 6.42 -36.93
C LEU C 507 -26.07 6.10 -35.93
N ASP C 508 -25.05 6.96 -35.87
CA ASP C 508 -24.17 6.97 -34.69
C ASP C 508 -25.06 7.20 -33.49
N ASN C 509 -24.80 6.48 -32.40
CA ASN C 509 -25.73 6.53 -31.30
C ASN C 509 -25.07 6.16 -29.98
N PHE C 510 -25.89 6.01 -28.94
CA PHE C 510 -25.36 5.69 -27.61
C PHE C 510 -25.04 4.21 -27.54
N GLU C 511 -23.76 3.87 -27.60
CA GLU C 511 -23.32 2.47 -27.60
C GLU C 511 -23.19 1.95 -26.15
N TRP C 512 -24.32 2.00 -25.44
CA TRP C 512 -24.44 1.41 -24.11
C TRP C 512 -23.28 1.83 -23.19
N SER C 513 -22.54 0.88 -22.64
CA SER C 513 -21.51 1.26 -21.67
C SER C 513 -20.26 1.88 -22.28
N SER C 514 -20.18 1.86 -23.61
CA SER C 514 -19.14 2.61 -24.31
C SER C 514 -19.52 4.06 -24.58
N GLY C 515 -20.76 4.43 -24.25
CA GLY C 515 -21.25 5.79 -24.47
C GLY C 515 -21.15 6.17 -25.95
N TYR C 516 -20.64 7.37 -26.22
CA TYR C 516 -20.48 7.80 -27.61
C TYR C 516 -19.08 7.55 -28.18
N THR C 517 -18.27 6.74 -27.52
CA THR C 517 -16.91 6.48 -28.00
C THR C 517 -16.87 5.50 -29.17
N GLU C 518 -18.00 4.85 -29.46
CA GLU C 518 -18.07 3.94 -30.61
C GLU C 518 -19.17 4.38 -31.54
N ARG C 519 -18.81 4.71 -32.78
CA ARG C 519 -19.77 5.18 -33.78
C ARG C 519 -20.06 4.01 -34.69
N PHE C 520 -21.30 3.52 -34.65
CA PHE C 520 -21.71 2.36 -35.47
C PHE C 520 -22.54 2.78 -36.69
N GLY C 521 -22.80 4.08 -36.87
CA GLY C 521 -23.73 4.48 -37.92
C GLY C 521 -23.19 4.39 -39.35
N ILE C 522 -24.10 4.23 -40.31
CA ILE C 522 -23.76 4.51 -41.70
C ILE C 522 -24.00 5.99 -41.95
N VAL C 523 -24.68 6.63 -40.99
CA VAL C 523 -24.88 8.07 -41.01
C VAL C 523 -24.23 8.69 -39.77
N TYR C 524 -23.37 9.68 -39.99
CA TYR C 524 -22.67 10.42 -38.93
C TYR C 524 -23.64 11.35 -38.21
N VAL C 525 -23.61 11.33 -36.88
CA VAL C 525 -24.40 12.28 -36.08
C VAL C 525 -23.49 13.26 -35.32
N ASP C 526 -23.67 14.54 -35.58
CA ASP C 526 -22.79 15.56 -35.02
C ASP C 526 -23.45 16.16 -33.78
N ARG C 527 -23.12 15.62 -32.61
CA ARG C 527 -23.83 15.99 -31.40
C ARG C 527 -23.50 17.43 -30.97
N GLU C 528 -22.31 17.92 -31.33
CA GLU C 528 -21.91 19.29 -31.01
C GLU C 528 -22.66 20.31 -31.89
N ASN C 529 -23.35 19.82 -32.93
CA ASN C 529 -24.09 20.66 -33.87
C ASN C 529 -25.55 20.21 -34.07
N GLY C 530 -26.30 20.11 -32.97
CA GLY C 530 -27.70 19.80 -33.06
C GLY C 530 -28.03 18.40 -33.62
N CYS C 531 -27.10 17.47 -33.49
CA CYS C 531 -27.25 16.09 -34.00
C CYS C 531 -27.47 16.05 -35.51
N GLU C 532 -26.93 17.02 -36.23
CA GLU C 532 -27.10 17.06 -37.68
C GLU C 532 -26.49 15.80 -38.32
N ARG C 533 -27.18 15.27 -39.31
CA ARG C 533 -26.81 14.00 -39.94
C ARG C 533 -26.09 14.20 -41.24
N THR C 534 -25.05 13.38 -41.46
CA THR C 534 -24.32 13.35 -42.74
C THR C 534 -24.04 11.91 -43.15
N MET C 535 -24.44 11.54 -44.36
CA MET C 535 -24.13 10.20 -44.87
C MET C 535 -22.63 9.97 -44.91
N LYS C 536 -22.22 8.78 -44.47
CA LYS C 536 -20.83 8.33 -44.58
C LYS C 536 -20.63 7.64 -45.93
N ARG C 537 -19.40 7.26 -46.23
CA ARG C 537 -19.10 6.53 -47.47
C ARG C 537 -19.88 5.23 -47.56
N SER C 538 -20.02 4.55 -46.42
CA SER C 538 -20.82 3.33 -46.39
C SER C 538 -22.28 3.60 -46.82
N ALA C 539 -22.90 4.66 -46.29
CA ALA C 539 -24.27 5.02 -46.70
C ALA C 539 -24.33 5.34 -48.20
N ARG C 540 -23.30 6.01 -48.70
CA ARG C 540 -23.28 6.35 -50.14
C ARG C 540 -23.17 5.10 -51.03
N TRP C 541 -22.38 4.10 -50.61
CA TRP C 541 -22.33 2.83 -51.33
C TRP C 541 -23.69 2.14 -51.30
N LEU C 542 -24.33 2.08 -50.13
CA LEU C 542 -25.66 1.46 -50.03
C LEU C 542 -26.68 2.17 -50.93
N GLN C 543 -26.57 3.49 -50.99
CA GLN C 543 -27.43 4.30 -51.84
C GLN C 543 -27.29 3.92 -53.33
N GLU C 544 -26.06 3.78 -53.80
CA GLU C 544 -25.79 3.30 -55.15
C GLU C 544 -26.26 1.84 -55.34
N PHE C 545 -25.85 0.97 -54.41
CA PHE C 545 -26.27 -0.45 -54.43
C PHE C 545 -27.77 -0.59 -54.58
N ASN C 546 -28.53 0.14 -53.77
CA ASN C 546 -30.00 0.04 -53.83
C ASN C 546 -30.59 0.63 -55.11
N GLY C 547 -29.78 1.37 -55.85
CA GLY C 547 -30.23 1.98 -57.08
C GLY C 547 -31.27 3.05 -56.80
N ARG D 64 -26.84 -66.77 -48.97
CA ARG D 64 -27.74 -65.56 -48.93
C ARG D 64 -27.13 -64.38 -49.69
N LEU D 65 -25.91 -63.99 -49.31
CA LEU D 65 -25.04 -63.25 -50.22
C LEU D 65 -24.95 -64.06 -51.51
N SER D 66 -24.90 -63.41 -52.66
CA SER D 66 -24.67 -64.12 -53.92
C SER D 66 -23.23 -64.66 -53.98
N PRO D 67 -22.99 -65.71 -54.77
CA PRO D 67 -21.67 -66.37 -54.84
C PRO D 67 -20.52 -65.38 -55.07
N TRP D 68 -20.72 -64.41 -55.96
CA TRP D 68 -19.63 -63.49 -56.27
C TRP D 68 -19.40 -62.44 -55.18
N GLU D 69 -20.29 -62.39 -54.18
CA GLU D 69 -20.19 -61.44 -53.06
C GLU D 69 -19.49 -62.05 -51.86
N ILE D 70 -19.21 -63.35 -51.89
CA ILE D 70 -18.59 -64.02 -50.73
C ILE D 70 -17.10 -63.68 -50.62
N PRO D 71 -16.65 -63.23 -49.45
CA PRO D 71 -15.24 -62.86 -49.29
C PRO D 71 -14.27 -63.97 -49.62
N ARG D 72 -13.12 -63.59 -50.16
CA ARG D 72 -12.00 -64.49 -50.42
C ARG D 72 -10.83 -64.00 -49.56
N ARG D 73 -9.90 -64.89 -49.21
CA ARG D 73 -8.80 -64.52 -48.34
C ARG D 73 -7.97 -63.33 -48.87
N ASP D 74 -7.83 -63.25 -50.19
CA ASP D 74 -6.94 -62.22 -50.73
C ASP D 74 -7.63 -60.86 -50.92
N TRP D 75 -8.84 -60.75 -50.41
CA TRP D 75 -9.45 -59.43 -50.17
C TRP D 75 -8.67 -58.71 -49.06
N PHE D 76 -7.99 -59.48 -48.23
CA PHE D 76 -7.28 -58.93 -47.08
C PHE D 76 -5.77 -59.03 -47.30
N PRO D 77 -5.00 -58.15 -46.68
CA PRO D 77 -3.54 -58.17 -46.83
C PRO D 77 -2.92 -59.53 -46.43
N PRO D 78 -1.80 -59.89 -47.06
CA PRO D 78 -1.07 -61.10 -46.68
C PRO D 78 -0.81 -61.17 -45.18
N SER D 79 -0.57 -60.04 -44.51
CA SER D 79 -0.20 -60.04 -43.09
C SER D 79 -1.40 -60.05 -42.13
N PHE D 80 -2.60 -59.96 -42.68
CA PHE D 80 -3.83 -59.97 -41.89
C PHE D 80 -3.99 -61.32 -41.18
N LEU D 81 -4.49 -61.30 -39.95
CA LEU D 81 -4.65 -62.52 -39.15
C LEU D 81 -6.09 -63.00 -39.11
N PHE D 82 -6.30 -64.29 -39.32
CA PHE D 82 -7.61 -64.88 -39.09
C PHE D 82 -7.48 -65.84 -37.93
N GLY D 83 -8.43 -65.78 -37.01
CA GLY D 83 -8.36 -66.60 -35.81
C GLY D 83 -9.72 -66.90 -35.26
N ALA D 84 -9.71 -67.50 -34.08
CA ALA D 84 -10.93 -67.74 -33.34
C ALA D 84 -10.62 -67.43 -31.88
N ALA D 85 -11.65 -67.31 -31.05
CA ALA D 85 -11.44 -66.89 -29.67
C ALA D 85 -12.27 -67.71 -28.69
N THR D 86 -11.72 -67.84 -27.47
CA THR D 86 -12.41 -68.50 -26.35
C THR D 86 -12.08 -67.75 -25.06
N SER D 87 -12.66 -68.18 -23.94
CA SER D 87 -12.23 -67.68 -22.63
C SER D 87 -12.17 -68.86 -21.65
N ALA D 88 -11.38 -68.69 -20.59
CA ALA D 88 -11.04 -69.80 -19.71
C ALA D 88 -12.28 -70.44 -19.06
N TYR D 89 -13.11 -69.62 -18.41
CA TYR D 89 -14.28 -70.20 -17.73
C TYR D 89 -15.22 -70.88 -18.72
N GLN D 90 -15.26 -70.36 -19.95
CA GLN D 90 -16.25 -70.87 -20.88
C GLN D 90 -15.88 -72.19 -21.52
N ILE D 91 -14.56 -72.51 -21.56
CA ILE D 91 -14.12 -73.75 -22.19
C ILE D 91 -13.33 -74.76 -21.33
N GLU D 92 -12.69 -74.33 -20.26
CA GLU D 92 -11.64 -75.16 -19.67
C GLU D 92 -12.14 -76.36 -18.90
N GLY D 93 -13.18 -76.17 -18.10
CA GLY D 93 -13.58 -77.16 -17.11
C GLY D 93 -12.51 -77.31 -16.02
N ALA D 94 -12.36 -78.51 -15.46
CA ALA D 94 -11.34 -78.76 -14.43
C ALA D 94 -11.37 -77.65 -13.38
N TRP D 95 -12.57 -77.32 -12.90
CA TRP D 95 -12.78 -76.12 -12.11
C TRP D 95 -12.09 -76.14 -10.74
N ASN D 96 -11.85 -77.35 -10.23
CA ASN D 96 -11.14 -77.47 -8.96
C ASN D 96 -10.01 -78.50 -9.03
N GLU D 97 -9.49 -78.71 -10.23
CA GLU D 97 -8.44 -79.68 -10.48
C GLU D 97 -7.06 -79.08 -10.32
N ASP D 98 -6.10 -79.92 -9.93
CA ASP D 98 -4.68 -79.54 -9.91
C ASP D 98 -4.42 -78.24 -9.15
N GLY D 99 -5.16 -78.03 -8.06
CA GLY D 99 -4.92 -76.92 -7.16
C GLY D 99 -5.62 -75.61 -7.50
N LYS D 100 -6.38 -75.60 -8.59
CA LYS D 100 -7.08 -74.37 -8.98
C LYS D 100 -8.06 -73.89 -7.91
N GLY D 101 -8.01 -72.58 -7.61
CA GLY D 101 -8.93 -71.95 -6.68
C GLY D 101 -10.23 -71.51 -7.37
N PRO D 102 -11.28 -71.28 -6.58
CA PRO D 102 -12.57 -70.89 -7.15
C PRO D 102 -12.61 -69.46 -7.64
N SER D 103 -13.32 -69.22 -8.75
CA SER D 103 -13.59 -67.85 -9.19
C SER D 103 -14.99 -67.41 -8.79
N THR D 104 -15.29 -66.14 -9.05
CA THR D 104 -16.64 -65.64 -8.84
C THR D 104 -17.64 -66.42 -9.69
N TRP D 105 -17.21 -66.93 -10.84
CA TRP D 105 -18.10 -67.72 -11.72
C TRP D 105 -18.37 -69.12 -11.16
N ASP D 106 -17.35 -69.79 -10.64
CA ASP D 106 -17.59 -71.02 -9.88
C ASP D 106 -18.62 -70.76 -8.77
N HIS D 107 -18.39 -69.69 -8.01
CA HIS D 107 -19.25 -69.38 -6.86
C HIS D 107 -20.70 -69.11 -7.29
N PHE D 108 -20.84 -68.31 -8.34
CA PHE D 108 -22.16 -67.89 -8.80
C PHE D 108 -22.94 -69.10 -9.32
N CYS D 109 -22.33 -69.91 -10.17
CA CYS D 109 -23.02 -71.08 -10.72
C CYS D 109 -23.41 -72.09 -9.62
N HIS D 110 -22.52 -72.28 -8.65
CA HIS D 110 -22.73 -73.28 -7.60
C HIS D 110 -23.73 -72.82 -6.54
N ASN D 111 -23.88 -71.51 -6.36
CA ASN D 111 -24.81 -70.97 -5.35
C ASN D 111 -26.14 -70.50 -5.94
N PHE D 112 -26.16 -70.19 -7.25
CA PHE D 112 -27.37 -69.67 -7.91
C PHE D 112 -27.73 -70.30 -9.25
N PRO D 113 -27.95 -71.62 -9.29
CA PRO D 113 -28.32 -72.29 -10.55
C PRO D 113 -29.59 -71.72 -11.15
N GLU D 114 -30.48 -71.18 -10.32
CA GLU D 114 -31.74 -70.68 -10.81
C GLU D 114 -31.55 -69.44 -11.68
N TRP D 115 -30.35 -68.87 -11.66
CA TRP D 115 -30.05 -67.63 -12.42
C TRP D 115 -29.25 -67.92 -13.68
N ILE D 116 -29.11 -69.19 -14.00
CA ILE D 116 -28.61 -69.67 -15.29
C ILE D 116 -29.78 -70.30 -16.05
N VAL D 117 -29.95 -69.98 -17.33
CA VAL D 117 -31.13 -70.43 -18.08
C VAL D 117 -31.42 -71.95 -17.96
N ASP D 118 -30.37 -72.78 -18.06
CA ASP D 118 -30.52 -74.23 -17.96
C ASP D 118 -29.91 -74.78 -16.67
N ARG D 119 -29.69 -73.90 -15.71
CA ARG D 119 -29.18 -74.23 -14.39
C ARG D 119 -27.89 -75.02 -14.45
N SER D 120 -27.04 -74.70 -15.40
CA SER D 120 -25.78 -75.43 -15.56
C SER D 120 -24.61 -74.66 -15.01
N ASN D 121 -23.42 -75.24 -15.17
CA ASN D 121 -22.20 -74.58 -14.72
C ASN D 121 -21.04 -74.89 -15.64
N GLY D 122 -19.90 -74.25 -15.39
CA GLY D 122 -18.68 -74.49 -16.17
C GLY D 122 -17.73 -75.49 -15.52
N ASP D 123 -18.25 -76.39 -14.68
CA ASP D 123 -17.39 -77.40 -14.05
C ASP D 123 -16.61 -78.19 -15.10
N VAL D 124 -17.27 -78.53 -16.22
CA VAL D 124 -16.62 -79.29 -17.28
C VAL D 124 -16.52 -78.49 -18.58
N ALA D 125 -17.60 -77.79 -18.96
CA ALA D 125 -17.54 -76.91 -20.12
C ALA D 125 -17.16 -77.69 -21.38
N ALA D 126 -16.13 -77.24 -22.11
CA ALA D 126 -15.68 -78.02 -23.28
C ALA D 126 -14.48 -78.90 -22.90
N ASP D 127 -14.19 -78.94 -21.61
CA ASP D 127 -13.08 -79.76 -21.08
C ASP D 127 -11.72 -79.43 -21.73
N SER D 128 -11.49 -78.15 -22.05
CA SER D 128 -10.25 -77.79 -22.74
C SER D 128 -8.99 -77.90 -21.85
N TYR D 129 -9.15 -77.98 -20.54
CA TYR D 129 -8.00 -78.25 -19.68
C TYR D 129 -7.36 -79.60 -20.06
N HIS D 130 -8.21 -80.57 -20.45
CA HIS D 130 -7.74 -81.91 -20.88
C HIS D 130 -7.62 -82.03 -22.38
N MET D 131 -8.43 -81.26 -23.11
CA MET D 131 -8.56 -81.45 -24.56
C MET D 131 -7.96 -80.34 -25.43
N TYR D 132 -7.06 -79.54 -24.84
CA TYR D 132 -6.42 -78.43 -25.57
C TYR D 132 -5.73 -78.86 -26.88
N ALA D 133 -5.16 -80.08 -26.92
CA ALA D 133 -4.47 -80.49 -28.14
C ALA D 133 -5.45 -80.62 -29.31
N GLU D 134 -6.70 -81.00 -29.00
CA GLU D 134 -7.75 -81.04 -30.02
C GLU D 134 -8.10 -79.64 -30.52
N ASP D 135 -8.13 -78.67 -29.61
CA ASP D 135 -8.38 -77.26 -30.01
C ASP D 135 -7.32 -76.79 -31.01
N VAL D 136 -6.06 -76.99 -30.65
CA VAL D 136 -4.95 -76.65 -31.56
C VAL D 136 -5.06 -77.41 -32.86
N ARG D 137 -5.35 -78.70 -32.80
CA ARG D 137 -5.50 -79.43 -34.06
C ARG D 137 -6.56 -78.79 -34.98
N LEU D 138 -7.69 -78.41 -34.39
CA LEU D 138 -8.76 -77.79 -35.16
C LEU D 138 -8.34 -76.44 -35.74
N LEU D 139 -7.66 -75.61 -34.93
CA LEU D 139 -7.16 -74.32 -35.42
C LEU D 139 -6.21 -74.53 -36.60
N LYS D 140 -5.32 -75.53 -36.46
CA LYS D 140 -4.35 -75.82 -37.51
C LYS D 140 -5.06 -76.32 -38.76
N GLU D 141 -6.00 -77.24 -38.61
CA GLU D 141 -6.68 -77.78 -39.79
C GLU D 141 -7.45 -76.71 -40.55
N MET D 142 -7.95 -75.71 -39.83
CA MET D 142 -8.71 -74.60 -40.43
C MET D 142 -7.79 -73.54 -41.06
N GLY D 143 -6.49 -73.70 -40.87
CA GLY D 143 -5.52 -72.71 -41.37
C GLY D 143 -5.52 -71.38 -40.63
N MET D 144 -5.99 -71.37 -39.39
CA MET D 144 -5.99 -70.12 -38.63
C MET D 144 -4.56 -69.65 -38.35
N ASP D 145 -4.40 -68.32 -38.32
CA ASP D 145 -3.13 -67.65 -38.07
C ASP D 145 -2.88 -67.37 -36.62
N ALA D 146 -3.94 -67.33 -35.84
CA ALA D 146 -3.87 -66.84 -34.46
C ALA D 146 -5.01 -67.42 -33.64
N TYR D 147 -4.85 -67.36 -32.32
CA TYR D 147 -5.85 -67.90 -31.40
C TYR D 147 -5.88 -67.00 -30.18
N ARG D 148 -7.07 -66.51 -29.83
CA ARG D 148 -7.24 -65.67 -28.65
C ARG D 148 -7.87 -66.52 -27.54
N PHE D 149 -7.19 -66.63 -26.41
CA PHE D 149 -7.70 -67.37 -25.27
C PHE D 149 -7.35 -66.58 -24.03
N SER D 150 -7.93 -66.95 -22.89
CA SER D 150 -7.63 -66.24 -21.64
C SER D 150 -6.98 -67.15 -20.61
N ILE D 151 -6.29 -66.52 -19.66
CA ILE D 151 -5.69 -67.25 -18.55
C ILE D 151 -6.55 -67.08 -17.32
N SER D 152 -6.84 -68.18 -16.62
CA SER D 152 -7.65 -68.11 -15.41
C SER D 152 -6.79 -67.66 -14.24
N TRP D 153 -7.08 -66.47 -13.73
CA TRP D 153 -6.42 -65.92 -12.55
C TRP D 153 -6.33 -66.95 -11.38
N PRO D 154 -7.46 -67.51 -10.92
CA PRO D 154 -7.37 -68.45 -9.79
C PRO D 154 -6.77 -69.82 -10.13
N ARG D 155 -6.60 -70.12 -11.42
CA ARG D 155 -5.82 -71.30 -11.80
C ARG D 155 -4.32 -71.05 -11.62
N ILE D 156 -3.88 -69.79 -11.79
CA ILE D 156 -2.47 -69.42 -11.57
C ILE D 156 -2.19 -69.06 -10.10
N LEU D 157 -3.08 -68.26 -9.51
CA LEU D 157 -2.98 -67.83 -8.09
C LEU D 157 -4.26 -68.22 -7.36
N PRO D 158 -4.28 -69.43 -6.80
CA PRO D 158 -5.51 -69.97 -6.21
C PRO D 158 -6.16 -69.09 -5.14
N LYS D 159 -5.35 -68.33 -4.40
CA LYS D 159 -5.88 -67.36 -3.43
C LYS D 159 -5.95 -65.93 -3.98
N GLY D 160 -5.61 -65.78 -5.26
CA GLY D 160 -5.70 -64.48 -5.92
C GLY D 160 -4.47 -63.64 -5.73
N THR D 161 -3.59 -64.05 -4.81
CA THR D 161 -2.45 -63.23 -4.43
C THR D 161 -1.13 -63.94 -4.70
N LEU D 162 -0.06 -63.16 -4.79
CA LEU D 162 1.28 -63.71 -4.86
C LEU D 162 1.59 -64.50 -3.60
N ALA D 163 1.21 -63.93 -2.46
CA ALA D 163 1.46 -64.54 -1.15
C ALA D 163 0.82 -65.91 -0.97
N GLY D 164 -0.33 -66.12 -1.61
CA GLY D 164 -1.00 -67.40 -1.58
C GLY D 164 -0.28 -68.48 -2.37
N GLY D 165 0.66 -68.09 -3.22
CA GLY D 165 1.42 -69.03 -4.01
C GLY D 165 0.98 -69.22 -5.46
N ILE D 166 1.95 -69.52 -6.31
CA ILE D 166 1.72 -69.79 -7.72
C ILE D 166 1.44 -71.27 -7.94
N ASN D 167 0.36 -71.58 -8.65
CA ASN D 167 0.01 -72.98 -8.97
C ASN D 167 0.80 -73.45 -10.18
N GLU D 168 1.84 -74.27 -9.94
CA GLU D 168 2.71 -74.68 -11.03
C GLU D 168 2.03 -75.61 -12.03
N LYS D 169 1.02 -76.36 -11.61
CA LYS D 169 0.29 -77.16 -12.57
C LYS D 169 -0.51 -76.28 -13.55
N ARG D 170 -1.04 -75.17 -13.03
CA ARG D 170 -1.74 -74.19 -13.86
C ARG D 170 -0.76 -73.57 -14.86
N VAL D 171 0.42 -73.19 -14.39
CA VAL D 171 1.42 -72.60 -15.28
C VAL D 171 1.81 -73.56 -16.39
N GLU D 172 2.01 -74.83 -16.04
CA GLU D 172 2.39 -75.82 -17.03
C GLU D 172 1.33 -76.00 -18.11
N TYR D 173 0.05 -75.95 -17.71
CA TYR D 173 -1.05 -76.10 -18.67
C TYR D 173 -0.93 -75.06 -19.78
N TYR D 174 -0.82 -73.80 -19.39
CA TYR D 174 -0.75 -72.71 -20.40
C TYR D 174 0.55 -72.78 -21.20
N ASN D 175 1.65 -73.16 -20.54
CA ASN D 175 2.87 -73.42 -21.29
C ASN D 175 2.71 -74.49 -22.39
N LYS D 176 2.01 -75.58 -22.07
CA LYS D 176 1.84 -76.65 -23.06
C LYS D 176 0.96 -76.17 -24.20
N LEU D 177 -0.05 -75.39 -23.86
CA LEU D 177 -0.95 -74.87 -24.90
C LEU D 177 -0.18 -73.87 -25.81
N ILE D 178 0.55 -72.94 -25.21
CA ILE D 178 1.39 -72.01 -25.97
C ILE D 178 2.40 -72.71 -26.88
N ASP D 179 3.12 -73.68 -26.32
CA ASP D 179 4.09 -74.44 -27.12
C ASP D 179 3.45 -75.10 -28.31
N LEU D 180 2.30 -75.73 -28.09
CA LEU D 180 1.63 -76.44 -29.17
C LEU D 180 1.17 -75.48 -30.25
N LEU D 181 0.60 -74.33 -29.87
CA LEU D 181 0.18 -73.32 -30.83
C LEU D 181 1.37 -72.89 -31.69
N LEU D 182 2.46 -72.49 -31.03
CA LEU D 182 3.64 -72.01 -31.77
C LEU D 182 4.23 -73.07 -32.70
N GLU D 183 4.31 -74.31 -32.20
CA GLU D 183 4.85 -75.41 -33.00
C GLU D 183 4.02 -75.60 -34.27
N ASN D 184 2.76 -75.16 -34.21
CA ASN D 184 1.87 -75.27 -35.36
C ASN D 184 1.69 -73.96 -36.15
N GLY D 185 2.48 -72.95 -35.80
CA GLY D 185 2.47 -71.69 -36.54
C GLY D 185 1.32 -70.76 -36.23
N ILE D 186 0.70 -70.93 -35.06
CA ILE D 186 -0.47 -70.12 -34.69
C ILE D 186 -0.06 -69.15 -33.59
N GLU D 187 -0.28 -67.85 -33.80
CA GLU D 187 0.16 -66.85 -32.83
C GLU D 187 -0.83 -66.72 -31.66
N PRO D 188 -0.38 -66.89 -30.43
CA PRO D 188 -1.26 -66.69 -29.27
C PRO D 188 -1.52 -65.23 -28.99
N TYR D 189 -2.78 -64.89 -28.77
CA TYR D 189 -3.15 -63.57 -28.28
C TYR D 189 -3.83 -63.79 -26.93
N ILE D 190 -3.21 -63.35 -25.84
CA ILE D 190 -3.73 -63.74 -24.54
C ILE D 190 -4.45 -62.63 -23.80
N THR D 191 -5.67 -62.96 -23.37
CA THR D 191 -6.47 -62.10 -22.52
C THR D 191 -6.12 -62.45 -21.08
N ILE D 192 -5.63 -61.46 -20.34
CA ILE D 192 -5.22 -61.72 -18.97
C ILE D 192 -6.44 -61.95 -18.08
N PHE D 193 -7.50 -61.14 -18.25
CA PHE D 193 -8.70 -61.25 -17.39
C PHE D 193 -9.97 -61.29 -18.19
N HIS D 194 -10.76 -62.36 -18.02
CA HIS D 194 -12.02 -62.50 -18.72
C HIS D 194 -13.10 -62.88 -17.70
N TRP D 195 -13.24 -62.04 -16.68
CA TRP D 195 -14.37 -62.00 -15.73
C TRP D 195 -14.27 -62.95 -14.54
N ASP D 196 -13.21 -63.76 -14.52
CA ASP D 196 -13.08 -64.85 -13.55
C ASP D 196 -12.24 -64.46 -12.34
N THR D 197 -12.71 -63.47 -11.60
CA THR D 197 -12.03 -62.99 -10.38
C THR D 197 -11.91 -64.12 -9.35
N PRO D 198 -10.74 -64.32 -8.77
CA PRO D 198 -10.59 -65.28 -7.65
C PRO D 198 -11.58 -64.96 -6.51
N GLN D 199 -12.41 -65.94 -6.12
CA GLN D 199 -13.40 -65.75 -5.08
C GLN D 199 -12.71 -65.41 -3.74
N ALA D 200 -11.48 -65.88 -3.56
CA ALA D 200 -10.74 -65.53 -2.35
C ALA D 200 -10.57 -64.00 -2.17
N LEU D 201 -10.46 -63.26 -3.28
CA LEU D 201 -10.35 -61.79 -3.22
C LEU D 201 -11.66 -61.12 -2.91
N VAL D 202 -12.76 -61.70 -3.38
CA VAL D 202 -14.08 -61.25 -2.97
C VAL D 202 -14.29 -61.47 -1.47
N ASP D 203 -13.95 -62.66 -0.98
CA ASP D 203 -14.01 -62.94 0.48
C ASP D 203 -13.21 -61.91 1.27
N ALA D 204 -12.00 -61.63 0.81
CA ALA D 204 -11.08 -60.72 1.52
C ALA D 204 -11.52 -59.27 1.50
N TYR D 205 -11.95 -58.77 0.35
CA TYR D 205 -12.21 -57.34 0.22
C TYR D 205 -13.24 -56.92 -0.83
N GLY D 206 -13.97 -57.89 -1.39
CA GLY D 206 -15.00 -57.61 -2.37
C GLY D 206 -14.47 -57.50 -3.79
N GLY D 207 -13.24 -57.96 -3.99
CA GLY D 207 -12.69 -58.03 -5.35
C GLY D 207 -12.61 -56.65 -5.99
N PHE D 208 -13.15 -56.50 -7.20
CA PHE D 208 -13.04 -55.23 -7.95
C PHE D 208 -13.75 -54.06 -7.29
N LEU D 209 -14.54 -54.32 -6.26
CA LEU D 209 -15.16 -53.22 -5.53
C LEU D 209 -14.20 -52.41 -4.65
N ASP D 210 -12.98 -52.89 -4.48
CA ASP D 210 -12.01 -52.27 -3.57
C ASP D 210 -10.71 -52.06 -4.30
N GLU D 211 -10.06 -50.92 -4.07
CA GLU D 211 -8.81 -50.62 -4.78
C GLU D 211 -7.67 -51.64 -4.51
N ARG D 212 -7.80 -52.44 -3.46
CA ARG D 212 -6.83 -53.53 -3.22
C ARG D 212 -6.74 -54.48 -4.42
N ILE D 213 -7.77 -54.49 -5.28
CA ILE D 213 -7.73 -55.36 -6.47
C ILE D 213 -6.56 -55.00 -7.37
N ILE D 214 -6.13 -53.75 -7.33
CA ILE D 214 -5.16 -53.27 -8.32
C ILE D 214 -3.83 -53.98 -8.16
N LYS D 215 -3.31 -53.97 -6.93
CA LYS D 215 -2.07 -54.67 -6.64
C LYS D 215 -2.16 -56.17 -6.98
N ASP D 216 -3.27 -56.83 -6.64
CA ASP D 216 -3.32 -58.27 -6.88
C ASP D 216 -3.39 -58.57 -8.37
N TYR D 217 -4.12 -57.74 -9.13
CA TYR D 217 -4.17 -57.89 -10.58
C TYR D 217 -2.80 -57.69 -11.18
N THR D 218 -2.11 -56.63 -10.79
CA THR D 218 -0.82 -56.36 -11.39
C THR D 218 0.17 -57.47 -11.03
N ASP D 219 0.03 -58.05 -9.84
CA ASP D 219 0.91 -59.18 -9.48
C ASP D 219 0.60 -60.38 -10.38
N PHE D 220 -0.67 -60.64 -10.61
CA PHE D 220 -1.09 -61.73 -11.52
C PHE D 220 -0.54 -61.48 -12.93
N ALA D 221 -0.71 -60.26 -13.43
CA ALA D 221 -0.22 -59.95 -14.75
C ALA D 221 1.32 -60.15 -14.85
N LYS D 222 2.07 -59.76 -13.81
CA LYS D 222 3.51 -59.91 -13.84
C LYS D 222 3.89 -61.38 -13.90
N VAL D 223 3.18 -62.21 -13.14
CA VAL D 223 3.42 -63.66 -13.21
C VAL D 223 3.22 -64.15 -14.64
N CYS D 224 2.12 -63.71 -15.27
CA CYS D 224 1.87 -64.09 -16.66
C CYS D 224 3.03 -63.63 -17.56
N PHE D 225 3.49 -62.40 -17.38
CA PHE D 225 4.52 -61.88 -18.29
C PHE D 225 5.81 -62.68 -18.03
N GLU D 226 6.10 -62.93 -16.76
CA GLU D 226 7.33 -63.65 -16.39
C GLU D 226 7.35 -65.08 -16.96
N LYS D 227 6.23 -65.79 -16.82
CA LYS D 227 6.15 -67.19 -17.24
C LYS D 227 5.99 -67.37 -18.74
N PHE D 228 5.26 -66.46 -19.39
CA PHE D 228 4.90 -66.67 -20.79
C PHE D 228 5.39 -65.62 -21.80
N GLY D 229 5.92 -64.50 -21.32
CA GLY D 229 6.19 -63.34 -22.17
C GLY D 229 7.32 -63.55 -23.17
N LYS D 230 8.19 -64.51 -22.86
CA LYS D 230 9.22 -64.88 -23.82
C LYS D 230 8.62 -65.46 -25.09
N THR D 231 7.52 -66.19 -24.94
CA THR D 231 6.85 -66.83 -26.05
C THR D 231 5.64 -66.04 -26.61
N VAL D 232 5.00 -65.22 -25.78
CA VAL D 232 3.75 -64.56 -26.18
C VAL D 232 4.03 -63.07 -26.28
N LYS D 233 3.71 -62.47 -27.43
CA LYS D 233 4.02 -61.05 -27.69
C LYS D 233 2.78 -60.21 -27.89
N ASN D 234 1.61 -60.77 -27.56
CA ASN D 234 0.35 -60.08 -27.76
C ASN D 234 -0.57 -60.31 -26.56
N TRP D 235 -0.81 -59.24 -25.81
CA TRP D 235 -1.53 -59.28 -24.56
C TRP D 235 -2.72 -58.32 -24.55
N LEU D 236 -3.82 -58.76 -23.94
CA LEU D 236 -4.97 -57.89 -23.74
C LEU D 236 -5.23 -57.93 -22.23
N THR D 237 -5.24 -56.78 -21.57
CA THR D 237 -5.39 -56.78 -20.09
C THR D 237 -6.78 -57.22 -19.65
N PHE D 238 -7.80 -56.64 -20.28
CA PHE D 238 -9.18 -56.87 -19.87
C PHE D 238 -10.05 -57.12 -21.08
N ASN D 239 -10.99 -58.04 -20.93
CA ASN D 239 -12.01 -58.30 -21.96
C ASN D 239 -13.36 -57.67 -21.62
N GLU D 240 -13.92 -56.89 -22.56
CA GLU D 240 -15.24 -56.27 -22.39
C GLU D 240 -15.45 -55.64 -21.02
N PRO D 241 -14.64 -54.65 -20.65
CA PRO D 241 -14.86 -53.98 -19.37
C PRO D 241 -16.27 -53.38 -19.23
N GLU D 242 -16.86 -52.90 -20.31
CA GLU D 242 -18.19 -52.29 -20.16
C GLU D 242 -19.22 -53.36 -19.79
N THR D 243 -19.21 -54.49 -20.48
CA THR D 243 -20.12 -55.59 -20.15
C THR D 243 -19.85 -56.05 -18.72
N PHE D 244 -18.58 -56.26 -18.41
CA PHE D 244 -18.19 -56.69 -17.06
C PHE D 244 -18.79 -55.77 -15.98
N CYS D 245 -18.64 -54.46 -16.17
CA CYS D 245 -19.13 -53.51 -15.17
C CYS D 245 -20.64 -53.36 -15.16
N SER D 246 -21.22 -53.08 -16.32
CA SER D 246 -22.67 -52.83 -16.40
C SER D 246 -23.52 -54.05 -16.09
N VAL D 247 -23.07 -55.21 -16.53
CA VAL D 247 -23.88 -56.41 -16.48
C VAL D 247 -23.60 -57.28 -15.25
N SER D 248 -22.40 -57.21 -14.67
CA SER D 248 -22.12 -57.95 -13.45
C SER D 248 -22.49 -57.16 -12.20
N TYR D 249 -22.51 -55.83 -12.30
CA TYR D 249 -22.71 -54.95 -11.13
C TYR D 249 -23.86 -53.95 -11.31
N GLY D 250 -24.47 -53.93 -12.50
CA GLY D 250 -25.57 -53.02 -12.77
C GLY D 250 -26.89 -53.77 -12.92
N THR D 251 -27.03 -54.54 -13.99
CA THR D 251 -28.18 -55.42 -14.12
C THR D 251 -28.03 -56.72 -13.33
N GLY D 252 -26.80 -57.04 -12.93
CA GLY D 252 -26.51 -58.25 -12.15
C GLY D 252 -26.78 -59.57 -12.83
N VAL D 253 -26.85 -59.58 -14.14
CA VAL D 253 -27.05 -60.84 -14.87
C VAL D 253 -25.88 -61.82 -14.77
N LEU D 254 -24.67 -61.25 -14.76
CA LEU D 254 -23.39 -61.98 -14.71
C LEU D 254 -22.78 -61.95 -13.32
N ALA D 255 -22.01 -62.99 -13.00
CA ALA D 255 -21.37 -63.11 -11.69
C ALA D 255 -20.57 -61.86 -11.41
N PRO D 256 -20.58 -61.32 -10.18
CA PRO D 256 -21.26 -61.90 -9.01
C PRO D 256 -22.76 -61.64 -8.87
N GLY D 257 -23.36 -61.04 -9.90
CA GLY D 257 -24.80 -60.93 -9.96
C GLY D 257 -25.38 -59.87 -9.04
N ARG D 258 -24.71 -58.73 -8.95
CA ARG D 258 -25.07 -57.68 -8.02
C ARG D 258 -25.85 -56.54 -8.67
N CYS D 259 -26.80 -55.96 -7.92
CA CYS D 259 -27.63 -54.87 -8.42
C CYS D 259 -28.28 -54.16 -7.24
N SER D 260 -28.92 -53.03 -7.52
CA SER D 260 -29.64 -52.26 -6.52
C SER D 260 -30.82 -53.03 -5.95
N PRO D 261 -31.16 -52.78 -4.70
CA PRO D 261 -32.43 -53.30 -4.17
C PRO D 261 -33.56 -52.91 -5.12
N GLY D 262 -34.38 -53.88 -5.48
CA GLY D 262 -35.53 -53.61 -6.33
C GLY D 262 -35.26 -53.95 -7.78
N VAL D 263 -33.99 -54.27 -8.09
CA VAL D 263 -33.63 -54.77 -9.40
C VAL D 263 -33.56 -56.28 -9.30
N SER D 264 -33.99 -56.97 -10.35
CA SER D 264 -34.10 -58.42 -10.28
C SER D 264 -32.74 -59.06 -10.62
N CYS D 265 -31.99 -59.49 -9.61
CA CYS D 265 -30.75 -60.23 -9.82
C CYS D 265 -30.45 -61.10 -8.59
N ALA D 266 -29.42 -61.95 -8.69
CA ALA D 266 -29.14 -62.93 -7.63
C ALA D 266 -28.79 -62.29 -6.28
N VAL D 267 -28.15 -61.13 -6.32
CA VAL D 267 -27.66 -60.43 -5.13
C VAL D 267 -28.06 -58.96 -5.16
N PRO D 268 -29.33 -58.65 -4.90
CA PRO D 268 -29.81 -57.27 -5.01
C PRO D 268 -29.52 -56.43 -3.77
N THR D 269 -28.26 -56.47 -3.31
CA THR D 269 -27.82 -55.64 -2.20
C THR D 269 -26.63 -54.78 -2.58
N GLY D 270 -26.46 -54.53 -3.88
CA GLY D 270 -25.38 -53.66 -4.33
C GLY D 270 -25.94 -52.30 -4.68
N ASN D 271 -25.43 -51.70 -5.75
CA ASN D 271 -25.88 -50.37 -6.16
C ASN D 271 -25.58 -50.15 -7.65
N SER D 272 -26.63 -50.21 -8.46
CA SER D 272 -26.48 -50.24 -9.91
C SER D 272 -26.03 -48.90 -10.47
N LEU D 273 -26.17 -47.85 -9.67
CA LEU D 273 -25.74 -46.53 -10.11
C LEU D 273 -24.27 -46.26 -9.78
N SER D 274 -23.73 -46.92 -8.76
CA SER D 274 -22.38 -46.57 -8.33
C SER D 274 -21.36 -47.69 -8.52
N GLU D 275 -21.77 -48.94 -8.28
CA GLU D 275 -20.80 -50.04 -8.36
C GLU D 275 -20.16 -50.20 -9.76
N PRO D 276 -20.93 -50.09 -10.84
CA PRO D 276 -20.30 -50.22 -12.17
C PRO D 276 -19.15 -49.21 -12.34
N TYR D 277 -19.31 -47.99 -11.84
CA TYR D 277 -18.25 -46.99 -12.00
C TYR D 277 -17.04 -47.28 -11.10
N ILE D 278 -17.30 -47.81 -9.91
CA ILE D 278 -16.21 -48.21 -9.02
C ILE D 278 -15.37 -49.31 -9.62
N VAL D 279 -16.02 -50.34 -10.14
CA VAL D 279 -15.30 -51.48 -10.72
C VAL D 279 -14.57 -51.00 -11.97
N ALA D 280 -15.24 -50.17 -12.77
CA ALA D 280 -14.61 -49.64 -14.00
C ALA D 280 -13.35 -48.86 -13.64
N HIS D 281 -13.42 -48.08 -12.59
CA HIS D 281 -12.31 -47.20 -12.26
C HIS D 281 -11.13 -48.03 -11.74
N ASN D 282 -11.42 -49.05 -10.94
CA ASN D 282 -10.34 -49.92 -10.46
C ASN D 282 -9.72 -50.69 -11.59
N LEU D 283 -10.56 -51.15 -12.52
CA LEU D 283 -10.07 -51.84 -13.70
C LEU D 283 -9.14 -50.92 -14.53
N LEU D 284 -9.51 -49.66 -14.72
CA LEU D 284 -8.65 -48.75 -15.48
C LEU D 284 -7.34 -48.45 -14.78
N ARG D 285 -7.37 -48.34 -13.45
CA ARG D 285 -6.13 -48.07 -12.72
C ARG D 285 -5.22 -49.27 -12.87
N ALA D 286 -5.79 -50.47 -12.74
CA ALA D 286 -5.02 -51.70 -12.92
C ALA D 286 -4.45 -51.82 -14.34
N HIS D 287 -5.24 -51.47 -15.34
CA HIS D 287 -4.75 -51.48 -16.71
C HIS D 287 -3.54 -50.54 -16.89
N ALA D 288 -3.65 -49.30 -16.40
CA ALA D 288 -2.56 -48.32 -16.56
C ALA D 288 -1.27 -48.84 -15.92
N GLU D 289 -1.38 -49.33 -14.71
CA GLU D 289 -0.17 -49.83 -14.03
C GLU D 289 0.41 -51.06 -14.73
N THR D 290 -0.46 -51.96 -15.20
CA THR D 290 -0.01 -53.17 -15.92
C THR D 290 0.73 -52.83 -17.23
N VAL D 291 0.22 -51.86 -17.97
CA VAL D 291 0.86 -51.49 -19.21
C VAL D 291 2.22 -50.87 -18.91
N ASP D 292 2.29 -50.09 -17.83
CA ASP D 292 3.57 -49.50 -17.41
C ASP D 292 4.62 -50.60 -17.07
N ILE D 293 4.20 -51.61 -16.29
CA ILE D 293 5.07 -52.75 -16.00
C ILE D 293 5.49 -53.47 -17.29
N TYR D 294 4.54 -53.68 -18.20
CA TYR D 294 4.85 -54.38 -19.45
C TYR D 294 5.85 -53.59 -20.27
N ASN D 295 5.61 -52.29 -20.42
CA ASN D 295 6.52 -51.45 -21.21
C ASN D 295 7.93 -51.45 -20.61
N LYS D 296 8.00 -51.39 -19.28
CA LYS D 296 9.31 -51.25 -18.59
C LYS D 296 10.13 -52.53 -18.61
N TYR D 297 9.47 -53.69 -18.53
CA TYR D 297 10.23 -54.93 -18.27
C TYR D 297 10.05 -56.08 -19.23
N HIS D 298 9.08 -55.98 -20.13
CA HIS D 298 8.71 -57.14 -20.94
C HIS D 298 8.50 -56.90 -22.42
N LYS D 299 8.22 -55.66 -22.81
CA LYS D 299 7.81 -55.39 -24.18
C LYS D 299 8.93 -55.68 -25.17
N GLY D 300 10.14 -55.27 -24.81
CA GLY D 300 11.29 -55.51 -25.68
C GLY D 300 11.06 -54.90 -27.05
N ALA D 301 11.51 -55.61 -28.08
CA ALA D 301 11.43 -55.09 -29.43
C ALA D 301 10.10 -55.37 -30.13
N ASP D 302 9.36 -56.36 -29.66
CA ASP D 302 8.24 -56.84 -30.45
C ASP D 302 6.93 -57.03 -29.69
N GLY D 303 6.95 -56.86 -28.37
CA GLY D 303 5.75 -57.04 -27.57
C GLY D 303 4.70 -55.95 -27.74
N ARG D 304 3.42 -56.30 -27.59
CA ARG D 304 2.34 -55.33 -27.67
C ARG D 304 1.28 -55.67 -26.62
N ILE D 305 0.66 -54.64 -26.07
CA ILE D 305 -0.39 -54.84 -25.09
C ILE D 305 -1.53 -53.87 -25.32
N GLY D 306 -2.74 -54.33 -25.09
CA GLY D 306 -3.91 -53.49 -25.29
C GLY D 306 -5.06 -54.01 -24.45
N LEU D 307 -6.29 -53.73 -24.88
CA LEU D 307 -7.45 -54.30 -24.21
C LEU D 307 -8.57 -54.49 -25.25
N ALA D 308 -9.58 -55.27 -24.90
CA ALA D 308 -10.61 -55.63 -25.87
C ALA D 308 -11.94 -55.07 -25.42
N LEU D 309 -12.50 -54.16 -26.21
CA LEU D 309 -13.71 -53.45 -25.81
C LEU D 309 -14.93 -53.99 -26.55
N ASN D 310 -16.01 -54.29 -25.83
CA ASN D 310 -17.25 -54.54 -26.55
C ASN D 310 -17.78 -53.19 -27.00
N VAL D 311 -18.29 -53.14 -28.22
CA VAL D 311 -18.88 -51.91 -28.71
C VAL D 311 -20.17 -52.29 -29.42
N PHE D 312 -21.29 -51.79 -28.89
CA PHE D 312 -22.56 -51.85 -29.61
C PHE D 312 -22.61 -50.74 -30.64
N GLY D 313 -23.03 -51.05 -31.87
CA GLY D 313 -23.26 -49.98 -32.84
C GLY D 313 -24.45 -49.17 -32.32
N ARG D 314 -24.45 -47.86 -32.53
CA ARG D 314 -25.57 -47.03 -32.10
C ARG D 314 -25.97 -46.14 -33.25
N VAL D 315 -27.22 -46.24 -33.67
CA VAL D 315 -27.75 -45.45 -34.79
C VAL D 315 -28.77 -44.48 -34.23
N PRO D 316 -28.69 -43.20 -34.57
CA PRO D 316 -29.71 -42.26 -34.08
C PRO D 316 -31.12 -42.74 -34.48
N TYR D 317 -32.04 -42.74 -33.52
CA TYR D 317 -33.40 -43.20 -33.74
C TYR D 317 -34.04 -42.44 -34.94
N THR D 318 -33.80 -41.13 -34.99
CA THR D 318 -34.09 -40.32 -36.18
C THR D 318 -32.89 -39.44 -36.51
N ASN D 319 -32.86 -38.86 -37.71
CA ASN D 319 -31.74 -37.98 -38.06
C ASN D 319 -32.06 -36.55 -37.63
N THR D 320 -32.37 -36.40 -36.36
CA THR D 320 -32.83 -35.20 -35.70
C THR D 320 -31.74 -34.89 -34.65
N PHE D 321 -31.50 -33.62 -34.34
CA PHE D 321 -30.38 -33.34 -33.41
C PHE D 321 -30.54 -34.01 -32.04
N LEU D 322 -31.76 -34.12 -31.55
CA LEU D 322 -31.95 -34.73 -30.23
C LEU D 322 -31.48 -36.19 -30.19
N ASP D 323 -31.87 -36.96 -31.20
CA ASP D 323 -31.47 -38.36 -31.25
C ASP D 323 -30.01 -38.52 -31.67
N GLN D 324 -29.48 -37.59 -32.45
CA GLN D 324 -28.07 -37.63 -32.76
C GLN D 324 -27.27 -37.36 -31.45
N GLN D 325 -27.72 -36.41 -30.65
CA GLN D 325 -27.05 -36.13 -29.34
C GLN D 325 -27.16 -37.38 -28.42
N ALA D 326 -28.32 -38.03 -28.46
CA ALA D 326 -28.50 -39.26 -27.70
C ALA D 326 -27.56 -40.36 -28.17
N GLN D 327 -27.40 -40.51 -29.49
CA GLN D 327 -26.47 -41.50 -30.03
C GLN D 327 -25.05 -41.22 -29.55
N GLU D 328 -24.65 -39.95 -29.52
CA GLU D 328 -23.31 -39.59 -29.08
C GLU D 328 -23.08 -39.87 -27.57
N ARG D 329 -24.09 -39.55 -26.76
CA ARG D 329 -24.04 -39.92 -25.34
C ARG D 329 -23.95 -41.43 -25.12
N SER D 330 -24.66 -42.19 -25.95
CA SER D 330 -24.66 -43.65 -25.85
C SER D 330 -23.30 -44.25 -26.24
N MET D 331 -22.73 -43.73 -27.34
CA MET D 331 -21.38 -44.18 -27.73
C MET D 331 -20.37 -43.87 -26.63
N ASP D 332 -20.51 -42.69 -26.02
CA ASP D 332 -19.62 -42.28 -24.93
C ASP D 332 -19.73 -43.24 -23.75
N LYS D 333 -20.95 -43.68 -23.47
CA LYS D 333 -21.18 -44.52 -22.28
C LYS D 333 -20.75 -45.99 -22.53
N CYS D 334 -20.63 -46.41 -23.78
CA CYS D 334 -20.18 -47.76 -24.05
C CYS D 334 -18.70 -47.76 -24.45
N LEU D 335 -18.40 -47.19 -25.61
CA LEU D 335 -17.01 -47.13 -26.10
C LEU D 335 -16.15 -46.14 -25.33
N GLY D 336 -16.66 -44.92 -25.16
CA GLY D 336 -15.88 -43.84 -24.57
C GLY D 336 -15.47 -44.09 -23.11
N TRP D 337 -16.32 -44.79 -22.37
CA TRP D 337 -16.08 -45.05 -20.95
C TRP D 337 -14.67 -45.62 -20.73
N PHE D 338 -14.24 -46.54 -21.60
CA PHE D 338 -12.90 -47.14 -21.45
C PHE D 338 -11.90 -46.62 -22.46
N LEU D 339 -12.38 -46.26 -23.63
CA LEU D 339 -11.45 -45.80 -24.66
C LEU D 339 -10.91 -44.40 -24.37
N GLU D 340 -11.75 -43.49 -23.90
CA GLU D 340 -11.24 -42.14 -23.67
C GLU D 340 -10.19 -42.06 -22.57
N PRO D 341 -10.38 -42.78 -21.47
CA PRO D 341 -9.31 -42.89 -20.48
C PRO D 341 -7.96 -43.34 -21.10
N VAL D 342 -7.97 -44.37 -21.94
CA VAL D 342 -6.68 -44.88 -22.41
C VAL D 342 -6.14 -44.01 -23.54
N VAL D 343 -7.03 -43.29 -24.21
CA VAL D 343 -6.59 -42.43 -25.31
C VAL D 343 -6.12 -41.07 -24.79
N ARG D 344 -6.87 -40.49 -23.87
CA ARG D 344 -6.56 -39.10 -23.46
C ARG D 344 -6.37 -38.87 -21.97
N GLY D 345 -6.63 -39.89 -21.16
CA GLY D 345 -6.41 -39.80 -19.73
C GLY D 345 -7.61 -39.48 -18.84
N ASP D 346 -8.80 -39.34 -19.43
CA ASP D 346 -10.00 -39.13 -18.63
C ASP D 346 -11.25 -39.66 -19.34
N TYR D 347 -12.33 -39.82 -18.58
CA TYR D 347 -13.59 -40.26 -19.10
C TYR D 347 -14.20 -39.18 -20.02
N PRO D 348 -15.13 -39.58 -20.89
CA PRO D 348 -15.79 -38.59 -21.74
C PRO D 348 -16.46 -37.51 -20.91
N PHE D 349 -16.44 -36.28 -21.40
CA PHE D 349 -17.14 -35.18 -20.77
C PHE D 349 -18.60 -35.54 -20.47
N SER D 350 -19.29 -36.16 -21.42
CA SER D 350 -20.72 -36.38 -21.24
C SER D 350 -20.99 -37.27 -20.00
N MET D 351 -20.10 -38.22 -19.75
CA MET D 351 -20.26 -39.12 -18.61
C MET D 351 -20.10 -38.35 -17.28
N ARG D 352 -19.12 -37.45 -17.21
CA ARG D 352 -18.95 -36.66 -15.99
C ARG D 352 -20.07 -35.65 -15.76
N VAL D 353 -20.47 -34.95 -16.83
CA VAL D 353 -21.48 -33.92 -16.61
C VAL D 353 -22.80 -34.57 -16.20
N SER D 354 -23.03 -35.80 -16.65
CA SER D 354 -24.24 -36.54 -16.27
C SER D 354 -24.16 -37.17 -14.87
N ALA D 355 -23.14 -38.00 -14.64
CA ALA D 355 -23.08 -38.84 -13.42
C ALA D 355 -22.32 -38.14 -12.26
N ARG D 356 -21.61 -37.06 -12.56
CA ARG D 356 -20.96 -36.20 -11.54
C ARG D 356 -20.14 -36.99 -10.50
N ASP D 357 -20.52 -36.92 -9.23
CA ASP D 357 -19.67 -37.49 -8.17
C ASP D 357 -19.57 -39.02 -8.18
N ARG D 358 -20.43 -39.68 -8.93
CA ARG D 358 -20.33 -41.13 -9.08
C ARG D 358 -19.18 -41.57 -9.97
N VAL D 359 -18.57 -40.62 -10.68
CA VAL D 359 -17.41 -40.91 -11.54
C VAL D 359 -16.12 -40.47 -10.85
N PRO D 360 -15.31 -41.43 -10.41
CA PRO D 360 -14.04 -41.08 -9.75
C PRO D 360 -13.05 -40.35 -10.66
N TYR D 361 -12.09 -39.67 -10.03
CA TYR D 361 -11.01 -38.99 -10.73
C TYR D 361 -9.71 -39.76 -10.58
N PHE D 362 -8.93 -39.80 -11.65
CA PHE D 362 -7.63 -40.47 -11.65
C PHE D 362 -6.63 -39.56 -10.94
N LYS D 363 -5.68 -40.16 -10.25
CA LYS D 363 -4.58 -39.40 -9.67
C LYS D 363 -3.60 -39.00 -10.75
N GLU D 364 -2.83 -37.95 -10.48
CA GLU D 364 -1.94 -37.38 -11.49
C GLU D 364 -0.97 -38.39 -12.09
N LYS D 365 -0.33 -39.18 -11.24
CA LYS D 365 0.66 -40.15 -11.71
C LYS D 365 0.02 -41.29 -12.51
N GLU D 366 -1.13 -41.78 -12.04
CA GLU D 366 -1.92 -42.78 -12.77
C GLU D 366 -2.27 -42.32 -14.15
N GLN D 367 -2.74 -41.07 -14.21
CA GLN D 367 -3.24 -40.48 -15.42
C GLN D 367 -2.16 -40.42 -16.48
N GLU D 368 -0.94 -40.08 -16.04
CA GLU D 368 0.20 -40.06 -16.96
C GLU D 368 0.42 -41.44 -17.57
N LYS D 369 0.31 -42.46 -16.74
CA LYS D 369 0.47 -43.83 -17.19
C LYS D 369 -0.71 -44.24 -18.09
N LEU D 370 -1.89 -43.75 -17.79
CA LEU D 370 -3.10 -44.11 -18.54
C LEU D 370 -3.08 -43.61 -19.98
N VAL D 371 -2.59 -42.37 -20.18
CA VAL D 371 -2.57 -41.77 -21.53
C VAL D 371 -1.72 -42.58 -22.50
N GLY D 372 -2.34 -43.06 -23.59
CA GLY D 372 -1.64 -43.83 -24.60
C GLY D 372 -1.25 -45.22 -24.14
N SER D 373 -1.98 -45.77 -23.18
CA SER D 373 -1.63 -47.11 -22.64
C SER D 373 -2.14 -48.27 -23.48
N TYR D 374 -1.76 -48.29 -24.76
CA TYR D 374 -2.16 -49.35 -25.69
C TYR D 374 -1.26 -49.31 -26.91
N ASP D 375 -0.97 -50.49 -27.45
CA ASP D 375 -0.36 -50.62 -28.77
C ASP D 375 -1.40 -51.01 -29.79
N MET D 376 -2.55 -51.49 -29.31
CA MET D 376 -3.65 -51.89 -30.21
C MET D 376 -4.96 -51.92 -29.42
N ILE D 377 -6.07 -51.78 -30.13
CA ILE D 377 -7.39 -51.87 -29.48
C ILE D 377 -8.13 -53.03 -30.07
N GLY D 378 -8.64 -53.92 -29.21
CA GLY D 378 -9.54 -54.98 -29.65
C GLY D 378 -10.99 -54.48 -29.69
N ILE D 379 -11.70 -54.81 -30.76
CA ILE D 379 -13.12 -54.46 -30.85
C ILE D 379 -13.92 -55.75 -30.84
N ASN D 380 -14.80 -55.91 -29.87
CA ASN D 380 -15.70 -57.08 -29.84
C ASN D 380 -17.03 -56.57 -30.36
N TYR D 381 -17.41 -56.99 -31.56
CA TYR D 381 -18.64 -56.51 -32.20
C TYR D 381 -19.65 -57.65 -32.44
N TYR D 382 -20.87 -57.42 -31.98
CA TYR D 382 -21.96 -58.38 -32.15
C TYR D 382 -23.18 -57.79 -32.85
N THR D 383 -23.58 -56.59 -32.45
CA THR D 383 -24.85 -56.03 -32.89
C THR D 383 -24.95 -54.51 -32.65
N SER D 384 -26.09 -53.92 -33.05
CA SER D 384 -26.29 -52.47 -32.93
C SER D 384 -27.74 -52.23 -32.49
N THR D 385 -28.00 -51.05 -31.94
CA THR D 385 -29.36 -50.62 -31.66
C THR D 385 -29.56 -49.19 -32.16
N PHE D 386 -30.82 -48.74 -32.16
CA PHE D 386 -31.09 -47.32 -32.31
C PHE D 386 -30.94 -46.67 -30.93
N SER D 387 -30.55 -45.42 -30.91
CA SER D 387 -30.49 -44.66 -29.65
C SER D 387 -31.50 -43.53 -29.70
N LYS D 388 -32.38 -43.44 -28.71
CA LYS D 388 -33.46 -42.45 -28.74
C LYS D 388 -33.39 -41.55 -27.51
N HIS D 389 -33.50 -40.24 -27.74
CA HIS D 389 -33.30 -39.26 -26.67
C HIS D 389 -34.30 -39.38 -25.52
N ILE D 390 -33.81 -39.18 -24.31
CA ILE D 390 -34.65 -39.01 -23.13
C ILE D 390 -34.36 -37.63 -22.56
N ASP D 391 -35.42 -36.86 -22.29
CA ASP D 391 -35.25 -35.53 -21.70
C ASP D 391 -34.81 -35.58 -20.24
N LEU D 392 -34.01 -34.60 -19.85
CA LEU D 392 -33.63 -34.41 -18.47
C LEU D 392 -34.77 -33.68 -17.75
N SER D 393 -35.41 -34.34 -16.78
CA SER D 393 -36.54 -33.74 -16.10
C SER D 393 -36.72 -34.34 -14.71
N PRO D 394 -37.51 -33.69 -13.87
CA PRO D 394 -37.82 -34.28 -12.54
C PRO D 394 -38.54 -35.62 -12.67
N ASN D 395 -39.09 -35.92 -13.83
CA ASN D 395 -39.82 -37.19 -14.04
C ASN D 395 -38.92 -38.40 -14.34
N ASN D 396 -37.65 -38.13 -14.64
CA ASN D 396 -36.73 -39.22 -14.96
C ASN D 396 -35.60 -39.26 -13.92
N SER D 397 -35.40 -40.43 -13.32
CA SER D 397 -34.36 -40.65 -12.32
C SER D 397 -33.62 -41.94 -12.66
N PRO D 398 -32.33 -41.84 -12.98
CA PRO D 398 -31.55 -43.04 -13.35
C PRO D 398 -31.62 -44.13 -12.28
N VAL D 399 -31.73 -45.37 -12.72
CA VAL D 399 -31.72 -46.52 -11.82
C VAL D 399 -30.45 -47.33 -12.07
N LEU D 400 -30.15 -47.60 -13.34
CA LEU D 400 -28.94 -48.29 -13.74
C LEU D 400 -27.88 -47.32 -14.28
N ASN D 401 -26.61 -47.66 -14.17
CA ASN D 401 -25.56 -46.76 -14.69
C ASN D 401 -25.81 -46.37 -16.14
N THR D 402 -26.34 -47.29 -16.94
CA THR D 402 -26.56 -47.00 -18.36
C THR D 402 -27.62 -45.92 -18.55
N ASP D 403 -28.47 -45.71 -17.52
CA ASP D 403 -29.48 -44.63 -17.59
C ASP D 403 -28.85 -43.22 -17.60
N ASP D 404 -27.57 -43.12 -17.20
CA ASP D 404 -26.86 -41.82 -17.19
C ASP D 404 -26.67 -41.23 -18.60
N ALA D 405 -26.85 -42.08 -19.61
CA ALA D 405 -26.73 -41.62 -21.01
C ALA D 405 -27.95 -40.85 -21.52
N TYR D 406 -29.04 -40.82 -20.75
CA TYR D 406 -30.26 -40.15 -21.19
C TYR D 406 -30.67 -40.57 -22.59
N ALA D 407 -30.69 -41.88 -22.81
CA ALA D 407 -31.04 -42.41 -24.12
C ALA D 407 -31.64 -43.78 -23.90
N SER D 408 -32.64 -44.16 -24.70
CA SER D 408 -33.06 -45.56 -24.66
C SER D 408 -32.49 -46.29 -25.87
N GLN D 409 -32.13 -47.54 -25.67
CA GLN D 409 -31.58 -48.33 -26.76
C GLN D 409 -32.72 -49.18 -27.32
N GLU D 410 -33.10 -48.88 -28.55
CA GLU D 410 -34.29 -49.50 -29.16
C GLU D 410 -33.87 -50.46 -30.24
N THR D 411 -34.47 -51.66 -30.26
CA THR D 411 -34.18 -52.59 -31.35
C THR D 411 -35.09 -52.35 -32.55
N LYS D 412 -36.21 -51.64 -32.34
CA LYS D 412 -37.06 -51.24 -33.47
C LYS D 412 -36.99 -49.71 -33.72
N GLY D 413 -36.88 -49.34 -34.99
CA GLY D 413 -36.76 -47.94 -35.38
C GLY D 413 -38.12 -47.27 -35.51
N PRO D 414 -38.11 -46.01 -35.93
CA PRO D 414 -39.34 -45.22 -35.95
C PRO D 414 -40.32 -45.70 -37.04
N ASP D 415 -39.85 -46.48 -38.01
CA ASP D 415 -40.78 -47.06 -38.99
C ASP D 415 -41.29 -48.43 -38.54
N GLY D 416 -40.94 -48.83 -37.31
CA GLY D 416 -41.45 -50.07 -36.74
C GLY D 416 -40.63 -51.33 -37.03
N ASN D 417 -39.55 -51.15 -37.79
CA ASN D 417 -38.74 -52.27 -38.22
C ASN D 417 -37.58 -52.49 -37.26
N ALA D 418 -37.25 -53.76 -37.02
CA ALA D 418 -36.04 -54.11 -36.26
C ALA D 418 -34.80 -53.55 -36.97
N ILE D 419 -33.78 -53.23 -36.20
CA ILE D 419 -32.56 -52.73 -36.84
C ILE D 419 -32.03 -53.77 -37.81
N GLY D 420 -32.25 -55.05 -37.47
CA GLY D 420 -31.84 -56.14 -38.33
C GLY D 420 -32.49 -57.42 -37.78
N PRO D 421 -32.43 -58.54 -38.52
CA PRO D 421 -33.12 -59.77 -38.12
C PRO D 421 -32.43 -60.47 -36.96
N PRO D 422 -33.19 -61.23 -36.16
CA PRO D 422 -32.59 -62.06 -35.10
C PRO D 422 -31.73 -63.17 -35.69
N THR D 423 -30.70 -63.55 -34.94
CA THR D 423 -29.81 -64.59 -35.42
C THR D 423 -29.98 -65.87 -34.62
N GLY D 424 -30.79 -65.80 -33.57
CA GLY D 424 -31.05 -66.98 -32.78
C GLY D 424 -31.35 -66.67 -31.32
N ASN D 425 -30.47 -65.93 -30.68
CA ASN D 425 -30.68 -65.61 -29.27
C ASN D 425 -31.50 -64.34 -29.04
N ALA D 426 -31.52 -63.84 -27.81
CA ALA D 426 -32.41 -62.73 -27.47
C ALA D 426 -31.90 -61.34 -27.87
N TRP D 427 -30.63 -61.23 -28.28
CA TRP D 427 -30.07 -59.88 -28.40
C TRP D 427 -29.22 -59.59 -29.63
N ILE D 428 -28.71 -60.63 -30.28
CA ILE D 428 -27.82 -60.38 -31.41
C ILE D 428 -28.65 -60.25 -32.68
N ASN D 429 -28.91 -59.01 -33.04
CA ASN D 429 -29.52 -58.71 -34.33
C ASN D 429 -28.48 -58.44 -35.40
N MET D 430 -28.77 -58.90 -36.61
CA MET D 430 -27.77 -58.92 -37.65
C MET D 430 -27.69 -57.53 -38.25
N TYR D 431 -26.58 -56.82 -38.04
CA TYR D 431 -26.41 -55.46 -38.56
C TYR D 431 -24.94 -55.17 -38.81
N PRO D 432 -24.38 -55.78 -39.85
CA PRO D 432 -22.96 -55.63 -40.14
C PRO D 432 -22.58 -54.17 -40.39
N LYS D 433 -23.52 -53.33 -40.88
CA LYS D 433 -23.18 -51.92 -41.08
C LYS D 433 -22.67 -51.25 -39.81
N GLY D 434 -23.14 -51.68 -38.63
CA GLY D 434 -22.70 -51.09 -37.37
C GLY D 434 -21.20 -51.20 -37.18
N LEU D 435 -20.60 -52.25 -37.71
CA LEU D 435 -19.17 -52.48 -37.56
C LEU D 435 -18.42 -51.41 -38.35
N HIS D 436 -18.91 -51.14 -39.56
CA HIS D 436 -18.34 -50.06 -40.35
C HIS D 436 -18.45 -48.70 -39.64
N ASP D 437 -19.62 -48.41 -39.07
CA ASP D 437 -19.87 -47.15 -38.35
C ASP D 437 -18.84 -46.99 -37.21
N ILE D 438 -18.68 -48.05 -36.43
CA ILE D 438 -17.71 -48.05 -35.32
C ILE D 438 -16.28 -47.84 -35.83
N LEU D 439 -15.89 -48.52 -36.91
CA LEU D 439 -14.51 -48.41 -37.35
C LEU D 439 -14.21 -47.02 -37.92
N MET D 440 -15.21 -46.39 -38.51
CA MET D 440 -15.04 -45.03 -39.03
C MET D 440 -14.86 -44.04 -37.87
N THR D 441 -15.60 -44.26 -36.79
CA THR D 441 -15.40 -43.48 -35.57
C THR D 441 -14.00 -43.68 -35.02
N MET D 442 -13.54 -44.92 -34.94
CA MET D 442 -12.19 -45.16 -34.43
C MET D 442 -11.17 -44.46 -35.33
N LYS D 443 -11.42 -44.50 -36.65
CA LYS D 443 -10.45 -43.93 -37.62
C LYS D 443 -10.45 -42.41 -37.58
N ASN D 444 -11.64 -41.82 -37.61
CA ASN D 444 -11.76 -40.37 -37.73
C ASN D 444 -11.74 -39.57 -36.43
N LYS D 445 -12.21 -40.17 -35.33
CA LYS D 445 -12.30 -39.43 -34.07
C LYS D 445 -11.16 -39.75 -33.11
N TYR D 446 -10.73 -41.00 -33.09
CA TYR D 446 -9.79 -41.47 -32.08
C TYR D 446 -8.42 -41.86 -32.60
N GLY D 447 -8.09 -41.41 -33.81
CA GLY D 447 -6.72 -41.50 -34.31
C GLY D 447 -6.35 -42.74 -35.08
N ASN D 448 -7.32 -43.61 -35.36
CA ASN D 448 -7.06 -44.81 -36.17
C ASN D 448 -5.92 -45.71 -35.60
N PRO D 449 -6.04 -46.14 -34.36
CA PRO D 449 -5.03 -47.01 -33.74
C PRO D 449 -5.05 -48.41 -34.39
N PRO D 450 -4.00 -49.21 -34.25
CA PRO D 450 -4.05 -50.59 -34.74
C PRO D 450 -5.22 -51.29 -34.04
N MET D 451 -6.03 -52.01 -34.80
CA MET D 451 -7.23 -52.66 -34.26
C MET D 451 -7.32 -54.10 -34.68
N TYR D 452 -7.92 -54.92 -33.82
CA TYR D 452 -8.28 -56.30 -34.18
C TYR D 452 -9.74 -56.48 -33.85
N ILE D 453 -10.48 -57.20 -34.68
CA ILE D 453 -11.84 -57.59 -34.29
C ILE D 453 -11.66 -58.81 -33.40
N THR D 454 -11.59 -58.59 -32.09
CA THR D 454 -11.22 -59.66 -31.18
C THR D 454 -12.36 -60.63 -30.85
N GLU D 455 -13.60 -60.24 -31.18
CA GLU D 455 -14.74 -61.17 -31.18
C GLU D 455 -15.78 -60.72 -32.21
N ASN D 456 -16.36 -61.70 -32.89
CA ASN D 456 -17.53 -61.45 -33.74
C ASN D 456 -18.22 -62.81 -33.94
N GLY D 457 -19.52 -62.87 -33.66
CA GLY D 457 -20.22 -64.16 -33.80
C GLY D 457 -21.65 -64.10 -33.33
N MET D 458 -22.29 -65.26 -33.28
CA MET D 458 -23.70 -65.33 -32.89
C MET D 458 -24.00 -66.74 -32.43
N GLY D 459 -25.15 -66.91 -31.78
CA GLY D 459 -25.45 -68.19 -31.17
C GLY D 459 -26.63 -68.91 -31.83
N ASP D 460 -26.55 -70.25 -31.87
CA ASP D 460 -27.65 -71.11 -32.26
C ASP D 460 -28.31 -71.63 -31.01
N ILE D 461 -29.64 -71.59 -30.97
CA ILE D 461 -30.35 -72.04 -29.77
C ILE D 461 -30.37 -73.56 -29.71
N ASP D 462 -30.07 -74.12 -28.53
CA ASP D 462 -30.11 -75.57 -28.33
C ASP D 462 -30.66 -75.84 -26.95
N LYS D 463 -31.94 -76.16 -26.89
CA LYS D 463 -32.55 -76.48 -25.59
C LYS D 463 -32.87 -77.96 -25.50
N GLY D 464 -32.11 -78.79 -26.23
CA GLY D 464 -32.20 -80.24 -26.12
C GLY D 464 -32.89 -80.93 -27.29
N ASP D 465 -33.26 -80.15 -28.29
CA ASP D 465 -34.06 -80.65 -29.41
C ASP D 465 -33.32 -80.54 -30.74
N LEU D 466 -32.09 -80.06 -30.70
CA LEU D 466 -31.32 -79.73 -31.90
C LEU D 466 -30.48 -80.92 -32.34
N PRO D 467 -30.86 -81.58 -33.43
CA PRO D 467 -30.04 -82.69 -33.95
C PRO D 467 -28.66 -82.20 -34.34
N LYS D 468 -27.65 -83.03 -34.08
CA LYS D 468 -26.30 -82.67 -34.45
C LYS D 468 -26.14 -82.35 -35.93
N PRO D 469 -26.76 -83.12 -36.83
CA PRO D 469 -26.66 -82.79 -38.27
C PRO D 469 -27.19 -81.40 -38.61
N VAL D 470 -28.18 -80.92 -37.85
CA VAL D 470 -28.71 -79.59 -38.08
C VAL D 470 -27.80 -78.53 -37.46
N ALA D 471 -27.30 -78.81 -36.26
CA ALA D 471 -26.32 -77.89 -35.64
C ALA D 471 -25.07 -77.69 -36.50
N LEU D 472 -24.63 -78.72 -37.22
CA LEU D 472 -23.46 -78.63 -38.09
C LEU D 472 -23.70 -77.80 -39.35
N GLU D 473 -24.95 -77.79 -39.81
CA GLU D 473 -25.32 -77.05 -41.02
C GLU D 473 -25.68 -75.61 -40.59
N ASP D 474 -24.68 -74.87 -40.11
CA ASP D 474 -24.92 -73.60 -39.45
C ASP D 474 -24.92 -72.44 -40.45
N HIS D 475 -25.91 -72.48 -41.34
CA HIS D 475 -25.98 -71.51 -42.42
C HIS D 475 -26.12 -70.07 -41.96
N THR D 476 -26.87 -69.85 -40.88
CA THR D 476 -27.04 -68.49 -40.35
C THR D 476 -25.69 -67.91 -39.90
N ARG D 477 -24.92 -68.73 -39.18
CA ARG D 477 -23.61 -68.30 -38.72
C ARG D 477 -22.66 -68.03 -39.90
N LEU D 478 -22.69 -68.89 -40.93
CA LEU D 478 -21.80 -68.70 -42.06
C LEU D 478 -22.12 -67.36 -42.74
N ASP D 479 -23.40 -67.11 -42.94
CA ASP D 479 -23.87 -65.86 -43.56
C ASP D 479 -23.43 -64.66 -42.71
N TYR D 480 -23.72 -64.71 -41.42
CA TYR D 480 -23.23 -63.73 -40.44
C TYR D 480 -21.73 -63.43 -40.58
N ILE D 481 -20.89 -64.46 -40.52
CA ILE D 481 -19.45 -64.25 -40.69
C ILE D 481 -19.13 -63.65 -42.06
N GLN D 482 -19.68 -64.22 -43.13
CA GLN D 482 -19.36 -63.70 -44.46
C GLN D 482 -19.76 -62.23 -44.59
N ARG D 483 -20.91 -61.87 -44.04
CA ARG D 483 -21.35 -60.48 -44.15
C ARG D 483 -20.50 -59.51 -43.32
N HIS D 484 -20.05 -59.96 -42.16
CA HIS D 484 -19.18 -59.07 -41.37
C HIS D 484 -17.79 -58.95 -41.97
N LEU D 485 -17.29 -60.01 -42.59
CA LEU D 485 -16.00 -59.90 -43.26
C LEU D 485 -16.11 -58.98 -44.48
N SER D 486 -17.26 -59.00 -45.15
CA SER D 486 -17.45 -58.12 -46.29
C SER D 486 -17.43 -56.67 -45.83
N VAL D 487 -18.12 -56.38 -44.74
CA VAL D 487 -18.11 -55.00 -44.24
C VAL D 487 -16.73 -54.62 -43.77
N LEU D 488 -16.00 -55.58 -43.21
CA LEU D 488 -14.65 -55.30 -42.71
C LEU D 488 -13.72 -54.95 -43.87
N LYS D 489 -13.88 -55.65 -44.99
CA LYS D 489 -13.12 -55.33 -46.21
C LYS D 489 -13.39 -53.89 -46.64
N GLN D 490 -14.66 -53.52 -46.62
CA GLN D 490 -15.04 -52.15 -46.99
C GLN D 490 -14.38 -51.13 -46.08
N SER D 491 -14.36 -51.43 -44.78
CA SER D 491 -13.75 -50.53 -43.79
C SER D 491 -12.25 -50.38 -43.98
N ILE D 492 -11.57 -51.49 -44.25
CA ILE D 492 -10.13 -51.45 -44.46
C ILE D 492 -9.81 -50.69 -45.76
N ASP D 493 -10.63 -50.89 -46.78
CA ASP D 493 -10.45 -50.13 -48.02
C ASP D 493 -10.63 -48.62 -47.78
N LEU D 494 -11.46 -48.27 -46.81
CA LEU D 494 -11.66 -46.87 -46.45
C LEU D 494 -10.62 -46.33 -45.48
N GLY D 495 -9.63 -47.14 -45.13
CA GLY D 495 -8.49 -46.69 -44.35
C GLY D 495 -8.47 -47.05 -42.88
N ALA D 496 -9.44 -47.83 -42.39
CA ALA D 496 -9.38 -48.25 -40.99
C ALA D 496 -8.23 -49.23 -40.77
N ASP D 497 -7.47 -49.03 -39.70
CA ASP D 497 -6.28 -49.85 -39.47
C ASP D 497 -6.62 -51.15 -38.72
N VAL D 498 -7.44 -52.00 -39.33
CA VAL D 498 -7.74 -53.31 -38.76
C VAL D 498 -6.80 -54.39 -39.29
N ARG D 499 -6.29 -55.23 -38.40
CA ARG D 499 -5.18 -56.12 -38.74
C ARG D 499 -5.51 -57.58 -38.51
N GLY D 500 -6.72 -57.86 -38.03
CA GLY D 500 -7.10 -59.24 -37.82
C GLY D 500 -8.53 -59.41 -37.40
N TYR D 501 -9.02 -60.64 -37.47
CA TYR D 501 -10.41 -60.96 -37.19
C TYR D 501 -10.43 -62.27 -36.43
N PHE D 502 -11.10 -62.29 -35.28
CA PHE D 502 -11.26 -63.52 -34.50
C PHE D 502 -12.73 -63.91 -34.38
N ALA D 503 -13.11 -65.11 -34.82
CA ALA D 503 -14.49 -65.54 -34.69
C ALA D 503 -14.76 -65.88 -33.21
N TRP D 504 -15.85 -65.36 -32.62
CA TRP D 504 -16.34 -65.95 -31.37
C TRP D 504 -17.41 -67.00 -31.72
N SER D 505 -17.18 -68.29 -31.43
CA SER D 505 -16.04 -68.86 -30.70
C SER D 505 -15.45 -69.99 -31.49
N LEU D 506 -14.23 -70.40 -31.14
CA LEU D 506 -13.72 -71.64 -31.67
C LEU D 506 -14.70 -72.78 -31.36
N LEU D 507 -15.19 -72.79 -30.12
CA LEU D 507 -15.93 -73.94 -29.58
C LEU D 507 -17.30 -73.56 -29.05
N ASP D 508 -18.31 -74.42 -29.25
CA ASP D 508 -19.51 -74.31 -28.40
C ASP D 508 -19.08 -74.37 -26.95
N ASN D 509 -19.64 -73.48 -26.14
CA ASN D 509 -19.12 -73.34 -24.79
C ASN D 509 -20.17 -72.85 -23.83
N PHE D 510 -19.77 -72.58 -22.60
CA PHE D 510 -20.68 -72.11 -21.57
C PHE D 510 -20.95 -70.63 -21.81
N GLU D 511 -22.15 -70.30 -22.28
CA GLU D 511 -22.47 -68.91 -22.63
C GLU D 511 -23.05 -68.23 -21.40
N TRP D 512 -22.22 -68.15 -20.37
CA TRP D 512 -22.51 -67.38 -19.17
C TRP D 512 -23.91 -67.70 -18.61
N SER D 513 -24.74 -66.69 -18.42
CA SER D 513 -26.04 -66.95 -17.80
C SER D 513 -27.08 -67.61 -18.73
N SER D 514 -26.77 -67.75 -20.01
CA SER D 514 -27.54 -68.68 -20.86
C SER D 514 -27.10 -70.16 -20.79
N GLY D 515 -26.02 -70.46 -20.04
CA GLY D 515 -25.48 -71.81 -19.98
C GLY D 515 -25.16 -72.42 -21.36
N TYR D 516 -25.53 -73.68 -21.57
CA TYR D 516 -25.23 -74.31 -22.84
C TYR D 516 -26.30 -74.12 -23.93
N THR D 517 -27.34 -73.35 -23.63
CA THR D 517 -28.48 -73.19 -24.53
C THR D 517 -28.18 -72.37 -25.80
N GLU D 518 -27.05 -71.68 -25.82
CA GLU D 518 -26.60 -70.97 -27.02
C GLU D 518 -25.25 -71.49 -27.46
N ARG D 519 -25.21 -72.07 -28.65
CA ARG D 519 -23.99 -72.60 -29.21
C ARG D 519 -23.37 -71.53 -30.12
N PHE D 520 -22.21 -70.98 -29.75
CA PHE D 520 -21.55 -69.94 -30.54
C PHE D 520 -20.37 -70.46 -31.37
N GLY D 521 -20.06 -71.74 -31.28
CA GLY D 521 -18.86 -72.27 -31.91
C GLY D 521 -18.87 -72.41 -33.42
N ILE D 522 -17.71 -72.31 -34.06
CA ILE D 522 -17.59 -72.78 -35.43
C ILE D 522 -17.32 -74.28 -35.37
N VAL D 523 -17.00 -74.76 -34.17
CA VAL D 523 -16.77 -76.20 -33.97
C VAL D 523 -17.80 -76.71 -32.95
N TYR D 524 -18.55 -77.76 -33.32
CA TYR D 524 -19.58 -78.35 -32.44
C TYR D 524 -18.92 -79.16 -31.31
N VAL D 525 -19.41 -78.97 -30.09
CA VAL D 525 -18.89 -79.72 -28.93
C VAL D 525 -19.98 -80.60 -28.36
N ASP D 526 -19.74 -81.89 -28.37
CA ASP D 526 -20.76 -82.86 -27.95
C ASP D 526 -20.54 -83.28 -26.50
N ARG D 527 -21.21 -82.58 -25.59
CA ARG D 527 -20.97 -82.75 -24.15
C ARG D 527 -21.39 -84.14 -23.62
N GLU D 528 -22.38 -84.74 -24.26
CA GLU D 528 -22.83 -86.11 -23.92
C GLU D 528 -21.89 -87.22 -24.42
N ASN D 529 -20.94 -86.88 -25.28
CA ASN D 529 -20.01 -87.83 -25.82
C ASN D 529 -18.57 -87.33 -25.64
N GLY D 530 -18.19 -87.05 -24.40
CA GLY D 530 -16.81 -86.70 -24.06
C GLY D 530 -16.33 -85.36 -24.62
N CYS D 531 -17.27 -84.43 -24.82
CA CYS D 531 -16.95 -83.15 -25.49
C CYS D 531 -16.27 -83.32 -26.85
N GLU D 532 -16.59 -84.40 -27.55
CA GLU D 532 -15.95 -84.63 -28.84
C GLU D 532 -16.26 -83.44 -29.77
N ARG D 533 -15.27 -83.02 -30.55
CA ARG D 533 -15.41 -81.87 -31.44
C ARG D 533 -15.65 -82.25 -32.89
N THR D 534 -16.57 -81.54 -33.57
CA THR D 534 -16.80 -81.70 -35.01
C THR D 534 -16.91 -80.32 -35.68
N MET D 535 -16.12 -80.08 -36.71
CA MET D 535 -16.24 -78.82 -37.47
C MET D 535 -17.66 -78.67 -38.02
N LYS D 536 -18.21 -77.45 -37.92
CA LYS D 536 -19.48 -77.14 -38.55
C LYS D 536 -19.23 -76.63 -39.97
N ARG D 537 -20.30 -76.36 -40.70
CA ARG D 537 -20.17 -75.76 -42.03
C ARG D 537 -19.32 -74.46 -42.02
N SER D 538 -19.55 -73.61 -41.03
CA SER D 538 -18.79 -72.37 -40.93
C SER D 538 -17.29 -72.65 -40.83
N ALA D 539 -16.90 -73.64 -40.01
CA ALA D 539 -15.48 -74.03 -39.88
C ALA D 539 -14.91 -74.52 -41.20
N ARG D 540 -15.69 -75.33 -41.90
CA ARG D 540 -15.24 -75.84 -43.19
C ARG D 540 -15.07 -74.70 -44.20
N TRP D 541 -15.92 -73.70 -44.14
CA TRP D 541 -15.79 -72.57 -45.05
C TRP D 541 -14.52 -71.79 -44.73
N LEU D 542 -14.29 -71.52 -43.44
CA LEU D 542 -13.05 -70.87 -42.97
C LEU D 542 -11.83 -71.68 -43.37
N GLN D 543 -11.94 -73.00 -43.30
CA GLN D 543 -10.85 -73.87 -43.72
C GLN D 543 -10.50 -73.64 -45.21
N GLU D 544 -11.52 -73.64 -46.06
CA GLU D 544 -11.32 -73.36 -47.49
C GLU D 544 -10.77 -71.95 -47.70
N PHE D 545 -11.41 -70.98 -47.05
CA PHE D 545 -11.03 -69.56 -47.12
C PHE D 545 -9.54 -69.38 -46.80
N ASN D 546 -9.09 -70.00 -45.71
CA ASN D 546 -7.71 -69.84 -45.29
C ASN D 546 -6.76 -70.62 -46.18
N GLY D 547 -7.31 -71.49 -47.01
CA GLY D 547 -6.50 -72.32 -47.88
C GLY D 547 -5.84 -73.45 -47.11
N ARG E 64 -5.15 18.25 -2.64
CA ARG E 64 -3.92 17.46 -2.27
C ARG E 64 -3.74 17.28 -0.75
N LEU E 65 -4.01 18.33 0.04
CA LEU E 65 -4.25 18.14 1.47
C LEU E 65 -5.51 17.29 1.58
N SER E 66 -5.63 16.44 2.61
CA SER E 66 -6.87 15.70 2.82
C SER E 66 -7.99 16.66 3.22
N PRO E 67 -9.25 16.23 3.04
CA PRO E 67 -10.39 17.12 3.26
C PRO E 67 -10.47 17.75 4.65
N TRP E 68 -10.10 16.99 5.67
CA TRP E 68 -10.18 17.51 7.04
C TRP E 68 -8.97 18.42 7.34
N GLU E 69 -7.99 18.41 6.43
CA GLU E 69 -6.80 19.25 6.61
C GLU E 69 -6.93 20.60 5.91
N ILE E 70 -8.01 20.79 5.15
CA ILE E 70 -8.19 22.05 4.45
C ILE E 70 -8.65 23.08 5.44
N PRO E 71 -7.96 24.21 5.50
CA PRO E 71 -8.33 25.25 6.47
C PRO E 71 -9.79 25.70 6.34
N ARG E 72 -10.41 25.98 7.48
CA ARG E 72 -11.73 26.58 7.55
C ARG E 72 -11.59 27.96 8.22
N ARG E 73 -12.48 28.89 7.92
CA ARG E 73 -12.34 30.25 8.46
C ARG E 73 -12.19 30.33 10.00
N ASP E 74 -12.93 29.50 10.74
CA ASP E 74 -12.80 29.65 12.21
C ASP E 74 -11.58 28.94 12.82
N TRP E 75 -10.69 28.44 11.96
CA TRP E 75 -9.35 28.12 12.42
C TRP E 75 -8.66 29.40 12.87
N PHE E 76 -9.12 30.54 12.36
CA PHE E 76 -8.53 31.84 12.68
C PHE E 76 -9.48 32.69 13.50
N PRO E 77 -8.91 33.56 14.34
CA PRO E 77 -9.72 34.48 15.17
C PRO E 77 -10.70 35.32 14.37
N PRO E 78 -11.82 35.64 15.00
CA PRO E 78 -12.83 36.51 14.40
C PRO E 78 -12.24 37.79 13.81
N SER E 79 -11.23 38.34 14.48
CA SER E 79 -10.68 39.63 14.07
C SER E 79 -9.60 39.49 12.97
N PHE E 80 -9.20 38.26 12.69
CA PHE E 80 -8.16 37.99 11.68
C PHE E 80 -8.64 38.53 10.33
N LEU E 81 -7.73 39.09 9.53
CA LEU E 81 -8.08 39.69 8.25
C LEU E 81 -7.64 38.82 7.09
N PHE E 82 -8.53 38.62 6.12
CA PHE E 82 -8.16 37.98 4.86
C PHE E 82 -8.29 39.01 3.75
N GLY E 83 -7.24 39.13 2.95
CA GLY E 83 -7.24 40.11 1.87
C GLY E 83 -6.44 39.64 0.67
N ALA E 84 -6.23 40.57 -0.25
CA ALA E 84 -5.38 40.34 -1.40
C ALA E 84 -4.58 41.61 -1.60
N ALA E 85 -3.52 41.54 -2.42
CA ALA E 85 -2.60 42.67 -2.53
C ALA E 85 -2.27 42.94 -4.01
N THR E 86 -1.97 44.20 -4.31
CA THR E 86 -1.48 44.61 -5.61
C THR E 86 -0.44 45.72 -5.41
N SER E 87 0.16 46.20 -6.50
CA SER E 87 0.93 47.44 -6.44
C SER E 87 0.61 48.33 -7.65
N ALA E 88 0.86 49.64 -7.50
CA ALA E 88 0.45 50.63 -8.49
C ALA E 88 0.98 50.36 -9.92
N TYR E 89 2.30 50.21 -10.06
CA TYR E 89 2.85 50.01 -11.40
C TYR E 89 2.35 48.70 -12.00
N GLN E 90 2.11 47.70 -11.16
CA GLN E 90 1.76 46.40 -11.71
C GLN E 90 0.32 46.32 -12.19
N ILE E 91 -0.56 47.18 -11.66
CA ILE E 91 -1.99 47.09 -12.07
C ILE E 91 -2.63 48.33 -12.71
N GLU E 92 -2.11 49.53 -12.48
CA GLU E 92 -2.93 50.73 -12.73
C GLU E 92 -3.09 51.07 -14.22
N GLY E 93 -1.99 50.96 -14.95
CA GLY E 93 -1.94 51.53 -16.30
C GLY E 93 -2.02 53.06 -16.24
N ALA E 94 -2.66 53.67 -17.22
CA ALA E 94 -2.76 55.13 -17.28
C ALA E 94 -1.45 55.80 -16.93
N TRP E 95 -0.36 55.35 -17.56
CA TRP E 95 0.98 55.68 -17.13
C TRP E 95 1.32 57.16 -17.33
N ASN E 96 0.65 57.82 -18.27
CA ASN E 96 0.89 59.24 -18.49
C ASN E 96 -0.41 60.01 -18.60
N GLU E 97 -1.45 59.47 -17.97
CA GLU E 97 -2.78 60.06 -17.96
C GLU E 97 -2.97 61.04 -16.81
N ASP E 98 -3.83 62.04 -17.05
CA ASP E 98 -4.26 62.96 -16.01
C ASP E 98 -3.10 63.57 -15.24
N GLY E 99 -2.02 63.90 -15.94
CA GLY E 99 -0.94 64.64 -15.30
C GLY E 99 0.14 63.82 -14.63
N LYS E 100 -0.02 62.50 -14.61
CA LYS E 100 0.96 61.63 -13.93
C LYS E 100 2.34 61.76 -14.56
N GLY E 101 3.38 61.90 -13.72
CA GLY E 101 4.79 61.91 -14.15
C GLY E 101 5.36 60.50 -14.31
N PRO E 102 6.45 60.37 -15.07
CA PRO E 102 7.07 59.06 -15.28
C PRO E 102 7.80 58.56 -14.04
N SER E 103 7.74 57.25 -13.80
CA SER E 103 8.61 56.65 -12.78
C SER E 103 9.83 56.00 -13.42
N THR E 104 10.73 55.51 -12.58
CA THR E 104 11.85 54.68 -13.03
C THR E 104 11.35 53.48 -13.81
N TRP E 105 10.19 52.94 -13.46
CA TRP E 105 9.67 51.78 -14.17
C TRP E 105 9.17 52.15 -15.60
N ASP E 106 8.49 53.27 -15.73
CA ASP E 106 8.13 53.76 -17.07
C ASP E 106 9.41 53.91 -17.89
N HIS E 107 10.41 54.52 -17.29
CA HIS E 107 11.68 54.80 -17.98
C HIS E 107 12.39 53.51 -18.41
N PHE E 108 12.47 52.56 -17.50
CA PHE E 108 13.15 51.30 -17.74
C PHE E 108 12.46 50.52 -18.87
N CYS E 109 11.15 50.36 -18.78
CA CYS E 109 10.43 49.59 -19.81
C CYS E 109 10.51 50.25 -21.19
N HIS E 110 10.50 51.59 -21.21
CA HIS E 110 10.43 52.31 -22.47
C HIS E 110 11.82 52.39 -23.12
N ASN E 111 12.88 52.33 -22.33
CA ASN E 111 14.23 52.45 -22.86
C ASN E 111 14.97 51.12 -23.01
N PHE E 112 14.60 50.15 -22.19
CA PHE E 112 15.24 48.86 -22.21
C PHE E 112 14.22 47.73 -22.34
N PRO E 113 13.38 47.75 -23.39
CA PRO E 113 12.37 46.71 -23.57
C PRO E 113 12.98 45.33 -23.66
N GLU E 114 14.21 45.23 -24.15
CA GLU E 114 14.85 43.94 -24.27
C GLU E 114 15.20 43.29 -22.91
N TRP E 115 15.11 44.07 -21.83
CA TRP E 115 15.37 43.55 -20.50
C TRP E 115 14.08 43.12 -19.80
N ILE E 116 12.95 43.16 -20.52
CA ILE E 116 11.72 42.48 -20.07
C ILE E 116 11.55 41.23 -20.92
N VAL E 117 11.26 40.10 -20.29
CA VAL E 117 11.29 38.82 -21.01
C VAL E 117 10.37 38.80 -22.26
N ASP E 118 9.21 39.46 -22.19
CA ASP E 118 8.29 39.51 -23.31
C ASP E 118 8.21 40.90 -23.93
N ARG E 119 9.20 41.75 -23.65
CA ARG E 119 9.23 43.14 -24.16
C ARG E 119 7.94 43.92 -23.90
N SER E 120 7.33 43.73 -22.74
CA SER E 120 6.09 44.42 -22.43
C SER E 120 6.34 45.54 -21.45
N ASN E 121 5.27 46.25 -21.10
CA ASN E 121 5.39 47.33 -20.14
C ASN E 121 4.12 47.50 -19.33
N GLY E 122 4.15 48.40 -18.36
CA GLY E 122 2.99 48.67 -17.49
C GLY E 122 2.11 49.81 -17.99
N ASP E 123 2.19 50.16 -19.28
CA ASP E 123 1.42 51.32 -19.79
C ASP E 123 -0.07 51.17 -19.53
N VAL E 124 -0.56 49.96 -19.74
CA VAL E 124 -1.96 49.62 -19.52
C VAL E 124 -2.14 48.64 -18.33
N ALA E 125 -1.31 47.60 -18.27
CA ALA E 125 -1.34 46.65 -17.14
C ALA E 125 -2.74 46.06 -16.95
N ALA E 126 -3.33 46.14 -15.75
CA ALA E 126 -4.71 45.64 -15.57
C ALA E 126 -5.73 46.78 -15.69
N ASP E 127 -5.25 47.96 -16.05
CA ASP E 127 -6.11 49.14 -16.24
C ASP E 127 -6.89 49.49 -14.97
N SER E 128 -6.29 49.29 -13.81
CA SER E 128 -7.02 49.55 -12.57
C SER E 128 -7.26 51.03 -12.32
N TYR E 129 -6.52 51.92 -13.00
CA TYR E 129 -6.87 53.35 -12.95
C TYR E 129 -8.32 53.59 -13.40
N HIS E 130 -8.76 52.88 -14.43
CA HIS E 130 -10.13 53.03 -14.91
C HIS E 130 -11.08 51.99 -14.32
N MET E 131 -10.52 50.84 -13.94
CA MET E 131 -11.35 49.69 -13.57
C MET E 131 -11.36 49.37 -12.07
N TYR E 132 -10.98 50.32 -11.25
CA TYR E 132 -10.85 50.07 -9.81
C TYR E 132 -12.18 49.61 -9.18
N ALA E 133 -13.32 50.06 -9.72
CA ALA E 133 -14.60 49.63 -9.15
C ALA E 133 -14.83 48.12 -9.29
N GLU E 134 -14.32 47.54 -10.38
CA GLU E 134 -14.32 46.07 -10.57
C GLU E 134 -13.43 45.40 -9.52
N ASP E 135 -12.29 46.00 -9.25
CA ASP E 135 -11.40 45.44 -8.25
C ASP E 135 -12.13 45.33 -6.89
N VAL E 136 -12.79 46.41 -6.48
CA VAL E 136 -13.56 46.42 -5.23
C VAL E 136 -14.71 45.41 -5.27
N ARG E 137 -15.41 45.36 -6.39
CA ARG E 137 -16.51 44.39 -6.53
C ARG E 137 -16.00 42.97 -6.30
N LEU E 138 -14.86 42.64 -6.90
CA LEU E 138 -14.30 41.31 -6.76
C LEU E 138 -13.92 41.01 -5.30
N LEU E 139 -13.28 41.97 -4.65
CA LEU E 139 -12.88 41.83 -3.24
C LEU E 139 -14.11 41.59 -2.36
N LYS E 140 -15.16 42.36 -2.64
CA LYS E 140 -16.42 42.25 -1.89
C LYS E 140 -17.09 40.89 -2.12
N GLU E 141 -17.18 40.47 -3.37
CA GLU E 141 -17.79 39.18 -3.70
C GLU E 141 -17.06 38.02 -3.04
N MET E 142 -15.75 38.15 -2.89
CA MET E 142 -14.96 37.08 -2.27
C MET E 142 -15.01 37.13 -0.76
N GLY E 143 -15.65 38.16 -0.22
CA GLY E 143 -15.76 38.32 1.23
C GLY E 143 -14.47 38.75 1.91
N MET E 144 -13.58 39.42 1.19
CA MET E 144 -12.33 39.87 1.77
C MET E 144 -12.58 40.98 2.78
N ASP E 145 -11.76 40.97 3.83
CA ASP E 145 -11.80 41.94 4.92
C ASP E 145 -10.94 43.18 4.65
N ALA E 146 -9.95 43.03 3.77
CA ALA E 146 -8.94 44.07 3.62
C ALA E 146 -8.35 44.00 2.23
N TYR E 147 -7.74 45.10 1.81
CA TYR E 147 -7.07 45.15 0.51
C TYR E 147 -5.80 45.97 0.70
N ARG E 148 -4.69 45.39 0.25
CA ARG E 148 -3.41 46.08 0.29
C ARG E 148 -3.06 46.57 -1.11
N PHE E 149 -2.87 47.88 -1.28
CA PHE E 149 -2.51 48.42 -2.60
C PHE E 149 -1.51 49.53 -2.36
N SER E 150 -0.86 50.01 -3.42
CA SER E 150 0.14 51.05 -3.24
C SER E 150 -0.26 52.35 -3.97
N ILE E 151 0.33 53.45 -3.54
CA ILE E 151 0.10 54.77 -4.15
C ILE E 151 1.30 55.08 -5.03
N SER E 152 1.04 55.49 -6.27
CA SER E 152 2.11 55.91 -7.19
C SER E 152 2.64 57.31 -6.84
N TRP E 153 3.87 57.38 -6.36
CA TRP E 153 4.53 58.66 -6.06
C TRP E 153 4.41 59.68 -7.21
N PRO E 154 4.84 59.34 -8.44
CA PRO E 154 4.73 60.34 -9.53
C PRO E 154 3.31 60.56 -10.06
N ARG E 155 2.34 59.77 -9.61
CA ARG E 155 0.95 60.12 -9.88
C ARG E 155 0.47 61.23 -8.93
N ILE E 156 1.03 61.27 -7.71
CA ILE E 156 0.69 62.32 -6.74
C ILE E 156 1.57 63.56 -6.92
N LEU E 157 2.87 63.34 -7.08
CA LEU E 157 3.84 64.43 -7.29
C LEU E 157 4.58 64.18 -8.59
N PRO E 158 4.06 64.68 -9.70
CA PRO E 158 4.63 64.35 -11.02
C PRO E 158 6.11 64.64 -11.17
N LYS E 159 6.63 65.63 -10.45
CA LYS E 159 8.06 65.93 -10.48
C LYS E 159 8.79 65.35 -9.26
N GLY E 160 8.08 64.56 -8.46
CA GLY E 160 8.67 63.98 -7.27
C GLY E 160 8.70 64.87 -6.04
N THR E 161 8.48 66.18 -6.23
CA THR E 161 8.64 67.14 -5.15
C THR E 161 7.36 67.91 -4.85
N LEU E 162 7.29 68.47 -3.65
CA LEU E 162 6.19 69.35 -3.30
C LEU E 162 6.21 70.55 -4.25
N ALA E 163 7.41 71.07 -4.52
CA ALA E 163 7.58 72.28 -5.35
C ALA E 163 7.07 72.11 -6.77
N GLY E 164 7.15 70.89 -7.31
CA GLY E 164 6.62 70.60 -8.61
C GLY E 164 5.11 70.56 -8.68
N GLY E 165 4.43 70.54 -7.54
CA GLY E 165 2.98 70.53 -7.48
C GLY E 165 2.33 69.19 -7.21
N ILE E 166 1.20 69.21 -6.50
CA ILE E 166 0.38 68.02 -6.29
C ILE E 166 -0.60 67.83 -7.45
N ASN E 167 -0.63 66.62 -8.01
CA ASN E 167 -1.60 66.25 -9.03
C ASN E 167 -2.95 65.91 -8.36
N GLU E 168 -3.85 66.90 -8.30
CA GLU E 168 -5.10 66.65 -7.58
C GLU E 168 -5.97 65.57 -8.23
N LYS E 169 -5.81 65.35 -9.54
CA LYS E 169 -6.46 64.21 -10.18
C LYS E 169 -5.94 62.86 -9.63
N ARG E 170 -4.64 62.78 -9.39
CA ARG E 170 -4.09 61.58 -8.77
C ARG E 170 -4.66 61.39 -7.38
N VAL E 171 -4.73 62.49 -6.62
CA VAL E 171 -5.30 62.40 -5.26
C VAL E 171 -6.73 61.93 -5.34
N GLU E 172 -7.48 62.53 -6.25
CA GLU E 172 -8.88 62.17 -6.42
C GLU E 172 -9.03 60.67 -6.71
N TYR E 173 -8.14 60.10 -7.53
CA TYR E 173 -8.27 58.68 -7.87
C TYR E 173 -8.20 57.82 -6.60
N TYR E 174 -7.18 58.04 -5.79
CA TYR E 174 -7.04 57.20 -4.59
C TYR E 174 -8.17 57.47 -3.58
N ASN E 175 -8.63 58.72 -3.47
CA ASN E 175 -9.77 58.94 -2.58
C ASN E 175 -11.01 58.16 -3.02
N LYS E 176 -11.25 58.09 -4.34
CA LYS E 176 -12.37 57.31 -4.84
C LYS E 176 -12.25 55.82 -4.49
N LEU E 177 -11.05 55.27 -4.67
CA LEU E 177 -10.82 53.86 -4.37
C LEU E 177 -10.98 53.63 -2.87
N ILE E 178 -10.32 54.45 -2.05
CA ILE E 178 -10.46 54.30 -0.60
C ILE E 178 -11.94 54.39 -0.16
N ASP E 179 -12.65 55.41 -0.64
CA ASP E 179 -14.05 55.58 -0.21
C ASP E 179 -14.87 54.36 -0.60
N LEU E 180 -14.61 53.83 -1.79
CA LEU E 180 -15.39 52.70 -2.27
C LEU E 180 -15.13 51.44 -1.45
N LEU E 181 -13.86 51.22 -1.12
CA LEU E 181 -13.49 50.15 -0.21
C LEU E 181 -14.24 50.28 1.12
N LEU E 182 -14.14 51.45 1.74
CA LEU E 182 -14.72 51.68 3.07
C LEU E 182 -16.23 51.53 3.07
N GLU E 183 -16.86 51.96 1.98
CA GLU E 183 -18.31 51.81 1.82
C GLU E 183 -18.71 50.32 1.70
N ASN E 184 -17.78 49.49 1.24
CA ASN E 184 -18.01 48.07 1.15
C ASN E 184 -17.43 47.28 2.32
N GLY E 185 -17.03 47.99 3.37
CA GLY E 185 -16.47 47.37 4.58
C GLY E 185 -15.14 46.63 4.39
N ILE E 186 -14.34 47.06 3.41
CA ILE E 186 -13.00 46.50 3.19
C ILE E 186 -11.97 47.49 3.71
N GLU E 187 -11.08 47.03 4.59
CA GLU E 187 -10.11 47.90 5.20
C GLU E 187 -8.90 48.13 4.29
N PRO E 188 -8.57 49.38 3.97
CA PRO E 188 -7.36 49.65 3.17
C PRO E 188 -6.08 49.54 3.96
N TYR E 189 -5.12 48.82 3.39
CA TYR E 189 -3.78 48.75 3.91
C TYR E 189 -2.88 49.37 2.84
N ILE E 190 -2.39 50.58 3.07
CA ILE E 190 -1.72 51.32 1.99
C ILE E 190 -0.22 51.28 2.04
N THR E 191 0.39 50.79 0.95
CA THR E 191 1.84 50.85 0.80
C THR E 191 2.17 52.18 0.15
N ILE E 192 2.99 52.99 0.82
CA ILE E 192 3.36 54.30 0.29
C ILE E 192 4.31 54.15 -0.90
N PHE E 193 5.30 53.28 -0.77
CA PHE E 193 6.28 53.12 -1.86
C PHE E 193 6.47 51.66 -2.29
N HIS E 194 6.22 51.40 -3.56
CA HIS E 194 6.43 50.07 -4.12
C HIS E 194 7.25 50.17 -5.43
N TRP E 195 8.43 50.76 -5.31
CA TRP E 195 9.53 50.71 -6.28
C TRP E 195 9.45 51.72 -7.44
N ASP E 196 8.37 52.48 -7.49
CA ASP E 196 8.10 53.40 -8.60
C ASP E 196 8.56 54.84 -8.32
N THR E 197 9.86 55.03 -8.16
CA THR E 197 10.45 56.34 -7.88
C THR E 197 10.19 57.28 -9.06
N PRO E 198 9.78 58.52 -8.78
CA PRO E 198 9.66 59.53 -9.86
C PRO E 198 10.97 59.67 -10.64
N GLN E 199 10.90 59.49 -11.95
CA GLN E 199 12.10 59.62 -12.80
C GLN E 199 12.67 61.02 -12.72
N ALA E 200 11.83 62.02 -12.45
CA ALA E 200 12.34 63.39 -12.27
C ALA E 200 13.39 63.50 -11.14
N LEU E 201 13.24 62.67 -10.09
CA LEU E 201 14.20 62.68 -9.00
C LEU E 201 15.50 61.97 -9.37
N VAL E 202 15.41 60.98 -10.25
CA VAL E 202 16.62 60.35 -10.80
C VAL E 202 17.37 61.40 -11.68
N ASP E 203 16.64 62.10 -12.55
CA ASP E 203 17.26 63.18 -13.35
C ASP E 203 17.95 64.22 -12.48
N ALA E 204 17.28 64.63 -11.40
CA ALA E 204 17.81 65.67 -10.52
C ALA E 204 19.03 65.26 -9.70
N TYR E 205 18.98 64.07 -9.11
CA TYR E 205 20.04 63.70 -8.18
C TYR E 205 20.28 62.19 -8.02
N GLY E 206 19.74 61.40 -8.93
CA GLY E 206 19.93 59.95 -8.87
C GLY E 206 18.96 59.21 -7.95
N GLY E 207 17.89 59.89 -7.54
CA GLY E 207 16.87 59.26 -6.72
C GLY E 207 17.43 58.74 -5.40
N PHE E 208 17.16 57.45 -5.11
CA PHE E 208 17.58 56.87 -3.83
C PHE E 208 19.08 56.79 -3.63
N LEU E 209 19.87 57.07 -4.66
CA LEU E 209 21.34 57.06 -4.51
C LEU E 209 21.85 58.29 -3.77
N ASP E 210 20.96 59.26 -3.54
CA ASP E 210 21.30 60.51 -2.86
C ASP E 210 20.40 60.79 -1.66
N GLU E 211 20.95 61.35 -0.59
CA GLU E 211 20.16 61.59 0.60
C GLU E 211 19.05 62.63 0.41
N ARG E 212 19.11 63.37 -0.70
CA ARG E 212 18.01 64.27 -1.05
C ARG E 212 16.66 63.51 -1.14
N ILE E 213 16.73 62.22 -1.43
CA ILE E 213 15.51 61.42 -1.54
C ILE E 213 14.69 61.42 -0.21
N ILE E 214 15.36 61.60 0.91
CA ILE E 214 14.70 61.44 2.20
C ILE E 214 13.64 62.52 2.37
N LYS E 215 14.02 63.77 2.15
CA LYS E 215 13.01 64.82 2.28
C LYS E 215 11.89 64.68 1.25
N ASP E 216 12.22 64.30 0.02
CA ASP E 216 11.18 64.20 -0.99
C ASP E 216 10.22 63.06 -0.67
N TYR E 217 10.77 61.93 -0.20
CA TYR E 217 9.91 60.81 0.21
C TYR E 217 9.01 61.24 1.39
N THR E 218 9.59 61.90 2.39
CA THR E 218 8.76 62.26 3.54
C THR E 218 7.70 63.30 3.18
N ASP E 219 8.04 64.21 2.25
CA ASP E 219 7.01 65.12 1.72
C ASP E 219 5.90 64.35 1.04
N PHE E 220 6.25 63.31 0.28
CA PHE E 220 5.27 62.48 -0.40
C PHE E 220 4.36 61.78 0.63
N ALA E 221 4.97 61.15 1.63
CA ALA E 221 4.21 60.46 2.67
C ALA E 221 3.23 61.41 3.38
N LYS E 222 3.71 62.61 3.71
CA LYS E 222 2.89 63.62 4.38
C LYS E 222 1.70 64.03 3.51
N VAL E 223 1.90 64.17 2.21
CA VAL E 223 0.79 64.39 1.30
C VAL E 223 -0.22 63.26 1.43
N CYS E 224 0.28 62.01 1.43
CA CYS E 224 -0.64 60.88 1.57
C CYS E 224 -1.42 60.96 2.88
N PHE E 225 -0.72 61.22 4.00
CA PHE E 225 -1.37 61.25 5.31
C PHE E 225 -2.40 62.38 5.37
N GLU E 226 -2.01 63.54 4.84
CA GLU E 226 -2.88 64.73 4.85
C GLU E 226 -4.03 64.65 3.88
N LYS E 227 -3.80 64.11 2.68
CA LYS E 227 -4.83 64.11 1.63
C LYS E 227 -5.83 63.03 1.89
N PHE E 228 -5.37 61.89 2.40
CA PHE E 228 -6.27 60.75 2.60
C PHE E 228 -6.87 60.76 3.99
N GLY E 229 -6.13 61.34 4.93
CA GLY E 229 -6.69 61.63 6.24
C GLY E 229 -6.84 60.36 7.06
N LYS E 230 -7.60 60.45 8.14
CA LYS E 230 -7.60 59.35 9.10
C LYS E 230 -8.56 58.24 8.71
N LYS E 231 -9.23 58.43 7.56
CA LYS E 231 -9.93 57.39 6.81
C LYS E 231 -9.13 56.10 6.69
N VAL E 232 -7.84 56.27 6.37
CA VAL E 232 -6.93 55.13 6.25
C VAL E 232 -6.14 55.02 7.53
N LYS E 233 -6.20 53.85 8.17
CA LYS E 233 -5.56 53.70 9.47
C LYS E 233 -4.44 52.69 9.48
N ASN E 234 -4.05 52.23 8.29
CA ASN E 234 -2.99 51.21 8.18
C ASN E 234 -2.06 51.55 7.02
N TRP E 235 -0.82 51.85 7.34
CA TRP E 235 0.16 52.34 6.39
C TRP E 235 1.43 51.49 6.45
N LEU E 236 2.05 51.31 5.28
CA LEU E 236 3.33 50.62 5.17
C LEU E 236 4.24 51.54 4.37
N THR E 237 5.37 51.93 4.94
CA THR E 237 6.24 52.94 4.26
C THR E 237 6.86 52.38 2.98
N PHE E 238 7.43 51.17 3.10
CA PHE E 238 8.18 50.58 2.01
C PHE E 238 7.81 49.12 1.86
N ASN E 239 7.81 48.66 0.60
CA ASN E 239 7.57 47.26 0.27
C ASN E 239 8.85 46.60 -0.18
N GLU E 240 9.16 45.46 0.44
CA GLU E 240 10.37 44.69 0.11
C GLU E 240 11.61 45.53 -0.12
N PRO E 241 12.08 46.24 0.90
CA PRO E 241 13.31 47.01 0.75
C PRO E 241 14.50 46.14 0.33
N GLU E 242 14.59 44.91 0.82
CA GLU E 242 15.72 44.06 0.45
C GLU E 242 15.73 43.76 -1.06
N THR E 243 14.58 43.36 -1.59
CA THR E 243 14.49 43.10 -3.04
C THR E 243 14.80 44.38 -3.79
N PHE E 244 14.17 45.46 -3.36
CA PHE E 244 14.40 46.76 -4.00
C PHE E 244 15.90 47.09 -4.10
N CYS E 245 16.62 46.94 -2.99
CA CYS E 245 18.03 47.31 -2.95
C CYS E 245 18.90 46.31 -3.70
N SER E 246 18.75 45.02 -3.39
CA SER E 246 19.63 43.98 -3.94
C SER E 246 19.41 43.73 -5.43
N VAL E 247 18.16 43.85 -5.85
CA VAL E 247 17.79 43.45 -7.19
C VAL E 247 17.67 44.63 -8.17
N SER E 248 17.44 45.84 -7.66
CA SER E 248 17.44 47.01 -8.53
C SER E 248 18.82 47.65 -8.68
N TYR E 249 19.68 47.45 -7.67
CA TYR E 249 21.00 48.10 -7.64
C TYR E 249 22.16 47.11 -7.48
N GLY E 250 21.84 45.81 -7.37
CA GLY E 250 22.88 44.81 -7.21
C GLY E 250 22.95 43.91 -8.42
N THR E 251 21.93 43.10 -8.62
CA THR E 251 21.89 42.27 -9.83
C THR E 251 21.34 43.09 -11.00
N GLY E 252 20.67 44.20 -10.71
CA GLY E 252 20.11 45.10 -11.72
C GLY E 252 19.00 44.55 -12.58
N VAL E 253 18.30 43.54 -12.09
CA VAL E 253 17.22 42.93 -12.85
C VAL E 253 16.02 43.87 -12.92
N LEU E 254 15.81 44.62 -11.83
CA LEU E 254 14.69 45.57 -11.72
C LEU E 254 15.11 47.03 -11.94
N ALA E 255 14.19 47.86 -12.44
CA ALA E 255 14.48 49.28 -12.65
C ALA E 255 15.04 49.93 -11.39
N PRO E 256 16.05 50.81 -11.50
CA PRO E 256 16.65 51.30 -12.76
C PRO E 256 17.62 50.35 -13.45
N GLY E 257 17.82 49.15 -12.91
CA GLY E 257 18.60 48.13 -13.60
C GLY E 257 20.10 48.36 -13.50
N ARG E 258 20.56 48.82 -12.34
CA ARG E 258 21.96 49.18 -12.14
C ARG E 258 22.79 48.06 -11.50
N CYS E 259 24.05 47.93 -11.93
CA CYS E 259 24.95 46.94 -11.36
C CYS E 259 26.42 47.33 -11.68
N SER E 260 27.39 46.61 -11.10
CA SER E 260 28.79 46.82 -11.40
C SER E 260 29.12 46.54 -12.89
N PRO E 261 30.09 47.25 -13.45
CA PRO E 261 30.66 46.83 -14.74
C PRO E 261 31.02 45.33 -14.67
N GLY E 262 30.65 44.58 -15.71
CA GLY E 262 30.95 43.17 -15.73
C GLY E 262 29.82 42.29 -15.22
N VAL E 263 28.79 42.92 -14.66
CA VAL E 263 27.60 42.20 -14.29
C VAL E 263 26.59 42.46 -15.40
N SER E 264 25.75 41.48 -15.68
CA SER E 264 24.82 41.60 -16.80
C SER E 264 23.52 42.28 -16.39
N CYS E 265 23.39 43.56 -16.70
CA CYS E 265 22.15 44.31 -16.44
C CYS E 265 22.10 45.47 -17.42
N ALA E 266 20.96 46.18 -17.47
CA ALA E 266 20.77 47.27 -18.43
C ALA E 266 21.72 48.42 -18.27
N VAL E 267 22.08 48.75 -17.02
CA VAL E 267 22.88 49.92 -16.69
C VAL E 267 24.09 49.52 -15.83
N PRO E 268 25.07 48.84 -16.46
CA PRO E 268 26.21 48.27 -15.73
C PRO E 268 27.29 49.30 -15.43
N THR E 269 26.87 50.46 -14.96
CA THR E 269 27.80 51.51 -14.57
C THR E 269 27.60 51.96 -13.11
N GLY E 270 27.05 51.09 -12.29
CA GLY E 270 26.92 51.41 -10.88
C GLY E 270 27.93 50.62 -10.08
N ASN E 271 27.48 50.03 -8.97
CA ASN E 271 28.42 49.33 -8.08
C ASN E 271 27.58 48.42 -7.17
N SER E 272 27.57 47.12 -7.51
CA SER E 272 26.73 46.13 -6.85
C SER E 272 27.13 45.90 -5.39
N LEU E 273 28.34 46.32 -5.02
CA LEU E 273 28.81 46.21 -3.64
C LEU E 273 28.41 47.37 -2.77
N SER E 274 28.23 48.55 -3.35
CA SER E 274 28.00 49.74 -2.52
C SER E 274 26.61 50.32 -2.67
N GLU E 275 26.08 50.31 -3.89
CA GLU E 275 24.80 50.98 -4.14
C GLU E 275 23.61 50.37 -3.37
N PRO E 276 23.52 49.05 -3.24
CA PRO E 276 22.42 48.50 -2.43
C PRO E 276 22.44 49.02 -1.00
N TYR E 277 23.63 49.20 -0.41
CA TYR E 277 23.71 49.72 0.96
C TYR E 277 23.35 51.19 1.03
N ILE E 278 23.75 51.96 0.01
CA ILE E 278 23.43 53.37 -0.02
C ILE E 278 21.94 53.61 -0.07
N VAL E 279 21.31 52.90 -0.98
CA VAL E 279 19.88 52.97 -1.17
C VAL E 279 19.13 52.52 0.09
N ALA E 280 19.57 51.42 0.69
CA ALA E 280 18.96 50.91 1.92
C ALA E 280 19.06 51.89 3.06
N HIS E 281 20.21 52.54 3.18
CA HIS E 281 20.41 53.46 4.27
C HIS E 281 19.51 54.69 4.13
N ASN E 282 19.40 55.21 2.90
CA ASN E 282 18.48 56.33 2.65
C ASN E 282 17.04 55.94 2.89
N LEU E 283 16.66 54.75 2.43
CA LEU E 283 15.33 54.23 2.68
C LEU E 283 15.01 54.15 4.18
N LEU E 284 15.94 53.62 4.97
CA LEU E 284 15.73 53.50 6.42
C LEU E 284 15.63 54.85 7.13
N ARG E 285 16.42 55.81 6.68
CA ARG E 285 16.35 57.17 7.24
C ARG E 285 15.00 57.79 6.90
N ALA E 286 14.56 57.60 5.66
CA ALA E 286 13.23 58.06 5.23
C ALA E 286 12.12 57.40 6.07
N HIS E 287 12.23 56.08 6.27
CA HIS E 287 11.26 55.37 7.08
C HIS E 287 11.19 55.97 8.49
N ALA E 288 12.35 56.15 9.12
CA ALA E 288 12.39 56.66 10.50
C ALA E 288 11.68 58.02 10.59
N GLU E 289 11.99 58.88 9.65
CA GLU E 289 11.48 60.25 9.68
C GLU E 289 9.98 60.25 9.42
N THR E 290 9.54 59.39 8.51
CA THR E 290 8.12 59.27 8.19
C THR E 290 7.31 58.75 9.37
N VAL E 291 7.86 57.75 10.08
CA VAL E 291 7.13 57.21 11.22
C VAL E 291 7.02 58.28 12.30
N ASP E 292 8.08 59.08 12.44
CA ASP E 292 8.06 60.18 13.42
C ASP E 292 6.95 61.18 13.11
N ILE E 293 6.86 61.61 11.85
CA ILE E 293 5.80 62.51 11.39
C ILE E 293 4.43 61.87 11.64
N TYR E 294 4.30 60.60 11.28
CA TYR E 294 3.03 59.92 11.42
C TYR E 294 2.59 59.89 12.89
N ASN E 295 3.51 59.54 13.79
CA ASN E 295 3.21 59.47 15.22
C ASN E 295 2.82 60.84 15.78
N LYS E 296 3.55 61.87 15.36
CA LYS E 296 3.30 63.23 15.84
C LYS E 296 1.98 63.84 15.38
N TYR E 297 1.58 63.61 14.14
CA TYR E 297 0.49 64.40 13.55
C TYR E 297 -0.69 63.62 13.01
N HIS E 298 -0.55 62.31 12.84
CA HIS E 298 -1.56 61.59 12.08
C HIS E 298 -2.08 60.29 12.65
N LYS E 299 -1.37 59.74 13.62
CA LYS E 299 -1.73 58.45 14.18
C LYS E 299 -3.08 58.50 14.91
N GLY E 300 -3.27 59.55 15.69
CA GLY E 300 -4.43 59.65 16.55
C GLY E 300 -4.63 58.43 17.42
N ALA E 301 -5.88 58.01 17.56
CA ALA E 301 -6.19 56.95 18.52
C ALA E 301 -6.11 55.57 17.90
N ASP E 302 -6.17 55.49 16.58
CA ASP E 302 -6.30 54.19 15.95
C ASP E 302 -5.34 53.85 14.83
N GLY E 303 -4.54 54.80 14.39
CA GLY E 303 -3.66 54.58 13.24
C GLY E 303 -2.45 53.72 13.55
N ARG E 304 -1.93 53.04 12.52
CA ARG E 304 -0.75 52.24 12.68
C ARG E 304 0.11 52.33 11.43
N ILE E 305 1.42 52.25 11.62
CA ILE E 305 2.33 52.30 10.48
C ILE E 305 3.42 51.25 10.65
N GLY E 306 3.88 50.69 9.54
CA GLY E 306 4.96 49.71 9.61
C GLY E 306 5.64 49.64 8.25
N LEU E 307 6.25 48.50 7.93
CA LEU E 307 6.77 48.28 6.59
C LEU E 307 6.67 46.79 6.27
N ALA E 308 6.79 46.44 4.99
CA ALA E 308 6.57 45.07 4.54
C ALA E 308 7.89 44.51 4.04
N LEU E 309 8.39 43.47 4.71
CA LEU E 309 9.71 42.92 4.37
C LEU E 309 9.58 41.58 3.63
N ASN E 310 10.31 41.43 2.53
CA ASN E 310 10.39 40.11 1.93
C ASN E 310 11.35 39.31 2.79
N VAL E 311 10.96 38.07 3.07
CA VAL E 311 11.84 37.18 3.81
C VAL E 311 11.88 35.83 3.12
N PHE E 312 13.07 35.44 2.65
CA PHE E 312 13.28 34.07 2.19
C PHE E 312 13.51 33.19 3.42
N GLY E 313 12.87 32.04 3.48
CA GLY E 313 13.22 31.10 4.52
C GLY E 313 14.64 30.64 4.22
N ARG E 314 15.43 30.34 5.25
CA ARG E 314 16.78 29.84 5.06
C ARG E 314 16.97 28.62 5.95
N VAL E 315 17.34 27.50 5.34
CA VAL E 315 17.52 26.24 6.08
C VAL E 315 19.01 25.88 5.99
N PRO E 316 19.67 25.56 7.11
CA PRO E 316 21.10 25.22 7.05
C PRO E 316 21.29 24.07 6.08
N TYR E 317 22.26 24.18 5.18
CA TYR E 317 22.54 23.14 4.20
C TYR E 317 22.76 21.77 4.88
N THR E 318 23.49 21.77 6.01
CA THR E 318 23.56 20.61 6.91
C THR E 318 23.37 21.10 8.34
N ASN E 319 23.10 20.18 9.27
CA ASN E 319 22.93 20.59 10.65
C ASN E 319 24.27 20.57 11.34
N THR E 320 25.21 21.28 10.73
CA THR E 320 26.62 21.37 11.11
C THR E 320 26.84 22.84 11.50
N PHE E 321 27.75 23.13 12.44
CA PHE E 321 27.87 24.54 12.87
C PHE E 321 28.24 25.51 11.75
N LEU E 322 29.01 25.07 10.75
CA LEU E 322 29.40 26.00 9.69
C LEU E 322 28.18 26.46 8.89
N ASP E 323 27.31 25.52 8.56
CA ASP E 323 26.15 25.87 7.75
C ASP E 323 25.05 26.54 8.57
N GLN E 324 24.99 26.25 9.87
CA GLN E 324 24.09 26.95 10.76
C GLN E 324 24.54 28.42 10.87
N GLN E 325 25.85 28.66 10.98
CA GLN E 325 26.36 30.05 11.02
C GLN E 325 26.05 30.75 9.69
N ALA E 326 26.14 30.00 8.58
CA ALA E 326 25.84 30.55 7.26
C ALA E 326 24.38 30.93 7.14
N GLN E 327 23.50 30.09 7.68
CA GLN E 327 22.06 30.37 7.73
C GLN E 327 21.76 31.64 8.53
N GLU E 328 22.42 31.79 9.69
CA GLU E 328 22.23 33.03 10.47
C GLU E 328 22.75 34.30 9.77
N ARG E 329 23.89 34.20 9.10
CA ARG E 329 24.39 35.36 8.31
C ARG E 329 23.42 35.68 7.19
N SER E 330 22.82 34.65 6.63
CA SER E 330 21.89 34.81 5.52
C SER E 330 20.62 35.48 5.97
N MET E 331 20.05 34.99 7.08
CA MET E 331 18.88 35.66 7.66
C MET E 331 19.20 37.12 7.96
N ASP E 332 20.37 37.37 8.52
CA ASP E 332 20.76 38.76 8.87
C ASP E 332 20.78 39.64 7.65
N LYS E 333 21.26 39.08 6.52
CA LYS E 333 21.39 39.88 5.29
C LYS E 333 20.07 40.07 4.52
N CYS E 334 19.03 39.32 4.88
CA CYS E 334 17.76 39.54 4.21
C CYS E 334 16.75 40.21 5.17
N LEU E 335 16.37 39.50 6.23
CA LEU E 335 15.47 40.03 7.25
C LEU E 335 16.16 41.10 8.13
N GLY E 336 17.31 40.76 8.72
CA GLY E 336 17.94 41.63 9.69
C GLY E 336 18.36 42.98 9.13
N TRP E 337 18.72 43.01 7.85
CA TRP E 337 19.20 44.25 7.22
C TRP E 337 18.22 45.41 7.49
N PHE E 338 16.91 45.14 7.40
CA PHE E 338 15.90 46.17 7.66
C PHE E 338 15.21 46.04 8.99
N LEU E 339 15.05 44.81 9.46
CA LEU E 339 14.37 44.62 10.74
C LEU E 339 15.20 45.11 11.96
N GLU E 340 16.51 44.82 11.98
CA GLU E 340 17.29 45.20 13.14
C GLU E 340 17.40 46.72 13.31
N PRO E 341 17.60 47.48 12.23
CA PRO E 341 17.48 48.94 12.36
C PRO E 341 16.17 49.39 13.01
N VAL E 342 15.01 48.86 12.60
CA VAL E 342 13.75 49.39 13.16
C VAL E 342 13.48 48.81 14.56
N VAL E 343 14.08 47.67 14.88
CA VAL E 343 13.91 47.05 16.19
C VAL E 343 14.85 47.62 17.24
N ARG E 344 16.13 47.81 16.88
CA ARG E 344 17.14 48.20 17.88
C ARG E 344 17.98 49.42 17.49
N GLY E 345 17.81 49.90 16.27
CA GLY E 345 18.50 51.10 15.83
C GLY E 345 19.82 50.93 15.09
N ASP E 346 20.21 49.70 14.78
CA ASP E 346 21.37 49.53 13.92
C ASP E 346 21.24 48.24 13.11
N TYR E 347 22.09 48.10 12.10
CA TYR E 347 22.19 46.89 11.29
C TYR E 347 22.72 45.73 12.12
N PRO E 348 22.49 44.50 11.67
CA PRO E 348 23.05 43.33 12.34
C PRO E 348 24.57 43.41 12.41
N PHE E 349 25.13 42.95 13.53
CA PHE E 349 26.56 42.90 13.71
C PHE E 349 27.23 42.20 12.51
N SER E 350 26.65 41.08 12.08
CA SER E 350 27.31 40.28 11.03
C SER E 350 27.49 41.11 9.75
N MET E 351 26.51 41.94 9.43
CA MET E 351 26.57 42.77 8.24
C MET E 351 27.69 43.80 8.33
N ARG E 352 27.87 44.38 9.53
CA ARG E 352 28.94 45.37 9.71
C ARG E 352 30.32 44.73 9.72
N VAL E 353 30.49 43.65 10.46
CA VAL E 353 31.82 43.04 10.55
C VAL E 353 32.24 42.51 9.17
N SER E 354 31.27 42.10 8.35
CA SER E 354 31.57 41.65 6.99
C SER E 354 31.89 42.80 6.01
N ALA E 355 30.94 43.72 5.86
CA ALA E 355 30.98 44.73 4.80
C ALA E 355 31.67 46.03 5.19
N ARG E 356 31.86 46.22 6.50
CA ARG E 356 32.67 47.31 7.08
C ARG E 356 32.27 48.69 6.54
N ASP E 357 33.21 49.41 5.91
CA ASP E 357 32.95 50.80 5.50
C ASP E 357 31.87 50.97 4.45
N ARG E 358 31.43 49.88 3.83
CA ARG E 358 30.32 49.99 2.87
C ARG E 358 28.96 50.09 3.55
N VAL E 359 28.92 49.82 4.85
CA VAL E 359 27.67 49.99 5.60
C VAL E 359 27.69 51.33 6.36
N PRO E 360 26.85 52.29 5.95
CA PRO E 360 26.84 53.60 6.62
C PRO E 360 26.38 53.52 8.08
N TYR E 361 26.74 54.53 8.87
CA TYR E 361 26.22 54.67 10.24
C TYR E 361 25.10 55.69 10.32
N PHE E 362 24.10 55.40 11.17
CA PHE E 362 23.02 56.34 11.43
C PHE E 362 23.51 57.40 12.39
N LYS E 363 22.96 58.61 12.26
CA LYS E 363 23.23 59.69 13.18
C LYS E 363 22.48 59.40 14.48
N GLU E 364 22.92 60.04 15.54
CA GLU E 364 22.31 59.86 16.85
C GLU E 364 20.81 60.10 16.87
N LYS E 365 20.37 61.23 16.33
CA LYS E 365 18.98 61.64 16.34
C LYS E 365 18.13 60.68 15.50
N GLU E 366 18.68 60.21 14.38
CA GLU E 366 17.97 59.32 13.45
C GLU E 366 17.75 57.99 14.13
N GLN E 367 18.79 57.57 14.81
CA GLN E 367 18.78 56.33 15.51
C GLN E 367 17.69 56.27 16.58
N GLU E 368 17.53 57.38 17.30
CA GLU E 368 16.47 57.50 18.29
C GLU E 368 15.10 57.33 17.64
N LYS E 369 14.93 57.90 16.44
CA LYS E 369 13.67 57.80 15.73
C LYS E 369 13.49 56.39 15.13
N LEU E 370 14.60 55.75 14.81
CA LEU E 370 14.53 54.42 14.20
C LEU E 370 14.06 53.34 15.19
N VAL E 371 14.53 53.44 16.43
CA VAL E 371 14.20 52.41 17.41
C VAL E 371 12.70 52.30 17.65
N GLY E 372 12.16 51.11 17.41
CA GLY E 372 10.74 50.85 17.60
C GLY E 372 9.83 51.57 16.62
N SER E 373 10.33 51.86 15.42
CA SER E 373 9.56 52.64 14.44
C SER E 373 8.59 51.78 13.65
N TYR E 374 7.68 51.09 14.36
CA TYR E 374 6.68 50.24 13.73
C TYR E 374 5.61 49.90 14.77
N ASP E 375 4.38 49.83 14.29
CA ASP E 375 3.28 49.24 15.04
C ASP E 375 3.02 47.79 14.61
N MET E 376 3.51 47.43 13.43
CA MET E 376 3.32 46.09 12.90
C MET E 376 4.37 45.85 11.85
N ILE E 377 4.64 44.57 11.58
CA ILE E 377 5.62 44.23 10.52
C ILE E 377 4.91 43.38 9.50
N GLY E 378 5.01 43.74 8.22
CA GLY E 378 4.45 42.88 7.17
C GLY E 378 5.53 41.89 6.74
N ILE E 379 5.14 40.63 6.52
CA ILE E 379 6.06 39.62 6.02
C ILE E 379 5.57 39.22 4.63
N ASN E 380 6.41 39.40 3.60
CA ASN E 380 6.10 38.91 2.26
C ASN E 380 6.86 37.58 2.13
N TYR E 381 6.15 36.46 2.05
CA TYR E 381 6.79 35.16 2.02
C TYR E 381 6.41 34.38 0.76
N TYR E 382 7.44 33.90 0.04
CA TYR E 382 7.21 33.15 -1.18
C TYR E 382 7.88 31.76 -1.13
N THR E 383 9.11 31.71 -0.61
CA THR E 383 9.91 30.49 -0.76
C THR E 383 11.10 30.46 0.20
N SER E 384 11.82 29.34 0.21
CA SER E 384 13.00 29.19 1.07
C SER E 384 14.13 28.54 0.25
N THR E 385 15.37 28.69 0.71
CA THR E 385 16.50 27.96 0.16
C THR E 385 17.32 27.32 1.31
N PHE E 386 18.27 26.47 0.93
CA PHE E 386 19.33 26.07 1.86
C PHE E 386 20.40 27.13 1.84
N SER E 387 21.06 27.33 2.98
CA SER E 387 22.20 28.23 3.04
C SER E 387 23.47 27.43 3.39
N LYS E 388 24.49 27.60 2.57
CA LYS E 388 25.72 26.81 2.65
C LYS E 388 26.94 27.70 2.85
N HIS E 389 27.72 27.38 3.86
CA HIS E 389 28.87 28.19 4.25
C HIS E 389 29.88 28.39 3.11
N ILE E 390 30.44 29.59 3.05
CA ILE E 390 31.60 29.93 2.22
C ILE E 390 32.70 30.43 3.15
N ASP E 391 33.90 29.89 3.00
CA ASP E 391 35.02 30.29 3.83
C ASP E 391 35.56 31.66 3.46
N LEU E 392 36.02 32.39 4.45
CA LEU E 392 36.69 33.65 4.22
C LEU E 392 38.14 33.34 3.83
N SER E 393 38.53 33.69 2.61
CA SER E 393 39.89 33.40 2.16
C SER E 393 40.30 34.37 1.05
N PRO E 394 41.59 34.40 0.71
CA PRO E 394 42.04 35.25 -0.41
C PRO E 394 41.44 34.81 -1.75
N ASN E 395 40.91 33.59 -1.80
CA ASN E 395 40.27 33.07 -3.02
C ASN E 395 38.83 33.54 -3.26
N ASN E 396 38.21 34.16 -2.25
CA ASN E 396 36.84 34.62 -2.40
C ASN E 396 36.76 36.12 -2.25
N SER E 397 36.16 36.77 -3.24
CA SER E 397 36.00 38.22 -3.22
C SER E 397 34.56 38.54 -3.58
N PRO E 398 33.82 39.18 -2.67
CA PRO E 398 32.43 39.57 -2.96
C PRO E 398 32.29 40.41 -4.22
N VAL E 399 31.27 40.11 -5.01
CA VAL E 399 30.95 40.89 -6.21
C VAL E 399 29.61 41.61 -6.03
N LEU E 400 28.62 40.90 -5.49
CA LEU E 400 27.30 41.45 -5.21
C LEU E 400 27.17 41.68 -3.69
N ASN E 401 26.33 42.63 -3.28
CA ASN E 401 26.13 42.85 -1.85
C ASN E 401 25.76 41.57 -1.10
N THR E 402 24.99 40.69 -1.73
CA THR E 402 24.56 39.46 -1.08
C THR E 402 25.70 38.52 -0.80
N ASP E 403 26.82 38.67 -1.52
CA ASP E 403 28.02 37.86 -1.27
C ASP E 403 28.64 38.18 0.11
N ASP E 404 28.23 39.30 0.71
CA ASP E 404 28.79 39.70 2.01
C ASP E 404 28.35 38.74 3.14
N ALA E 405 27.33 37.93 2.86
CA ALA E 405 26.84 36.94 3.83
C ALA E 405 27.75 35.72 3.94
N TYR E 406 28.73 35.60 3.06
CA TYR E 406 29.58 34.39 3.02
C TYR E 406 28.75 33.11 3.03
N ALA E 407 27.76 33.05 2.14
CA ALA E 407 26.91 31.88 2.05
C ALA E 407 26.38 31.75 0.63
N SER E 408 26.27 30.54 0.14
CA SER E 408 25.54 30.36 -1.11
C SER E 408 24.15 29.86 -0.80
N GLN E 409 23.17 30.28 -1.60
CA GLN E 409 21.77 29.89 -1.38
C GLN E 409 21.47 28.80 -2.39
N GLU E 410 21.24 27.60 -1.89
CA GLU E 410 21.09 26.42 -2.75
C GLU E 410 19.63 25.97 -2.79
N THR E 411 19.08 25.69 -3.98
CA THR E 411 17.73 25.13 -4.04
C THR E 411 17.74 23.63 -3.77
N LYS E 412 18.89 23.00 -3.97
CA LYS E 412 19.01 21.57 -3.70
C LYS E 412 19.92 21.31 -2.50
N GLY E 413 19.49 20.41 -1.62
CA GLY E 413 20.23 20.07 -0.42
C GLY E 413 21.29 19.00 -0.63
N PRO E 414 21.94 18.59 0.46
CA PRO E 414 23.07 17.65 0.38
C PRO E 414 22.63 16.22 -0.01
N ASP E 415 21.34 15.91 0.08
CA ASP E 415 20.81 14.61 -0.34
C ASP E 415 20.33 14.65 -1.79
N GLY E 416 20.60 15.77 -2.46
CA GLY E 416 20.26 15.94 -3.87
C GLY E 416 18.82 16.38 -4.11
N ASN E 417 18.04 16.52 -3.03
CA ASN E 417 16.63 16.87 -3.15
C ASN E 417 16.43 18.39 -3.15
N ALA E 418 15.56 18.87 -4.05
CA ALA E 418 15.09 20.24 -4.02
C ALA E 418 14.45 20.54 -2.65
N ILE E 419 14.49 21.79 -2.22
CA ILE E 419 13.93 22.07 -0.92
C ILE E 419 12.41 21.85 -0.94
N GLY E 420 11.83 22.06 -2.10
CA GLY E 420 10.42 21.82 -2.37
C GLY E 420 10.22 21.90 -3.88
N PRO E 421 9.04 21.50 -4.34
CA PRO E 421 8.79 21.41 -5.79
C PRO E 421 8.47 22.76 -6.41
N PRO E 422 8.69 22.88 -7.71
CA PRO E 422 8.47 24.14 -8.41
C PRO E 422 6.99 24.39 -8.49
N THR E 423 6.63 25.66 -8.60
CA THR E 423 5.24 26.04 -8.71
C THR E 423 4.87 26.59 -10.08
N GLY E 424 5.87 26.78 -10.94
CA GLY E 424 5.64 27.33 -12.28
C GLY E 424 6.81 28.17 -12.77
N ASN E 425 7.19 29.18 -11.99
CA ASN E 425 8.28 30.08 -12.43
C ASN E 425 9.69 29.63 -12.06
N ALA E 426 10.67 30.51 -12.19
CA ALA E 426 12.06 30.08 -12.03
C ALA E 426 12.51 29.95 -10.57
N TRP E 427 11.72 30.46 -9.63
CA TRP E 427 12.26 30.65 -8.29
C TRP E 427 11.38 30.30 -7.11
N ILE E 428 10.07 30.25 -7.31
CA ILE E 428 9.19 29.93 -6.19
C ILE E 428 9.01 28.44 -6.03
N ASN E 429 9.81 27.88 -5.11
CA ASN E 429 9.65 26.49 -4.72
C ASN E 429 8.75 26.37 -3.51
N MET E 430 7.88 25.36 -3.48
CA MET E 430 6.90 25.35 -2.41
C MET E 430 7.48 24.75 -1.14
N TYR E 431 7.52 25.59 -0.11
CA TYR E 431 8.08 25.19 1.19
C TYR E 431 7.39 25.98 2.32
N PRO E 432 6.14 25.64 2.59
CA PRO E 432 5.37 26.36 3.61
C PRO E 432 6.03 26.32 5.00
N LYS E 433 6.79 25.28 5.34
CA LYS E 433 7.51 25.23 6.62
C LYS E 433 8.39 26.46 6.87
N GLY E 434 8.95 27.04 5.79
CA GLY E 434 9.82 28.20 5.91
C GLY E 434 9.10 29.35 6.60
N LEU E 435 7.80 29.47 6.33
CA LEU E 435 7.00 30.52 6.91
C LEU E 435 6.91 30.34 8.42
N HIS E 436 6.69 29.09 8.85
CA HIS E 436 6.68 28.80 10.27
C HIS E 436 8.05 29.14 10.90
N ASP E 437 9.16 28.80 10.22
CA ASP E 437 10.50 29.06 10.74
C ASP E 437 10.68 30.56 10.97
N ILE E 438 10.29 31.36 9.98
CA ILE E 438 10.41 32.81 10.08
C ILE E 438 9.55 33.37 11.20
N LEU E 439 8.33 32.88 11.33
CA LEU E 439 7.42 33.39 12.37
C LEU E 439 7.93 33.05 13.75
N MET E 440 8.57 31.89 13.89
CA MET E 440 9.12 31.51 15.20
C MET E 440 10.30 32.40 15.55
N THR E 441 11.12 32.75 14.55
CA THR E 441 12.19 33.72 14.71
C THR E 441 11.63 35.08 15.14
N MET E 442 10.60 35.54 14.45
CA MET E 442 9.99 36.82 14.84
C MET E 442 9.47 36.74 16.29
N LYS E 443 8.86 35.62 16.65
CA LYS E 443 8.28 35.46 17.98
C LYS E 443 9.36 35.42 19.05
N ASN E 444 10.36 34.60 18.82
CA ASN E 444 11.32 34.26 19.88
C ASN E 444 12.53 35.18 19.97
N LYS E 445 12.89 35.77 18.84
CA LYS E 445 14.11 36.58 18.78
C LYS E 445 13.81 38.08 18.80
N TYR E 446 12.72 38.48 18.15
CA TYR E 446 12.51 39.90 17.85
C TYR E 446 11.27 40.45 18.53
N GLY E 447 10.82 39.77 19.58
CA GLY E 447 9.78 40.34 20.44
C GLY E 447 8.34 40.08 20.07
N ASN E 448 8.08 39.27 19.03
CA ASN E 448 6.74 38.93 18.64
C ASN E 448 5.85 40.15 18.39
N PRO E 449 6.26 41.03 17.47
CA PRO E 449 5.47 42.22 17.15
C PRO E 449 4.20 41.77 16.40
N PRO E 450 3.18 42.62 16.31
CA PRO E 450 2.03 42.33 15.47
C PRO E 450 2.51 42.16 14.01
N MET E 451 2.04 41.10 13.34
CA MET E 451 2.51 40.79 12.00
C MET E 451 1.34 40.52 11.04
N TYR E 452 1.56 40.83 9.76
CA TYR E 452 0.62 40.48 8.70
C TYR E 452 1.40 39.78 7.62
N ILE E 453 0.84 38.72 7.03
CA ILE E 453 1.49 38.15 5.85
C ILE E 453 1.02 39.05 4.71
N THR E 454 1.84 40.05 4.37
CA THR E 454 1.40 41.09 3.44
C THR E 454 1.50 40.67 1.98
N GLU E 455 2.19 39.54 1.72
CA GLU E 455 2.15 38.88 0.39
C GLU E 455 2.45 37.40 0.56
N ASN E 456 1.74 36.57 -0.22
CA ASN E 456 2.04 35.15 -0.33
C ASN E 456 1.37 34.67 -1.62
N GLY E 457 2.11 33.99 -2.47
CA GLY E 457 1.50 33.54 -3.73
C GLY E 457 2.51 32.95 -4.68
N MET E 458 2.07 32.66 -5.91
CA MET E 458 2.93 32.00 -6.88
C MET E 458 2.41 32.31 -8.26
N GLY E 459 3.23 32.06 -9.29
CA GLY E 459 2.90 32.43 -10.66
C GLY E 459 2.64 31.21 -11.57
N ASP E 460 1.65 31.36 -12.46
CA ASP E 460 1.41 30.39 -13.55
C ASP E 460 2.03 30.98 -14.80
N ILE E 461 2.73 30.15 -15.56
CA ILE E 461 3.39 30.61 -16.78
C ILE E 461 2.40 30.74 -17.92
N ASP E 462 2.49 31.85 -18.64
CA ASP E 462 1.66 32.08 -19.80
C ASP E 462 2.53 32.72 -20.84
N LYS E 463 2.97 31.94 -21.82
CA LYS E 463 3.81 32.48 -22.86
C LYS E 463 3.03 32.62 -24.17
N GLY E 464 1.72 32.83 -24.04
CA GLY E 464 0.85 33.03 -25.19
C GLY E 464 0.15 31.76 -25.60
N ASP E 465 0.48 30.66 -24.90
CA ASP E 465 -0.04 29.34 -25.20
C ASP E 465 -1.17 28.88 -24.27
N LEU E 466 -1.46 29.66 -23.23
CA LEU E 466 -2.33 29.21 -22.15
C LEU E 466 -3.80 29.52 -22.42
N PRO E 467 -4.61 28.49 -22.66
CA PRO E 467 -6.05 28.71 -22.80
C PRO E 467 -6.62 29.29 -21.50
N LYS E 468 -7.58 30.20 -21.61
CA LYS E 468 -8.23 30.80 -20.45
C LYS E 468 -8.86 29.76 -19.51
N PRO E 469 -9.56 28.74 -20.05
CA PRO E 469 -10.17 27.72 -19.20
C PRO E 469 -9.13 26.98 -18.35
N VAL E 470 -7.93 26.77 -18.89
CA VAL E 470 -6.86 26.10 -18.16
C VAL E 470 -6.31 27.06 -17.10
N ALA E 471 -6.16 28.34 -17.47
CA ALA E 471 -5.68 29.37 -16.54
C ALA E 471 -6.59 29.54 -15.31
N LEU E 472 -7.89 29.34 -15.49
CA LEU E 472 -8.85 29.52 -14.39
C LEU E 472 -8.82 28.37 -13.39
N GLU E 473 -8.42 27.19 -13.85
CA GLU E 473 -8.37 25.96 -13.04
C GLU E 473 -6.99 25.93 -12.36
N ASP E 474 -6.76 26.90 -11.48
CA ASP E 474 -5.42 27.10 -10.91
C ASP E 474 -5.19 26.23 -9.68
N HIS E 475 -5.21 24.92 -9.88
CA HIS E 475 -5.10 23.98 -8.77
C HIS E 475 -3.82 24.11 -7.95
N THR E 476 -2.70 24.39 -8.64
CA THR E 476 -1.41 24.58 -7.98
C THR E 476 -1.45 25.78 -7.00
N ARG E 477 -1.97 26.91 -7.45
CA ARG E 477 -2.12 28.09 -6.55
C ARG E 477 -3.06 27.79 -5.37
N LEU E 478 -4.15 27.09 -5.63
CA LEU E 478 -5.11 26.80 -4.54
C LEU E 478 -4.43 25.94 -3.48
N ASP E 479 -3.76 24.90 -3.94
CA ASP E 479 -3.00 24.03 -3.03
C ASP E 479 -1.92 24.83 -2.28
N TYR E 480 -1.18 25.67 -3.01
CA TYR E 480 -0.20 26.59 -2.41
C TYR E 480 -0.82 27.44 -1.29
N ILE E 481 -1.93 28.12 -1.58
CA ILE E 481 -2.62 28.93 -0.56
C ILE E 481 -3.09 28.09 0.66
N GLN E 482 -3.75 26.98 0.41
CA GLN E 482 -4.23 26.16 1.50
C GLN E 482 -3.10 25.74 2.42
N ARG E 483 -1.97 25.36 1.84
CA ARG E 483 -0.90 24.83 2.66
C ARG E 483 -0.23 25.94 3.46
N HIS E 484 -0.16 27.13 2.88
CA HIS E 484 0.42 28.23 3.65
C HIS E 484 -0.54 28.67 4.75
N LEU E 485 -1.84 28.66 4.48
CA LEU E 485 -2.79 28.96 5.56
C LEU E 485 -2.72 27.93 6.70
N SER E 486 -2.52 26.68 6.33
CA SER E 486 -2.43 25.62 7.33
C SER E 486 -1.21 25.87 8.23
N VAL E 487 -0.07 26.20 7.63
CA VAL E 487 1.14 26.48 8.42
C VAL E 487 0.94 27.75 9.27
N LEU E 488 0.20 28.73 8.74
CA LEU E 488 -0.08 29.94 9.51
C LEU E 488 -0.90 29.62 10.75
N LYS E 489 -1.89 28.75 10.59
CA LYS E 489 -2.68 28.31 11.75
C LYS E 489 -1.72 27.66 12.78
N GLN E 490 -0.82 26.80 12.32
CA GLN E 490 0.11 26.15 13.26
C GLN E 490 0.95 27.19 14.00
N SER E 491 1.39 28.22 13.28
CA SER E 491 2.23 29.27 13.86
C SER E 491 1.50 30.11 14.88
N ILE E 492 0.24 30.46 14.57
CA ILE E 492 -0.57 31.23 15.48
C ILE E 492 -0.90 30.40 16.72
N ASP E 493 -1.10 29.09 16.54
CA ASP E 493 -1.34 28.23 17.71
C ASP E 493 -0.11 28.18 18.61
N LEU E 494 1.06 28.32 18.00
CA LEU E 494 2.30 28.32 18.75
C LEU E 494 2.64 29.72 19.32
N GLY E 495 1.74 30.68 19.15
CA GLY E 495 1.83 31.98 19.80
C GLY E 495 2.35 33.15 18.97
N ALA E 496 2.63 32.93 17.69
CA ALA E 496 3.05 34.05 16.82
C ALA E 496 1.90 35.04 16.63
N ASP E 497 2.19 36.34 16.77
CA ASP E 497 1.13 37.33 16.72
C ASP E 497 0.82 37.78 15.28
N VAL E 498 0.35 36.84 14.46
CA VAL E 498 -0.06 37.17 13.09
C VAL E 498 -1.54 37.49 13.06
N ARG E 499 -1.90 38.56 12.34
CA ARG E 499 -3.25 39.09 12.42
C ARG E 499 -3.93 39.16 11.07
N GLY E 500 -3.26 38.71 10.02
CA GLY E 500 -3.91 38.78 8.71
C GLY E 500 -3.06 38.16 7.64
N TYR E 501 -3.68 37.91 6.50
CA TYR E 501 -3.04 37.24 5.38
C TYR E 501 -3.56 37.87 4.10
N PHE E 502 -2.64 38.26 3.23
CA PHE E 502 -3.02 38.86 1.94
C PHE E 502 -2.40 38.02 0.82
N ALA E 503 -3.23 37.47 -0.05
CA ALA E 503 -2.78 36.76 -1.24
C ALA E 503 -2.14 37.73 -2.25
N TRP E 504 -0.95 37.39 -2.74
CA TRP E 504 -0.41 38.08 -3.94
C TRP E 504 -0.75 37.23 -5.13
N SER E 505 -1.54 37.71 -6.08
CA SER E 505 -2.10 39.04 -6.12
C SER E 505 -3.61 38.93 -6.31
N LEU E 506 -4.35 40.02 -6.06
CA LEU E 506 -5.75 40.07 -6.44
C LEU E 506 -5.87 39.80 -7.95
N LEU E 507 -4.94 40.36 -8.73
CA LEU E 507 -5.09 40.34 -10.19
C LEU E 507 -3.85 39.85 -10.90
N ASP E 508 -4.03 39.15 -12.01
CA ASP E 508 -2.89 38.93 -12.91
C ASP E 508 -2.36 40.30 -13.32
N ASN E 509 -1.04 40.49 -13.32
CA ASN E 509 -0.52 41.82 -13.52
C ASN E 509 0.86 41.82 -14.19
N PHE E 510 1.47 42.99 -14.30
CA PHE E 510 2.85 43.11 -14.83
C PHE E 510 3.85 42.59 -13.78
N GLU E 511 4.39 41.41 -14.00
CA GLU E 511 5.36 40.82 -13.07
C GLU E 511 6.79 41.31 -13.37
N TRP E 512 6.98 42.62 -13.27
CA TRP E 512 8.28 43.25 -13.41
C TRP E 512 9.07 42.76 -14.64
N SER E 513 10.28 42.28 -14.46
CA SER E 513 11.07 41.91 -15.64
C SER E 513 10.63 40.61 -16.35
N SER E 514 9.68 39.92 -15.74
CA SER E 514 9.00 38.82 -16.43
C SER E 514 7.80 39.27 -17.29
N GLY E 515 7.42 40.55 -17.21
CA GLY E 515 6.28 41.06 -17.97
C GLY E 515 5.01 40.30 -17.63
N TYR E 516 4.21 39.97 -18.65
CA TYR E 516 2.94 39.27 -18.44
C TYR E 516 3.06 37.75 -18.51
N THR E 517 4.29 37.22 -18.60
CA THR E 517 4.49 35.78 -18.70
C THR E 517 4.24 34.99 -17.42
N GLU E 518 4.06 35.69 -16.31
CA GLU E 518 3.72 35.00 -15.06
C GLU E 518 2.46 35.61 -14.50
N ARG E 519 1.43 34.79 -14.31
CA ARG E 519 0.14 35.26 -13.84
C ARG E 519 0.03 34.88 -12.35
N PHE E 520 -0.03 35.88 -11.46
CA PHE E 520 -0.05 35.63 -10.02
C PHE E 520 -1.43 35.82 -9.41
N GLY E 521 -2.41 36.22 -10.21
CA GLY E 521 -3.71 36.58 -9.64
C GLY E 521 -4.57 35.42 -9.15
N ILE E 522 -5.41 35.71 -8.16
CA ILE E 522 -6.54 34.82 -7.89
C ILE E 522 -7.69 35.17 -8.87
N VAL E 523 -7.55 36.30 -9.55
CA VAL E 523 -8.48 36.75 -10.59
C VAL E 523 -7.74 36.89 -11.92
N TYR E 524 -8.25 36.23 -12.95
CA TYR E 524 -7.69 36.29 -14.31
C TYR E 524 -7.98 37.64 -14.96
N VAL E 525 -6.97 38.24 -15.56
CA VAL E 525 -7.15 39.48 -16.34
C VAL E 525 -6.90 39.20 -17.82
N ASP E 526 -7.91 39.47 -18.63
CA ASP E 526 -7.84 39.15 -20.05
C ASP E 526 -7.48 40.43 -20.81
N ARG E 527 -6.18 40.63 -21.03
CA ARG E 527 -5.70 41.89 -21.60
C ARG E 527 -6.15 42.10 -23.05
N GLU E 528 -6.40 41.00 -23.75
CA GLU E 528 -6.95 41.01 -25.10
C GLU E 528 -8.41 41.51 -25.16
N ASN E 529 -9.13 41.37 -24.05
CA ASN E 529 -10.53 41.80 -23.98
C ASN E 529 -10.81 42.85 -22.90
N GLY E 530 -10.22 44.02 -23.05
CA GLY E 530 -10.52 45.13 -22.18
C GLY E 530 -10.14 44.87 -20.71
N CYS E 531 -9.19 43.96 -20.48
CA CYS E 531 -8.75 43.62 -19.11
C CYS E 531 -9.92 43.10 -18.26
N GLU E 532 -10.85 42.42 -18.91
CA GLU E 532 -12.01 41.88 -18.23
C GLU E 532 -11.56 40.84 -17.19
N ARG E 533 -12.17 40.87 -16.01
CA ARG E 533 -11.77 40.01 -14.88
C ARG E 533 -12.66 38.80 -14.72
N THR E 534 -12.02 37.66 -14.50
CA THR E 534 -12.73 36.42 -14.14
C THR E 534 -12.11 35.71 -12.95
N MET E 535 -12.93 35.43 -11.93
CA MET E 535 -12.43 34.67 -10.78
C MET E 535 -11.88 33.30 -11.19
N LYS E 536 -10.68 32.97 -10.70
CA LYS E 536 -10.13 31.63 -10.85
C LYS E 536 -10.67 30.73 -9.75
N ARG E 537 -10.32 29.45 -9.82
CA ARG E 537 -10.79 28.49 -8.81
C ARG E 537 -10.28 28.88 -7.43
N SER E 538 -9.06 29.39 -7.36
CA SER E 538 -8.53 29.89 -6.08
C SER E 538 -9.44 30.98 -5.47
N ALA E 539 -9.90 31.96 -6.27
CA ALA E 539 -10.78 33.01 -5.79
C ALA E 539 -12.11 32.44 -5.33
N ARG E 540 -12.61 31.47 -6.06
CA ARG E 540 -13.86 30.81 -5.68
C ARG E 540 -13.72 30.09 -4.34
N TRP E 541 -12.56 29.44 -4.11
CA TRP E 541 -12.33 28.79 -2.81
C TRP E 541 -12.26 29.82 -1.70
N LEU E 542 -11.55 30.92 -1.94
CA LEU E 542 -11.47 31.99 -0.94
C LEU E 542 -12.86 32.59 -0.64
N GLN E 543 -13.68 32.69 -1.68
CA GLN E 543 -15.05 33.19 -1.52
C GLN E 543 -15.86 32.25 -0.60
N GLU E 544 -15.73 30.95 -0.81
CA GLU E 544 -16.39 29.94 0.04
C GLU E 544 -15.83 30.00 1.47
N PHE E 545 -14.52 30.10 1.56
CA PHE E 545 -13.83 30.16 2.85
C PHE E 545 -14.29 31.36 3.66
N ASN E 546 -14.40 32.53 3.04
CA ASN E 546 -14.76 33.75 3.78
C ASN E 546 -16.26 33.80 4.12
N GLY E 547 -17.02 32.87 3.53
CA GLY E 547 -18.43 32.73 3.82
C GLY E 547 -19.33 33.64 3.00
N ARG F 64 29.49 22.78 52.68
CA ARG F 64 28.33 23.55 52.13
C ARG F 64 27.27 22.69 51.42
N LEU F 65 27.69 21.82 50.51
CA LEU F 65 26.80 20.77 50.01
C LEU F 65 26.31 19.98 51.24
N SER F 66 25.06 19.55 51.24
CA SER F 66 24.56 18.66 52.28
C SER F 66 25.22 17.27 52.13
N PRO F 67 25.30 16.49 53.22
CA PRO F 67 26.04 15.21 53.21
C PRO F 67 25.61 14.25 52.09
N TRP F 68 24.32 14.18 51.83
CA TRP F 68 23.82 13.23 50.81
C TRP F 68 24.08 13.71 49.37
N GLU F 69 24.55 14.94 49.22
CA GLU F 69 24.85 15.49 47.90
C GLU F 69 26.32 15.33 47.53
N ILE F 70 27.16 14.83 48.44
CA ILE F 70 28.60 14.67 48.17
C ILE F 70 28.85 13.52 47.20
N PRO F 71 29.62 13.74 46.14
CA PRO F 71 29.88 12.70 45.14
C PRO F 71 30.47 11.44 45.73
N ARG F 72 30.17 10.30 45.11
CA ARG F 72 30.81 9.03 45.45
C ARG F 72 31.51 8.53 44.23
N ARG F 73 32.53 7.68 44.41
CA ARG F 73 33.31 7.22 43.29
C ARG F 73 32.46 6.43 42.29
N ASP F 74 31.49 5.68 42.80
CA ASP F 74 30.63 4.90 41.91
C ASP F 74 29.59 5.72 41.16
N TRP F 75 29.57 7.02 41.39
CA TRP F 75 28.85 7.93 40.47
C TRP F 75 29.45 7.85 39.07
N PHE F 76 30.74 7.51 38.99
CA PHE F 76 31.47 7.48 37.73
C PHE F 76 31.78 6.06 37.30
N PRO F 77 31.89 5.80 36.00
CA PRO F 77 32.24 4.45 35.52
C PRO F 77 33.55 3.91 36.11
N PRO F 78 33.69 2.59 36.19
CA PRO F 78 34.92 1.98 36.70
C PRO F 78 36.17 2.42 35.91
N SER F 79 36.01 2.66 34.62
CA SER F 79 37.15 2.97 33.79
C SER F 79 37.52 4.48 33.84
N PHE F 80 36.73 5.27 34.55
CA PHE F 80 36.96 6.73 34.64
C PHE F 80 38.27 6.99 35.41
N LEU F 81 39.05 8.00 35.01
CA LEU F 81 40.33 8.26 35.69
C LEU F 81 40.22 9.42 36.66
N PHE F 82 40.78 9.25 37.85
CA PHE F 82 40.93 10.38 38.76
C PHE F 82 42.41 10.64 38.93
N GLY F 83 42.80 11.90 38.87
CA GLY F 83 44.22 12.20 38.94
C GLY F 83 44.43 13.60 39.47
N ALA F 84 45.67 14.06 39.43
CA ALA F 84 46.00 15.43 39.76
C ALA F 84 47.00 15.88 38.71
N ALA F 85 47.24 17.19 38.64
CA ALA F 85 48.12 17.76 37.58
C ALA F 85 49.13 18.75 38.17
N THR F 86 50.30 18.85 37.50
CA THR F 86 51.31 19.85 37.78
C THR F 86 51.93 20.31 36.45
N SER F 87 52.85 21.26 36.52
CA SER F 87 53.70 21.57 35.35
C SER F 87 55.15 21.75 35.79
N ALA F 88 56.08 21.56 34.85
CA ALA F 88 57.51 21.54 35.19
C ALA F 88 58.04 22.79 35.87
N TYR F 89 57.83 23.98 35.29
CA TYR F 89 58.36 25.17 35.93
C TYR F 89 57.72 25.40 37.30
N GLN F 90 56.46 25.00 37.45
CA GLN F 90 55.76 25.32 38.69
C GLN F 90 56.19 24.45 39.87
N ILE F 91 56.69 23.23 39.60
CA ILE F 91 57.07 22.33 40.70
C ILE F 91 58.52 21.83 40.77
N GLU F 92 59.25 21.82 39.67
CA GLU F 92 60.51 21.04 39.65
C GLU F 92 61.66 21.64 40.46
N GLY F 93 61.85 22.96 40.37
CA GLY F 93 63.08 23.56 40.87
C GLY F 93 64.25 23.09 40.02
N ALA F 94 65.43 22.97 40.64
CA ALA F 94 66.64 22.56 39.93
C ALA F 94 66.78 23.31 38.60
N TRP F 95 66.58 24.62 38.65
CA TRP F 95 66.43 25.43 37.42
C TRP F 95 67.69 25.46 36.53
N ASN F 96 68.86 25.27 37.14
CA ASN F 96 70.11 25.25 36.37
C ASN F 96 70.99 24.06 36.76
N GLU F 97 70.33 23.02 37.23
CA GLU F 97 70.99 21.82 37.72
C GLU F 97 71.13 20.77 36.64
N ASP F 98 72.17 19.96 36.75
CA ASP F 98 72.37 18.83 35.85
C ASP F 98 72.28 19.20 34.36
N GLY F 99 72.79 20.38 34.00
CA GLY F 99 72.89 20.74 32.59
C GLY F 99 71.66 21.43 32.00
N LYS F 100 70.61 21.59 32.81
CA LYS F 100 69.41 22.26 32.30
C LYS F 100 69.67 23.68 31.81
N GLY F 101 69.15 24.02 30.62
CA GLY F 101 69.25 25.38 30.10
C GLY F 101 68.08 26.26 30.57
N PRO F 102 68.24 27.58 30.47
CA PRO F 102 67.23 28.52 30.99
C PRO F 102 66.02 28.61 30.08
N SER F 103 64.84 28.80 30.68
CA SER F 103 63.62 29.04 29.89
C SER F 103 63.27 30.51 29.95
N THR F 104 62.27 30.92 29.17
CA THR F 104 61.71 32.26 29.29
C THR F 104 61.26 32.57 30.70
N TRP F 105 60.82 31.56 31.44
CA TRP F 105 60.36 31.80 32.82
C TRP F 105 61.52 32.05 33.79
N ASP F 106 62.61 31.31 33.62
CA ASP F 106 63.84 31.61 34.38
C ASP F 106 64.24 33.05 34.11
N HIS F 107 64.28 33.41 32.83
CA HIS F 107 64.70 34.74 32.40
C HIS F 107 63.81 35.85 32.96
N PHE F 108 62.49 35.66 32.85
CA PHE F 108 61.52 36.63 33.30
C PHE F 108 61.65 36.84 34.83
N CYS F 109 61.64 35.76 35.60
CA CYS F 109 61.72 35.91 37.05
C CYS F 109 63.04 36.52 37.52
N HIS F 110 64.12 36.19 36.83
CA HIS F 110 65.44 36.69 37.24
C HIS F 110 65.68 38.16 36.83
N ASN F 111 65.04 38.61 35.75
CA ASN F 111 65.25 39.98 35.25
C ASN F 111 64.14 40.92 35.69
N PHE F 112 62.96 40.35 35.94
CA PHE F 112 61.80 41.14 36.36
C PHE F 112 61.04 40.62 37.59
N PRO F 113 61.73 40.44 38.72
CA PRO F 113 61.03 39.91 39.90
C PRO F 113 59.93 40.85 40.36
N GLU F 114 60.03 42.13 40.02
CA GLU F 114 59.03 43.09 40.44
C GLU F 114 57.65 42.79 39.85
N TRP F 115 57.64 42.02 38.78
CA TRP F 115 56.41 41.66 38.06
C TRP F 115 55.84 40.35 38.59
N ILE F 116 56.49 39.81 39.61
CA ILE F 116 55.92 38.71 40.40
C ILE F 116 55.47 39.31 41.70
N VAL F 117 54.25 38.99 42.12
CA VAL F 117 53.65 39.61 43.29
C VAL F 117 54.55 39.60 44.54
N ASP F 118 55.18 38.47 44.78
CA ASP F 118 56.06 38.32 45.96
C ASP F 118 57.56 38.27 45.56
N ARG F 119 57.86 38.71 44.35
CA ARG F 119 59.23 38.72 43.84
C ARG F 119 59.94 37.39 43.90
N SER F 120 59.17 36.31 43.88
CA SER F 120 59.77 35.00 43.94
C SER F 120 60.07 34.43 42.54
N ASN F 121 60.60 33.22 42.52
CA ASN F 121 60.86 32.53 41.27
C ASN F 121 60.71 31.01 41.46
N GLY F 122 60.85 30.27 40.37
CA GLY F 122 60.76 28.82 40.38
C GLY F 122 62.12 28.14 40.53
N ASP F 123 63.11 28.82 41.07
CA ASP F 123 64.45 28.18 41.21
C ASP F 123 64.40 26.85 41.96
N VAL F 124 63.56 26.79 42.99
CA VAL F 124 63.36 25.58 43.80
C VAL F 124 61.95 25.06 43.74
N ALA F 125 60.99 25.97 43.83
CA ALA F 125 59.58 25.61 43.70
C ALA F 125 59.13 24.55 44.73
N ALA F 126 58.59 23.42 44.29
CA ALA F 126 58.29 22.31 45.20
C ALA F 126 59.39 21.29 45.22
N ASP F 127 60.50 21.59 44.54
CA ASP F 127 61.67 20.67 44.52
C ASP F 127 61.36 19.27 43.99
N SER F 128 60.40 19.17 43.07
CA SER F 128 60.00 17.85 42.58
C SER F 128 61.08 17.18 41.73
N TYR F 129 62.08 17.94 41.30
CA TYR F 129 63.24 17.33 40.64
C TYR F 129 63.92 16.36 41.59
N HIS F 130 63.94 16.70 42.87
CA HIS F 130 64.54 15.80 43.88
C HIS F 130 63.53 14.94 44.59
N MET F 131 62.30 15.43 44.66
CA MET F 131 61.28 14.86 45.55
C MET F 131 60.15 14.14 44.81
N TYR F 132 60.38 13.84 43.54
CA TYR F 132 59.36 13.18 42.73
C TYR F 132 58.81 11.87 43.30
N ALA F 133 59.62 11.09 44.04
CA ALA F 133 59.12 9.84 44.62
C ALA F 133 58.06 10.08 45.68
N GLU F 134 58.18 11.19 46.42
CA GLU F 134 57.12 11.62 47.34
C GLU F 134 55.85 11.97 46.55
N ASP F 135 55.99 12.67 45.42
CA ASP F 135 54.82 12.99 44.61
C ASP F 135 54.08 11.72 44.23
N VAL F 136 54.83 10.75 43.72
CA VAL F 136 54.24 9.49 43.32
C VAL F 136 53.59 8.78 44.53
N ARG F 137 54.32 8.77 45.66
CA ARG F 137 53.82 8.19 46.93
C ARG F 137 52.45 8.80 47.28
N LEU F 138 52.37 10.12 47.23
CA LEU F 138 51.15 10.84 47.58
C LEU F 138 50.02 10.47 46.62
N LEU F 139 50.34 10.40 45.32
CA LEU F 139 49.33 10.03 44.34
C LEU F 139 48.80 8.61 44.64
N LYS F 140 49.73 7.71 44.94
CA LYS F 140 49.40 6.33 45.25
C LYS F 140 48.52 6.26 46.51
N GLU F 141 48.93 6.96 47.56
CA GLU F 141 48.20 6.90 48.84
C GLU F 141 46.78 7.42 48.66
N MET F 142 46.62 8.41 47.79
CA MET F 142 45.30 8.97 47.51
C MET F 142 44.45 8.10 46.58
N GLY F 143 45.05 7.07 46.02
CA GLY F 143 44.35 6.15 45.14
C GLY F 143 44.10 6.71 43.74
N MET F 144 44.93 7.66 43.33
CA MET F 144 44.80 8.23 42.00
C MET F 144 45.13 7.23 40.91
N ASP F 145 44.42 7.34 39.78
CA ASP F 145 44.61 6.46 38.63
C ASP F 145 45.60 7.00 37.62
N ALA F 146 45.86 8.30 37.67
CA ALA F 146 46.65 8.96 36.63
C ALA F 146 47.28 10.23 37.17
N TYR F 147 48.30 10.70 36.47
CA TYR F 147 49.02 11.90 36.87
C TYR F 147 49.39 12.65 35.60
N ARG F 148 49.01 13.93 35.57
CA ARG F 148 49.39 14.79 34.47
C ARG F 148 50.53 15.71 34.91
N PHE F 149 51.64 15.66 34.18
CA PHE F 149 52.79 16.50 34.46
C PHE F 149 53.40 16.89 33.12
N SER F 150 54.32 17.84 33.15
CA SER F 150 54.92 18.31 31.91
C SER F 150 56.42 18.06 31.87
N ILE F 151 56.96 18.02 30.66
CA ILE F 151 58.39 17.89 30.45
C ILE F 151 58.98 19.25 30.11
N SER F 152 60.07 19.61 30.77
CA SER F 152 60.74 20.88 30.49
C SER F 152 61.59 20.78 29.25
N TRP F 153 61.17 21.50 28.21
CA TRP F 153 61.96 21.59 26.97
C TRP F 153 63.46 21.89 27.21
N PRO F 154 63.83 22.97 27.91
CA PRO F 154 65.25 23.28 28.08
C PRO F 154 65.97 22.36 29.09
N ARG F 155 65.24 21.52 29.82
CA ARG F 155 65.87 20.45 30.59
C ARG F 155 66.27 19.29 29.68
N ILE F 156 65.52 19.06 28.60
CA ILE F 156 65.86 18.00 27.64
C ILE F 156 66.85 18.50 26.58
N LEU F 157 66.59 19.69 26.02
CA LEU F 157 67.47 20.36 25.04
C LEU F 157 67.89 21.74 25.55
N PRO F 158 69.02 21.80 26.24
CA PRO F 158 69.43 23.04 26.90
C PRO F 158 69.51 24.27 26.01
N LYS F 159 69.82 24.08 24.74
CA LYS F 159 69.86 25.18 23.78
C LYS F 159 68.60 25.23 22.91
N GLY F 160 67.62 24.39 23.24
CA GLY F 160 66.35 24.38 22.51
C GLY F 160 66.38 23.53 21.25
N THR F 161 67.56 23.13 20.80
CA THR F 161 67.70 22.45 19.52
C THR F 161 68.32 21.07 19.67
N LEU F 162 68.06 20.22 18.69
CA LEU F 162 68.77 18.95 18.59
C LEU F 162 70.28 19.19 18.50
N ALA F 163 70.67 20.19 17.71
CA ALA F 163 72.09 20.47 17.47
C ALA F 163 72.84 20.84 18.74
N GLY F 164 72.14 21.45 19.68
CA GLY F 164 72.75 21.80 20.95
C GLY F 164 72.99 20.62 21.86
N GLY F 165 72.40 19.47 21.53
CA GLY F 165 72.58 18.26 22.30
C GLY F 165 71.47 17.94 23.28
N ILE F 166 71.26 16.66 23.51
CA ILE F 166 70.27 16.16 24.47
C ILE F 166 70.89 16.03 25.86
N ASN F 167 70.20 16.55 26.87
CA ASN F 167 70.66 16.44 28.24
C ASN F 167 70.20 15.13 28.83
N GLU F 168 71.07 14.13 28.86
CA GLU F 168 70.68 12.77 29.29
C GLU F 168 70.28 12.70 30.78
N LYS F 169 70.80 13.61 31.61
CA LYS F 169 70.36 13.65 33.02
C LYS F 169 68.88 14.06 33.09
N ARG F 170 68.49 14.95 32.19
CA ARG F 170 67.10 15.38 32.07
C ARG F 170 66.23 14.21 31.63
N VAL F 171 66.66 13.50 30.59
CA VAL F 171 65.96 12.32 30.12
C VAL F 171 65.82 11.31 31.25
N GLU F 172 66.91 11.10 32.00
CA GLU F 172 66.89 10.13 33.08
C GLU F 172 65.87 10.47 34.19
N TYR F 173 65.77 11.75 34.52
CA TYR F 173 64.78 12.21 35.51
C TYR F 173 63.37 11.77 35.11
N TYR F 174 62.96 12.06 33.87
CA TYR F 174 61.58 11.74 33.48
C TYR F 174 61.40 10.24 33.39
N ASN F 175 62.47 9.53 33.02
CA ASN F 175 62.35 8.07 32.97
C ASN F 175 62.10 7.49 34.37
N LYS F 176 62.77 8.03 35.37
CA LYS F 176 62.60 7.54 36.74
C LYS F 176 61.17 7.82 37.22
N LEU F 177 60.68 9.00 36.89
CA LEU F 177 59.33 9.37 37.31
C LEU F 177 58.29 8.46 36.66
N ILE F 178 58.43 8.29 35.35
CA ILE F 178 57.50 7.46 34.59
C ILE F 178 57.54 6.04 35.13
N ASP F 179 58.74 5.52 35.35
CA ASP F 179 58.85 4.14 35.78
C ASP F 179 58.17 3.95 37.12
N LEU F 180 58.32 4.93 38.00
CA LEU F 180 57.77 4.84 39.33
C LEU F 180 56.25 4.96 39.26
N LEU F 181 55.74 5.82 38.38
CA LEU F 181 54.29 5.89 38.20
C LEU F 181 53.73 4.53 37.76
N LEU F 182 54.33 3.95 36.74
CA LEU F 182 53.83 2.69 36.19
C LEU F 182 53.91 1.55 37.20
N GLU F 183 54.97 1.55 38.01
CA GLU F 183 55.17 0.50 39.01
C GLU F 183 54.09 0.59 40.07
N ASN F 184 53.54 1.80 40.25
CA ASN F 184 52.42 2.03 41.15
C ASN F 184 51.03 2.01 40.52
N GLY F 185 50.94 1.67 39.25
CA GLY F 185 49.64 1.56 38.59
C GLY F 185 49.00 2.89 38.23
N ILE F 186 49.83 3.93 38.10
CA ILE F 186 49.33 5.29 37.79
C ILE F 186 49.73 5.67 36.38
N GLU F 187 48.74 6.06 35.58
CA GLU F 187 48.97 6.28 34.16
C GLU F 187 49.48 7.70 33.92
N PRO F 188 50.64 7.86 33.28
CA PRO F 188 51.14 9.21 33.00
C PRO F 188 50.41 9.84 31.81
N TYR F 189 49.94 11.07 31.99
CA TYR F 189 49.47 11.90 30.88
C TYR F 189 50.49 13.01 30.78
N ILE F 190 51.25 13.06 29.68
CA ILE F 190 52.33 14.03 29.62
C ILE F 190 52.09 15.22 28.72
N THR F 191 52.23 16.41 29.29
CA THR F 191 52.17 17.66 28.55
C THR F 191 53.57 17.97 28.03
N ILE F 192 53.71 18.10 26.73
CA ILE F 192 55.01 18.32 26.12
C ILE F 192 55.46 19.73 26.40
N PHE F 193 54.55 20.72 26.27
CA PHE F 193 54.92 22.13 26.43
C PHE F 193 53.96 22.88 27.36
N HIS F 194 54.49 23.45 28.44
CA HIS F 194 53.67 24.21 29.37
C HIS F 194 54.39 25.55 29.66
N TRP F 195 54.64 26.32 28.58
CA TRP F 195 55.00 27.72 28.61
C TRP F 195 56.48 28.02 28.82
N ASP F 196 57.28 26.97 29.01
CA ASP F 196 58.71 27.12 29.35
C ASP F 196 59.61 27.01 28.11
N THR F 197 59.46 27.96 27.19
CA THR F 197 60.28 28.00 25.99
C THR F 197 61.76 28.19 26.34
N PRO F 198 62.66 27.41 25.73
CA PRO F 198 64.10 27.65 25.91
C PRO F 198 64.51 29.09 25.58
N GLN F 199 65.17 29.77 26.52
CA GLN F 199 65.53 31.17 26.31
C GLN F 199 66.51 31.28 25.14
N ALA F 200 67.28 30.22 24.90
CA ALA F 200 68.24 30.23 23.78
C ALA F 200 67.51 30.44 22.43
N LEU F 201 66.28 29.94 22.32
CA LEU F 201 65.49 30.10 21.08
C LEU F 201 64.92 31.52 20.94
N VAL F 202 64.64 32.15 22.07
CA VAL F 202 64.28 33.58 22.10
C VAL F 202 65.48 34.44 21.65
N ASP F 203 66.67 34.15 22.20
CA ASP F 203 67.89 34.86 21.81
C ASP F 203 68.13 34.69 20.30
N ALA F 204 67.95 33.48 19.78
CA ALA F 204 68.21 33.17 18.38
C ALA F 204 67.22 33.81 17.41
N TYR F 205 65.93 33.70 17.70
CA TYR F 205 64.95 34.14 16.72
C TYR F 205 63.61 34.59 17.31
N GLY F 206 63.57 34.80 18.62
CA GLY F 206 62.36 35.31 19.24
C GLY F 206 61.36 34.20 19.57
N GLY F 207 61.83 32.95 19.54
CA GLY F 207 61.00 31.84 19.99
C GLY F 207 59.73 31.70 19.16
N PHE F 208 58.58 31.61 19.82
CA PHE F 208 57.31 31.40 19.11
C PHE F 208 56.91 32.55 18.17
N LEU F 209 57.58 33.69 18.23
CA LEU F 209 57.32 34.78 17.28
C LEU F 209 57.84 34.48 15.87
N ASP F 210 58.61 33.42 15.70
CA ASP F 210 59.19 33.07 14.39
C ASP F 210 58.83 31.65 14.02
N GLU F 211 58.56 31.38 12.74
CA GLU F 211 58.22 30.01 12.34
C GLU F 211 59.38 29.00 12.52
N ARG F 212 60.59 29.48 12.81
CA ARG F 212 61.71 28.58 13.10
C ARG F 212 61.38 27.74 14.34
N ILE F 213 60.49 28.24 15.18
CA ILE F 213 60.09 27.50 16.38
C ILE F 213 59.51 26.13 16.02
N ILE F 214 58.88 26.01 14.85
CA ILE F 214 58.17 24.79 14.50
C ILE F 214 59.08 23.58 14.43
N LYS F 215 60.19 23.71 13.70
CA LYS F 215 61.15 22.62 13.61
C LYS F 215 61.75 22.25 14.99
N ASP F 216 62.10 23.26 15.79
CA ASP F 216 62.71 22.98 17.08
C ASP F 216 61.71 22.31 18.03
N TYR F 217 60.46 22.76 18.03
CA TYR F 217 59.42 22.08 18.81
C TYR F 217 59.23 20.64 18.32
N THR F 218 59.12 20.40 17.03
CA THR F 218 58.94 19.00 16.61
C THR F 218 60.14 18.12 16.91
N ASP F 219 61.35 18.63 16.77
CA ASP F 219 62.55 17.91 17.22
C ASP F 219 62.46 17.52 18.69
N PHE F 220 62.09 18.50 19.52
CA PHE F 220 61.87 18.25 20.95
C PHE F 220 60.80 17.15 21.12
N ALA F 221 59.66 17.27 20.46
CA ALA F 221 58.61 16.28 20.66
C ALA F 221 59.09 14.89 20.25
N LYS F 222 59.88 14.82 19.17
CA LYS F 222 60.43 13.56 18.70
C LYS F 222 61.33 12.89 19.75
N VAL F 223 62.19 13.69 20.39
CA VAL F 223 63.01 13.17 21.48
C VAL F 223 62.13 12.60 22.57
N CYS F 224 61.10 13.35 22.99
CA CYS F 224 60.15 12.77 23.97
C CYS F 224 59.52 11.44 23.53
N PHE F 225 59.00 11.39 22.32
CA PHE F 225 58.37 10.16 21.82
C PHE F 225 59.37 9.00 21.77
N GLU F 226 60.59 9.32 21.34
CA GLU F 226 61.67 8.31 21.22
C GLU F 226 62.13 7.78 22.58
N LYS F 227 62.29 8.68 23.54
CA LYS F 227 62.76 8.29 24.87
C LYS F 227 61.70 7.64 25.75
N PHE F 228 60.45 8.09 25.63
CA PHE F 228 59.39 7.76 26.59
C PHE F 228 58.20 7.06 25.97
N GLY F 229 58.10 7.07 24.65
CA GLY F 229 56.90 6.61 23.94
C GLY F 229 56.52 5.15 24.13
N LYS F 230 57.50 4.29 24.41
CA LYS F 230 57.18 2.88 24.64
C LYS F 230 56.40 2.69 25.93
N THR F 231 56.63 3.61 26.87
CA THR F 231 56.04 3.54 28.20
C THR F 231 54.83 4.47 28.37
N VAL F 232 54.85 5.62 27.70
CA VAL F 232 53.80 6.63 27.88
C VAL F 232 52.90 6.62 26.66
N LYS F 233 51.59 6.49 26.87
CA LYS F 233 50.63 6.34 25.77
C LYS F 233 49.63 7.49 25.68
N ASN F 234 49.87 8.53 26.45
CA ASN F 234 48.93 9.66 26.51
C ASN F 234 49.68 10.98 26.50
N TRP F 235 49.56 11.71 25.40
CA TRP F 235 50.36 12.92 25.19
C TRP F 235 49.49 14.12 24.92
N LEU F 236 49.92 15.28 25.41
CA LEU F 236 49.23 16.54 25.13
C LEU F 236 50.29 17.50 24.61
N THR F 237 50.11 17.99 23.38
CA THR F 237 51.18 18.81 22.79
C THR F 237 51.37 20.14 23.51
N PHE F 238 50.27 20.84 23.74
CA PHE F 238 50.34 22.17 24.31
C PHE F 238 49.32 22.34 25.42
N ASN F 239 49.71 23.07 26.46
CA ASN F 239 48.81 23.41 27.55
C ASN F 239 48.33 24.86 27.45
N GLU F 240 47.02 25.04 27.52
CA GLU F 240 46.37 26.34 27.47
C GLU F 240 46.99 27.29 26.45
N PRO F 241 46.92 26.95 25.17
CA PRO F 241 47.46 27.83 24.14
C PRO F 241 46.80 29.22 24.19
N GLU F 242 45.51 29.31 24.53
CA GLU F 242 44.88 30.64 24.53
C GLU F 242 45.49 31.52 25.62
N THR F 243 45.67 30.96 26.81
CA THR F 243 46.26 31.75 27.90
C THR F 243 47.69 32.09 27.51
N PHE F 244 48.41 31.11 26.99
CA PHE F 244 49.80 31.33 26.58
C PHE F 244 49.91 32.50 25.59
N CYS F 245 49.04 32.53 24.58
CA CYS F 245 49.09 33.60 23.57
C CYS F 245 48.56 34.94 24.09
N SER F 246 47.37 34.94 24.69
CA SER F 246 46.74 36.21 25.08
C SER F 246 47.46 36.88 26.24
N VAL F 247 47.95 36.06 27.16
CA VAL F 247 48.44 36.58 28.42
C VAL F 247 49.99 36.74 28.40
N SER F 248 50.70 35.99 27.57
CA SER F 248 52.15 36.19 27.48
C SER F 248 52.54 37.25 26.45
N TYR F 249 51.67 37.48 25.45
CA TYR F 249 51.97 38.35 24.31
C TYR F 249 50.93 39.43 24.09
N GLY F 250 49.86 39.40 24.88
CA GLY F 250 48.78 40.36 24.76
C GLY F 250 48.77 41.31 25.95
N THR F 251 48.39 40.79 27.12
CA THR F 251 48.44 41.60 28.33
C THR F 251 49.84 41.61 28.93
N GLY F 252 50.67 40.65 28.53
CA GLY F 252 52.05 40.58 28.98
C GLY F 252 52.25 40.23 30.46
N VAL F 253 51.25 39.65 31.11
CA VAL F 253 51.37 39.29 32.52
C VAL F 253 52.35 38.14 32.72
N LEU F 254 52.39 37.23 31.74
CA LEU F 254 53.22 36.02 31.78
C LEU F 254 54.45 36.14 30.89
N ALA F 255 55.56 35.50 31.29
CA ALA F 255 56.77 35.48 30.46
C ALA F 255 56.48 35.10 29.00
N PRO F 256 57.08 35.77 28.04
CA PRO F 256 58.13 36.81 28.22
C PRO F 256 57.67 38.23 28.55
N GLY F 257 56.37 38.46 28.78
CA GLY F 257 55.91 39.73 29.34
C GLY F 257 55.79 40.84 28.31
N ARG F 258 55.39 40.47 27.09
CA ARG F 258 55.29 41.39 25.96
C ARG F 258 53.87 41.97 25.74
N CYS F 259 53.83 43.25 25.36
CA CYS F 259 52.57 43.90 25.02
C CYS F 259 52.88 45.14 24.16
N SER F 260 51.82 45.75 23.64
CA SER F 260 51.96 47.01 22.91
C SER F 260 52.49 48.15 23.79
N PRO F 261 53.27 49.06 23.21
CA PRO F 261 53.57 50.32 23.90
C PRO F 261 52.28 50.87 24.46
N GLY F 262 52.32 51.35 25.70
CA GLY F 262 51.16 51.95 26.32
C GLY F 262 50.37 50.99 27.18
N VAL F 263 50.65 49.70 27.01
CA VAL F 263 50.06 48.69 27.86
C VAL F 263 51.08 48.40 28.95
N SER F 264 50.58 48.15 30.16
CA SER F 264 51.45 47.96 31.33
C SER F 264 51.98 46.51 31.44
N CYS F 265 53.19 46.26 30.94
CA CYS F 265 53.89 44.98 31.09
C CYS F 265 55.39 45.19 31.10
N ALA F 266 56.14 44.12 31.39
CA ALA F 266 57.60 44.21 31.49
C ALA F 266 58.30 44.59 30.19
N VAL F 267 57.74 44.15 29.05
CA VAL F 267 58.38 44.35 27.76
C VAL F 267 57.38 44.97 26.76
N PRO F 268 57.05 46.23 26.98
CA PRO F 268 56.02 46.91 26.19
C PRO F 268 56.54 47.38 24.81
N THR F 269 57.15 46.50 24.05
CA THR F 269 57.63 46.85 22.72
C THR F 269 57.20 45.77 21.74
N GLY F 270 56.13 45.06 22.11
CA GLY F 270 55.56 44.03 21.25
C GLY F 270 54.35 44.64 20.56
N ASN F 271 53.32 43.83 20.36
CA ASN F 271 52.10 44.29 19.71
C ASN F 271 50.97 43.35 20.11
N SER F 272 50.08 43.84 20.97
CA SER F 272 49.06 43.01 21.63
C SER F 272 47.99 42.57 20.66
N LEU F 273 47.93 43.22 19.48
CA LEU F 273 46.92 42.89 18.48
C LEU F 273 47.41 41.85 17.47
N SER F 274 48.73 41.76 17.29
CA SER F 274 49.24 40.88 16.27
C SER F 274 50.04 39.69 16.83
N GLU F 275 50.83 39.91 17.89
CA GLU F 275 51.72 38.83 18.37
C GLU F 275 50.96 37.59 18.88
N PRO F 276 49.86 37.78 19.59
CA PRO F 276 49.12 36.59 20.05
C PRO F 276 48.68 35.71 18.90
N TYR F 277 48.27 36.31 17.78
CA TYR F 277 47.90 35.53 16.60
C TYR F 277 49.08 34.82 15.96
N ILE F 278 50.23 35.50 15.92
CA ILE F 278 51.44 34.90 15.35
C ILE F 278 51.88 33.68 16.16
N VAL F 279 51.92 33.84 17.48
CA VAL F 279 52.31 32.75 18.36
C VAL F 279 51.31 31.60 18.25
N ALA F 280 50.01 31.93 18.30
CA ALA F 280 48.98 30.90 18.12
C ALA F 280 49.16 30.11 16.84
N HIS F 281 49.49 30.83 15.75
CA HIS F 281 49.55 30.18 14.44
C HIS F 281 50.78 29.26 14.39
N ASN F 282 51.94 29.75 14.86
CA ASN F 282 53.12 28.88 14.93
C ASN F 282 52.89 27.64 15.81
N LEU F 283 52.20 27.86 16.95
CA LEU F 283 51.84 26.77 17.85
C LEU F 283 50.96 25.72 17.15
N LEU F 284 49.92 26.14 16.44
CA LEU F 284 49.10 25.18 15.70
C LEU F 284 49.84 24.49 14.57
N ARG F 285 50.71 25.21 13.86
CA ARG F 285 51.52 24.52 12.83
C ARG F 285 52.41 23.44 13.49
N ALA F 286 53.00 23.76 14.64
CA ALA F 286 53.83 22.80 15.37
C ALA F 286 52.99 21.62 15.82
N HIS F 287 51.77 21.89 16.32
CA HIS F 287 50.87 20.83 16.74
C HIS F 287 50.55 19.88 15.58
N ALA F 288 50.20 20.45 14.43
CA ALA F 288 49.81 19.62 13.28
C ALA F 288 50.93 18.66 12.87
N GLU F 289 52.14 19.19 12.77
CA GLU F 289 53.29 18.37 12.36
C GLU F 289 53.61 17.30 13.40
N THR F 290 53.55 17.68 14.68
CA THR F 290 53.83 16.73 15.77
C THR F 290 52.87 15.55 15.84
N VAL F 291 51.58 15.82 15.67
CA VAL F 291 50.59 14.75 15.64
C VAL F 291 50.85 13.83 14.43
N ASP F 292 51.23 14.42 13.32
CA ASP F 292 51.57 13.62 12.14
C ASP F 292 52.75 12.68 12.42
N ILE F 293 53.82 13.22 12.99
CA ILE F 293 54.97 12.38 13.43
C ILE F 293 54.53 11.29 14.39
N TYR F 294 53.76 11.66 15.41
CA TYR F 294 53.26 10.68 16.38
C TYR F 294 52.49 9.56 15.67
N ASN F 295 51.54 9.94 14.82
CA ASN F 295 50.68 8.94 14.19
C ASN F 295 51.52 7.99 13.33
N LYS F 296 52.51 8.55 12.64
CA LYS F 296 53.30 7.74 11.71
C LYS F 296 54.30 6.81 12.39
N TYR F 297 54.87 7.22 13.52
CA TYR F 297 55.99 6.48 14.09
C TYR F 297 55.84 5.96 15.51
N HIS F 298 54.85 6.43 16.24
CA HIS F 298 54.84 6.17 17.69
C HIS F 298 53.52 5.71 18.27
N LYS F 299 52.41 5.98 17.58
CA LYS F 299 51.09 5.70 18.13
C LYS F 299 50.84 4.22 18.33
N GLY F 300 51.19 3.43 17.32
CA GLY F 300 51.00 1.99 17.41
C GLY F 300 49.55 1.66 17.69
N ALA F 301 49.33 0.67 18.55
CA ALA F 301 47.99 0.18 18.81
C ALA F 301 47.26 0.93 19.92
N ASP F 302 47.99 1.60 20.80
CA ASP F 302 47.35 2.13 21.99
C ASP F 302 47.62 3.60 22.31
N GLY F 303 48.50 4.25 21.56
CA GLY F 303 48.86 5.62 21.88
C GLY F 303 47.80 6.63 21.51
N ARG F 304 47.78 7.75 22.22
CA ARG F 304 46.84 8.84 21.92
C ARG F 304 47.52 10.19 22.14
N ILE F 305 47.13 11.16 21.32
CA ILE F 305 47.69 12.50 21.45
C ILE F 305 46.61 13.57 21.30
N GLY F 306 46.74 14.65 22.05
CA GLY F 306 45.77 15.73 21.92
C GLY F 306 46.37 16.99 22.47
N LEU F 307 45.52 17.87 22.97
CA LEU F 307 46.02 19.09 23.58
C LEU F 307 45.04 19.54 24.65
N ALA F 308 45.49 20.43 25.53
CA ALA F 308 44.68 20.83 26.68
C ALA F 308 44.31 22.29 26.54
N LEU F 309 43.01 22.59 26.50
CA LEU F 309 42.56 23.94 26.23
C LEU F 309 41.96 24.57 27.49
N ASN F 310 42.34 25.79 27.81
CA ASN F 310 41.61 26.48 28.86
C ASN F 310 40.34 26.98 28.24
N VAL F 311 39.24 26.85 28.97
CA VAL F 311 37.95 27.33 28.49
C VAL F 311 37.30 28.07 29.64
N PHE F 312 37.06 29.35 29.44
CA PHE F 312 36.20 30.09 30.36
C PHE F 312 34.76 29.81 29.98
N GLY F 313 33.89 29.55 30.95
CA GLY F 313 32.47 29.52 30.62
C GLY F 313 32.05 30.93 30.27
N ARG F 314 31.11 31.07 29.35
CA ARG F 314 30.63 32.38 28.95
C ARG F 314 29.10 32.30 28.94
N VAL F 315 28.47 33.20 29.69
CA VAL F 315 27.01 33.27 29.81
C VAL F 315 26.55 34.59 29.22
N PRO F 316 25.55 34.59 28.34
CA PRO F 316 25.08 35.84 27.76
C PRO F 316 24.69 36.78 28.89
N TYR F 317 25.14 38.04 28.82
CA TYR F 317 24.83 39.02 29.84
C TYR F 317 23.29 39.16 30.05
N THR F 318 22.55 39.20 28.95
CA THR F 318 21.10 39.01 28.98
C THR F 318 20.72 37.95 27.93
N ASN F 319 19.49 37.44 28.02
CA ASN F 319 19.04 36.48 27.02
C ASN F 319 18.42 37.19 25.83
N THR F 320 19.21 38.09 25.27
CA THR F 320 18.83 39.00 24.20
C THR F 320 19.73 38.58 23.02
N PHE F 321 19.29 38.69 21.76
CA PHE F 321 20.16 38.27 20.66
C PHE F 321 21.55 38.92 20.65
N LEU F 322 21.65 40.20 20.99
CA LEU F 322 22.96 40.87 20.94
C LEU F 322 23.96 40.20 21.90
N ASP F 323 23.51 39.87 23.11
CA ASP F 323 24.42 39.30 24.10
C ASP F 323 24.66 37.82 23.87
N GLN F 324 23.68 37.14 23.27
CA GLN F 324 23.90 35.77 22.83
C GLN F 324 24.98 35.71 21.73
N GLN F 325 24.87 36.59 20.74
CA GLN F 325 25.90 36.69 19.72
C GLN F 325 27.28 37.02 20.32
N ALA F 326 27.29 37.90 21.30
CA ALA F 326 28.51 38.24 22.04
C ALA F 326 29.11 37.05 22.77
N GLN F 327 28.25 36.22 23.38
CA GLN F 327 28.72 35.02 24.04
C GLN F 327 29.33 34.06 23.03
N GLU F 328 28.73 33.95 21.84
CA GLU F 328 29.29 33.06 20.82
C GLU F 328 30.63 33.54 20.27
N ARG F 329 30.75 34.84 20.01
CA ARG F 329 32.05 35.37 19.59
C ARG F 329 33.10 35.14 20.67
N SER F 330 32.69 35.25 21.94
CA SER F 330 33.65 35.04 23.05
C SER F 330 34.10 33.59 23.10
N MET F 331 33.16 32.67 22.93
CA MET F 331 33.53 31.25 22.95
C MET F 331 34.47 30.97 21.80
N ASP F 332 34.16 31.55 20.63
CA ASP F 332 35.02 31.40 19.46
C ASP F 332 36.45 31.84 19.73
N LYS F 333 36.61 32.93 20.46
CA LYS F 333 37.93 33.55 20.65
C LYS F 333 38.73 32.87 21.76
N CYS F 334 38.05 32.10 22.60
CA CYS F 334 38.74 31.35 23.64
C CYS F 334 38.90 29.89 23.23
N LEU F 335 37.77 29.18 23.18
CA LEU F 335 37.75 27.76 22.78
C LEU F 335 37.98 27.53 21.28
N GLY F 336 37.22 28.22 20.44
CA GLY F 336 37.30 27.97 18.99
C GLY F 336 38.63 28.30 18.35
N TRP F 337 39.33 29.29 18.89
CA TRP F 337 40.63 29.73 18.34
C TRP F 337 41.54 28.52 18.10
N PHE F 338 41.59 27.59 19.06
CA PHE F 338 42.40 26.38 18.90
C PHE F 338 41.62 25.13 18.55
N LEU F 339 40.38 25.04 19.02
CA LEU F 339 39.60 23.83 18.72
C LEU F 339 39.17 23.77 17.26
N GLU F 340 38.71 24.87 16.68
CA GLU F 340 38.26 24.77 15.28
C GLU F 340 39.37 24.37 14.32
N PRO F 341 40.57 24.93 14.45
CA PRO F 341 41.69 24.45 13.64
C PRO F 341 41.88 22.93 13.70
N VAL F 342 41.90 22.36 14.91
CA VAL F 342 42.14 20.90 14.99
C VAL F 342 40.91 20.06 14.62
N VAL F 343 39.73 20.67 14.69
CA VAL F 343 38.51 19.94 14.36
C VAL F 343 38.23 20.00 12.86
N ARG F 344 38.42 21.19 12.26
CA ARG F 344 37.98 21.37 10.87
C ARG F 344 39.05 21.93 9.93
N GLY F 345 40.16 22.37 10.50
CA GLY F 345 41.30 22.86 9.74
C GLY F 345 41.40 24.36 9.52
N ASP F 346 40.54 25.14 10.16
CA ASP F 346 40.69 26.60 10.12
C ASP F 346 40.11 27.23 11.38
N TYR F 347 40.49 28.48 11.60
CA TYR F 347 39.96 29.28 12.70
C TYR F 347 38.46 29.53 12.51
N PRO F 348 37.76 29.88 13.60
CA PRO F 348 36.34 30.22 13.49
C PRO F 348 36.13 31.39 12.52
N PHE F 349 35.03 31.34 11.78
CA PHE F 349 34.66 32.45 10.89
C PHE F 349 34.66 33.79 11.63
N SER F 350 34.10 33.83 12.84
CA SER F 350 33.97 35.10 13.54
C SER F 350 35.33 35.76 13.76
N MET F 351 36.36 34.95 14.01
CA MET F 351 37.71 35.47 14.28
C MET F 351 38.35 36.07 13.01
N ARG F 352 38.17 35.41 11.87
CA ARG F 352 38.65 35.95 10.60
C ARG F 352 37.89 37.19 10.14
N VAL F 353 36.56 37.16 10.24
CA VAL F 353 35.80 38.33 9.78
C VAL F 353 36.12 39.55 10.63
N SER F 354 36.46 39.34 11.92
CA SER F 354 36.81 40.45 12.80
C SER F 354 38.24 40.94 12.62
N ALA F 355 39.21 40.03 12.74
CA ALA F 355 40.64 40.40 12.82
C ALA F 355 41.36 40.41 11.45
N ARG F 356 40.69 39.84 10.46
CA ARG F 356 41.11 39.91 9.05
C ARG F 356 42.59 39.53 8.83
N ASP F 357 43.41 40.46 8.31
CA ASP F 357 44.80 40.15 7.95
C ASP F 357 45.72 39.82 9.14
N ARG F 358 45.27 40.05 10.36
CA ARG F 358 46.06 39.67 11.55
C ARG F 358 45.99 38.18 11.83
N VAL F 359 45.07 37.49 11.14
CA VAL F 359 44.94 36.04 11.29
C VAL F 359 45.57 35.31 10.10
N PRO F 360 46.70 34.62 10.32
CA PRO F 360 47.37 33.94 9.24
C PRO F 360 46.55 32.78 8.66
N TYR F 361 46.89 32.39 7.42
CA TYR F 361 46.27 31.22 6.80
C TYR F 361 47.21 30.04 6.83
N PHE F 362 46.65 28.85 7.04
CA PHE F 362 47.41 27.61 6.98
C PHE F 362 47.70 27.24 5.54
N LYS F 363 48.86 26.64 5.30
CA LYS F 363 49.16 26.10 3.98
C LYS F 363 48.39 24.81 3.75
N GLU F 364 48.21 24.45 2.48
CA GLU F 364 47.35 23.33 2.13
C GLU F 364 47.77 22.03 2.81
N LYS F 365 49.05 21.71 2.76
CA LYS F 365 49.53 20.46 3.31
C LYS F 365 49.41 20.41 4.84
N GLU F 366 49.75 21.52 5.50
CA GLU F 366 49.55 21.71 6.95
C GLU F 366 48.13 21.48 7.34
N GLN F 367 47.24 22.14 6.62
CA GLN F 367 45.81 22.07 6.88
C GLN F 367 45.30 20.63 6.87
N GLU F 368 45.80 19.84 5.92
CA GLU F 368 45.40 18.44 5.84
C GLU F 368 45.80 17.70 7.10
N LYS F 369 47.01 17.98 7.58
CA LYS F 369 47.49 17.39 8.82
C LYS F 369 46.75 17.92 10.05
N LEU F 370 46.33 19.19 10.00
CA LEU F 370 45.62 19.80 11.14
C LEU F 370 44.25 19.17 11.38
N VAL F 371 43.51 18.90 10.31
CA VAL F 371 42.16 18.35 10.45
C VAL F 371 42.14 17.02 11.20
N GLY F 372 41.37 16.95 12.28
CA GLY F 372 41.26 15.75 13.07
C GLY F 372 42.55 15.37 13.81
N SER F 373 43.40 16.36 14.10
CA SER F 373 44.70 16.09 14.74
C SER F 373 44.60 15.93 16.28
N TYR F 374 43.74 15.00 16.72
CA TYR F 374 43.56 14.73 18.14
C TYR F 374 42.85 13.41 18.32
N ASP F 375 43.19 12.71 19.40
CA ASP F 375 42.48 11.52 19.86
C ASP F 375 41.62 11.88 21.05
N MET F 376 41.96 13.00 21.68
CA MET F 376 41.20 13.48 22.85
C MET F 376 41.44 14.95 23.05
N ILE F 377 40.51 15.62 23.74
CA ILE F 377 40.67 17.04 24.07
C ILE F 377 40.69 17.19 25.60
N GLY F 378 41.69 17.90 26.09
CA GLY F 378 41.71 18.24 27.51
C GLY F 378 41.01 19.57 27.69
N ILE F 379 40.17 19.65 28.73
CA ILE F 379 39.49 20.89 29.10
C ILE F 379 40.03 21.36 30.43
N ASN F 380 40.63 22.54 30.46
CA ASN F 380 41.06 23.12 31.74
C ASN F 380 39.97 24.11 32.15
N TYR F 381 39.22 23.80 33.22
CA TYR F 381 38.10 24.65 33.60
C TYR F 381 38.28 25.21 35.01
N TYR F 382 38.17 26.54 35.13
CA TYR F 382 38.27 27.23 36.41
C TYR F 382 37.05 28.08 36.76
N THR F 383 36.55 28.84 35.79
CA THR F 383 35.52 29.81 36.09
C THR F 383 34.76 30.25 34.83
N SER F 384 33.76 31.13 35.02
CA SER F 384 32.96 31.66 33.93
C SER F 384 32.75 33.14 34.11
N THR F 385 32.40 33.85 33.03
CA THR F 385 31.96 35.24 33.12
C THR F 385 30.69 35.41 32.31
N PHE F 386 30.07 36.58 32.43
CA PHE F 386 29.03 36.99 31.49
C PHE F 386 29.73 37.61 30.28
N SER F 387 29.10 37.52 29.12
CA SER F 387 29.63 38.15 27.91
C SER F 387 28.61 39.18 27.46
N LYS F 388 29.04 40.44 27.30
CA LYS F 388 28.15 41.56 26.97
C LYS F 388 28.57 42.19 25.64
N HIS F 389 27.63 42.35 24.74
CA HIS F 389 27.89 42.88 23.39
C HIS F 389 28.54 44.27 23.41
N ILE F 390 29.50 44.48 22.49
CA ILE F 390 30.05 45.81 22.18
C ILE F 390 29.77 46.09 20.72
N ASP F 391 29.23 47.27 20.40
CA ASP F 391 28.94 47.61 19.01
C ASP F 391 30.19 47.92 18.20
N LEU F 392 30.16 47.56 16.92
CA LEU F 392 31.18 47.96 15.97
C LEU F 392 30.91 49.41 15.57
N SER F 393 31.83 50.31 15.90
CA SER F 393 31.67 51.74 15.58
C SER F 393 33.02 52.44 15.48
N PRO F 394 33.06 53.66 14.94
CA PRO F 394 34.31 54.44 14.91
C PRO F 394 34.83 54.78 16.31
N ASN F 395 33.98 54.63 17.32
CA ASN F 395 34.36 54.91 18.70
C ASN F 395 35.09 53.78 19.42
N ASN F 396 35.08 52.58 18.83
CA ASN F 396 35.74 51.42 19.44
C ASN F 396 36.86 50.93 18.53
N SER F 397 38.07 50.83 19.09
CA SER F 397 39.24 50.34 18.38
C SER F 397 39.91 49.32 19.27
N PRO F 398 40.01 48.06 18.81
CA PRO F 398 40.66 47.01 19.61
C PRO F 398 42.09 47.39 20.01
N VAL F 399 42.47 47.06 21.23
CA VAL F 399 43.84 47.26 21.72
C VAL F 399 44.52 45.93 21.98
N LEU F 400 43.79 45.01 22.59
CA LEU F 400 44.26 43.65 22.84
C LEU F 400 43.57 42.69 21.86
N ASN F 401 44.23 41.59 21.53
CA ASN F 401 43.64 40.57 20.68
C ASN F 401 42.23 40.16 21.14
N THR F 402 42.03 40.08 22.45
CA THR F 402 40.72 39.67 22.95
C THR F 402 39.63 40.68 22.65
N ASP F 403 40.01 41.91 22.34
CA ASP F 403 39.02 42.92 21.95
C ASP F 403 38.37 42.61 20.58
N ASP F 404 38.98 41.69 19.81
CA ASP F 404 38.45 41.32 18.48
C ASP F 404 37.12 40.58 18.57
N ALA F 405 36.78 40.14 19.80
CA ALA F 405 35.52 39.45 20.07
C ALA F 405 34.31 40.38 20.12
N TYR F 406 34.53 41.68 20.27
CA TYR F 406 33.43 42.66 20.40
C TYR F 406 32.49 42.26 21.55
N ALA F 407 33.10 41.98 22.70
CA ALA F 407 32.35 41.59 23.86
C ALA F 407 33.14 41.96 25.10
N SER F 408 32.44 42.43 26.13
CA SER F 408 33.11 42.65 27.40
C SER F 408 32.81 41.46 28.31
N GLN F 409 33.79 41.07 29.12
CA GLN F 409 33.62 39.92 30.00
C GLN F 409 33.39 40.46 31.41
N GLU F 410 32.15 40.29 31.87
CA GLU F 410 31.70 40.88 33.11
C GLU F 410 31.56 39.82 34.18
N THR F 411 32.11 40.08 35.35
CA THR F 411 31.91 39.20 36.49
C THR F 411 30.60 39.44 37.21
N LYS F 412 29.99 40.60 37.00
CA LYS F 412 28.65 40.89 37.52
C LYS F 412 27.60 41.02 36.42
N GLY F 413 26.43 40.44 36.67
CA GLY F 413 25.36 40.40 35.70
C GLY F 413 24.44 41.61 35.81
N PRO F 414 23.39 41.60 34.99
CA PRO F 414 22.53 42.77 34.84
C PRO F 414 21.72 43.04 36.12
N ASP F 415 21.65 42.06 37.01
CA ASP F 415 20.96 42.29 38.29
C ASP F 415 21.92 42.77 39.39
N GLY F 416 23.18 43.02 39.02
CA GLY F 416 24.19 43.50 39.95
C GLY F 416 24.93 42.43 40.72
N ASN F 417 24.60 41.16 40.45
CA ASN F 417 25.16 40.06 41.22
C ASN F 417 26.35 39.49 40.49
N ALA F 418 27.34 39.08 41.28
CA ALA F 418 28.47 38.33 40.78
C ALA F 418 27.96 37.01 40.18
N ILE F 419 28.65 36.52 39.14
CA ILE F 419 28.26 35.27 38.53
C ILE F 419 28.33 34.12 39.57
N GLY F 420 29.30 34.21 40.49
CA GLY F 420 29.45 33.27 41.59
C GLY F 420 30.42 33.90 42.59
N PRO F 421 30.52 33.31 43.77
CA PRO F 421 31.32 33.91 44.85
C PRO F 421 32.83 33.72 44.61
N PRO F 422 33.68 34.61 45.13
CA PRO F 422 35.13 34.42 45.00
C PRO F 422 35.59 33.21 45.80
N THR F 423 36.68 32.60 45.39
CA THR F 423 37.19 31.42 46.08
C THR F 423 38.50 31.72 46.78
N GLY F 424 39.00 32.94 46.62
CA GLY F 424 40.25 33.28 47.27
C GLY F 424 41.10 34.27 46.50
N ASN F 425 41.42 33.97 45.24
CA ASN F 425 42.26 34.86 44.45
C ASN F 425 41.45 35.90 43.67
N ALA F 426 42.07 36.55 42.69
CA ALA F 426 41.45 37.69 42.00
C ALA F 426 40.41 37.31 40.92
N TRP F 427 40.40 36.06 40.46
CA TRP F 427 39.69 35.75 39.22
C TRP F 427 38.84 34.47 39.22
N ILE F 428 39.13 33.52 40.11
CA ILE F 428 38.35 32.29 40.11
C ILE F 428 37.08 32.47 40.94
N ASN F 429 35.98 32.75 40.24
CA ASN F 429 34.66 32.72 40.85
C ASN F 429 34.00 31.36 40.70
N MET F 430 33.30 30.94 41.74
CA MET F 430 32.74 29.63 41.81
C MET F 430 31.48 29.51 40.93
N TYR F 431 31.60 28.80 39.82
CA TYR F 431 30.48 28.65 38.88
C TYR F 431 30.55 27.30 38.18
N PRO F 432 30.27 26.23 38.92
CA PRO F 432 30.38 24.89 38.33
C PRO F 432 29.46 24.67 37.15
N LYS F 433 28.34 25.39 37.07
CA LYS F 433 27.43 25.24 35.94
C LYS F 433 28.08 25.53 34.59
N GLY F 434 29.05 26.45 34.59
CA GLY F 434 29.80 26.78 33.37
C GLY F 434 30.45 25.55 32.74
N LEU F 435 30.88 24.62 33.59
CA LEU F 435 31.52 23.39 33.12
C LEU F 435 30.51 22.58 32.33
N HIS F 436 29.28 22.49 32.83
CA HIS F 436 28.23 21.79 32.09
C HIS F 436 27.96 22.46 30.73
N ASP F 437 27.86 23.79 30.71
CA ASP F 437 27.61 24.55 29.48
C ASP F 437 28.69 24.18 28.44
N ILE F 438 29.95 24.18 28.87
CA ILE F 438 31.07 23.91 27.95
C ILE F 438 30.98 22.48 27.39
N LEU F 439 30.70 21.53 28.27
CA LEU F 439 30.63 20.13 27.88
C LEU F 439 29.46 19.87 26.93
N MET F 440 28.35 20.59 27.11
CA MET F 440 27.22 20.41 26.17
C MET F 440 27.57 20.95 24.78
N THR F 441 28.30 22.07 24.74
CA THR F 441 28.84 22.60 23.47
C THR F 441 29.78 21.59 22.81
N MET F 442 30.69 21.00 23.57
CA MET F 442 31.61 20.02 23.00
C MET F 442 30.80 18.85 22.43
N LYS F 443 29.79 18.43 23.17
CA LYS F 443 28.99 17.26 22.78
C LYS F 443 28.16 17.56 21.53
N ASN F 444 27.43 18.67 21.56
CA ASN F 444 26.44 18.96 20.52
C ASN F 444 26.96 19.69 19.28
N LYS F 445 28.01 20.50 19.47
CA LYS F 445 28.53 21.30 18.36
C LYS F 445 29.76 20.69 17.71
N TYR F 446 30.63 20.10 18.52
CA TYR F 446 31.95 19.71 18.06
C TYR F 446 32.16 18.19 18.03
N GLY F 447 31.05 17.43 18.02
CA GLY F 447 31.15 15.99 17.79
C GLY F 447 31.38 15.10 18.99
N ASN F 448 31.41 15.67 20.20
CA ASN F 448 31.57 14.84 21.41
C ASN F 448 32.84 13.96 21.41
N PRO F 449 34.01 14.58 21.25
CA PRO F 449 35.26 13.82 21.21
C PRO F 449 35.56 13.31 22.62
N PRO F 450 36.45 12.32 22.77
CA PRO F 450 36.88 11.91 24.11
C PRO F 450 37.50 13.11 24.83
N MET F 451 37.07 13.35 26.06
CA MET F 451 37.54 14.52 26.80
C MET F 451 38.02 14.15 28.19
N TYR F 452 38.99 14.93 28.69
CA TYR F 452 39.46 14.81 30.06
C TYR F 452 39.41 16.21 30.66
N ILE F 453 38.96 16.34 31.91
CA ILE F 453 39.10 17.62 32.60
C ILE F 453 40.55 17.67 33.09
N THR F 454 41.43 18.30 32.31
CA THR F 454 42.87 18.18 32.58
C THR F 454 43.35 19.14 33.65
N GLU F 455 42.51 20.12 34.02
CA GLU F 455 42.73 20.94 35.19
C GLU F 455 41.38 21.44 35.71
N ASN F 456 41.26 21.44 37.03
CA ASN F 456 40.16 22.12 37.69
C ASN F 456 40.61 22.37 39.14
N GLY F 457 40.46 23.58 39.65
CA GLY F 457 40.92 23.88 41.01
C GLY F 457 40.86 25.37 41.39
N MET F 458 41.36 25.70 42.58
CA MET F 458 41.34 27.10 43.03
C MET F 458 42.49 27.36 44.02
N GLY F 459 42.73 28.62 44.32
CA GLY F 459 43.87 29.01 45.13
C GLY F 459 43.46 29.57 46.49
N ASP F 460 44.25 29.23 47.50
CA ASP F 460 44.13 29.83 48.83
C ASP F 460 45.21 30.90 48.94
N ILE F 461 44.85 32.07 49.45
CA ILE F 461 45.82 33.14 49.56
C ILE F 461 46.74 32.89 50.76
N ASP F 462 48.04 33.09 50.51
CA ASP F 462 49.05 33.00 51.58
C ASP F 462 50.00 34.18 51.42
N LYS F 463 49.81 35.21 52.23
CA LYS F 463 50.68 36.36 52.10
C LYS F 463 51.90 36.23 53.03
N GLY F 464 52.16 35.02 53.50
CA GLY F 464 53.22 34.75 54.46
C GLY F 464 52.72 34.61 55.91
N ASP F 465 51.42 34.77 56.10
CA ASP F 465 50.87 34.72 57.44
C ASP F 465 49.86 33.59 57.54
N LEU F 466 50.07 32.51 56.77
CA LEU F 466 49.06 31.49 56.71
C LEU F 466 49.52 30.33 57.55
N PRO F 467 48.90 30.12 58.71
CA PRO F 467 49.28 29.00 59.57
C PRO F 467 49.07 27.67 58.83
N LYS F 468 50.04 26.77 58.93
CA LYS F 468 49.85 25.45 58.33
C LYS F 468 48.54 24.77 58.70
N PRO F 469 48.16 24.73 59.98
CA PRO F 469 46.90 24.08 60.37
C PRO F 469 45.69 24.63 59.61
N VAL F 470 45.68 25.94 59.38
CA VAL F 470 44.61 26.59 58.63
C VAL F 470 44.69 26.26 57.11
N ALA F 471 45.89 26.28 56.56
CA ALA F 471 46.07 25.93 55.16
C ALA F 471 45.67 24.48 54.87
N LEU F 472 45.85 23.57 55.84
CA LEU F 472 45.43 22.15 55.65
C LEU F 472 43.92 21.95 55.68
N GLU F 473 43.20 22.86 56.36
CA GLU F 473 41.76 22.70 56.52
C GLU F 473 41.11 23.46 55.36
N ASP F 474 41.28 22.94 54.14
CA ASP F 474 40.92 23.69 52.92
C ASP F 474 39.49 23.42 52.50
N HIS F 475 38.56 23.87 53.34
CA HIS F 475 37.15 23.57 53.16
C HIS F 475 36.59 24.20 51.87
N THR F 476 37.07 25.39 51.51
CA THR F 476 36.65 26.03 50.26
C THR F 476 37.03 25.16 49.04
N ARG F 477 38.29 24.74 49.00
CA ARG F 477 38.73 23.82 47.94
C ARG F 477 37.92 22.53 47.91
N LEU F 478 37.67 21.93 49.08
CA LEU F 478 36.96 20.66 49.07
C LEU F 478 35.58 20.85 48.44
N ASP F 479 34.91 21.92 48.86
CA ASP F 479 33.55 22.25 48.37
C ASP F 479 33.61 22.49 46.84
N TYR F 480 34.60 23.27 46.40
CA TYR F 480 34.84 23.49 44.98
C TYR F 480 34.96 22.17 44.19
N ILE F 481 35.83 21.26 44.65
CA ILE F 481 36.04 19.99 43.92
C ILE F 481 34.74 19.19 43.94
N GLN F 482 34.09 19.12 45.09
CA GLN F 482 32.87 18.33 45.17
C GLN F 482 31.78 18.84 44.22
N ARG F 483 31.60 20.16 44.20
CA ARG F 483 30.58 20.77 43.35
C ARG F 483 30.89 20.60 41.88
N HIS F 484 32.18 20.69 41.50
CA HIS F 484 32.51 20.45 40.08
C HIS F 484 32.37 18.98 39.70
N LEU F 485 32.67 18.07 40.64
CA LEU F 485 32.47 16.66 40.36
C LEU F 485 30.98 16.32 40.21
N SER F 486 30.14 16.98 41.00
CA SER F 486 28.69 16.80 40.87
C SER F 486 28.18 17.26 39.48
N VAL F 487 28.66 18.41 39.01
CA VAL F 487 28.26 18.87 37.68
C VAL F 487 28.81 17.96 36.59
N LEU F 488 30.04 17.46 36.78
CA LEU F 488 30.60 16.51 35.82
C LEU F 488 29.72 15.26 35.70
N LYS F 489 29.22 14.78 36.84
CA LYS F 489 28.33 13.60 36.87
C LYS F 489 27.10 13.89 36.01
N GLN F 490 26.54 15.07 36.16
CA GLN F 490 25.34 15.43 35.41
C GLN F 490 25.62 15.49 33.92
N SER F 491 26.81 15.99 33.57
CA SER F 491 27.20 16.08 32.15
C SER F 491 27.39 14.73 31.49
N ILE F 492 28.04 13.80 32.20
CA ILE F 492 28.28 12.46 31.66
C ILE F 492 26.94 11.72 31.53
N ASP F 493 26.05 11.96 32.49
CA ASP F 493 24.72 11.33 32.39
C ASP F 493 23.93 11.84 31.17
N LEU F 494 24.20 13.08 30.78
CA LEU F 494 23.62 13.67 29.58
C LEU F 494 24.38 13.36 28.29
N GLY F 495 25.45 12.58 28.38
CA GLY F 495 26.03 11.96 27.20
C GLY F 495 27.38 12.54 26.80
N ALA F 496 27.90 13.49 27.58
CA ALA F 496 29.23 14.03 27.28
C ALA F 496 30.31 12.98 27.50
N ASP F 497 31.23 12.84 26.55
CA ASP F 497 32.25 11.78 26.59
C ASP F 497 33.45 12.17 27.41
N VAL F 498 33.24 12.42 28.70
CA VAL F 498 34.36 12.75 29.57
C VAL F 498 34.85 11.50 30.26
N ARG F 499 36.17 11.30 30.28
CA ARG F 499 36.75 10.03 30.72
C ARG F 499 37.69 10.15 31.91
N GLY F 500 37.88 11.37 32.42
CA GLY F 500 38.78 11.58 33.54
C GLY F 500 38.74 12.98 34.08
N TYR F 501 39.24 13.15 35.31
CA TYR F 501 39.27 14.43 36.00
C TYR F 501 40.62 14.55 36.73
N PHE F 502 41.33 15.66 36.49
CA PHE F 502 42.63 15.94 37.13
C PHE F 502 42.51 17.22 37.94
N ALA F 503 42.68 17.13 39.26
CA ALA F 503 42.68 18.33 40.08
C ALA F 503 43.94 19.15 39.82
N TRP F 504 43.78 20.47 39.63
CA TRP F 504 44.92 21.39 39.68
C TRP F 504 44.97 21.96 41.10
N SER F 505 46.00 21.65 41.91
CA SER F 505 47.21 20.94 41.50
C SER F 505 47.49 19.83 42.54
N LEU F 506 48.32 18.85 42.19
CA LEU F 506 48.82 17.92 43.19
C LEU F 506 49.46 18.69 44.33
N LEU F 507 50.24 19.71 44.00
CA LEU F 507 51.13 20.40 44.97
C LEU F 507 50.90 21.91 44.97
N ASP F 508 51.01 22.53 46.13
CA ASP F 508 51.20 23.99 46.18
C ASP F 508 52.44 24.27 45.38
N ASN F 509 52.40 25.30 44.54
CA ASN F 509 53.47 25.51 43.60
C ASN F 509 53.60 26.98 43.22
N PHE F 510 54.47 27.27 42.24
CA PHE F 510 54.70 28.63 41.80
C PHE F 510 53.57 29.03 40.85
N GLU F 511 52.64 29.86 41.35
CA GLU F 511 51.48 30.29 40.53
C GLU F 511 51.86 31.51 39.67
N TRP F 512 52.84 31.33 38.80
CA TRP F 512 53.20 32.31 37.77
C TRP F 512 53.34 33.71 38.37
N SER F 513 52.62 34.72 37.88
CA SER F 513 52.87 36.07 38.39
C SER F 513 52.39 36.36 39.82
N SER F 514 51.64 35.41 40.39
CA SER F 514 51.29 35.49 41.81
C SER F 514 52.35 34.87 42.71
N GLY F 515 53.38 34.26 42.13
CA GLY F 515 54.39 33.62 42.94
C GLY F 515 53.78 32.54 43.82
N TYR F 516 54.26 32.46 45.06
CA TYR F 516 53.76 31.47 46.00
C TYR F 516 52.59 32.01 46.83
N THR F 517 52.08 33.20 46.49
CA THR F 517 50.97 33.75 47.30
C THR F 517 49.62 33.08 47.05
N GLU F 518 49.55 32.15 46.10
CA GLU F 518 48.33 31.39 45.84
C GLU F 518 48.70 29.92 45.91
N ARG F 519 48.09 29.21 46.84
CA ARG F 519 48.34 27.80 47.06
C ARG F 519 47.20 27.00 46.43
N PHE F 520 47.47 26.30 45.31
CA PHE F 520 46.44 25.51 44.62
C PHE F 520 46.45 24.02 44.94
N GLY F 521 47.39 23.55 45.75
CA GLY F 521 47.54 22.10 45.90
C GLY F 521 46.46 21.42 46.74
N ILE F 522 46.20 20.15 46.46
CA ILE F 522 45.53 19.28 47.45
C ILE F 522 46.58 18.76 48.47
N VAL F 523 47.86 18.92 48.14
CA VAL F 523 48.95 18.65 49.10
C VAL F 523 49.69 19.93 49.43
N TYR F 524 49.88 20.19 50.73
CA TYR F 524 50.59 21.37 51.18
C TYR F 524 52.09 21.15 51.00
N VAL F 525 52.78 22.20 50.56
CA VAL F 525 54.24 22.13 50.43
C VAL F 525 54.84 23.19 51.33
N ASP F 526 55.70 22.75 52.25
CA ASP F 526 56.32 23.64 53.22
C ASP F 526 57.71 24.09 52.77
N ARG F 527 57.80 25.26 52.11
CA ARG F 527 59.06 25.64 51.50
C ARG F 527 60.14 26.00 52.53
N GLU F 528 59.71 26.41 53.70
CA GLU F 528 60.64 26.74 54.80
C GLU F 528 61.21 25.47 55.46
N ASN F 529 60.60 24.32 55.20
CA ASN F 529 61.06 23.07 55.78
C ASN F 529 61.28 21.99 54.72
N GLY F 530 62.22 22.24 53.82
CA GLY F 530 62.63 21.27 52.83
C GLY F 530 61.51 20.85 51.87
N CYS F 531 60.54 21.73 51.64
CA CYS F 531 59.41 21.38 50.78
C CYS F 531 58.65 20.11 51.25
N GLU F 532 58.62 19.85 52.56
CA GLU F 532 57.93 18.63 52.98
C GLU F 532 56.43 18.75 52.64
N ARG F 533 55.87 17.61 52.27
CA ARG F 533 54.48 17.54 51.84
C ARG F 533 53.58 17.07 52.96
N THR F 534 52.38 17.65 53.04
CA THR F 534 51.33 17.19 53.97
C THR F 534 50.02 17.23 53.24
N MET F 535 49.30 16.10 53.19
CA MET F 535 47.97 16.09 52.60
C MET F 535 47.05 17.08 53.30
N LYS F 536 46.30 17.86 52.52
CA LYS F 536 45.24 18.68 53.09
C LYS F 536 43.95 17.90 53.21
N ARG F 537 42.93 18.54 53.75
CA ARG F 537 41.62 17.92 53.91
C ARG F 537 41.07 17.45 52.57
N SER F 538 41.26 18.25 51.52
CA SER F 538 40.82 17.88 50.17
C SER F 538 41.49 16.59 49.71
N ALA F 539 42.78 16.45 49.96
CA ALA F 539 43.48 15.24 49.54
C ALA F 539 42.95 14.05 50.34
N ARG F 540 42.68 14.27 51.64
CA ARG F 540 42.10 13.21 52.48
C ARG F 540 40.72 12.79 51.97
N TRP F 541 39.91 13.75 51.53
CA TRP F 541 38.61 13.39 50.98
C TRP F 541 38.76 12.57 49.69
N LEU F 542 39.68 12.99 48.82
CA LEU F 542 39.88 12.25 47.57
C LEU F 542 40.37 10.83 47.86
N GLN F 543 41.19 10.68 48.90
CA GLN F 543 41.69 9.39 49.31
C GLN F 543 40.52 8.50 49.74
N GLU F 544 39.62 9.02 50.57
CA GLU F 544 38.38 8.28 50.96
C GLU F 544 37.53 7.96 49.75
N PHE F 545 37.25 9.00 48.96
CA PHE F 545 36.51 8.89 47.71
C PHE F 545 37.04 7.78 46.81
N ASN F 546 38.34 7.78 46.55
CA ASN F 546 38.94 6.78 45.67
C ASN F 546 38.99 5.37 46.29
N GLY F 547 38.83 5.28 47.60
CA GLY F 547 38.76 3.99 48.29
C GLY F 547 40.14 3.51 48.74
#